data_8KEQ
#
_entry.id   8KEQ
#
_cell.length_a   1.00
_cell.length_b   1.00
_cell.length_c   1.00
_cell.angle_alpha   90.00
_cell.angle_beta   90.00
_cell.angle_gamma   90.00
#
_symmetry.space_group_name_H-M   'P 1'
#
loop_
_entity.id
_entity.type
_entity.pdbx_description
1 polymer 'Spike glycoprotein'
2 polymer 'PW5-5 heavy chain'
3 polymer 'PW5-5 light chain'
#
loop_
_entity_poly.entity_id
_entity_poly.type
_entity_poly.pdbx_seq_one_letter_code
_entity_poly.pdbx_strand_id
1 'polypeptide(L)'
;MPMGSLQPLATLYLLGMLVASVLAQCVNLITRTQSYTNSFTRGVYYPDKVFRSSVLHSTQDLFLPFFSNVTWFHAIHVSG
TNGTKRFDNPVLPFNDGVYFASTEKSNIIRGWIFGTTLDSKTQSLLIVNNATNVVIKVCEFQFCNDPFLDVYQKNNKSWM
ESEFRVYSSANNCTFEYVSQPFLMDLEGKEGNFKNLREFVFKNIDGYFKIYSKHTPINLERDLPQGFSALEPLVDLPIGI
NITRFQTLLALHRSYLTPGDSSSGWTAGAAAYYVGYLQPRTFLLKYNENGTITDAVDCALDPLSETKCTLKSFTVEKGIY
QTSNFRVQPTESIVRFPNITNLCPFHEVFNATTFASVYAWNRKRISNCVADYSVIYNFAPFFAFKCYGVSPTKLNDLCFT
NVYADSFVIRGNEVSQIAPGQTGNIADYNYKLPDDFTGCVIAWNSNKLDSKPSGNYNYLYRLFRKSKLKPFERDISTEIY
QAGNKPCNGVAGSNCYSPLQSYGFRPTYGVGHQPYRVVVLSFELLHAPATVCGPKKSTNLVKNKCVNFNFNGLTGTGVLT
ESNKKFLPFQQFGRDIADTTDAVRDPQTLEILDITPCSFGGVSVITPGTNTSNQVAVLYQGVNCTEVPVAIHADQLTPTW
RVYSTGSNVFQTRAGCLIGAEYVNNSYECDIPIGAGICASYQTQTKSHGSASSVASQSIIAYTMSLGAENSVAYSNNSIA
IPTNFTISVTTEILPVSMTKTSVDCTMYICGDSTECSNLLLQYGSFCTQLKRALTGIAVEQDKNTQEVFAQVKQIYKTPP
IKYFGGFNFSQILPDPSKPSKRSPIEDLLFNKVTLADAGFIKQYGDCLGDIAARDLICAQKFNGLTVLPPLLTDEMIAQY
TSALLAGTITSGWTFGAGPALQIPFPMQMAYRFNGIGVTQNVLYENQKLIANQFNSAIGKIQDSLSSTPSALGKLQDVVN
HNAQALNTLVKQLSSKFGAISSVLNDILSRLDPPEAEVQIDRLITGRLQSLQTYVTQQLIRAAEIRASANLAATKMSECV
LGQSKRVDFCGKGYHLMSFPQSAPHGVVFLHVTYVPAQEKNFTTAPAICHDGKAHFPREGVFVSNGTHWFVTQRNFYEPQ
IITTDNTFVSGNCDVVIGIVNNTVYDPLQPELDSFKEELDKYFKNHTSPDVDLGDISGINASVVNIQKEIDRLNEVAKNL
NESLIDLQELGKYEQGSGYIPEAPRDGQAYVRKDGEWVFLSTFLSGLEVLFQGPGGWSHPQFEKGGGSGGGSGGSAWSHP
QFEKGGSHHHHHHHH
;
B,A,C
2 'polypeptide(L)'
;QVQLVQSGAEVKKPGASVKVSCKTSGYTFTDHYMYWVRQAPGQGLEWMGVINPDAGSVTYAQKFQGRVTMTSDTSTSTVY
MELSSLRSEDTAVYYCARDLFFIPAANSFDYWGQGTLVTVSSTKGPSVFPLAPSSKSTSGGTAALGCLVKDYFPEPVTVS
WNSGALTSGVHTFPAVLQSSGLYSLSSVVTVPSSSLGTQTYICNVNHKPSNTKVDKKVEPKSCDKTHTCPPCPAPELLGG
PSVFLFPPKPKDTLMISRTPEVTCVVVDVSHEDPEVKFNWYVDGVEVHNAKTKPREEQYNSTYRVVSVLTVLHQDWLNGK
EYKCKVSNKALPAPIEKTISKAKGQPREPQVYTLPPSRDELTKNQVSLTCLVKGFYPSDIAVEWESNGQPENNYKTTPPV
LDSDGSFFLYSKLTVDKSRWQQGNVFSCSVLHEALHSHYTQKSLSLSPGK
;
E,G
3 'polypeptide(L)'
;EIVLTQSPATLSLSPGERATLSCRASQSVSSYLAWYQQKPGQAPRLLIYDATNRATGIPARFSGSGSGTDFTLTISSLEP
EDFAVYYCQHRSNWPRMFTFGQGTKLEIKRTVAAPSVFIFPPSDEQLKSGTASVVCLLNNFYPREAKVQWKVDNALQSGN
SQESVTEQDSKDSTYSLSSTLTLSKADYEKHKVYACEVTHQGLSSPVTKSFNRGEC
;
D,F
#
# COMPACT_ATOMS: atom_id res chain seq x y z
N SER A 35 -34.93 35.40 16.67
CA SER A 35 -35.67 35.35 15.41
C SER A 35 -35.02 34.37 14.44
N TYR A 36 -35.55 34.33 13.21
CA TYR A 36 -35.03 33.45 12.18
C TYR A 36 -35.34 34.04 10.82
N THR A 37 -34.47 33.75 9.85
CA THR A 37 -34.64 34.22 8.48
C THR A 37 -34.05 33.16 7.55
N ASN A 38 -33.86 33.53 6.29
CA ASN A 38 -33.39 32.59 5.28
C ASN A 38 -32.07 33.05 4.67
N SER A 39 -31.36 32.10 4.08
CA SER A 39 -30.05 32.31 3.48
C SER A 39 -30.01 31.95 2.01
N PHE A 40 -30.95 32.47 1.20
CA PHE A 40 -31.17 32.06 -0.18
C PHE A 40 -29.89 31.85 -0.97
N THR A 41 -29.07 32.89 -1.11
CA THR A 41 -27.85 32.78 -1.89
C THR A 41 -26.71 33.60 -1.28
N ARG A 42 -26.54 33.53 0.04
CA ARG A 42 -25.52 34.27 0.73
C ARG A 42 -24.57 33.31 1.44
N GLY A 43 -23.26 33.58 1.33
CA GLY A 43 -22.28 32.79 2.04
C GLY A 43 -21.26 32.11 1.13
N VAL A 44 -21.10 32.62 -0.10
CA VAL A 44 -20.17 32.05 -1.05
C VAL A 44 -18.95 32.98 -1.16
N TYR A 45 -17.77 32.39 -1.04
CA TYR A 45 -16.52 33.14 -1.08
C TYR A 45 -15.52 32.45 -2.00
N TYR A 46 -14.35 33.05 -2.13
CA TYR A 46 -13.27 32.46 -2.90
C TYR A 46 -12.47 31.50 -2.03
N PRO A 47 -12.47 30.20 -2.32
CA PRO A 47 -11.74 29.26 -1.43
C PRO A 47 -10.24 29.45 -1.46
N ASP A 48 -9.65 29.58 -2.65
CA ASP A 48 -8.21 29.72 -2.81
C ASP A 48 -7.89 30.91 -3.70
N LYS A 49 -6.62 31.31 -3.67
CA LYS A 49 -6.13 32.45 -4.45
C LYS A 49 -5.61 31.99 -5.80
N VAL A 50 -6.46 31.31 -6.58
CA VAL A 50 -6.10 30.81 -7.90
C VAL A 50 -7.10 31.40 -8.89
N PHE A 51 -6.58 32.07 -9.92
CA PHE A 51 -7.43 32.70 -10.93
C PHE A 51 -7.96 31.63 -11.88
N ARG A 52 -9.27 31.60 -12.07
CA ARG A 52 -9.92 30.71 -13.02
C ARG A 52 -10.88 31.49 -13.88
N SER A 53 -10.94 31.14 -15.17
CA SER A 53 -11.75 31.86 -16.14
C SER A 53 -12.67 30.89 -16.86
N SER A 54 -13.97 31.08 -16.69
CA SER A 54 -14.99 30.29 -17.37
C SER A 54 -14.85 28.80 -17.10
N VAL A 55 -14.65 28.44 -15.84
CA VAL A 55 -14.53 27.04 -15.44
C VAL A 55 -15.64 26.72 -14.45
N LEU A 56 -16.06 25.46 -14.48
CA LEU A 56 -17.05 24.93 -13.53
C LEU A 56 -16.32 24.13 -12.46
N HIS A 57 -15.70 24.84 -11.52
CA HIS A 57 -14.88 24.22 -10.49
C HIS A 57 -15.71 23.86 -9.28
N SER A 58 -15.47 22.66 -8.75
CA SER A 58 -16.13 22.17 -7.55
C SER A 58 -15.08 21.91 -6.47
N THR A 59 -15.35 22.40 -5.26
CA THR A 59 -14.41 22.28 -4.16
C THR A 59 -15.15 21.89 -2.90
N GLN A 60 -14.39 21.41 -1.92
CA GLN A 60 -14.92 21.00 -0.62
C GLN A 60 -14.29 21.90 0.45
N ASP A 61 -15.13 22.70 1.10
CA ASP A 61 -14.65 23.62 2.13
C ASP A 61 -15.83 23.98 3.02
N LEU A 62 -15.53 24.67 4.12
CA LEU A 62 -16.53 25.06 5.11
C LEU A 62 -17.34 26.24 4.55
N PHE A 63 -18.33 25.91 3.75
CA PHE A 63 -19.24 26.88 3.17
C PHE A 63 -20.54 26.95 3.95
N LEU A 64 -21.27 28.03 3.76
CA LEU A 64 -22.58 28.18 4.37
C LEU A 64 -23.62 27.46 3.53
N PRO A 65 -24.38 26.52 4.09
CA PRO A 65 -25.38 25.81 3.29
C PRO A 65 -26.51 26.73 2.86
N PHE A 66 -26.92 26.61 1.60
CA PHE A 66 -27.99 27.44 1.08
C PHE A 66 -29.31 27.14 1.78
N PHE A 67 -30.11 28.19 1.94
CA PHE A 67 -31.42 28.10 2.58
C PHE A 67 -31.31 27.50 3.98
N SER A 68 -30.56 28.16 4.87
CA SER A 68 -30.40 27.67 6.23
C SER A 68 -31.07 28.62 7.21
N ASN A 69 -30.99 28.30 8.51
CA ASN A 69 -31.60 29.11 9.57
C ASN A 69 -30.55 30.07 10.11
N VAL A 70 -30.65 31.34 9.74
CA VAL A 70 -29.74 32.36 10.22
C VAL A 70 -30.32 32.94 11.52
N THR A 71 -29.53 32.87 12.59
CA THR A 71 -29.97 33.33 13.91
C THR A 71 -29.92 34.85 13.95
N TRP A 72 -31.06 35.46 13.60
CA TRP A 72 -31.17 36.91 13.64
C TRP A 72 -31.54 37.39 15.04
N PHE A 73 -30.74 38.30 15.58
CA PHE A 73 -31.01 38.90 16.89
C PHE A 73 -31.14 40.41 16.69
N HIS A 74 -32.37 40.90 16.70
CA HIS A 74 -32.66 42.31 16.48
C HIS A 74 -32.43 43.06 17.79
N ALA A 75 -31.15 43.36 18.08
CA ALA A 75 -30.79 44.05 19.30
C ALA A 75 -30.98 45.57 19.15
N ILE A 76 -32.21 45.99 18.93
CA ILE A 76 -32.53 47.40 18.72
C ILE A 76 -32.97 48.02 20.04
N HIS A 77 -32.63 49.29 20.24
CA HIS A 77 -33.00 50.04 21.44
C HIS A 77 -33.50 51.41 21.00
N VAL A 78 -34.81 51.51 20.75
CA VAL A 78 -35.41 52.77 20.32
C VAL A 78 -36.89 52.77 20.69
N SER A 79 -37.37 53.88 21.23
CA SER A 79 -38.76 54.01 21.62
C SER A 79 -39.12 55.49 21.68
N GLY A 80 -40.16 55.89 20.95
CA GLY A 80 -40.61 57.27 20.95
C GLY A 80 -41.39 57.70 22.18
N THR A 81 -41.90 56.74 22.95
CA THR A 81 -42.66 57.05 24.16
C THR A 81 -41.92 56.63 25.43
N ASN A 82 -40.59 56.55 25.40
CA ASN A 82 -39.77 56.16 26.54
C ASN A 82 -40.11 54.78 27.08
N GLY A 83 -40.56 53.87 26.21
CA GLY A 83 -40.90 52.54 26.66
C GLY A 83 -39.67 51.70 26.95
N THR A 84 -39.82 50.79 27.92
CA THR A 84 -38.72 49.91 28.29
C THR A 84 -38.45 48.90 27.20
N LYS A 85 -37.18 48.80 26.80
CA LYS A 85 -36.77 47.89 25.74
C LYS A 85 -35.49 47.18 26.18
N ARG A 86 -35.22 46.04 25.56
CA ARG A 86 -34.08 45.20 25.91
C ARG A 86 -33.04 45.23 24.80
N PHE A 87 -31.77 45.15 25.19
CA PHE A 87 -30.66 45.07 24.26
C PHE A 87 -30.13 43.64 24.25
N ASP A 88 -30.27 42.96 23.12
CA ASP A 88 -29.88 41.56 22.99
C ASP A 88 -28.36 41.44 22.83
N ASN A 89 -27.79 40.44 23.49
CA ASN A 89 -26.37 40.16 23.38
C ASN A 89 -26.09 38.71 23.78
N PRO A 90 -26.55 37.73 23.00
CA PRO A 90 -26.34 36.33 23.39
C PRO A 90 -24.92 35.86 23.05
N VAL A 91 -24.42 34.94 23.86
CA VAL A 91 -23.12 34.34 23.63
C VAL A 91 -23.33 33.06 22.83
N LEU A 92 -23.05 33.12 21.53
CA LEU A 92 -23.29 31.99 20.64
C LEU A 92 -22.02 31.17 20.47
N PRO A 93 -22.13 29.85 20.43
CA PRO A 93 -20.93 29.01 20.26
C PRO A 93 -20.38 29.13 18.85
N PHE A 94 -19.04 29.20 18.75
CA PHE A 94 -18.35 29.31 17.48
C PHE A 94 -17.88 27.92 17.05
N ASN A 95 -18.43 27.42 15.95
CA ASN A 95 -18.10 26.09 15.43
C ASN A 95 -18.03 26.14 13.91
N ASP A 96 -16.88 25.77 13.37
CA ASP A 96 -16.66 25.66 11.93
C ASP A 96 -16.78 26.99 11.20
N GLY A 97 -16.94 28.07 11.94
CA GLY A 97 -16.99 29.39 11.33
C GLY A 97 -18.22 30.15 11.74
N VAL A 98 -18.40 31.32 11.11
CA VAL A 98 -19.55 32.17 11.37
C VAL A 98 -19.81 33.01 10.12
N TYR A 99 -21.01 33.57 10.01
CA TYR A 99 -21.39 34.39 8.86
C TYR A 99 -21.96 35.73 9.36
N PHE A 100 -21.15 36.45 10.14
CA PHE A 100 -21.54 37.77 10.60
C PHE A 100 -21.77 38.69 9.40
N ALA A 101 -23.02 39.15 9.24
CA ALA A 101 -23.40 40.05 8.15
C ALA A 101 -24.38 41.08 8.73
N SER A 102 -23.85 42.25 9.08
CA SER A 102 -24.67 43.29 9.69
C SER A 102 -24.99 44.38 8.68
N THR A 103 -25.81 45.35 9.10
CA THR A 103 -26.19 46.49 8.27
C THR A 103 -26.25 47.71 9.17
N GLU A 104 -25.47 48.74 8.83
CA GLU A 104 -25.37 49.93 9.64
C GLU A 104 -25.28 51.14 8.72
N LYS A 105 -25.29 52.33 9.31
CA LYS A 105 -25.08 53.57 8.56
C LYS A 105 -23.77 54.27 8.88
N SER A 106 -23.50 54.59 10.14
CA SER A 106 -22.21 55.16 10.51
C SER A 106 -21.46 54.22 11.45
N ASN A 107 -22.10 53.83 12.55
CA ASN A 107 -21.49 52.90 13.49
C ASN A 107 -22.53 52.22 14.36
N ILE A 108 -22.76 50.92 14.13
CA ILE A 108 -23.64 50.14 14.99
C ILE A 108 -22.86 49.03 15.69
N ILE A 109 -22.20 48.17 14.93
CA ILE A 109 -21.44 47.04 15.46
C ILE A 109 -19.98 47.23 15.10
N ARG A 110 -19.13 47.32 16.12
CA ARG A 110 -17.69 47.49 15.91
C ARG A 110 -16.96 46.59 16.91
N GLY A 111 -16.66 45.37 16.47
CA GLY A 111 -15.99 44.41 17.33
C GLY A 111 -16.46 42.98 17.11
N TRP A 112 -15.50 42.06 16.98
CA TRP A 112 -15.78 40.64 16.74
C TRP A 112 -14.93 39.79 17.69
N ILE A 113 -14.98 40.14 18.97
CA ILE A 113 -14.17 39.47 19.99
C ILE A 113 -14.60 38.00 20.08
N PHE A 114 -13.70 37.10 19.72
CA PHE A 114 -13.92 35.66 19.84
C PHE A 114 -13.32 35.15 21.15
N GLY A 115 -13.66 33.91 21.49
CA GLY A 115 -13.15 33.29 22.69
C GLY A 115 -14.05 32.21 23.26
N THR A 116 -13.47 31.31 24.06
CA THR A 116 -14.24 30.19 24.61
C THR A 116 -14.87 30.54 25.96
N THR A 117 -14.05 30.91 26.94
CA THR A 117 -14.53 31.27 28.28
C THR A 117 -13.85 32.59 28.65
N LEU A 118 -14.60 33.68 28.58
CA LEU A 118 -14.04 35.02 28.76
C LEU A 118 -14.03 35.45 30.22
N ASP A 119 -13.53 34.60 31.10
CA ASP A 119 -13.39 35.02 32.50
C ASP A 119 -11.95 35.35 32.86
N SER A 120 -11.06 34.36 32.80
CA SER A 120 -9.65 34.64 33.05
C SER A 120 -8.70 33.81 32.20
N LYS A 121 -9.20 32.96 31.28
CA LYS A 121 -8.32 32.02 30.59
C LYS A 121 -8.59 31.97 29.09
N THR A 122 -8.69 33.12 28.44
CA THR A 122 -8.94 33.17 27.00
C THR A 122 -8.20 34.33 26.39
N GLN A 123 -7.49 34.07 25.29
CA GLN A 123 -6.78 35.13 24.58
C GLN A 123 -7.76 36.02 23.83
N SER A 124 -7.50 37.32 23.86
CA SER A 124 -8.37 38.27 23.18
C SER A 124 -8.22 38.16 21.67
N LEU A 125 -9.30 38.44 20.95
CA LEU A 125 -9.29 38.44 19.50
C LEU A 125 -10.06 39.67 18.99
N LEU A 126 -9.74 40.83 19.56
CA LEU A 126 -10.40 42.08 19.16
C LEU A 126 -10.13 42.37 17.69
N ILE A 127 -11.20 42.65 16.95
CA ILE A 127 -11.09 43.04 15.55
C ILE A 127 -11.74 44.41 15.38
N VAL A 128 -11.65 45.24 16.42
CA VAL A 128 -12.25 46.56 16.39
C VAL A 128 -11.59 47.41 15.31
N ASN A 129 -12.41 48.09 14.51
CA ASN A 129 -11.93 48.94 13.42
C ASN A 129 -12.53 50.34 13.61
N ASN A 130 -11.86 51.17 14.40
CA ASN A 130 -12.32 52.52 14.65
C ASN A 130 -11.81 53.46 13.57
N ALA A 131 -12.01 54.76 13.78
CA ALA A 131 -11.63 55.75 12.78
C ALA A 131 -10.13 55.87 12.58
N THR A 132 -9.33 55.53 13.60
CA THR A 132 -7.88 55.67 13.48
C THR A 132 -7.27 54.51 12.68
N ASN A 133 -7.41 53.28 13.17
CA ASN A 133 -6.82 52.13 12.52
C ASN A 133 -7.41 50.83 13.03
N VAL A 134 -6.84 49.69 12.62
CA VAL A 134 -7.30 48.38 13.04
C VAL A 134 -6.56 48.00 14.31
N VAL A 135 -7.28 47.40 15.27
CA VAL A 135 -6.73 47.12 16.59
C VAL A 135 -6.67 45.61 16.81
N ILE A 136 -6.43 44.85 15.74
CA ILE A 136 -6.32 43.39 15.86
C ILE A 136 -5.18 43.06 16.81
N LYS A 137 -5.51 42.33 17.88
CA LYS A 137 -4.54 42.00 18.91
C LYS A 137 -4.94 40.69 19.57
N VAL A 138 -3.96 39.82 19.82
CA VAL A 138 -4.20 38.52 20.44
C VAL A 138 -3.66 38.50 21.87
N CYS A 139 -3.49 39.68 22.48
CA CYS A 139 -2.90 39.76 23.81
C CYS A 139 -3.77 39.06 24.85
N GLU A 140 -3.14 38.25 25.69
CA GLU A 140 -3.85 37.61 26.79
C GLU A 140 -3.96 38.58 27.97
N PHE A 141 -5.17 38.73 28.49
CA PHE A 141 -5.42 39.61 29.62
C PHE A 141 -6.70 39.19 30.32
N GLN A 142 -7.08 39.95 31.33
CA GLN A 142 -8.32 39.71 32.08
C GLN A 142 -9.49 40.03 31.18
N PHE A 143 -10.19 38.99 30.72
CA PHE A 143 -11.30 39.19 29.80
C PHE A 143 -12.51 39.76 30.52
N CYS A 144 -13.17 40.72 29.88
CA CYS A 144 -14.35 41.36 30.44
C CYS A 144 -15.62 40.69 29.91
N ASN A 145 -16.71 40.89 30.66
CA ASN A 145 -18.01 40.33 30.31
C ASN A 145 -19.01 41.39 29.87
N ASP A 146 -18.56 42.62 29.67
CA ASP A 146 -19.46 43.69 29.27
C ASP A 146 -19.80 43.56 27.78
N PRO A 147 -21.08 43.45 27.41
CA PRO A 147 -21.43 43.33 25.99
C PRO A 147 -21.33 44.65 25.25
N PHE A 148 -21.40 45.75 25.98
CA PHE A 148 -21.31 47.09 25.41
C PHE A 148 -19.89 47.62 25.58
N LEU A 149 -19.39 48.31 24.56
CA LEU A 149 -18.03 48.84 24.62
C LEU A 149 -17.89 49.87 25.74
N ASP A 150 -18.55 51.03 25.60
CA ASP A 150 -18.55 52.01 26.67
C ASP A 150 -19.97 52.23 27.21
N VAL A 151 -20.88 52.66 26.34
CA VAL A 151 -22.28 52.87 26.67
C VAL A 151 -23.03 53.10 25.36
N TYR A 152 -24.29 52.65 25.32
CA TYR A 152 -25.08 52.79 24.10
C TYR A 152 -25.47 54.23 23.81
N GLN A 153 -25.67 55.05 24.85
CA GLN A 153 -26.04 56.45 24.69
C GLN A 153 -24.79 57.33 24.62
N LYS A 154 -24.96 58.63 24.81
CA LYS A 154 -23.86 59.58 24.88
C LYS A 154 -23.06 59.59 23.58
N ASN A 155 -23.71 59.97 22.48
CA ASN A 155 -23.07 60.05 21.17
C ASN A 155 -22.33 61.36 20.95
N ASN A 156 -22.00 62.07 22.04
CA ASN A 156 -21.29 63.33 21.94
C ASN A 156 -19.82 63.07 21.60
N LYS A 157 -19.21 63.98 20.84
CA LYS A 157 -17.83 63.84 20.42
C LYS A 157 -16.84 64.49 21.39
N SER A 158 -17.30 64.93 22.56
CA SER A 158 -16.42 65.55 23.54
C SER A 158 -15.53 64.54 24.26
N TRP A 159 -15.88 63.26 24.21
CA TRP A 159 -15.11 62.20 24.84
C TRP A 159 -14.15 61.57 23.84
N MET A 160 -13.53 60.46 24.26
CA MET A 160 -12.59 59.73 23.42
C MET A 160 -13.28 59.24 22.15
N GLU A 161 -12.49 59.01 21.09
CA GLU A 161 -13.04 58.57 19.82
C GLU A 161 -13.69 57.19 19.90
N SER A 162 -13.29 56.35 20.85
CA SER A 162 -13.88 55.02 20.98
C SER A 162 -14.25 54.70 22.42
N GLU A 163 -13.63 55.37 23.40
CA GLU A 163 -13.94 55.17 24.81
C GLU A 163 -13.76 53.72 25.22
N PHE A 164 -12.52 53.24 25.27
CA PHE A 164 -12.24 51.84 25.57
C PHE A 164 -12.44 51.54 27.05
N ARG A 165 -13.70 51.43 27.48
CA ARG A 165 -14.03 51.08 28.84
C ARG A 165 -13.95 49.58 29.10
N VAL A 166 -13.88 48.76 28.04
CA VAL A 166 -13.71 47.31 28.21
C VAL A 166 -12.31 46.95 28.66
N TYR A 167 -11.35 47.86 28.53
CA TYR A 167 -9.99 47.61 28.99
C TYR A 167 -9.95 47.56 30.51
N SER A 168 -9.78 46.35 31.06
CA SER A 168 -9.76 46.18 32.50
C SER A 168 -8.32 46.23 32.96
N SER A 169 -7.44 45.35 32.47
CA SER A 169 -6.04 45.33 32.89
C SER A 169 -5.23 44.60 31.82
N ALA A 170 -4.16 45.24 31.36
CA ALA A 170 -3.30 44.63 30.35
C ALA A 170 -2.33 43.66 30.99
N ASN A 171 -2.00 42.59 30.24
CA ASN A 171 -1.05 41.59 30.71
C ASN A 171 -0.05 41.26 29.61
N ASN A 172 0.74 40.21 29.82
CA ASN A 172 1.73 39.82 28.82
C ASN A 172 1.05 39.39 27.53
N CYS A 173 1.52 39.94 26.41
CA CYS A 173 0.94 39.69 25.11
C CYS A 173 1.74 38.64 24.34
N THR A 174 1.19 38.22 23.21
CA THR A 174 1.83 37.25 22.34
C THR A 174 2.08 37.76 20.93
N PHE A 175 1.11 38.46 20.34
CA PHE A 175 1.25 38.96 18.98
C PHE A 175 0.28 40.12 18.79
N GLU A 176 0.63 41.02 17.87
CA GLU A 176 -0.22 42.16 17.56
C GLU A 176 -0.17 42.40 16.06
N TYR A 177 -1.23 43.02 15.54
CA TYR A 177 -1.34 43.31 14.11
C TYR A 177 -2.05 44.65 13.96
N VAL A 178 -1.31 45.67 13.57
CA VAL A 178 -1.85 47.01 13.32
C VAL A 178 -1.89 47.20 11.81
N SER A 179 -3.09 47.19 11.23
CA SER A 179 -3.29 47.33 9.80
C SER A 179 -3.82 48.72 9.51
N GLN A 180 -3.22 49.41 8.54
CA GLN A 180 -3.66 50.74 8.15
C GLN A 180 -5.00 50.69 7.41
N PRO A 181 -5.20 49.79 6.43
CA PRO A 181 -6.52 49.73 5.77
C PRO A 181 -7.60 49.22 6.71
N PHE A 182 -8.55 50.09 7.05
CA PHE A 182 -9.65 49.70 7.90
C PHE A 182 -10.63 48.81 7.15
N LEU A 183 -11.38 48.00 7.90
CA LEU A 183 -12.35 47.07 7.31
C LEU A 183 -13.71 47.69 7.07
N MET A 184 -14.03 48.80 7.74
CA MET A 184 -15.31 49.48 7.59
C MET A 184 -15.05 50.80 6.88
N ASP A 185 -15.47 50.89 5.62
CA ASP A 185 -15.27 52.08 4.80
C ASP A 185 -16.63 52.64 4.39
N LEU A 186 -17.15 53.57 5.21
CA LEU A 186 -18.43 54.21 4.92
C LEU A 186 -18.56 55.50 5.71
N GLU A 187 -18.96 56.58 5.05
CA GLU A 187 -19.14 57.88 5.68
C GLU A 187 -20.57 58.40 5.58
N GLY A 188 -21.47 57.62 4.99
CA GLY A 188 -22.85 58.05 4.85
C GLY A 188 -23.08 59.17 3.85
N LYS A 189 -22.25 59.27 2.81
CA LYS A 189 -22.39 60.35 1.84
C LYS A 189 -23.61 60.17 0.95
N GLU A 190 -24.22 58.98 0.95
CA GLU A 190 -25.40 58.77 0.10
C GLU A 190 -26.60 59.53 0.64
N GLY A 191 -26.87 59.43 1.93
CA GLY A 191 -27.95 60.18 2.54
C GLY A 191 -29.08 59.33 3.09
N ASN A 192 -29.46 58.29 2.35
CA ASN A 192 -30.56 57.43 2.77
C ASN A 192 -30.30 55.95 2.59
N PHE A 193 -29.15 55.54 2.06
CA PHE A 193 -28.85 54.15 1.84
C PHE A 193 -27.74 53.67 2.78
N LYS A 194 -27.95 52.49 3.35
CA LYS A 194 -26.99 51.88 4.26
C LYS A 194 -26.04 50.98 3.46
N ASN A 195 -25.24 50.18 4.14
CA ASN A 195 -24.31 49.27 3.48
C ASN A 195 -24.61 47.83 3.91
N LEU A 196 -24.20 46.89 3.08
CA LEU A 196 -24.39 45.46 3.33
C LEU A 196 -23.02 44.79 3.33
N ARG A 197 -22.47 44.58 4.52
CA ARG A 197 -21.21 43.88 4.68
C ARG A 197 -21.44 42.50 5.29
N GLU A 198 -20.55 41.57 4.94
CA GLU A 198 -20.63 40.21 5.45
C GLU A 198 -19.21 39.74 5.75
N PHE A 199 -19.06 39.01 6.85
CA PHE A 199 -17.74 38.59 7.32
C PHE A 199 -17.81 37.10 7.66
N VAL A 200 -17.11 36.29 6.86
CA VAL A 200 -17.01 34.85 7.10
C VAL A 200 -15.75 34.62 7.92
N PHE A 201 -15.90 34.50 9.24
CA PHE A 201 -14.77 34.31 10.14
C PHE A 201 -14.64 32.81 10.43
N LYS A 202 -13.79 32.16 9.65
CA LYS A 202 -13.50 30.75 9.85
C LYS A 202 -12.15 30.56 10.51
N ASN A 203 -12.03 29.52 11.33
CA ASN A 203 -10.79 29.19 12.02
C ASN A 203 -10.25 27.87 11.49
N ILE A 204 -9.01 27.90 11.01
CA ILE A 204 -8.34 26.73 10.46
C ILE A 204 -7.17 26.38 11.37
N ASP A 205 -6.62 25.18 11.17
CA ASP A 205 -5.48 24.74 11.97
C ASP A 205 -4.26 25.61 11.71
N GLY A 206 -4.23 26.31 10.57
CA GLY A 206 -3.13 27.17 10.23
C GLY A 206 -3.42 28.64 10.49
N TYR A 207 -3.75 29.37 9.43
CA TYR A 207 -4.01 30.80 9.52
C TYR A 207 -5.50 31.06 9.71
N PHE A 208 -5.82 32.26 10.20
CA PHE A 208 -7.20 32.68 10.41
C PHE A 208 -7.65 33.49 9.20
N LYS A 209 -8.74 33.04 8.57
CA LYS A 209 -9.23 33.66 7.34
C LYS A 209 -10.30 34.68 7.67
N ILE A 210 -10.33 35.78 6.92
CA ILE A 210 -11.30 36.85 7.07
C ILE A 210 -11.72 37.31 5.69
N TYR A 211 -13.04 37.34 5.44
CA TYR A 211 -13.59 37.74 4.15
C TYR A 211 -14.55 38.90 4.34
N SER A 212 -14.70 39.70 3.29
CA SER A 212 -15.59 40.86 3.34
C SER A 212 -15.88 41.33 1.92
N LYS A 213 -17.04 41.97 1.76
CA LYS A 213 -17.44 42.52 0.47
C LYS A 213 -18.56 43.53 0.69
N HIS A 214 -18.49 44.64 -0.05
CA HIS A 214 -19.50 45.68 0.01
C HIS A 214 -20.41 45.58 -1.20
N THR A 215 -21.73 45.60 -0.95
CA THR A 215 -22.73 45.46 -2.00
C THR A 215 -23.89 46.40 -1.69
N PRO A 216 -24.54 46.96 -2.71
CA PRO A 216 -25.66 47.87 -2.45
C PRO A 216 -26.82 47.15 -1.78
N ILE A 217 -27.38 47.79 -0.75
CA ILE A 217 -28.51 47.25 -0.02
C ILE A 217 -29.65 48.27 -0.09
N ASN A 218 -29.90 48.79 -1.29
CA ASN A 218 -30.97 49.76 -1.50
C ASN A 218 -32.31 49.20 -1.04
N LEU A 219 -33.29 50.11 -0.91
CA LEU A 219 -34.60 49.80 -0.34
C LEU A 219 -35.21 48.52 -0.89
N GLU A 220 -35.51 47.58 0.01
CA GLU A 220 -36.10 46.31 -0.36
C GLU A 220 -37.19 45.93 0.64
N ARG A 221 -37.67 44.69 0.58
CA ARG A 221 -38.72 44.21 1.48
C ARG A 221 -38.12 43.15 2.37
N ASP A 222 -37.52 42.09 1.82
CA ASP A 222 -36.99 41.00 2.63
C ASP A 222 -35.47 40.97 2.56
N LEU A 223 -34.87 39.89 3.07
CA LEU A 223 -33.42 39.71 2.98
C LEU A 223 -32.98 39.74 1.52
N PRO A 224 -31.89 40.42 1.19
CA PRO A 224 -31.49 40.55 -0.22
C PRO A 224 -31.19 39.22 -0.89
N GLN A 225 -31.98 38.85 -1.89
CA GLN A 225 -31.76 37.62 -2.64
C GLN A 225 -30.86 37.88 -3.84
N GLY A 226 -29.54 37.85 -3.60
CA GLY A 226 -28.59 38.11 -4.67
C GLY A 226 -27.22 37.53 -4.39
N PHE A 227 -26.58 37.00 -5.44
CA PHE A 227 -25.26 36.39 -5.27
C PHE A 227 -24.20 37.47 -5.13
N SER A 228 -23.22 37.20 -4.27
CA SER A 228 -22.10 38.12 -4.06
C SER A 228 -20.89 37.31 -3.59
N ALA A 229 -19.80 37.40 -4.33
CA ALA A 229 -18.57 36.71 -3.98
C ALA A 229 -17.81 37.50 -2.91
N LEU A 230 -17.11 36.77 -2.05
CA LEU A 230 -16.40 37.36 -0.91
C LEU A 230 -14.91 37.08 -1.06
N GLU A 231 -14.11 38.16 -1.23
CA GLU A 231 -12.67 38.00 -1.35
C GLU A 231 -11.99 38.17 0.01
N PRO A 232 -10.92 37.43 0.26
CA PRO A 232 -10.22 37.56 1.55
C PRO A 232 -9.44 38.86 1.65
N LEU A 233 -9.36 39.37 2.87
CA LEU A 233 -8.60 40.59 3.16
C LEU A 233 -7.35 40.37 3.97
N VAL A 234 -7.44 39.65 5.09
CA VAL A 234 -6.29 39.35 5.93
C VAL A 234 -6.30 37.86 6.26
N ASP A 235 -5.10 37.29 6.40
CA ASP A 235 -4.94 35.87 6.69
C ASP A 235 -3.95 35.70 7.83
N LEU A 236 -4.14 36.46 8.90
CA LEU A 236 -3.21 36.45 10.01
C LEU A 236 -3.23 35.09 10.71
N PRO A 237 -2.09 34.63 11.23
CA PRO A 237 -2.07 33.35 11.95
C PRO A 237 -2.83 33.44 13.27
N ILE A 238 -3.23 32.26 13.76
CA ILE A 238 -3.96 32.14 15.01
C ILE A 238 -3.53 30.85 15.70
N GLY A 239 -3.55 30.87 17.03
CA GLY A 239 -3.15 29.71 17.81
C GLY A 239 -4.17 29.31 18.86
N ILE A 240 -5.16 30.16 19.09
CA ILE A 240 -6.19 29.89 20.10
C ILE A 240 -7.36 29.18 19.44
N ASN A 241 -7.79 28.06 20.03
CA ASN A 241 -8.92 27.28 19.53
C ASN A 241 -10.20 27.84 20.16
N ILE A 242 -10.79 28.80 19.46
CA ILE A 242 -12.00 29.45 19.96
C ILE A 242 -13.19 28.52 19.77
N THR A 243 -14.12 28.53 20.74
CA THR A 243 -15.33 27.74 20.65
C THR A 243 -16.60 28.56 20.76
N ARG A 244 -16.52 29.81 21.24
CA ARG A 244 -17.68 30.69 21.34
C ARG A 244 -17.34 32.02 20.69
N PHE A 245 -18.33 32.89 20.57
CA PHE A 245 -18.17 34.15 19.85
C PHE A 245 -19.03 35.22 20.53
N GLN A 246 -18.52 36.45 20.49
CA GLN A 246 -19.23 37.59 21.07
C GLN A 246 -19.03 38.80 20.16
N THR A 247 -20.00 39.69 20.18
CA THR A 247 -19.98 40.91 19.38
C THR A 247 -20.05 42.13 20.27
N LEU A 248 -19.62 43.27 19.73
CA LEU A 248 -19.62 44.54 20.43
C LEU A 248 -20.49 45.55 19.69
N LEU A 249 -21.19 46.38 20.47
CA LEU A 249 -22.03 47.44 19.91
C LEU A 249 -21.82 48.71 20.73
N ALA A 250 -21.70 49.83 20.02
CA ALA A 250 -21.48 51.12 20.66
C ALA A 250 -21.79 52.21 19.64
N LEU A 251 -21.98 53.42 20.15
CA LEU A 251 -22.28 54.58 19.31
C LEU A 251 -21.03 55.44 19.19
N HIS A 252 -20.55 55.62 17.96
CA HIS A 252 -19.34 56.40 17.73
C HIS A 252 -19.59 57.88 18.01
N ARG A 253 -18.48 58.61 18.18
CA ARG A 253 -18.58 60.04 18.47
C ARG A 253 -19.04 60.85 17.28
N SER A 254 -18.92 60.31 16.07
CA SER A 254 -19.32 61.02 14.85
C SER A 254 -20.82 60.89 14.61
N TYR A 255 -21.59 61.53 15.50
CA TYR A 255 -23.04 61.47 15.39
C TYR A 255 -23.54 62.50 14.36
N LEU A 256 -24.36 62.01 13.44
CA LEU A 256 -24.89 62.86 12.37
C LEU A 256 -26.15 63.58 12.84
N THR A 257 -26.85 64.20 11.90
CA THR A 257 -28.08 64.94 12.16
C THR A 257 -29.15 63.99 12.68
N PRO A 258 -30.13 64.49 13.45
CA PRO A 258 -31.19 63.60 13.96
C PRO A 258 -32.01 62.98 12.84
N GLY A 259 -31.83 61.67 12.64
CA GLY A 259 -32.52 60.93 11.61
C GLY A 259 -33.87 60.39 12.05
N ASP A 260 -34.87 61.26 12.15
CA ASP A 260 -36.20 60.85 12.57
C ASP A 260 -36.79 59.77 11.67
N SER A 261 -36.36 59.70 10.42
CA SER A 261 -36.86 58.66 9.51
C SER A 261 -36.28 57.30 9.90
N SER A 262 -36.82 56.26 9.27
CA SER A 262 -36.35 54.90 9.54
C SER A 262 -34.93 54.66 9.06
N SER A 263 -34.53 55.29 7.96
CA SER A 263 -33.18 55.16 7.42
C SER A 263 -32.22 56.22 7.94
N GLY A 264 -32.59 56.92 9.02
CA GLY A 264 -31.75 57.96 9.56
C GLY A 264 -30.94 57.51 10.76
N TRP A 265 -31.39 57.91 11.96
CA TRP A 265 -30.69 57.55 13.20
C TRP A 265 -30.75 56.04 13.38
N THR A 266 -29.59 55.38 13.31
CA THR A 266 -29.50 53.94 13.39
C THR A 266 -29.08 53.45 14.77
N ALA A 267 -29.51 54.14 15.83
CA ALA A 267 -29.23 53.65 17.19
C ALA A 267 -29.95 52.34 17.45
N GLY A 268 -31.28 52.34 17.28
CA GLY A 268 -32.06 51.12 17.40
C GLY A 268 -32.25 50.45 16.05
N ALA A 269 -31.13 50.10 15.40
CA ALA A 269 -31.22 49.47 14.08
C ALA A 269 -30.21 48.34 13.90
N ALA A 270 -29.90 47.58 14.95
CA ALA A 270 -28.92 46.52 14.84
C ALA A 270 -29.39 45.42 13.91
N ALA A 271 -28.49 44.93 13.07
CA ALA A 271 -28.78 43.89 12.09
C ALA A 271 -27.79 42.74 12.29
N TYR A 272 -27.60 42.35 13.55
CA TYR A 272 -26.65 41.29 13.91
C TYR A 272 -27.14 39.93 13.43
N TYR A 273 -26.50 39.39 12.39
CA TYR A 273 -26.83 38.07 11.85
C TYR A 273 -25.68 37.12 12.17
N VAL A 274 -25.98 35.82 12.26
CA VAL A 274 -25.00 34.79 12.52
C VAL A 274 -25.41 33.52 11.78
N GLY A 275 -24.47 32.94 11.04
CA GLY A 275 -24.73 31.69 10.34
C GLY A 275 -23.57 30.71 10.47
N TYR A 276 -23.86 29.51 10.94
CA TYR A 276 -22.83 28.50 11.15
C TYR A 276 -22.51 27.78 9.86
N LEU A 277 -21.22 27.51 9.66
CA LEU A 277 -20.74 26.83 8.47
C LEU A 277 -20.71 25.32 8.70
N GLN A 278 -20.49 24.57 7.63
CA GLN A 278 -20.40 23.12 7.69
C GLN A 278 -19.72 22.62 6.42
N PRO A 279 -19.05 21.47 6.47
CA PRO A 279 -18.40 20.95 5.26
C PRO A 279 -19.43 20.55 4.21
N ARG A 280 -19.28 21.11 3.02
CA ARG A 280 -20.23 20.88 1.94
C ARG A 280 -19.56 21.24 0.62
N THR A 281 -19.86 20.45 -0.41
CA THR A 281 -19.29 20.64 -1.74
C THR A 281 -20.06 21.76 -2.43
N PHE A 282 -19.33 22.63 -3.13
CA PHE A 282 -19.93 23.75 -3.86
C PHE A 282 -19.32 23.84 -5.24
N LEU A 283 -20.17 23.93 -6.26
CA LEU A 283 -19.74 24.10 -7.64
C LEU A 283 -19.73 25.59 -7.96
N LEU A 284 -18.56 26.13 -8.30
CA LEU A 284 -18.38 27.55 -8.54
C LEU A 284 -18.18 27.79 -10.03
N LYS A 285 -18.84 28.82 -10.56
CA LYS A 285 -18.70 29.22 -11.95
C LYS A 285 -18.03 30.58 -11.99
N TYR A 286 -16.91 30.68 -12.71
CA TYR A 286 -16.16 31.93 -12.81
C TYR A 286 -16.50 32.66 -14.11
N ASN A 287 -16.61 33.98 -14.01
CA ASN A 287 -16.90 34.80 -15.17
C ASN A 287 -15.62 35.06 -15.96
N GLU A 288 -15.77 35.77 -17.09
CA GLU A 288 -14.60 36.09 -17.90
C GLU A 288 -13.67 37.06 -17.19
N ASN A 289 -14.19 37.85 -16.26
CA ASN A 289 -13.37 38.74 -15.45
C ASN A 289 -12.72 38.05 -14.26
N GLY A 290 -13.00 36.77 -14.05
CA GLY A 290 -12.42 36.04 -12.94
C GLY A 290 -13.25 36.03 -11.68
N THR A 291 -14.45 36.59 -11.71
CA THR A 291 -15.33 36.62 -10.54
C THR A 291 -16.38 35.54 -10.64
N ILE A 292 -16.97 35.19 -9.50
CA ILE A 292 -17.99 34.15 -9.42
C ILE A 292 -19.36 34.80 -9.56
N THR A 293 -20.17 34.27 -10.47
CA THR A 293 -21.50 34.83 -10.71
C THR A 293 -22.60 34.09 -9.97
N ASP A 294 -22.48 32.77 -9.82
CA ASP A 294 -23.45 31.97 -9.08
C ASP A 294 -22.82 30.64 -8.70
N ALA A 295 -23.49 29.93 -7.81
CA ALA A 295 -23.01 28.63 -7.34
C ALA A 295 -24.19 27.75 -6.99
N VAL A 296 -23.90 26.46 -6.79
CA VAL A 296 -24.91 25.48 -6.42
C VAL A 296 -24.49 24.84 -5.11
N ASP A 297 -25.48 24.25 -4.42
CA ASP A 297 -25.26 23.66 -3.10
C ASP A 297 -24.75 22.23 -3.13
N CYS A 298 -25.10 21.44 -4.16
CA CYS A 298 -24.57 20.10 -4.38
C CYS A 298 -25.11 19.09 -3.37
N ALA A 299 -25.88 19.55 -2.39
CA ALA A 299 -26.45 18.66 -1.38
C ALA A 299 -27.81 19.15 -0.87
N LEU A 300 -28.44 20.09 -1.55
CA LEU A 300 -29.70 20.65 -1.06
C LEU A 300 -30.89 20.00 -1.76
N ASP A 301 -30.91 20.06 -3.09
CA ASP A 301 -32.01 19.53 -3.87
C ASP A 301 -31.49 18.45 -4.81
N PRO A 302 -32.37 17.54 -5.24
CA PRO A 302 -31.96 16.54 -6.23
C PRO A 302 -31.47 17.14 -7.54
N LEU A 303 -32.02 18.29 -7.95
CA LEU A 303 -31.51 18.96 -9.14
C LEU A 303 -30.10 19.50 -8.92
N SER A 304 -29.82 19.99 -7.71
CA SER A 304 -28.48 20.43 -7.37
C SER A 304 -27.46 19.30 -7.46
N GLU A 305 -27.82 18.09 -7.02
CA GLU A 305 -26.90 16.96 -7.12
C GLU A 305 -26.67 16.55 -8.57
N THR A 306 -27.68 16.69 -9.43
CA THR A 306 -27.48 16.43 -10.85
C THR A 306 -26.56 17.48 -11.48
N LYS A 307 -26.76 18.75 -11.12
CA LYS A 307 -25.85 19.79 -11.61
C LYS A 307 -24.43 19.58 -11.10
N CYS A 308 -24.29 19.03 -9.90
CA CYS A 308 -22.97 18.80 -9.32
C CYS A 308 -22.27 17.61 -9.97
N THR A 309 -23.00 16.53 -10.21
CA THR A 309 -22.40 15.33 -10.79
C THR A 309 -22.05 15.55 -12.26
N LEU A 310 -23.01 16.08 -13.03
CA LEU A 310 -22.77 16.34 -14.45
C LEU A 310 -21.79 17.48 -14.68
N LYS A 311 -21.43 18.23 -13.64
CA LYS A 311 -20.48 19.33 -13.71
C LYS A 311 -20.94 20.38 -14.74
N SER A 312 -22.17 20.82 -14.55
CA SER A 312 -22.77 21.82 -15.42
C SER A 312 -24.02 22.39 -14.74
N PHE A 313 -24.20 23.69 -14.85
CA PHE A 313 -25.37 24.36 -14.28
C PHE A 313 -26.62 24.19 -15.12
N THR A 314 -26.52 23.56 -16.28
CA THR A 314 -27.67 23.31 -17.15
C THR A 314 -27.77 21.82 -17.40
N VAL A 315 -28.83 21.20 -16.89
CA VAL A 315 -29.05 19.76 -17.01
C VAL A 315 -30.08 19.52 -18.11
N GLU A 316 -29.73 18.64 -19.04
CA GLU A 316 -30.63 18.29 -20.14
C GLU A 316 -31.72 17.35 -19.66
N LYS A 317 -32.73 17.18 -20.50
CA LYS A 317 -33.85 16.30 -20.19
C LYS A 317 -33.40 14.85 -20.24
N GLY A 318 -33.48 14.16 -19.10
CA GLY A 318 -33.07 12.77 -19.03
C GLY A 318 -32.92 12.32 -17.60
N ILE A 319 -32.64 11.03 -17.45
CA ILE A 319 -32.45 10.39 -16.16
C ILE A 319 -30.95 10.28 -15.90
N TYR A 320 -30.52 10.70 -14.71
CA TYR A 320 -29.11 10.72 -14.34
C TYR A 320 -28.94 10.09 -12.96
N GLN A 321 -28.04 9.12 -12.87
CA GLN A 321 -27.73 8.48 -11.59
C GLN A 321 -26.78 9.37 -10.81
N THR A 322 -27.16 9.72 -9.58
CA THR A 322 -26.42 10.68 -8.76
C THR A 322 -25.71 10.04 -7.58
N SER A 323 -26.45 9.32 -6.74
CA SER A 323 -25.87 8.72 -5.53
C SER A 323 -26.42 7.31 -5.37
N ASN A 324 -26.13 6.70 -4.24
CA ASN A 324 -26.55 5.33 -3.93
C ASN A 324 -27.25 5.32 -2.58
N PHE A 325 -28.50 4.88 -2.56
CA PHE A 325 -29.25 4.80 -1.33
C PHE A 325 -28.81 3.59 -0.50
N ARG A 326 -28.84 3.76 0.82
CA ARG A 326 -28.43 2.69 1.73
C ARG A 326 -29.09 2.85 3.09
N VAL A 327 -29.79 1.82 3.55
CA VAL A 327 -30.44 1.88 4.86
C VAL A 327 -29.42 1.53 5.94
N GLN A 328 -29.41 2.35 7.01
CA GLN A 328 -28.53 2.10 8.15
C GLN A 328 -29.24 1.24 9.19
N PRO A 329 -28.49 0.41 9.92
CA PRO A 329 -29.12 -0.44 10.93
C PRO A 329 -29.72 0.37 12.06
N THR A 330 -31.00 0.13 12.34
CA THR A 330 -31.71 0.84 13.38
C THR A 330 -31.30 0.36 14.77
N GLU A 331 -31.53 -0.91 15.06
CA GLU A 331 -31.19 -1.48 16.36
C GLU A 331 -29.83 -2.15 16.31
N SER A 332 -29.46 -2.83 17.40
CA SER A 332 -28.17 -3.52 17.47
C SER A 332 -28.31 -4.63 18.52
N ILE A 333 -28.09 -5.88 18.09
CA ILE A 333 -28.19 -7.02 18.98
C ILE A 333 -26.87 -7.18 19.74
N VAL A 334 -26.95 -7.13 21.06
CA VAL A 334 -25.79 -7.28 21.93
C VAL A 334 -26.18 -8.24 23.05
N ARG A 335 -25.30 -8.44 24.03
CA ARG A 335 -25.54 -9.40 25.11
C ARG A 335 -25.76 -10.80 24.54
N PHE A 336 -24.69 -11.39 24.01
CA PHE A 336 -24.65 -12.63 23.24
C PHE A 336 -25.54 -13.74 23.79
N PRO A 337 -26.14 -14.54 22.90
CA PRO A 337 -27.08 -15.59 23.33
C PRO A 337 -26.42 -16.77 24.01
N ASN A 338 -27.18 -17.85 24.18
CA ASN A 338 -26.78 -19.05 24.94
C ASN A 338 -26.66 -18.73 26.42
N ILE A 339 -27.77 -18.35 27.04
CA ILE A 339 -27.82 -18.14 28.48
C ILE A 339 -27.48 -19.43 29.21
N THR A 340 -27.11 -19.30 30.49
CA THR A 340 -26.77 -20.44 31.32
C THR A 340 -28.05 -21.00 31.95
N ASN A 341 -27.89 -21.87 32.95
CA ASN A 341 -29.01 -22.52 33.61
C ASN A 341 -29.77 -21.51 34.47
N LEU A 342 -30.94 -21.90 34.96
CA LEU A 342 -31.80 -21.04 35.77
C LEU A 342 -31.70 -21.49 37.23
N CYS A 343 -31.63 -20.52 38.13
CA CYS A 343 -31.46 -20.83 39.54
C CYS A 343 -32.76 -21.34 40.14
N PRO A 344 -32.69 -22.23 41.13
CA PRO A 344 -33.92 -22.74 41.76
C PRO A 344 -34.62 -21.70 42.61
N PHE A 345 -35.20 -20.68 41.98
CA PHE A 345 -35.97 -19.68 42.72
C PHE A 345 -37.31 -20.22 43.20
N HIS A 346 -37.73 -21.38 42.71
CA HIS A 346 -39.00 -21.96 43.13
C HIS A 346 -38.88 -22.47 44.57
N GLU A 347 -40.05 -22.83 45.13
CA GLU A 347 -40.20 -23.39 46.48
C GLU A 347 -39.87 -22.36 47.55
N VAL A 348 -39.43 -21.17 47.13
CA VAL A 348 -39.14 -20.08 48.06
C VAL A 348 -40.30 -19.09 48.04
N PHE A 349 -40.93 -18.96 46.87
CA PHE A 349 -42.09 -18.09 46.71
C PHE A 349 -43.39 -18.86 46.57
N ASN A 350 -43.34 -20.18 46.34
CA ASN A 350 -44.55 -20.98 46.19
C ASN A 350 -44.20 -22.41 46.59
N ALA A 351 -44.62 -22.80 47.80
CA ALA A 351 -44.37 -24.15 48.30
C ALA A 351 -45.59 -24.59 49.09
N THR A 352 -45.47 -25.76 49.74
CA THR A 352 -46.59 -26.29 50.52
C THR A 352 -46.94 -25.38 51.69
N THR A 353 -46.00 -25.21 52.62
CA THR A 353 -46.25 -24.38 53.80
C THR A 353 -44.92 -23.89 54.34
N PHE A 354 -44.82 -22.57 54.53
CA PHE A 354 -43.61 -21.98 55.09
C PHE A 354 -43.63 -22.04 56.61
N ALA A 355 -42.43 -22.09 57.19
CA ALA A 355 -42.30 -22.14 58.63
C ALA A 355 -42.47 -20.74 59.23
N SER A 356 -42.63 -20.70 60.55
CA SER A 356 -42.81 -19.44 61.27
C SER A 356 -41.45 -18.81 61.54
N VAL A 357 -41.44 -17.74 62.33
CA VAL A 357 -40.20 -17.07 62.71
C VAL A 357 -39.39 -17.87 63.72
N TYR A 358 -39.95 -18.95 64.25
CA TYR A 358 -39.20 -19.78 65.19
C TYR A 358 -38.18 -20.66 64.45
N ALA A 359 -38.56 -21.20 63.31
CA ALA A 359 -37.71 -22.09 62.52
C ALA A 359 -37.68 -21.62 61.07
N TRP A 360 -37.45 -20.32 60.87
CA TRP A 360 -37.39 -19.77 59.52
C TRP A 360 -36.24 -20.41 58.74
N ASN A 361 -36.59 -21.05 57.62
CA ASN A 361 -35.59 -21.77 56.84
C ASN A 361 -34.72 -20.81 56.04
N ARG A 362 -33.53 -21.28 55.67
CA ARG A 362 -32.58 -20.51 54.89
C ARG A 362 -32.23 -21.28 53.62
N LYS A 363 -32.18 -20.56 52.50
CA LYS A 363 -31.88 -21.17 51.20
C LYS A 363 -30.90 -20.26 50.47
N ARG A 364 -29.66 -20.72 50.34
CA ARG A 364 -28.63 -19.95 49.65
C ARG A 364 -28.55 -20.36 48.19
N ILE A 365 -28.34 -19.37 47.31
CA ILE A 365 -28.27 -19.58 45.87
C ILE A 365 -27.03 -18.87 45.35
N SER A 366 -26.21 -19.59 44.58
CA SER A 366 -25.00 -19.01 44.01
C SER A 366 -24.66 -19.75 42.73
N ASN A 367 -23.67 -19.21 42.00
CA ASN A 367 -23.17 -19.80 40.76
C ASN A 367 -24.29 -19.95 39.73
N CYS A 368 -25.06 -18.88 39.56
CA CYS A 368 -26.17 -18.89 38.61
C CYS A 368 -26.59 -17.46 38.32
N VAL A 369 -27.20 -17.26 37.15
CA VAL A 369 -27.63 -15.94 36.70
C VAL A 369 -28.87 -15.56 37.50
N ALA A 370 -28.71 -14.63 38.44
CA ALA A 370 -29.82 -14.21 39.30
C ALA A 370 -30.80 -13.37 38.49
N ASP A 371 -31.83 -14.02 37.96
CA ASP A 371 -32.86 -13.34 37.18
C ASP A 371 -34.05 -13.04 38.08
N TYR A 372 -34.31 -11.75 38.32
CA TYR A 372 -35.39 -11.33 39.19
C TYR A 372 -36.65 -10.95 38.42
N SER A 373 -36.75 -11.34 37.14
CA SER A 373 -37.92 -11.00 36.35
C SER A 373 -39.08 -11.95 36.61
N VAL A 374 -38.79 -13.20 36.98
CA VAL A 374 -39.85 -14.17 37.26
C VAL A 374 -40.53 -13.94 38.60
N ILE A 375 -39.96 -13.09 39.47
CA ILE A 375 -40.54 -12.85 40.77
C ILE A 375 -41.83 -12.04 40.64
N TYR A 376 -41.87 -11.10 39.70
CA TYR A 376 -43.05 -10.27 39.51
C TYR A 376 -44.23 -11.05 38.95
N ASN A 377 -44.00 -12.22 38.38
CA ASN A 377 -45.05 -13.02 37.77
C ASN A 377 -45.57 -14.11 38.71
N PHE A 378 -45.33 -13.97 40.00
CA PHE A 378 -45.80 -14.96 40.98
C PHE A 378 -47.15 -14.57 41.58
N ALA A 379 -47.21 -13.40 42.21
CA ALA A 379 -48.43 -12.94 42.86
C ALA A 379 -48.32 -11.44 43.08
N PRO A 380 -49.45 -10.73 43.13
CA PRO A 380 -49.39 -9.29 43.42
C PRO A 380 -48.80 -9.02 44.80
N PHE A 381 -47.72 -8.24 44.81
CA PHE A 381 -47.01 -7.95 46.05
C PHE A 381 -47.66 -6.79 46.78
N PHE A 382 -47.33 -6.66 48.06
CA PHE A 382 -47.87 -5.61 48.92
C PHE A 382 -46.91 -4.44 49.09
N ALA A 383 -45.61 -4.69 49.19
CA ALA A 383 -44.63 -3.63 49.39
C ALA A 383 -43.30 -4.10 48.79
N PHE A 384 -42.98 -3.59 47.60
CA PHE A 384 -41.73 -3.90 46.93
C PHE A 384 -40.69 -2.82 47.19
N LYS A 385 -40.23 -2.75 48.45
CA LYS A 385 -39.31 -1.71 48.90
C LYS A 385 -37.96 -2.35 49.20
N CYS A 386 -37.04 -2.24 48.25
CA CYS A 386 -35.66 -2.72 48.46
C CYS A 386 -34.87 -1.60 49.11
N TYR A 387 -34.41 -1.84 50.34
CA TYR A 387 -33.74 -0.83 51.14
C TYR A 387 -32.26 -0.71 50.84
N GLY A 388 -31.71 -1.54 49.95
CA GLY A 388 -30.29 -1.48 49.68
C GLY A 388 -29.95 -1.08 48.26
N VAL A 389 -30.80 -1.46 47.30
CA VAL A 389 -30.57 -1.17 45.89
C VAL A 389 -31.91 -0.81 45.25
N SER A 390 -31.82 -0.30 44.02
CA SER A 390 -33.02 0.03 43.26
C SER A 390 -33.61 -1.23 42.63
N PRO A 391 -34.93 -1.34 42.54
CA PRO A 391 -35.53 -2.54 41.95
C PRO A 391 -35.13 -2.78 40.50
N THR A 392 -34.80 -1.72 39.77
CA THR A 392 -34.37 -1.85 38.38
C THR A 392 -32.85 -1.93 38.24
N LYS A 393 -32.14 -2.24 39.31
CA LYS A 393 -30.68 -2.31 39.28
C LYS A 393 -30.16 -3.68 39.75
N LEU A 394 -31.04 -4.67 39.92
CA LEU A 394 -30.59 -5.98 40.36
C LEU A 394 -29.80 -6.71 39.27
N ASN A 395 -30.15 -6.49 38.01
CA ASN A 395 -29.50 -7.15 36.89
C ASN A 395 -28.28 -6.38 36.39
N ASP A 396 -27.86 -5.34 37.09
CA ASP A 396 -26.70 -4.55 36.71
C ASP A 396 -25.56 -4.61 37.70
N LEU A 397 -25.70 -5.39 38.77
CA LEU A 397 -24.66 -5.52 39.79
C LEU A 397 -24.31 -6.99 39.97
N CYS A 398 -23.09 -7.24 40.43
CA CYS A 398 -22.60 -8.59 40.66
C CYS A 398 -22.84 -8.99 42.10
N PHE A 399 -23.38 -10.19 42.31
CA PHE A 399 -23.66 -10.72 43.62
C PHE A 399 -22.91 -12.03 43.83
N THR A 400 -22.60 -12.33 45.08
CA THR A 400 -21.87 -13.55 45.43
C THR A 400 -22.82 -14.70 45.77
N ASN A 401 -23.68 -14.49 46.77
CA ASN A 401 -24.62 -15.53 47.18
C ASN A 401 -25.79 -14.86 47.87
N VAL A 402 -27.02 -15.21 47.46
CA VAL A 402 -28.22 -14.64 48.04
C VAL A 402 -28.81 -15.65 49.02
N TYR A 403 -29.07 -15.21 50.24
CA TYR A 403 -29.67 -16.04 51.29
C TYR A 403 -31.16 -15.74 51.35
N ALA A 404 -31.97 -16.72 50.97
CA ALA A 404 -33.42 -16.57 50.96
C ALA A 404 -33.99 -17.10 52.27
N ASP A 405 -34.65 -16.22 53.02
CA ASP A 405 -35.26 -16.58 54.30
C ASP A 405 -36.75 -16.30 54.21
N SER A 406 -37.55 -17.37 54.23
CA SER A 406 -39.00 -17.27 54.11
C SER A 406 -39.66 -17.57 55.44
N PHE A 407 -40.69 -16.79 55.78
CA PHE A 407 -41.42 -16.96 57.02
C PHE A 407 -42.76 -16.25 56.91
N VAL A 408 -43.77 -16.81 57.57
CA VAL A 408 -45.12 -16.27 57.57
C VAL A 408 -45.33 -15.52 58.88
N ILE A 409 -45.87 -14.30 58.79
CA ILE A 409 -46.12 -13.45 59.94
C ILE A 409 -47.56 -12.96 59.87
N ARG A 410 -47.92 -12.13 60.85
CA ARG A 410 -49.26 -11.58 60.92
C ARG A 410 -49.43 -10.48 59.88
N GLY A 411 -50.69 -10.08 59.64
CA GLY A 411 -51.01 -9.10 58.63
C GLY A 411 -50.80 -7.66 59.01
N ASN A 412 -50.47 -7.38 60.27
CA ASN A 412 -50.25 -6.01 60.73
C ASN A 412 -48.79 -5.74 61.05
N GLU A 413 -47.89 -6.66 60.72
CA GLU A 413 -46.46 -6.51 60.98
C GLU A 413 -45.65 -6.59 59.69
N VAL A 414 -46.23 -6.15 58.58
CA VAL A 414 -45.52 -6.20 57.30
C VAL A 414 -44.38 -5.18 57.29
N SER A 415 -44.58 -4.02 57.90
CA SER A 415 -43.57 -2.97 57.94
C SER A 415 -42.74 -2.97 59.21
N GLN A 416 -43.01 -3.89 60.14
CA GLN A 416 -42.22 -3.94 61.37
C GLN A 416 -40.82 -4.49 61.13
N ILE A 417 -40.67 -5.39 60.15
CA ILE A 417 -39.38 -5.97 59.82
C ILE A 417 -38.72 -5.03 58.82
N ALA A 418 -38.05 -4.01 59.34
CA ALA A 418 -37.40 -2.99 58.52
C ALA A 418 -36.12 -2.56 59.21
N PRO A 419 -35.13 -2.09 58.45
CA PRO A 419 -33.87 -1.62 59.07
C PRO A 419 -34.15 -0.44 60.01
N GLY A 420 -33.84 -0.65 61.28
CA GLY A 420 -34.06 0.38 62.28
C GLY A 420 -35.50 0.49 62.71
N GLN A 421 -36.06 -0.59 63.26
CA GLN A 421 -37.44 -0.60 63.71
C GLN A 421 -37.54 -1.49 64.94
N THR A 422 -38.10 -0.96 66.02
CA THR A 422 -38.25 -1.68 67.29
C THR A 422 -39.69 -2.18 67.38
N GLY A 423 -39.89 -3.43 66.98
CA GLY A 423 -41.21 -4.04 67.04
C GLY A 423 -41.27 -5.22 67.98
N ASN A 424 -42.48 -5.65 68.35
CA ASN A 424 -42.61 -6.80 69.25
C ASN A 424 -42.20 -8.10 68.57
N ILE A 425 -42.37 -8.20 67.25
CA ILE A 425 -41.88 -9.34 66.49
C ILE A 425 -40.63 -9.00 65.68
N ALA A 426 -40.12 -7.78 65.84
CA ALA A 426 -38.90 -7.37 65.15
C ALA A 426 -37.69 -7.27 66.07
N ASP A 427 -37.89 -7.36 67.39
CA ASP A 427 -36.80 -7.30 68.36
C ASP A 427 -36.50 -8.66 69.00
N TYR A 428 -37.53 -9.44 69.32
CA TYR A 428 -37.36 -10.77 69.90
C TYR A 428 -37.46 -11.87 68.86
N ASN A 429 -37.24 -11.54 67.59
CA ASN A 429 -37.36 -12.50 66.51
C ASN A 429 -36.36 -12.12 65.43
N TYR A 430 -36.56 -12.62 64.21
CA TYR A 430 -35.70 -12.30 63.09
C TYR A 430 -35.68 -10.79 62.86
N LYS A 431 -34.52 -10.18 63.07
CA LYS A 431 -34.36 -8.74 63.01
C LYS A 431 -33.49 -8.36 61.82
N LEU A 432 -33.87 -7.28 61.14
CA LEU A 432 -33.09 -6.73 60.04
C LEU A 432 -32.21 -5.59 60.54
N PRO A 433 -30.90 -5.66 60.35
CA PRO A 433 -30.01 -4.60 60.85
C PRO A 433 -30.08 -3.37 59.94
N ASP A 434 -29.30 -2.36 60.30
CA ASP A 434 -29.24 -1.12 59.54
C ASP A 434 -28.43 -1.23 58.26
N ASP A 435 -27.85 -2.41 57.98
CA ASP A 435 -27.06 -2.62 56.76
C ASP A 435 -27.72 -3.62 55.83
N PHE A 436 -29.02 -3.85 55.98
CA PHE A 436 -29.74 -4.80 55.14
C PHE A 436 -29.84 -4.26 53.72
N THR A 437 -29.14 -4.91 52.79
CA THR A 437 -29.11 -4.51 51.39
C THR A 437 -30.00 -5.38 50.52
N GLY A 438 -31.12 -5.86 51.07
CA GLY A 438 -32.03 -6.69 50.32
C GLY A 438 -33.36 -6.02 50.01
N CYS A 439 -34.44 -6.78 50.06
CA CYS A 439 -35.77 -6.26 49.77
C CYS A 439 -36.74 -6.77 50.83
N VAL A 440 -37.98 -6.27 50.76
CA VAL A 440 -39.03 -6.65 51.70
C VAL A 440 -40.15 -7.31 50.89
N ILE A 441 -39.76 -8.03 49.83
CA ILE A 441 -40.74 -8.66 48.95
C ILE A 441 -41.66 -9.57 49.75
N ALA A 442 -42.96 -9.31 49.64
CA ALA A 442 -43.97 -10.11 50.33
C ALA A 442 -45.28 -10.03 49.54
N TRP A 443 -46.19 -10.94 49.86
CA TRP A 443 -47.47 -11.01 49.19
C TRP A 443 -48.52 -11.52 50.16
N ASN A 444 -49.77 -11.53 49.70
CA ASN A 444 -50.89 -12.01 50.50
C ASN A 444 -51.11 -13.49 50.25
N SER A 445 -51.36 -14.23 51.34
CA SER A 445 -51.58 -15.67 51.29
C SER A 445 -52.86 -16.03 52.05
N ASN A 446 -53.92 -15.26 51.80
CA ASN A 446 -55.21 -15.50 52.43
C ASN A 446 -55.99 -16.64 51.78
N LYS A 447 -55.40 -17.31 50.79
CA LYS A 447 -56.04 -18.42 50.12
C LYS A 447 -55.33 -19.76 50.32
N LEU A 448 -54.00 -19.74 50.48
CA LEU A 448 -53.23 -20.96 50.67
C LEU A 448 -53.08 -21.32 52.14
N ASP A 449 -52.64 -20.36 52.96
CA ASP A 449 -52.42 -20.60 54.38
C ASP A 449 -53.69 -20.49 55.21
N SER A 450 -54.83 -20.16 54.59
CA SER A 450 -56.08 -20.05 55.31
C SER A 450 -56.73 -21.41 55.49
N LYS A 451 -57.35 -21.62 56.65
CA LYS A 451 -58.00 -22.88 56.95
C LYS A 451 -59.06 -22.66 58.02
N PRO A 452 -60.30 -23.14 57.83
CA PRO A 452 -61.33 -22.97 58.85
C PRO A 452 -61.10 -23.85 60.07
N SER A 453 -60.08 -23.52 60.85
CA SER A 453 -59.76 -24.28 62.05
C SER A 453 -59.14 -23.33 63.07
N GLY A 454 -58.53 -23.88 64.11
CA GLY A 454 -57.90 -23.06 65.14
C GLY A 454 -56.57 -22.46 64.75
N ASN A 455 -55.96 -22.91 63.65
CA ASN A 455 -54.69 -22.40 63.17
C ASN A 455 -53.59 -22.56 64.22
N TYR A 456 -53.32 -23.83 64.56
CA TYR A 456 -52.29 -24.17 65.53
C TYR A 456 -50.95 -24.46 64.88
N ASN A 457 -50.66 -23.85 63.73
CA ASN A 457 -49.43 -24.13 63.00
C ASN A 457 -48.43 -22.99 63.08
N TYR A 458 -48.90 -21.75 63.16
CA TYR A 458 -48.02 -20.59 63.23
C TYR A 458 -47.94 -20.07 64.66
N LEU A 459 -46.89 -19.28 64.91
CA LEU A 459 -46.66 -18.65 66.21
C LEU A 459 -45.93 -17.34 65.98
N TYR A 460 -45.60 -16.66 67.08
CA TYR A 460 -44.89 -15.38 67.03
C TYR A 460 -43.63 -15.32 67.86
N ARG A 461 -43.46 -16.16 68.88
CA ARG A 461 -42.23 -16.25 69.67
C ARG A 461 -41.90 -14.90 70.31
N LEU A 462 -42.80 -14.47 71.21
CA LEU A 462 -42.63 -13.19 71.89
C LEU A 462 -41.86 -13.34 73.20
N PHE A 463 -42.14 -14.38 73.97
CA PHE A 463 -41.52 -14.57 75.29
C PHE A 463 -40.06 -14.97 75.11
N ARG A 464 -39.16 -14.03 75.37
CA ARG A 464 -37.73 -14.28 75.31
C ARG A 464 -37.03 -13.54 76.44
N LYS A 465 -35.88 -14.06 76.87
CA LYS A 465 -35.16 -13.47 77.98
C LYS A 465 -34.47 -12.16 77.57
N SER A 466 -33.84 -12.15 76.40
CA SER A 466 -33.10 -10.98 75.94
C SER A 466 -33.41 -10.75 74.47
N LYS A 467 -32.87 -9.65 73.94
CA LYS A 467 -33.09 -9.31 72.55
C LYS A 467 -32.32 -10.26 71.64
N LEU A 468 -32.88 -10.53 70.46
CA LEU A 468 -32.27 -11.45 69.52
C LEU A 468 -31.36 -10.71 68.55
N LYS A 469 -30.26 -11.35 68.20
CA LYS A 469 -29.34 -10.80 67.21
C LYS A 469 -29.97 -10.87 65.83
N PRO A 470 -29.49 -10.06 64.87
CA PRO A 470 -30.01 -10.15 63.51
C PRO A 470 -29.65 -11.49 62.87
N PHE A 471 -30.59 -12.02 62.09
CA PHE A 471 -30.43 -13.30 61.40
C PHE A 471 -30.19 -14.45 62.36
N GLU A 472 -30.85 -14.39 63.53
CA GLU A 472 -30.72 -15.42 64.55
C GLU A 472 -31.93 -16.34 64.51
N ARG A 473 -31.67 -17.64 64.52
CA ARG A 473 -32.72 -18.67 64.50
C ARG A 473 -32.59 -19.49 65.78
N ASP A 474 -33.51 -19.28 66.71
CA ASP A 474 -33.49 -19.98 67.99
C ASP A 474 -34.29 -21.27 67.84
N ILE A 475 -33.61 -22.41 68.04
CA ILE A 475 -34.24 -23.72 67.95
C ILE A 475 -34.64 -24.27 69.31
N SER A 476 -34.17 -23.64 70.39
CA SER A 476 -34.48 -24.14 71.73
C SER A 476 -35.94 -23.87 72.08
N THR A 477 -36.48 -24.73 72.96
CA THR A 477 -37.86 -24.63 73.42
C THR A 477 -37.94 -24.57 74.94
N GLU A 478 -36.97 -23.91 75.57
CA GLU A 478 -36.94 -23.80 77.02
C GLU A 478 -38.09 -22.91 77.52
N ILE A 479 -38.48 -23.14 78.77
CA ILE A 479 -39.57 -22.39 79.39
C ILE A 479 -39.04 -21.03 79.82
N TYR A 480 -39.71 -19.97 79.36
CA TYR A 480 -39.29 -18.62 79.71
C TYR A 480 -39.60 -18.32 81.17
N GLN A 481 -38.67 -17.63 81.83
CA GLN A 481 -38.81 -17.23 83.22
C GLN A 481 -38.83 -15.71 83.30
N ALA A 482 -39.93 -15.14 83.79
CA ALA A 482 -40.04 -13.70 83.89
C ALA A 482 -39.14 -13.15 84.99
N GLY A 483 -39.32 -13.63 86.21
CA GLY A 483 -38.50 -13.17 87.32
C GLY A 483 -38.84 -13.84 88.64
N ASN A 484 -37.80 -14.16 89.41
CA ASN A 484 -37.89 -14.79 90.73
C ASN A 484 -38.93 -15.91 90.79
N LYS A 485 -39.05 -16.67 89.72
CA LYS A 485 -39.99 -17.79 89.66
C LYS A 485 -39.41 -18.87 88.75
N PRO A 486 -38.46 -19.66 89.26
CA PRO A 486 -37.88 -20.73 88.43
C PRO A 486 -38.87 -21.88 88.26
N CYS A 487 -39.06 -22.30 87.02
CA CYS A 487 -39.94 -23.42 86.66
C CYS A 487 -39.08 -24.52 86.04
N ASN A 488 -38.66 -25.48 86.87
CA ASN A 488 -37.89 -26.61 86.38
C ASN A 488 -38.77 -27.69 85.74
N GLY A 489 -40.08 -27.67 86.01
CA GLY A 489 -40.99 -28.63 85.43
C GLY A 489 -41.94 -28.01 84.43
N VAL A 490 -43.19 -27.77 84.86
CA VAL A 490 -44.19 -27.17 84.01
C VAL A 490 -44.24 -25.67 84.29
N ALA A 491 -44.82 -24.92 83.34
CA ALA A 491 -44.93 -23.48 83.47
C ALA A 491 -46.02 -23.13 84.47
N GLY A 492 -45.67 -22.36 85.49
CA GLY A 492 -46.62 -21.94 86.51
C GLY A 492 -47.40 -20.71 86.09
N SER A 493 -47.80 -19.92 87.09
CA SER A 493 -48.55 -18.71 86.81
C SER A 493 -47.65 -17.61 86.25
N ASN A 494 -46.45 -17.45 86.82
CA ASN A 494 -45.51 -16.45 86.34
C ASN A 494 -44.72 -16.93 85.13
N CYS A 495 -44.55 -18.23 84.97
CA CYS A 495 -43.84 -18.80 83.84
C CYS A 495 -44.79 -18.95 82.65
N TYR A 496 -44.34 -18.50 81.49
CA TYR A 496 -45.13 -18.55 80.27
C TYR A 496 -44.37 -19.30 79.19
N SER A 497 -45.11 -20.05 78.38
CA SER A 497 -44.50 -20.79 77.28
C SER A 497 -44.09 -19.82 76.16
N PRO A 498 -42.94 -20.04 75.53
CA PRO A 498 -42.49 -19.14 74.46
C PRO A 498 -43.18 -19.35 73.11
N LEU A 499 -44.25 -20.14 73.06
CA LEU A 499 -44.99 -20.39 71.83
C LEU A 499 -46.48 -20.30 72.10
N GLN A 500 -47.22 -19.90 71.07
CA GLN A 500 -48.67 -19.76 71.17
C GLN A 500 -49.27 -19.84 69.79
N SER A 501 -50.46 -20.42 69.70
CA SER A 501 -51.14 -20.57 68.41
C SER A 501 -51.46 -19.20 67.81
N TYR A 502 -51.16 -19.03 66.53
CA TYR A 502 -51.41 -17.78 65.81
C TYR A 502 -52.71 -17.98 65.03
N GLY A 503 -53.83 -17.69 65.67
CA GLY A 503 -55.13 -17.87 65.05
C GLY A 503 -55.38 -16.93 63.88
N PHE A 504 -55.41 -17.47 62.68
CA PHE A 504 -55.67 -16.72 61.46
C PHE A 504 -57.03 -17.16 60.91
N ARG A 505 -58.09 -16.49 61.39
CA ARG A 505 -59.44 -16.83 60.95
C ARG A 505 -59.68 -16.29 59.54
N PRO A 506 -60.34 -17.07 58.68
CA PRO A 506 -60.62 -16.58 57.32
C PRO A 506 -61.55 -15.39 57.28
N THR A 507 -62.33 -15.14 58.34
CA THR A 507 -63.24 -14.01 58.37
C THR A 507 -62.58 -12.70 58.75
N TYR A 508 -61.33 -12.74 59.23
CA TYR A 508 -60.64 -11.52 59.60
C TYR A 508 -60.26 -10.72 58.36
N GLY A 509 -60.30 -9.39 58.49
CA GLY A 509 -59.93 -8.49 57.42
C GLY A 509 -58.44 -8.24 57.35
N VAL A 510 -58.07 -7.13 56.72
CA VAL A 510 -56.67 -6.77 56.59
C VAL A 510 -56.10 -6.43 57.96
N GLY A 511 -54.95 -7.03 58.28
CA GLY A 511 -54.27 -6.83 59.55
C GLY A 511 -54.06 -8.12 60.33
N HIS A 512 -54.90 -9.12 60.10
CA HIS A 512 -54.79 -10.41 60.78
C HIS A 512 -54.76 -11.58 59.80
N GLN A 513 -54.35 -11.33 58.55
CA GLN A 513 -54.28 -12.37 57.54
C GLN A 513 -52.86 -12.94 57.47
N PRO A 514 -52.72 -14.21 57.09
CA PRO A 514 -51.38 -14.80 56.94
C PRO A 514 -50.69 -14.25 55.71
N TYR A 515 -49.59 -13.52 55.92
CA TYR A 515 -48.79 -12.95 54.85
C TYR A 515 -47.44 -13.64 54.81
N ARG A 516 -47.06 -14.13 53.63
CA ARG A 516 -45.78 -14.80 53.44
C ARG A 516 -44.75 -13.75 53.05
N VAL A 517 -43.72 -13.60 53.88
CA VAL A 517 -42.67 -12.62 53.68
C VAL A 517 -41.34 -13.35 53.51
N VAL A 518 -40.59 -12.99 52.46
CA VAL A 518 -39.29 -13.57 52.18
C VAL A 518 -38.32 -12.45 51.87
N VAL A 519 -37.17 -12.45 52.55
CA VAL A 519 -36.13 -11.45 52.36
C VAL A 519 -34.94 -12.11 51.69
N LEU A 520 -34.25 -11.36 50.84
CA LEU A 520 -33.08 -11.86 50.11
C LEU A 520 -31.85 -11.12 50.62
N SER A 521 -31.05 -11.82 51.44
CA SER A 521 -29.85 -11.19 52.05
C SER A 521 -28.62 -11.49 51.19
N PHE A 522 -28.53 -10.87 50.00
CA PHE A 522 -27.33 -11.06 49.15
C PHE A 522 -26.10 -10.57 49.93
N GLU A 523 -25.15 -11.47 50.17
CA GLU A 523 -23.94 -11.09 50.96
C GLU A 523 -23.03 -10.18 50.12
N LEU A 524 -22.35 -9.24 50.76
CA LEU A 524 -21.46 -8.29 50.04
C LEU A 524 -20.02 -8.80 50.12
N LEU A 525 -19.75 -9.99 49.57
CA LEU A 525 -18.38 -10.56 49.71
C LEU A 525 -17.67 -10.54 48.34
N HIS A 526 -16.36 -10.71 48.32
CA HIS A 526 -15.60 -10.62 47.05
C HIS A 526 -15.71 -11.94 46.27
N ALA A 527 -16.05 -11.85 44.97
CA ALA A 527 -16.15 -13.05 44.11
C ALA A 527 -16.11 -12.59 42.66
N PRO A 528 -15.54 -13.36 41.71
CA PRO A 528 -15.57 -13.00 40.29
C PRO A 528 -16.95 -13.37 39.71
N ALA A 529 -18.03 -12.74 40.20
CA ALA A 529 -19.41 -13.08 39.77
C ALA A 529 -19.61 -14.58 39.81
N THR A 530 -19.17 -15.26 40.89
CA THR A 530 -19.24 -16.74 41.01
C THR A 530 -19.00 -17.39 39.65
N VAL A 531 -19.99 -18.10 39.10
CA VAL A 531 -19.85 -18.65 37.72
C VAL A 531 -20.52 -17.66 36.77
N CYS A 532 -21.73 -17.21 37.11
CA CYS A 532 -22.45 -16.20 36.28
C CYS A 532 -23.33 -15.33 37.18
N GLY A 533 -23.91 -14.25 36.64
CA GLY A 533 -24.73 -13.32 37.43
C GLY A 533 -25.61 -12.44 36.57
N PRO A 534 -25.08 -11.39 35.90
CA PRO A 534 -25.87 -10.56 34.99
C PRO A 534 -25.83 -11.06 33.54
N LYS A 535 -25.46 -10.22 32.58
CA LYS A 535 -25.34 -10.60 31.14
C LYS A 535 -26.62 -11.27 30.62
N LYS A 536 -27.62 -10.47 30.23
CA LYS A 536 -28.91 -11.01 29.72
C LYS A 536 -28.84 -11.19 28.20
N SER A 537 -29.86 -10.70 27.49
CA SER A 537 -29.88 -10.82 26.00
C SER A 537 -30.61 -9.60 25.40
N THR A 538 -31.08 -9.74 24.15
CA THR A 538 -31.81 -8.63 23.47
C THR A 538 -33.08 -9.19 22.82
N ASN A 539 -33.99 -8.31 22.41
CA ASN A 539 -35.22 -8.77 21.70
C ASN A 539 -34.87 -9.05 20.23
N LEU A 540 -35.29 -10.18 19.69
CA LEU A 540 -35.05 -10.49 18.25
C LEU A 540 -35.89 -9.53 17.40
N VAL A 541 -35.30 -8.45 16.91
CA VAL A 541 -36.03 -7.48 16.03
C VAL A 541 -36.10 -8.09 14.63
N LYS A 542 -37.17 -8.84 14.33
CA LYS A 542 -37.31 -9.40 12.99
C LYS A 542 -37.89 -8.36 12.04
N ASN A 543 -37.75 -8.66 10.74
CA ASN A 543 -38.31 -7.83 9.66
C ASN A 543 -37.79 -6.40 9.75
N LYS A 544 -36.49 -6.28 10.00
CA LYS A 544 -35.85 -4.97 10.10
C LYS A 544 -34.35 -5.15 9.89
N CYS A 545 -33.77 -4.28 9.06
CA CYS A 545 -32.34 -4.31 8.81
C CYS A 545 -31.59 -3.81 10.04
N VAL A 546 -31.07 -4.74 10.84
CA VAL A 546 -30.34 -4.42 12.06
C VAL A 546 -29.03 -5.20 12.07
N ASN A 547 -28.14 -4.81 12.99
CA ASN A 547 -26.84 -5.45 13.14
C ASN A 547 -26.89 -6.41 14.31
N PHE A 548 -26.73 -7.70 14.03
CA PHE A 548 -26.80 -8.75 15.04
C PHE A 548 -25.41 -9.32 15.31
N ASN A 549 -25.28 -9.95 16.47
CA ASN A 549 -24.03 -10.55 16.92
C ASN A 549 -24.34 -11.92 17.52
N PHE A 550 -25.03 -12.77 16.76
CA PHE A 550 -25.45 -14.06 17.27
C PHE A 550 -24.28 -15.03 17.40
N ASN A 551 -23.71 -15.12 18.60
CA ASN A 551 -22.66 -16.08 18.93
C ASN A 551 -21.47 -15.96 17.98
N GLY A 552 -20.91 -14.75 17.89
CA GLY A 552 -19.77 -14.49 17.04
C GLY A 552 -20.11 -14.06 15.64
N LEU A 553 -21.26 -14.47 15.11
CA LEU A 553 -21.67 -14.10 13.76
C LEU A 553 -22.07 -12.63 13.75
N THR A 554 -21.12 -11.77 13.40
CA THR A 554 -21.34 -10.33 13.37
C THR A 554 -21.71 -9.93 11.95
N GLY A 555 -22.97 -9.51 11.77
CA GLY A 555 -23.44 -9.09 10.47
C GLY A 555 -24.71 -8.28 10.59
N THR A 556 -24.96 -7.47 9.55
CA THR A 556 -26.14 -6.63 9.51
C THR A 556 -27.06 -7.07 8.38
N GLY A 557 -28.37 -6.95 8.61
CA GLY A 557 -29.33 -7.31 7.59
C GLY A 557 -30.71 -7.50 8.20
N VAL A 558 -31.61 -8.00 7.36
CA VAL A 558 -33.01 -8.20 7.75
C VAL A 558 -33.23 -9.65 8.14
N LEU A 559 -33.36 -9.90 9.45
CA LEU A 559 -33.65 -11.24 9.94
C LEU A 559 -35.10 -11.60 9.68
N THR A 560 -35.33 -12.62 8.85
CA THR A 560 -36.69 -13.02 8.50
C THR A 560 -36.97 -14.46 8.94
N GLU A 561 -38.13 -14.98 8.56
CA GLU A 561 -38.54 -16.34 8.91
C GLU A 561 -38.54 -17.19 7.65
N SER A 562 -37.64 -18.16 7.59
CA SER A 562 -37.52 -19.04 6.43
C SER A 562 -37.83 -20.48 6.83
N ASN A 563 -38.33 -21.24 5.87
CA ASN A 563 -38.67 -22.65 6.08
C ASN A 563 -37.50 -23.55 5.66
N LYS A 564 -36.36 -23.32 6.30
CA LYS A 564 -35.15 -24.09 6.03
C LYS A 564 -35.00 -25.18 7.08
N LYS A 565 -34.63 -26.38 6.63
CA LYS A 565 -34.45 -27.54 7.50
C LYS A 565 -32.97 -27.67 7.84
N PHE A 566 -32.62 -27.34 9.09
CA PHE A 566 -31.25 -27.39 9.55
C PHE A 566 -31.00 -28.72 10.25
N LEU A 567 -29.82 -29.29 10.06
CA LEU A 567 -29.42 -30.50 10.76
C LEU A 567 -29.14 -30.15 12.23
N PRO A 568 -29.22 -31.12 13.15
CA PRO A 568 -29.00 -30.82 14.57
C PRO A 568 -27.65 -30.18 14.86
N PHE A 569 -26.60 -30.64 14.19
CA PHE A 569 -25.26 -30.12 14.45
C PHE A 569 -24.96 -28.84 13.68
N GLN A 570 -25.60 -28.64 12.52
CA GLN A 570 -25.33 -27.45 11.73
C GLN A 570 -25.89 -26.21 12.42
N GLN A 571 -25.07 -25.16 12.48
CA GLN A 571 -25.44 -23.93 13.16
C GLN A 571 -25.54 -22.82 12.13
N PHE A 572 -24.50 -22.59 11.32
CA PHE A 572 -24.51 -21.47 10.39
C PHE A 572 -25.00 -21.91 9.02
N GLY A 573 -25.24 -20.92 8.15
CA GLY A 573 -25.63 -21.16 6.78
C GLY A 573 -24.80 -20.32 5.83
N ARG A 574 -24.83 -20.72 4.56
CA ARG A 574 -24.06 -20.04 3.53
C ARG A 574 -24.72 -20.31 2.17
N ASP A 575 -24.12 -19.76 1.12
CA ASP A 575 -24.65 -19.91 -0.22
C ASP A 575 -23.53 -20.12 -1.24
N ILE A 576 -23.85 -19.98 -2.53
CA ILE A 576 -22.87 -20.23 -3.58
C ILE A 576 -21.70 -19.26 -3.50
N ALA A 577 -21.97 -18.00 -3.15
CA ALA A 577 -20.96 -16.96 -3.14
C ALA A 577 -20.27 -16.81 -1.79
N ASP A 578 -20.38 -17.81 -0.92
CA ASP A 578 -19.75 -17.81 0.40
C ASP A 578 -20.18 -16.59 1.21
N THR A 579 -21.49 -16.52 1.46
CA THR A 579 -22.09 -15.43 2.21
C THR A 579 -23.12 -16.02 3.17
N THR A 580 -23.10 -15.56 4.43
CA THR A 580 -24.05 -16.03 5.41
C THR A 580 -25.47 -15.61 5.04
N ASP A 581 -26.35 -16.60 4.89
CA ASP A 581 -27.72 -16.32 4.50
C ASP A 581 -28.75 -16.98 5.42
N ALA A 582 -28.30 -17.63 6.49
CA ALA A 582 -29.23 -18.27 7.44
C ALA A 582 -28.47 -18.55 8.73
N VAL A 583 -29.13 -18.27 9.87
CA VAL A 583 -28.53 -18.49 11.18
C VAL A 583 -29.56 -19.16 12.08
N ARG A 584 -29.07 -19.73 13.17
CA ARG A 584 -29.91 -20.39 14.17
C ARG A 584 -29.80 -19.63 15.48
N ASP A 585 -30.94 -19.30 16.07
CA ASP A 585 -30.96 -18.58 17.33
C ASP A 585 -30.46 -19.48 18.46
N PRO A 586 -29.41 -19.10 19.18
CA PRO A 586 -28.87 -20.00 20.22
C PRO A 586 -29.72 -20.05 21.47
N GLN A 587 -30.90 -19.42 21.45
CA GLN A 587 -31.80 -19.44 22.59
C GLN A 587 -32.96 -20.39 22.33
N THR A 588 -33.67 -20.17 21.22
CA THR A 588 -34.73 -21.08 20.81
C THR A 588 -34.36 -21.72 19.48
N LEU A 589 -34.65 -23.02 19.34
CA LEU A 589 -34.27 -23.77 18.15
C LEU A 589 -35.18 -23.40 16.97
N GLU A 590 -34.99 -22.18 16.49
CA GLU A 590 -35.74 -21.69 15.34
C GLU A 590 -34.79 -21.50 14.15
N ILE A 591 -35.35 -21.15 13.00
CA ILE A 591 -34.60 -21.00 11.76
C ILE A 591 -34.77 -19.57 11.28
N LEU A 592 -33.67 -18.83 11.18
CA LEU A 592 -33.67 -17.47 10.68
C LEU A 592 -33.08 -17.41 9.28
N ASP A 593 -33.21 -16.24 8.65
CA ASP A 593 -32.72 -16.02 7.29
C ASP A 593 -32.17 -14.61 7.21
N ILE A 594 -30.86 -14.47 7.38
CA ILE A 594 -30.22 -13.17 7.23
C ILE A 594 -30.20 -12.81 5.75
N THR A 595 -30.78 -11.65 5.41
CA THR A 595 -30.83 -11.13 4.07
C THR A 595 -30.14 -9.78 4.01
N PRO A 596 -29.56 -9.41 2.86
CA PRO A 596 -28.87 -8.12 2.77
C PRO A 596 -29.80 -6.95 3.04
N CYS A 597 -29.23 -5.88 3.59
CA CYS A 597 -29.99 -4.68 3.88
C CYS A 597 -30.48 -4.04 2.59
N SER A 598 -31.34 -3.02 2.73
CA SER A 598 -31.93 -2.36 1.58
C SER A 598 -31.00 -1.27 1.07
N PHE A 599 -30.35 -1.54 -0.06
CA PHE A 599 -29.51 -0.56 -0.73
C PHE A 599 -29.88 -0.49 -2.21
N GLY A 600 -29.21 0.38 -2.94
CA GLY A 600 -29.48 0.58 -4.35
C GLY A 600 -29.07 1.98 -4.78
N GLY A 601 -29.18 2.24 -6.08
CA GLY A 601 -28.80 3.51 -6.65
C GLY A 601 -29.96 4.49 -6.72
N VAL A 602 -29.62 5.76 -6.81
CA VAL A 602 -30.59 6.85 -6.89
C VAL A 602 -30.41 7.55 -8.23
N SER A 603 -31.50 7.68 -8.98
CA SER A 603 -31.50 8.34 -10.28
C SER A 603 -32.54 9.45 -10.27
N VAL A 604 -32.09 10.68 -10.47
CA VAL A 604 -32.99 11.83 -10.48
C VAL A 604 -33.48 12.06 -11.90
N ILE A 605 -34.79 12.21 -12.06
CA ILE A 605 -35.40 12.40 -13.38
C ILE A 605 -35.61 13.91 -13.54
N THR A 606 -34.80 14.52 -14.40
CA THR A 606 -34.88 15.94 -14.65
C THR A 606 -35.42 16.20 -16.05
N PRO A 607 -36.53 16.92 -16.20
CA PRO A 607 -37.05 17.23 -17.54
C PRO A 607 -36.33 18.35 -18.25
N GLY A 608 -35.25 18.87 -17.68
CA GLY A 608 -34.53 19.97 -18.28
C GLY A 608 -34.62 21.25 -17.48
N THR A 609 -33.47 21.85 -17.16
CA THR A 609 -33.48 23.09 -16.38
C THR A 609 -34.08 24.25 -17.16
N ASN A 610 -34.01 24.20 -18.49
CA ASN A 610 -34.61 25.25 -19.30
C ASN A 610 -36.13 25.20 -19.24
N THR A 611 -36.70 24.01 -19.10
CA THR A 611 -38.15 23.88 -19.05
C THR A 611 -38.68 24.26 -17.67
N SER A 612 -38.23 23.58 -16.63
CA SER A 612 -38.68 23.84 -15.26
C SER A 612 -37.60 23.34 -14.30
N ASN A 613 -37.94 23.30 -13.01
CA ASN A 613 -37.02 22.85 -11.98
C ASN A 613 -37.54 21.68 -11.17
N GLN A 614 -38.79 21.25 -11.38
CA GLN A 614 -39.32 20.11 -10.64
C GLN A 614 -38.69 18.83 -11.15
N VAL A 615 -38.14 18.04 -10.22
CA VAL A 615 -37.47 16.78 -10.55
C VAL A 615 -38.08 15.67 -9.71
N ALA A 616 -37.80 14.44 -10.12
CA ALA A 616 -38.28 13.25 -9.43
C ALA A 616 -37.11 12.29 -9.21
N VAL A 617 -37.10 11.65 -8.04
CA VAL A 617 -36.04 10.73 -7.65
C VAL A 617 -36.54 9.30 -7.80
N LEU A 618 -35.64 8.39 -8.18
CA LEU A 618 -35.97 6.98 -8.35
C LEU A 618 -35.02 6.16 -7.50
N TYR A 619 -35.57 5.40 -6.55
CA TYR A 619 -34.79 4.53 -5.67
C TYR A 619 -34.87 3.13 -6.23
N GLN A 620 -33.84 2.73 -6.97
CA GLN A 620 -33.83 1.43 -7.63
C GLN A 620 -33.75 0.30 -6.60
N GLY A 621 -34.58 -0.72 -6.81
CA GLY A 621 -34.59 -1.87 -5.91
C GLY A 621 -35.15 -1.59 -4.54
N VAL A 622 -36.20 -0.77 -4.45
CA VAL A 622 -36.83 -0.42 -3.18
C VAL A 622 -38.34 -0.64 -3.33
N ASN A 623 -38.95 -1.24 -2.29
CA ASN A 623 -40.38 -1.55 -2.29
C ASN A 623 -41.21 -0.40 -1.73
N CYS A 624 -40.71 0.84 -1.82
CA CYS A 624 -41.37 2.04 -1.32
C CYS A 624 -41.60 2.02 0.19
N THR A 625 -41.00 1.05 0.90
CA THR A 625 -41.14 0.98 2.36
C THR A 625 -39.98 1.67 3.07
N GLU A 626 -38.77 1.53 2.54
CA GLU A 626 -37.59 2.20 3.10
C GLU A 626 -37.53 3.61 2.55
N VAL A 627 -38.39 4.47 3.10
CA VAL A 627 -38.50 5.88 2.70
C VAL A 627 -38.79 5.99 1.20
N SER A 647 -45.66 14.49 -1.51
CA SER A 647 -45.00 13.91 -2.67
C SER A 647 -45.65 12.59 -3.06
N ASN A 648 -45.84 12.38 -4.37
CA ASN A 648 -46.46 11.16 -4.86
C ASN A 648 -45.47 10.00 -4.78
N VAL A 649 -45.99 8.83 -4.42
CA VAL A 649 -45.20 7.61 -4.29
C VAL A 649 -45.87 6.52 -5.10
N PHE A 650 -45.11 5.88 -5.99
CA PHE A 650 -45.63 4.82 -6.84
C PHE A 650 -44.58 3.74 -7.00
N GLN A 651 -44.94 2.50 -6.72
CA GLN A 651 -44.02 1.38 -6.81
C GLN A 651 -43.98 0.84 -8.24
N THR A 652 -42.78 0.75 -8.79
CA THR A 652 -42.56 0.20 -10.13
C THR A 652 -41.73 -1.07 -10.04
N ARG A 653 -41.62 -1.77 -11.17
CA ARG A 653 -40.81 -2.98 -11.22
C ARG A 653 -39.32 -2.68 -11.10
N ALA A 654 -38.90 -1.45 -11.38
CA ALA A 654 -37.50 -1.07 -11.28
C ALA A 654 -37.15 -0.42 -9.95
N GLY A 655 -38.10 0.24 -9.30
CA GLY A 655 -37.84 0.87 -8.03
C GLY A 655 -39.01 1.73 -7.61
N CYS A 656 -38.78 2.54 -6.57
CA CYS A 656 -39.78 3.45 -6.04
C CYS A 656 -39.57 4.83 -6.63
N LEU A 657 -40.54 5.29 -7.42
CA LEU A 657 -40.47 6.59 -8.08
C LEU A 657 -41.20 7.62 -7.22
N ILE A 658 -40.44 8.50 -6.58
CA ILE A 658 -40.97 9.52 -5.69
C ILE A 658 -40.86 10.86 -6.42
N GLY A 659 -42.00 11.43 -6.78
CA GLY A 659 -42.02 12.72 -7.46
C GLY A 659 -42.87 12.74 -8.70
N ALA A 660 -43.63 11.68 -8.93
CA ALA A 660 -44.49 11.58 -10.10
C ALA A 660 -45.66 10.67 -9.79
N GLU A 661 -46.78 10.90 -10.48
CA GLU A 661 -47.98 10.11 -10.34
C GLU A 661 -48.20 9.25 -11.57
N TYR A 662 -48.76 8.06 -11.38
CA TYR A 662 -48.97 7.11 -12.48
C TYR A 662 -50.26 7.47 -13.20
N VAL A 663 -50.15 7.89 -14.45
CA VAL A 663 -51.30 8.18 -15.29
C VAL A 663 -51.69 6.94 -16.07
N ASN A 664 -52.98 6.64 -16.11
CA ASN A 664 -53.47 5.45 -16.79
C ASN A 664 -53.40 5.56 -18.30
N ASN A 665 -53.05 6.72 -18.84
CA ASN A 665 -52.93 6.89 -20.28
C ASN A 665 -51.61 6.30 -20.78
N SER A 666 -51.42 6.35 -22.10
CA SER A 666 -50.22 5.81 -22.72
C SER A 666 -49.69 6.80 -23.75
N TYR A 667 -48.42 7.17 -23.61
CA TYR A 667 -47.79 8.07 -24.56
C TYR A 667 -46.43 7.52 -25.00
N GLU A 668 -45.68 8.31 -25.75
CA GLU A 668 -44.35 7.90 -26.17
C GLU A 668 -43.35 8.06 -25.03
N CYS A 669 -42.35 7.18 -25.01
CA CYS A 669 -41.37 7.17 -23.94
C CYS A 669 -40.41 8.35 -24.12
N ASP A 670 -40.52 9.35 -23.25
CA ASP A 670 -39.62 10.50 -23.30
C ASP A 670 -38.37 10.27 -22.45
N ILE A 671 -38.55 9.97 -21.17
CA ILE A 671 -37.47 9.68 -20.25
C ILE A 671 -37.62 8.22 -19.80
N PRO A 672 -36.72 7.32 -20.19
CA PRO A 672 -36.86 5.91 -19.81
C PRO A 672 -36.60 5.71 -18.33
N ILE A 673 -37.63 5.26 -17.62
CA ILE A 673 -37.49 5.01 -16.19
C ILE A 673 -36.99 3.59 -15.94
N GLY A 674 -37.66 2.60 -16.52
CA GLY A 674 -37.26 1.22 -16.36
C GLY A 674 -38.43 0.26 -16.31
N ALA A 675 -38.28 -0.90 -16.95
CA ALA A 675 -39.31 -1.94 -16.97
C ALA A 675 -40.63 -1.42 -17.53
N GLY A 676 -40.55 -0.64 -18.61
CA GLY A 676 -41.72 -0.13 -19.28
C GLY A 676 -42.17 1.25 -18.82
N ILE A 677 -41.84 1.65 -17.59
CA ILE A 677 -42.25 2.95 -17.08
C ILE A 677 -41.47 4.04 -17.79
N CYS A 678 -42.17 5.12 -18.14
CA CYS A 678 -41.56 6.26 -18.81
C CYS A 678 -42.19 7.54 -18.27
N ALA A 679 -41.36 8.57 -18.09
CA ALA A 679 -41.80 9.84 -17.53
C ALA A 679 -41.68 10.94 -18.58
N SER A 680 -42.50 11.97 -18.41
CA SER A 680 -42.50 13.11 -19.31
C SER A 680 -43.12 14.30 -18.59
N TYR A 681 -42.81 15.54 -18.97
CA TYR A 681 -43.49 16.70 -18.32
C TYR A 681 -44.79 16.96 -19.03
N GLN A 682 -45.90 17.09 -18.31
CA GLN A 682 -47.20 17.24 -19.00
C GLN A 682 -48.13 18.12 -18.16
N THR A 683 -49.17 18.67 -18.79
CA THR A 683 -50.13 19.55 -18.08
C THR A 683 -51.17 18.71 -17.33
N GLN A 684 -51.03 17.39 -17.36
CA GLN A 684 -52.02 16.47 -16.72
C GLN A 684 -53.43 16.88 -17.12
N THR A 685 -54.20 17.42 -16.17
CA THR A 685 -55.59 17.89 -16.47
C THR A 685 -55.55 18.94 -17.58
N SER A 696 -51.54 23.47 -14.50
CA SER A 696 -50.24 23.21 -13.84
C SER A 696 -49.53 22.06 -14.55
N GLN A 697 -48.20 22.06 -14.52
CA GLN A 697 -47.42 20.98 -15.18
C GLN A 697 -46.62 20.21 -14.14
N SER A 698 -46.67 18.87 -14.18
CA SER A 698 -45.95 18.02 -13.20
C SER A 698 -45.33 16.84 -13.94
N ILE A 699 -44.32 16.21 -13.35
CA ILE A 699 -43.74 14.99 -13.97
C ILE A 699 -44.75 13.86 -13.83
N ILE A 700 -45.11 13.21 -14.93
CA ILE A 700 -46.08 12.09 -14.92
C ILE A 700 -45.32 10.84 -15.31
N ALA A 701 -45.70 9.68 -14.78
CA ALA A 701 -45.08 8.40 -15.20
C ALA A 701 -46.15 7.58 -15.89
N TYR A 702 -45.79 6.83 -16.90
CA TYR A 702 -46.82 6.12 -17.67
C TYR A 702 -46.21 4.90 -18.33
N THR A 703 -47.04 3.95 -18.72
CA THR A 703 -46.50 2.84 -19.49
C THR A 703 -46.39 3.27 -20.94
N MET A 704 -45.20 3.10 -21.52
CA MET A 704 -44.95 3.55 -22.88
C MET A 704 -45.79 2.76 -23.88
N SER A 705 -46.36 3.46 -24.85
CA SER A 705 -47.15 2.84 -25.90
C SER A 705 -46.25 2.52 -27.09
N LEU A 706 -46.34 1.29 -27.58
CA LEU A 706 -45.51 0.85 -28.70
C LEU A 706 -45.98 1.38 -30.05
N GLY A 707 -47.03 2.20 -30.07
CA GLY A 707 -47.57 2.75 -31.28
C GLY A 707 -49.08 2.72 -31.27
N ALA A 708 -49.65 3.16 -32.40
CA ALA A 708 -51.10 3.20 -32.55
C ALA A 708 -51.60 1.94 -33.25
N GLU A 709 -52.76 1.46 -32.83
CA GLU A 709 -53.35 0.27 -33.44
C GLU A 709 -53.76 0.57 -34.87
N ASN A 710 -53.19 -0.18 -35.82
CA ASN A 710 -53.45 0.00 -37.24
C ASN A 710 -53.72 -1.35 -37.90
N SER A 711 -54.64 -2.12 -37.31
CA SER A 711 -54.98 -3.43 -37.84
C SER A 711 -55.56 -3.31 -39.25
N VAL A 712 -54.81 -3.81 -40.23
CA VAL A 712 -55.23 -3.77 -41.63
C VAL A 712 -56.15 -4.94 -41.91
N ALA A 713 -57.22 -4.68 -42.64
CA ALA A 713 -58.15 -5.74 -43.01
C ALA A 713 -57.47 -6.76 -43.92
N TYR A 714 -57.93 -8.01 -43.83
CA TYR A 714 -57.38 -9.09 -44.64
C TYR A 714 -58.53 -9.92 -45.17
N SER A 715 -58.81 -9.80 -46.47
CA SER A 715 -59.83 -10.59 -47.13
C SER A 715 -59.18 -11.41 -48.24
N ASN A 716 -59.92 -12.40 -48.74
CA ASN A 716 -59.41 -13.26 -49.80
C ASN A 716 -59.35 -12.55 -51.13
N ASN A 717 -60.07 -11.44 -51.29
CA ASN A 717 -60.13 -10.69 -52.54
C ASN A 717 -60.04 -9.20 -52.26
N SER A 718 -59.10 -8.79 -51.42
CA SER A 718 -58.90 -7.39 -51.07
C SER A 718 -57.41 -7.06 -51.15
N ILE A 719 -57.09 -6.02 -51.89
CA ILE A 719 -55.71 -5.55 -52.04
C ILE A 719 -55.72 -4.03 -52.03
N ALA A 720 -54.59 -3.46 -51.60
CA ALA A 720 -54.43 -2.00 -51.50
C ALA A 720 -53.26 -1.59 -52.40
N ILE A 721 -53.59 -1.03 -53.56
CA ILE A 721 -52.59 -0.53 -54.50
C ILE A 721 -52.51 0.99 -54.36
N PRO A 722 -51.33 1.55 -54.11
CA PRO A 722 -51.23 3.00 -53.92
C PRO A 722 -51.44 3.74 -55.22
N THR A 723 -51.94 4.98 -55.10
CA THR A 723 -52.20 5.83 -56.25
C THR A 723 -51.27 7.02 -56.36
N ASN A 724 -50.65 7.44 -55.26
CA ASN A 724 -49.73 8.58 -55.26
C ASN A 724 -48.44 8.17 -54.54
N PHE A 725 -47.43 9.01 -54.68
CA PHE A 725 -46.13 8.75 -54.08
C PHE A 725 -45.56 10.05 -53.52
N THR A 726 -44.71 9.90 -52.49
CA THR A 726 -44.08 11.05 -51.83
C THR A 726 -42.60 10.74 -51.69
N ILE A 727 -41.77 11.41 -52.49
CA ILE A 727 -40.33 11.26 -52.39
C ILE A 727 -39.85 11.89 -51.08
N SER A 728 -39.23 11.08 -50.23
CA SER A 728 -38.76 11.53 -48.93
C SER A 728 -37.24 11.33 -48.85
N VAL A 729 -36.54 12.39 -48.47
CA VAL A 729 -35.09 12.37 -48.33
C VAL A 729 -34.77 12.33 -46.84
N THR A 730 -34.24 11.21 -46.37
CA THR A 730 -33.86 11.06 -44.97
C THR A 730 -32.35 11.22 -44.81
N THR A 731 -31.92 11.37 -43.56
CA THR A 731 -30.52 11.55 -43.24
C THR A 731 -30.05 10.46 -42.29
N GLU A 732 -28.73 10.24 -42.28
CA GLU A 732 -28.12 9.24 -41.41
C GLU A 732 -26.70 9.67 -41.09
N ILE A 733 -26.37 9.68 -39.80
CA ILE A 733 -25.06 10.10 -39.33
C ILE A 733 -24.24 8.86 -39.00
N LEU A 734 -23.00 8.82 -39.49
CA LEU A 734 -22.11 7.71 -39.23
C LEU A 734 -20.68 8.20 -39.03
N PRO A 735 -20.08 7.94 -37.87
CA PRO A 735 -18.69 8.34 -37.65
C PRO A 735 -17.75 7.55 -38.56
N VAL A 736 -16.66 8.22 -38.98
CA VAL A 736 -15.70 7.61 -39.88
C VAL A 736 -14.35 7.47 -39.18
N SER A 737 -14.06 8.39 -38.26
CA SER A 737 -12.76 8.39 -37.60
C SER A 737 -12.88 9.16 -36.29
N MET A 738 -11.76 9.23 -35.57
CA MET A 738 -11.65 9.95 -34.30
C MET A 738 -10.41 10.82 -34.34
N THR A 739 -10.11 11.45 -33.21
CA THR A 739 -8.92 12.28 -33.09
C THR A 739 -7.69 11.39 -32.86
N LYS A 740 -6.75 11.45 -33.80
CA LYS A 740 -5.52 10.67 -33.68
C LYS A 740 -4.65 11.25 -32.57
N THR A 741 -4.55 10.54 -31.46
CA THR A 741 -3.78 10.98 -30.30
C THR A 741 -2.50 10.18 -30.18
N SER A 742 -1.48 10.83 -29.62
CA SER A 742 -0.19 10.19 -29.36
C SER A 742 0.41 10.84 -28.12
N VAL A 743 0.68 10.02 -27.10
CA VAL A 743 1.18 10.49 -25.82
C VAL A 743 2.67 10.19 -25.73
N ASP A 744 3.39 11.01 -24.98
CA ASP A 744 4.80 10.80 -24.71
C ASP A 744 4.92 10.01 -23.41
N CYS A 745 5.29 8.73 -23.53
CA CYS A 745 5.31 7.80 -22.40
C CYS A 745 6.47 8.06 -21.44
N THR A 746 7.33 9.03 -21.73
CA THR A 746 8.42 9.38 -20.83
C THR A 746 8.28 10.77 -20.22
N MET A 747 7.43 11.63 -20.77
CA MET A 747 7.18 12.95 -20.20
C MET A 747 5.85 13.04 -19.48
N TYR A 748 4.97 12.05 -19.65
CA TYR A 748 3.71 11.99 -18.92
C TYR A 748 3.79 11.11 -17.69
N ILE A 749 4.53 10.01 -17.76
CA ILE A 749 4.68 9.11 -16.61
C ILE A 749 5.75 9.59 -15.64
N CYS A 750 6.80 10.26 -16.13
CA CYS A 750 7.89 10.70 -15.27
C CYS A 750 8.12 12.21 -15.35
N GLY A 751 7.51 12.90 -16.29
CA GLY A 751 7.73 14.32 -16.45
C GLY A 751 9.13 14.64 -16.96
N ASP A 752 9.89 15.41 -16.21
CA ASP A 752 11.26 15.76 -16.58
C ASP A 752 12.30 15.27 -15.58
N SER A 753 11.90 14.46 -14.59
CA SER A 753 12.84 13.96 -13.60
C SER A 753 13.81 12.96 -14.22
N THR A 754 15.05 12.98 -13.75
CA THR A 754 16.06 12.05 -14.26
C THR A 754 16.10 10.74 -13.49
N GLU A 755 15.60 10.72 -12.25
CA GLU A 755 15.61 9.48 -11.46
C GLU A 755 14.44 8.59 -11.85
N CYS A 756 13.28 9.19 -12.14
CA CYS A 756 12.11 8.40 -12.50
C CYS A 756 12.33 7.63 -13.80
N SER A 757 13.08 8.22 -14.75
CA SER A 757 13.33 7.56 -16.01
C SER A 757 14.21 6.33 -15.82
N ASN A 758 14.97 6.29 -14.73
CA ASN A 758 15.82 5.12 -14.47
C ASN A 758 14.99 3.89 -14.14
N LEU A 759 14.01 4.04 -13.24
CA LEU A 759 13.12 2.94 -12.91
C LEU A 759 12.03 2.71 -13.93
N LEU A 760 11.73 3.71 -14.77
CA LEU A 760 10.77 3.50 -15.86
C LEU A 760 11.28 2.48 -16.86
N LEU A 761 12.59 2.46 -17.13
CA LEU A 761 13.17 1.45 -18.01
C LEU A 761 13.20 0.08 -17.35
N GLN A 762 13.18 0.02 -16.02
CA GLN A 762 13.18 -1.25 -15.31
C GLN A 762 11.78 -1.82 -15.11
N TYR A 763 10.74 -0.97 -15.12
CA TYR A 763 9.38 -1.44 -14.93
C TYR A 763 8.88 -2.27 -16.11
N GLY A 764 9.61 -2.29 -17.22
CA GLY A 764 9.25 -3.08 -18.37
C GLY A 764 9.09 -2.22 -19.61
N SER A 765 8.96 -2.90 -20.75
CA SER A 765 8.80 -2.24 -22.04
C SER A 765 7.33 -2.05 -22.41
N PHE A 766 6.58 -1.41 -21.50
CA PHE A 766 5.18 -1.13 -21.78
C PHE A 766 5.02 0.12 -22.63
N CYS A 767 5.96 1.07 -22.51
CA CYS A 767 5.88 2.29 -23.29
C CYS A 767 5.94 2.01 -24.79
N THR A 768 6.80 1.09 -25.21
CA THR A 768 6.89 0.74 -26.62
C THR A 768 5.58 0.13 -27.11
N GLN A 769 4.97 -0.74 -26.32
CA GLN A 769 3.70 -1.34 -26.71
C GLN A 769 2.59 -0.30 -26.82
N LEU A 770 2.54 0.64 -25.86
CA LEU A 770 1.51 1.67 -25.91
C LEU A 770 1.71 2.60 -27.11
N LYS A 771 2.97 2.96 -27.40
CA LYS A 771 3.23 3.78 -28.58
C LYS A 771 2.88 3.06 -29.86
N ARG A 772 3.18 1.75 -29.94
CA ARG A 772 2.80 0.97 -31.11
C ARG A 772 1.28 0.90 -31.26
N ALA A 773 0.57 0.75 -30.14
CA ALA A 773 -0.89 0.71 -30.19
C ALA A 773 -1.46 2.04 -30.67
N LEU A 774 -0.91 3.16 -30.19
CA LEU A 774 -1.39 4.46 -30.64
C LEU A 774 -1.08 4.70 -32.11
N THR A 775 0.11 4.32 -32.56
CA THR A 775 0.43 4.45 -33.99
C THR A 775 -0.50 3.59 -34.84
N GLY A 776 -0.80 2.37 -34.38
CA GLY A 776 -1.74 1.53 -35.09
C GLY A 776 -3.13 2.13 -35.15
N ILE A 777 -3.58 2.74 -34.05
CA ILE A 777 -4.87 3.41 -34.04
C ILE A 777 -4.89 4.55 -35.04
N ALA A 778 -3.82 5.35 -35.08
CA ALA A 778 -3.76 6.46 -36.02
C ALA A 778 -3.80 5.97 -37.47
N VAL A 779 -2.98 4.96 -37.79
CA VAL A 779 -2.99 4.41 -39.13
C VAL A 779 -4.35 3.80 -39.47
N GLU A 780 -5.02 3.20 -38.49
CA GLU A 780 -6.33 2.63 -38.71
C GLU A 780 -7.37 3.70 -39.03
N GLN A 781 -7.31 4.83 -38.30
CA GLN A 781 -8.23 5.92 -38.59
C GLN A 781 -7.98 6.51 -39.96
N ASP A 782 -6.70 6.67 -40.33
CA ASP A 782 -6.38 7.14 -41.68
C ASP A 782 -6.89 6.19 -42.75
N LYS A 783 -6.70 4.89 -42.55
CA LYS A 783 -7.19 3.91 -43.52
C LYS A 783 -8.71 3.90 -43.59
N ASN A 784 -9.38 4.12 -42.46
CA ASN A 784 -10.84 4.21 -42.48
C ASN A 784 -11.32 5.41 -43.28
N THR A 785 -10.71 6.57 -43.04
CA THR A 785 -11.05 7.75 -43.84
C THR A 785 -10.79 7.52 -45.32
N GLN A 786 -9.66 6.88 -45.66
CA GLN A 786 -9.36 6.63 -47.06
C GLN A 786 -10.35 5.67 -47.70
N GLU A 787 -10.70 4.58 -47.01
CA GLU A 787 -11.62 3.61 -47.58
C GLU A 787 -13.06 4.09 -47.60
N VAL A 788 -13.41 5.08 -46.78
CA VAL A 788 -14.75 5.65 -46.79
C VAL A 788 -14.90 6.73 -47.86
N PHE A 789 -13.97 7.68 -47.91
CA PHE A 789 -14.11 8.80 -48.84
C PHE A 789 -13.39 8.56 -50.16
N ALA A 790 -12.13 8.12 -50.11
CA ALA A 790 -11.34 7.91 -51.32
C ALA A 790 -11.70 6.55 -51.90
N GLN A 791 -12.82 6.50 -52.62
CA GLN A 791 -13.30 5.30 -53.26
C GLN A 791 -13.25 5.36 -54.78
N VAL A 792 -12.99 6.54 -55.36
CA VAL A 792 -12.91 6.71 -56.80
C VAL A 792 -11.55 7.27 -57.15
N LYS A 793 -11.16 7.06 -58.41
CA LYS A 793 -9.87 7.53 -58.92
C LYS A 793 -9.97 8.87 -59.64
N GLN A 794 -10.96 9.04 -60.51
CA GLN A 794 -11.14 10.28 -61.24
C GLN A 794 -11.90 11.28 -60.39
N ILE A 795 -11.39 12.52 -60.32
CA ILE A 795 -12.04 13.59 -59.56
C ILE A 795 -12.95 14.32 -60.54
N TYR A 796 -14.26 14.05 -60.44
CA TYR A 796 -15.22 14.65 -61.35
C TYR A 796 -15.59 16.05 -60.91
N LYS A 797 -15.95 16.88 -61.87
CA LYS A 797 -16.35 18.26 -61.63
C LYS A 797 -17.75 18.50 -62.16
N THR A 798 -18.47 19.40 -61.49
CA THR A 798 -19.83 19.71 -61.90
C THR A 798 -19.82 20.54 -63.18
N PRO A 799 -20.80 20.34 -64.07
CA PRO A 799 -20.87 21.15 -65.29
C PRO A 799 -21.14 22.61 -64.96
N PRO A 800 -20.79 23.53 -65.87
CA PRO A 800 -21.05 24.95 -65.58
C PRO A 800 -22.53 25.30 -65.53
N ILE A 801 -23.35 24.64 -66.34
CA ILE A 801 -24.80 24.87 -66.35
C ILE A 801 -25.42 23.93 -65.33
N LYS A 802 -25.92 24.51 -64.23
CA LYS A 802 -26.52 23.72 -63.16
C LYS A 802 -28.01 23.46 -63.40
N TYR A 803 -28.33 22.88 -64.56
CA TYR A 803 -29.69 22.49 -64.90
C TYR A 803 -29.71 20.98 -65.07
N PHE A 804 -29.90 20.27 -63.97
CA PHE A 804 -29.89 18.80 -63.98
C PHE A 804 -31.32 18.25 -64.05
N GLY A 805 -31.98 18.54 -65.18
CA GLY A 805 -33.31 18.04 -65.43
C GLY A 805 -34.43 18.75 -64.71
N GLY A 806 -34.12 19.56 -63.70
CA GLY A 806 -35.15 20.26 -62.95
C GLY A 806 -34.98 20.12 -61.46
N PHE A 807 -34.02 19.29 -61.04
CA PHE A 807 -33.72 19.09 -59.63
C PHE A 807 -32.66 20.08 -59.18
N ASN A 808 -32.92 20.78 -58.09
CA ASN A 808 -32.03 21.81 -57.58
C ASN A 808 -31.10 21.20 -56.54
N PHE A 809 -29.83 21.07 -56.88
CA PHE A 809 -28.81 20.54 -55.98
C PHE A 809 -27.94 21.63 -55.38
N SER A 810 -28.47 22.86 -55.28
CA SER A 810 -27.66 23.97 -54.81
C SER A 810 -27.27 23.81 -53.34
N GLN A 811 -28.06 23.07 -52.57
CA GLN A 811 -27.76 22.90 -51.15
C GLN A 811 -26.73 21.81 -50.89
N ILE A 812 -26.49 20.92 -51.85
CA ILE A 812 -25.50 19.86 -51.67
C ILE A 812 -24.26 20.04 -52.54
N LEU A 813 -24.36 20.76 -53.66
CA LEU A 813 -23.19 21.02 -54.47
C LEU A 813 -22.31 22.07 -53.78
N PRO A 814 -20.99 22.02 -54.01
CA PRO A 814 -20.10 22.98 -53.35
C PRO A 814 -20.38 24.40 -53.81
N ASP A 815 -20.35 25.33 -52.84
CA ASP A 815 -20.64 26.73 -53.12
C ASP A 815 -19.35 27.45 -53.49
N PRO A 816 -19.21 27.93 -54.73
CA PRO A 816 -17.96 28.61 -55.11
C PRO A 816 -17.79 30.00 -54.51
N SER A 817 -18.84 30.56 -53.90
CA SER A 817 -18.72 31.89 -53.32
C SER A 817 -17.78 31.88 -52.12
N LYS A 818 -18.05 31.02 -51.14
CA LYS A 818 -17.19 30.93 -49.98
C LYS A 818 -15.87 30.25 -50.34
N PRO A 819 -14.77 30.62 -49.68
CA PRO A 819 -13.47 30.04 -50.03
C PRO A 819 -13.32 28.59 -49.60
N SER A 820 -14.12 28.12 -48.64
CA SER A 820 -13.99 26.74 -48.16
C SER A 820 -14.51 25.72 -49.15
N LYS A 821 -15.23 26.15 -50.19
CA LYS A 821 -15.76 25.27 -51.23
C LYS A 821 -16.68 24.19 -50.68
N ARG A 822 -17.47 24.51 -49.66
CA ARG A 822 -18.37 23.55 -49.04
C ARG A 822 -19.82 23.93 -49.34
N SER A 823 -20.68 22.91 -49.33
CA SER A 823 -22.10 23.12 -49.58
C SER A 823 -22.76 23.74 -48.34
N PRO A 824 -23.92 24.37 -48.52
CA PRO A 824 -24.64 24.92 -47.35
C PRO A 824 -24.94 23.88 -46.29
N ILE A 825 -25.25 22.64 -46.67
CA ILE A 825 -25.47 21.59 -45.70
C ILE A 825 -24.19 21.30 -44.94
N GLU A 826 -23.06 21.23 -45.64
CA GLU A 826 -21.78 21.03 -44.98
C GLU A 826 -21.42 22.21 -44.08
N ASP A 827 -21.78 23.44 -44.50
CA ASP A 827 -21.54 24.60 -43.66
C ASP A 827 -22.37 24.53 -42.38
N LEU A 828 -23.61 24.05 -42.48
CA LEU A 828 -24.43 23.90 -41.29
C LEU A 828 -23.93 22.77 -40.40
N LEU A 829 -23.35 21.72 -40.99
CA LEU A 829 -22.83 20.61 -40.21
C LEU A 829 -21.57 21.01 -39.45
N PHE A 830 -20.64 21.69 -40.13
CA PHE A 830 -19.39 22.09 -39.49
C PHE A 830 -19.59 23.20 -38.46
N ASN A 831 -20.68 23.96 -38.56
CA ASN A 831 -20.97 25.02 -37.60
C ASN A 831 -21.92 24.57 -36.50
N LYS A 832 -22.21 23.27 -36.41
CA LYS A 832 -23.11 22.75 -35.39
C LYS A 832 -22.33 22.03 -34.29
N ALA A 859 -3.09 24.14 -31.36
CA ALA A 859 -1.99 23.26 -30.95
C ALA A 859 -1.95 23.14 -29.43
N GLN A 860 -2.62 22.12 -28.90
CA GLN A 860 -2.68 21.87 -27.47
C GLN A 860 -1.68 20.78 -27.11
N LYS A 861 -0.72 21.13 -26.26
CA LYS A 861 0.39 20.26 -25.86
C LYS A 861 0.58 20.30 -24.35
N PHE A 862 -0.52 20.09 -23.61
CA PHE A 862 -0.49 20.22 -22.15
C PHE A 862 0.64 19.42 -21.52
N ASN A 863 0.57 18.09 -21.62
CA ASN A 863 1.59 17.24 -21.01
C ASN A 863 1.62 15.91 -21.76
N GLY A 864 2.61 15.75 -22.64
CA GLY A 864 2.81 14.50 -23.35
C GLY A 864 1.83 14.23 -24.46
N LEU A 865 0.54 14.21 -24.15
CA LEU A 865 -0.48 13.86 -25.13
C LEU A 865 -0.59 14.95 -26.19
N THR A 866 -0.47 14.56 -27.46
CA THR A 866 -0.59 15.47 -28.59
C THR A 866 -1.63 14.94 -29.57
N VAL A 867 -2.22 15.85 -30.33
CA VAL A 867 -3.23 15.52 -31.32
C VAL A 867 -2.60 15.61 -32.70
N LEU A 868 -2.56 14.48 -33.42
CA LEU A 868 -1.98 14.46 -34.75
C LEU A 868 -3.02 14.83 -35.79
N PRO A 869 -2.69 15.69 -36.76
CA PRO A 869 -3.68 16.09 -37.76
C PRO A 869 -3.94 14.94 -38.72
N PRO A 870 -5.17 14.82 -39.23
CA PRO A 870 -5.47 13.76 -40.19
C PRO A 870 -4.70 13.94 -41.49
N LEU A 871 -4.55 12.83 -42.21
CA LEU A 871 -3.84 12.87 -43.50
C LEU A 871 -4.63 13.67 -44.52
N LEU A 872 -5.94 13.42 -44.62
CA LEU A 872 -6.80 14.15 -45.55
C LEU A 872 -7.45 15.31 -44.81
N THR A 873 -7.18 16.53 -45.28
CA THR A 873 -7.76 17.72 -44.67
C THR A 873 -9.24 17.83 -45.03
N ASP A 874 -9.89 18.86 -44.49
CA ASP A 874 -11.30 19.07 -44.79
C ASP A 874 -11.53 19.43 -46.25
N GLU A 875 -10.58 20.15 -46.86
CA GLU A 875 -10.71 20.50 -48.27
C GLU A 875 -10.68 19.26 -49.15
N MET A 876 -9.82 18.29 -48.83
CA MET A 876 -9.74 17.08 -49.64
C MET A 876 -10.98 16.21 -49.46
N ILE A 877 -11.53 16.15 -48.25
CA ILE A 877 -12.78 15.42 -48.05
C ILE A 877 -13.92 16.10 -48.79
N ALA A 878 -13.94 17.43 -48.79
CA ALA A 878 -14.96 18.16 -49.55
C ALA A 878 -14.82 17.92 -51.04
N GLN A 879 -13.58 17.87 -51.55
CA GLN A 879 -13.39 17.57 -52.96
C GLN A 879 -13.81 16.15 -53.31
N TYR A 880 -13.54 15.19 -52.41
CA TYR A 880 -14.00 13.82 -52.63
C TYR A 880 -15.52 13.76 -52.67
N THR A 881 -16.19 14.43 -51.73
CA THR A 881 -17.65 14.44 -51.74
C THR A 881 -18.20 15.12 -52.99
N SER A 882 -17.57 16.20 -53.43
CA SER A 882 -18.02 16.87 -54.66
C SER A 882 -17.82 15.99 -55.88
N ALA A 883 -16.71 15.24 -55.94
CA ALA A 883 -16.49 14.33 -57.05
C ALA A 883 -17.52 13.20 -57.05
N LEU A 884 -17.82 12.65 -55.87
CA LEU A 884 -18.84 11.62 -55.78
C LEU A 884 -20.21 12.16 -56.18
N LEU A 885 -20.53 13.39 -55.79
CA LEU A 885 -21.82 13.98 -56.18
C LEU A 885 -21.87 14.23 -57.68
N ALA A 886 -20.77 14.70 -58.27
CA ALA A 886 -20.74 14.91 -59.71
C ALA A 886 -20.88 13.60 -60.47
N GLY A 887 -20.26 12.53 -59.94
CA GLY A 887 -20.42 11.23 -60.56
C GLY A 887 -21.82 10.67 -60.43
N THR A 888 -22.48 10.93 -59.29
CA THR A 888 -23.85 10.48 -59.10
C THR A 888 -24.83 11.28 -59.97
N ILE A 889 -24.54 12.54 -60.24
CA ILE A 889 -25.40 13.37 -61.08
C ILE A 889 -25.20 13.06 -62.56
N THR A 890 -23.94 13.07 -63.03
CA THR A 890 -23.67 12.89 -64.45
C THR A 890 -23.71 11.43 -64.85
N SER A 891 -23.05 10.56 -64.09
CA SER A 891 -22.96 9.14 -64.41
C SER A 891 -23.96 8.28 -63.65
N GLY A 892 -24.27 8.62 -62.40
CA GLY A 892 -25.23 7.87 -61.62
C GLY A 892 -24.64 6.65 -60.93
N TRP A 893 -24.37 5.59 -61.68
CA TRP A 893 -23.80 4.37 -61.12
C TRP A 893 -22.67 3.78 -61.93
N THR A 894 -22.47 4.20 -63.17
CA THR A 894 -21.42 3.61 -64.01
C THR A 894 -20.03 4.10 -63.63
N PHE A 895 -19.91 5.14 -62.82
CA PHE A 895 -18.61 5.66 -62.42
C PHE A 895 -18.00 4.88 -61.26
N GLY A 896 -18.72 3.92 -60.69
CA GLY A 896 -18.20 3.11 -59.61
C GLY A 896 -17.90 1.69 -60.05
N ALA A 897 -18.34 1.33 -61.25
CA ALA A 897 -18.11 0.01 -61.82
C ALA A 897 -17.33 0.09 -63.12
N GLY A 898 -16.49 1.11 -63.27
CA GLY A 898 -15.69 1.29 -64.46
C GLY A 898 -15.61 2.74 -64.88
N PRO A 899 -15.57 2.99 -66.19
CA PRO A 899 -15.48 4.36 -66.67
C PRO A 899 -16.81 5.10 -66.50
N ALA A 900 -16.71 6.41 -66.26
CA ALA A 900 -17.90 7.22 -66.09
C ALA A 900 -18.62 7.39 -67.42
N LEU A 901 -19.92 7.09 -67.44
CA LEU A 901 -20.74 7.19 -68.63
C LEU A 901 -21.76 8.31 -68.45
N GLN A 902 -21.74 9.28 -69.36
CA GLN A 902 -22.69 10.38 -69.28
C GLN A 902 -24.10 9.88 -69.54
N ILE A 903 -25.06 10.46 -68.81
CA ILE A 903 -26.47 10.11 -68.97
C ILE A 903 -27.30 11.23 -68.36
N PRO A 904 -28.37 11.68 -69.03
CA PRO A 904 -29.21 12.73 -68.45
C PRO A 904 -29.83 12.30 -67.12
N PHE A 905 -30.03 13.27 -66.25
CA PHE A 905 -30.58 12.96 -64.92
C PHE A 905 -32.01 12.42 -64.96
N PRO A 906 -32.92 12.92 -65.82
CA PRO A 906 -34.23 12.26 -65.90
C PRO A 906 -34.16 10.82 -66.36
N MET A 907 -33.27 10.51 -67.32
CA MET A 907 -33.12 9.12 -67.75
C MET A 907 -32.51 8.27 -66.66
N GLN A 908 -31.68 8.86 -65.80
CA GLN A 908 -31.14 8.13 -64.65
C GLN A 908 -32.22 7.85 -63.62
N MET A 909 -33.06 8.85 -63.34
CA MET A 909 -34.16 8.65 -62.41
C MET A 909 -35.17 7.64 -62.93
N ALA A 910 -35.36 7.58 -64.25
CA ALA A 910 -36.25 6.58 -64.81
C ALA A 910 -35.73 5.16 -64.56
N TYR A 911 -34.43 4.93 -64.78
CA TYR A 911 -33.84 3.64 -64.52
C TYR A 911 -33.77 3.31 -63.03
N ARG A 912 -33.67 4.32 -62.17
CA ARG A 912 -33.70 4.07 -60.74
C ARG A 912 -35.11 3.73 -60.26
N PHE A 913 -36.14 4.35 -60.85
CA PHE A 913 -37.50 3.96 -60.55
C PHE A 913 -37.83 2.58 -61.09
N ASN A 914 -37.27 2.22 -62.25
CA ASN A 914 -37.48 0.88 -62.79
C ASN A 914 -36.88 -0.20 -61.92
N GLY A 915 -35.91 0.14 -61.06
CA GLY A 915 -35.29 -0.83 -60.19
C GLY A 915 -36.05 -1.19 -58.95
N ILE A 916 -37.17 -0.51 -58.68
CA ILE A 916 -38.00 -0.78 -57.51
C ILE A 916 -39.39 -1.27 -57.88
N GLY A 917 -39.68 -1.45 -59.16
CA GLY A 917 -40.98 -1.94 -59.58
C GLY A 917 -41.79 -0.94 -60.36
N VAL A 918 -41.67 0.34 -60.01
CA VAL A 918 -42.40 1.39 -60.70
C VAL A 918 -41.86 1.56 -62.11
N THR A 919 -42.77 1.61 -63.08
CA THR A 919 -42.35 1.78 -64.47
C THR A 919 -41.79 3.19 -64.69
N GLN A 920 -41.04 3.34 -65.78
CA GLN A 920 -40.35 4.58 -66.05
C GLN A 920 -41.27 5.68 -66.58
N ASN A 921 -42.47 5.33 -67.06
CA ASN A 921 -43.38 6.34 -67.57
C ASN A 921 -43.95 7.21 -66.45
N VAL A 922 -44.04 6.69 -65.23
CA VAL A 922 -44.53 7.49 -64.11
C VAL A 922 -43.63 8.69 -63.90
N LEU A 923 -42.31 8.50 -64.00
CA LEU A 923 -41.38 9.61 -63.84
C LEU A 923 -41.51 10.61 -64.99
N TYR A 924 -41.59 10.10 -66.22
CA TYR A 924 -41.71 11.01 -67.37
C TYR A 924 -43.03 11.76 -67.36
N GLU A 925 -44.02 11.26 -66.62
CA GLU A 925 -45.29 11.97 -66.51
C GLU A 925 -45.36 12.90 -65.30
N ASN A 926 -44.62 12.61 -64.22
CA ASN A 926 -44.70 13.43 -63.02
C ASN A 926 -43.34 14.00 -62.61
N GLN A 927 -42.47 14.25 -63.60
CA GLN A 927 -41.16 14.84 -63.30
C GLN A 927 -41.26 16.17 -62.58
N LYS A 928 -42.23 17.01 -62.92
CA LYS A 928 -42.37 18.29 -62.25
C LYS A 928 -42.68 18.11 -60.76
N LEU A 929 -43.67 17.26 -60.45
CA LEU A 929 -44.02 17.01 -59.05
C LEU A 929 -42.86 16.34 -58.31
N ILE A 930 -42.14 15.44 -58.98
CA ILE A 930 -41.03 14.77 -58.32
C ILE A 930 -39.90 15.75 -58.01
N ALA A 931 -39.61 16.66 -58.94
CA ALA A 931 -38.58 17.66 -58.69
C ALA A 931 -39.01 18.62 -57.58
N ASN A 932 -40.29 19.00 -57.56
CA ASN A 932 -40.78 19.86 -56.48
C ASN A 932 -40.65 19.17 -55.12
N GLN A 933 -41.04 17.90 -55.05
CA GLN A 933 -40.92 17.16 -53.79
C GLN A 933 -39.46 16.98 -53.38
N PHE A 934 -38.57 16.75 -54.35
CA PHE A 934 -37.15 16.62 -54.03
C PHE A 934 -36.58 17.92 -53.49
N ASN A 935 -36.94 19.05 -54.11
CA ASN A 935 -36.46 20.34 -53.61
C ASN A 935 -37.01 20.64 -52.22
N SER A 936 -38.30 20.33 -52.00
CA SER A 936 -38.88 20.53 -50.68
C SER A 936 -38.20 19.66 -49.63
N ALA A 937 -37.88 18.42 -49.97
CA ALA A 937 -37.20 17.54 -49.02
C ALA A 937 -35.78 18.01 -48.74
N ILE A 938 -35.08 18.50 -49.76
CA ILE A 938 -33.74 19.04 -49.55
C ILE A 938 -33.79 20.26 -48.65
N GLY A 939 -34.82 21.11 -48.81
CA GLY A 939 -34.97 22.25 -47.93
C GLY A 939 -35.29 21.85 -46.51
N LYS A 940 -36.22 20.89 -46.34
CA LYS A 940 -36.58 20.43 -45.00
C LYS A 940 -35.42 19.72 -44.30
N ILE A 941 -34.53 19.09 -45.05
CA ILE A 941 -33.35 18.49 -44.43
C ILE A 941 -32.50 19.55 -43.75
N GLN A 942 -32.19 20.63 -44.47
CA GLN A 942 -31.42 21.72 -43.87
C GLN A 942 -32.18 22.38 -42.73
N ASP A 943 -33.50 22.55 -42.88
CA ASP A 943 -34.30 23.12 -41.81
C ASP A 943 -34.24 22.28 -40.54
N SER A 944 -34.32 20.95 -40.67
CA SER A 944 -34.26 20.09 -39.49
C SER A 944 -32.86 20.04 -38.91
N LEU A 945 -31.83 20.07 -39.76
CA LEU A 945 -30.46 20.09 -39.24
C LEU A 945 -30.17 21.39 -38.50
N SER A 946 -30.81 22.49 -38.91
CA SER A 946 -30.61 23.76 -38.21
C SER A 946 -31.45 23.86 -36.95
N SER A 947 -32.66 23.29 -36.97
CA SER A 947 -33.55 23.38 -35.82
C SER A 947 -33.20 22.36 -34.75
N THR A 948 -33.24 21.08 -35.11
CA THR A 948 -32.98 20.01 -34.15
C THR A 948 -31.51 19.98 -33.77
N PRO A 949 -31.16 20.15 -32.49
CA PRO A 949 -29.75 20.13 -32.09
C PRO A 949 -29.17 18.74 -31.96
N SER A 950 -29.99 17.70 -31.84
CA SER A 950 -29.53 16.34 -31.67
C SER A 950 -29.26 15.64 -33.00
N ALA A 951 -29.06 16.40 -34.08
CA ALA A 951 -28.78 15.78 -35.37
C ALA A 951 -27.37 15.20 -35.42
N LEU A 952 -26.38 15.99 -35.03
CA LEU A 952 -24.98 15.56 -35.00
C LEU A 952 -24.60 14.93 -33.67
N GLY A 953 -25.56 14.37 -32.94
CA GLY A 953 -25.28 13.78 -31.65
C GLY A 953 -24.36 12.59 -31.71
N LYS A 954 -24.43 11.82 -32.81
CA LYS A 954 -23.56 10.65 -32.94
C LYS A 954 -22.10 11.05 -33.03
N LEU A 955 -21.81 12.18 -33.66
CA LEU A 955 -20.43 12.67 -33.74
C LEU A 955 -20.04 13.39 -32.45
N GLN A 956 -20.96 14.18 -31.90
CA GLN A 956 -20.68 14.85 -30.62
C GLN A 956 -20.42 13.86 -29.51
N ASP A 957 -21.01 12.67 -29.57
CA ASP A 957 -20.75 11.66 -28.54
C ASP A 957 -19.28 11.25 -28.53
N VAL A 958 -18.73 10.90 -29.68
CA VAL A 958 -17.34 10.48 -29.72
C VAL A 958 -16.40 11.66 -29.49
N VAL A 959 -16.80 12.86 -29.91
CA VAL A 959 -15.97 14.04 -29.64
C VAL A 959 -15.86 14.28 -28.14
N ASN A 960 -17.01 14.28 -27.44
CA ASN A 960 -17.00 14.47 -26.00
C ASN A 960 -16.33 13.31 -25.28
N HIS A 961 -16.43 12.09 -25.82
CA HIS A 961 -15.74 10.96 -25.22
C HIS A 961 -14.23 11.13 -25.28
N ASN A 962 -13.71 11.52 -26.45
CA ASN A 962 -12.28 11.77 -26.56
C ASN A 962 -11.84 12.93 -25.67
N ALA A 963 -12.64 13.99 -25.61
CA ALA A 963 -12.30 15.12 -24.76
C ALA A 963 -12.26 14.72 -23.29
N GLN A 964 -13.26 13.97 -22.84
CA GLN A 964 -13.30 13.53 -21.45
C GLN A 964 -12.17 12.56 -21.14
N ALA A 965 -11.83 11.68 -22.09
CA ALA A 965 -10.71 10.77 -21.89
C ALA A 965 -9.40 11.54 -21.72
N LEU A 966 -9.16 12.53 -22.58
CA LEU A 966 -7.95 13.33 -22.45
C LEU A 966 -7.93 14.12 -21.15
N ASN A 967 -9.07 14.71 -20.78
CA ASN A 967 -9.13 15.49 -19.54
C ASN A 967 -8.89 14.61 -18.32
N THR A 968 -9.45 13.40 -18.32
CA THR A 968 -9.23 12.49 -17.20
C THR A 968 -7.79 12.00 -17.16
N LEU A 969 -7.19 11.72 -18.32
CA LEU A 969 -5.79 11.31 -18.35
C LEU A 969 -4.88 12.41 -17.84
N VAL A 970 -5.23 13.68 -18.11
CA VAL A 970 -4.43 14.78 -17.59
C VAL A 970 -4.65 14.95 -16.09
N LYS A 971 -5.90 14.87 -15.65
CA LYS A 971 -6.21 15.08 -14.23
C LYS A 971 -5.70 13.95 -13.35
N GLN A 972 -5.51 12.75 -13.91
CA GLN A 972 -5.02 11.63 -13.11
C GLN A 972 -3.62 11.89 -12.55
N LEU A 973 -2.87 12.82 -13.13
CA LEU A 973 -1.55 13.15 -12.60
C LEU A 973 -1.66 13.76 -11.20
N SER A 974 -2.67 14.59 -10.97
CA SER A 974 -2.87 15.22 -9.67
C SER A 974 -3.72 14.30 -8.78
N SER A 975 -3.10 13.18 -8.41
CA SER A 975 -3.76 12.18 -7.58
C SER A 975 -2.69 11.33 -6.90
N LYS A 976 -2.74 11.26 -5.58
CA LYS A 976 -1.75 10.51 -4.81
C LYS A 976 -2.10 9.02 -4.86
N PHE A 977 -1.27 8.24 -5.54
CA PHE A 977 -1.45 6.80 -5.65
C PHE A 977 -0.83 6.04 -4.50
N GLY A 978 -0.60 6.70 -3.36
CA GLY A 978 0.03 6.06 -2.22
C GLY A 978 1.31 6.75 -1.81
N ALA A 979 1.46 8.02 -2.20
CA ALA A 979 2.63 8.79 -1.84
C ALA A 979 2.26 10.00 -1.00
N ILE A 980 3.22 10.87 -0.71
CA ILE A 980 2.94 12.04 0.10
C ILE A 980 2.30 13.15 -0.72
N SER A 981 2.55 13.17 -2.03
CA SER A 981 1.98 14.19 -2.91
C SER A 981 2.02 13.65 -4.33
N SER A 982 1.61 14.49 -5.29
CA SER A 982 1.57 14.11 -6.69
C SER A 982 2.67 14.76 -7.53
N VAL A 983 3.56 15.53 -6.90
CA VAL A 983 4.65 16.20 -7.59
C VAL A 983 5.93 15.43 -7.32
N LEU A 984 6.61 15.00 -8.39
CA LEU A 984 7.86 14.26 -8.23
C LEU A 984 8.94 15.11 -7.58
N ASN A 985 8.96 16.42 -7.88
CA ASN A 985 9.97 17.30 -7.30
C ASN A 985 9.83 17.37 -5.79
N ASP A 986 8.60 17.36 -5.26
CA ASP A 986 8.41 17.38 -3.81
C ASP A 986 8.96 16.11 -3.17
N ILE A 987 8.72 14.95 -3.78
CA ILE A 987 9.26 13.70 -3.26
C ILE A 987 10.77 13.72 -3.30
N LEU A 988 11.35 14.22 -4.39
CA LEU A 988 12.81 14.23 -4.51
C LEU A 988 13.44 15.25 -3.55
N SER A 989 12.70 16.30 -3.19
CA SER A 989 13.26 17.33 -2.32
C SER A 989 13.14 16.96 -0.85
N ARG A 990 11.91 16.69 -0.39
CA ARG A 990 11.71 16.45 1.04
C ARG A 990 12.36 15.14 1.48
N LEU A 991 12.04 14.03 0.80
CA LEU A 991 12.52 12.73 1.24
C LEU A 991 13.89 12.43 0.63
N ASP A 992 14.51 11.36 1.11
CA ASP A 992 15.81 10.82 0.75
C ASP A 992 15.67 9.81 -0.39
N PRO A 993 16.70 9.66 -1.21
CA PRO A 993 16.62 8.77 -2.38
C PRO A 993 16.17 7.36 -2.05
N PRO A 994 16.71 6.71 -1.00
CA PRO A 994 16.25 5.34 -0.72
C PRO A 994 14.77 5.24 -0.41
N GLU A 995 14.18 6.26 0.19
CA GLU A 995 12.73 6.27 0.39
C GLU A 995 12.01 6.93 -0.78
N ALA A 996 12.68 7.84 -1.49
CA ALA A 996 12.06 8.46 -2.66
C ALA A 996 11.78 7.43 -3.75
N GLU A 997 12.66 6.43 -3.89
CA GLU A 997 12.42 5.36 -4.85
C GLU A 997 11.11 4.62 -4.55
N VAL A 998 10.92 4.21 -3.29
CA VAL A 998 9.70 3.51 -2.91
C VAL A 998 8.47 4.41 -3.02
N GLN A 999 8.61 5.70 -2.71
CA GLN A 999 7.48 6.62 -2.81
C GLN A 999 7.12 6.95 -4.24
N ILE A 1000 8.08 6.88 -5.17
CA ILE A 1000 7.79 7.16 -6.57
C ILE A 1000 7.41 5.90 -7.35
N ASP A 1001 7.73 4.71 -6.82
CA ASP A 1001 7.28 3.46 -7.44
C ASP A 1001 5.76 3.37 -7.53
N ARG A 1002 5.05 3.68 -6.45
CA ARG A 1002 3.59 3.67 -6.49
C ARG A 1002 3.02 4.68 -7.47
N LEU A 1003 3.59 5.89 -7.54
CA LEU A 1003 3.10 6.89 -8.46
C LEU A 1003 3.33 6.47 -9.92
N ILE A 1004 4.52 5.94 -10.22
CA ILE A 1004 4.79 5.53 -11.60
C ILE A 1004 3.94 4.32 -11.97
N THR A 1005 3.69 3.41 -11.02
CA THR A 1005 2.80 2.28 -11.29
C THR A 1005 1.38 2.74 -11.57
N GLY A 1006 0.88 3.68 -10.76
CA GLY A 1006 -0.46 4.20 -10.98
C GLY A 1006 -0.58 4.93 -12.31
N ARG A 1007 0.43 5.72 -12.67
CA ARG A 1007 0.39 6.42 -13.95
C ARG A 1007 0.47 5.45 -15.12
N LEU A 1008 1.31 4.41 -15.02
CA LEU A 1008 1.37 3.41 -16.08
C LEU A 1008 0.05 2.66 -16.21
N GLN A 1009 -0.60 2.35 -15.08
CA GLN A 1009 -1.89 1.69 -15.13
C GLN A 1009 -2.97 2.58 -15.74
N SER A 1010 -2.94 3.88 -15.40
CA SER A 1010 -3.90 4.80 -15.99
C SER A 1010 -3.69 4.94 -17.49
N LEU A 1011 -2.43 5.01 -17.93
CA LEU A 1011 -2.15 5.10 -19.35
C LEU A 1011 -2.57 3.82 -20.07
N GLN A 1012 -2.35 2.66 -19.45
CA GLN A 1012 -2.78 1.41 -20.05
C GLN A 1012 -4.29 1.31 -20.15
N THR A 1013 -5.01 1.79 -19.13
CA THR A 1013 -6.46 1.81 -19.17
C THR A 1013 -6.94 2.74 -20.28
N TYR A 1014 -6.30 3.90 -20.43
CA TYR A 1014 -6.64 4.82 -21.51
C TYR A 1014 -6.41 4.18 -22.87
N VAL A 1015 -5.29 3.46 -23.02
CA VAL A 1015 -4.99 2.82 -24.29
C VAL A 1015 -5.99 1.70 -24.59
N THR A 1016 -6.41 0.95 -23.57
CA THR A 1016 -7.40 -0.10 -23.79
C THR A 1016 -8.75 0.48 -24.19
N GLN A 1017 -9.18 1.55 -23.51
CA GLN A 1017 -10.41 2.22 -23.90
C GLN A 1017 -10.33 2.79 -25.31
N GLN A 1018 -9.17 3.35 -25.68
CA GLN A 1018 -8.99 3.85 -27.03
C GLN A 1018 -9.01 2.73 -28.05
N LEU A 1019 -8.48 1.56 -27.71
CA LEU A 1019 -8.54 0.42 -28.62
C LEU A 1019 -9.97 -0.06 -28.83
N ILE A 1020 -10.75 -0.12 -27.74
CA ILE A 1020 -12.15 -0.53 -27.87
C ILE A 1020 -12.93 0.49 -28.71
N ARG A 1021 -12.74 1.78 -28.42
CA ARG A 1021 -13.41 2.82 -29.19
C ARG A 1021 -12.97 2.82 -30.65
N ALA A 1022 -11.70 2.50 -30.91
CA ALA A 1022 -11.22 2.44 -32.29
C ALA A 1022 -11.78 1.23 -33.02
N ALA A 1023 -11.98 0.11 -32.31
CA ALA A 1023 -12.66 -1.02 -32.93
C ALA A 1023 -14.10 -0.67 -33.28
N GLU A 1024 -14.80 0.02 -32.36
CA GLU A 1024 -16.15 0.45 -32.66
C GLU A 1024 -16.19 1.42 -33.85
N ILE A 1025 -15.22 2.34 -33.90
CA ILE A 1025 -15.16 3.31 -35.00
C ILE A 1025 -14.81 2.61 -36.31
N ARG A 1026 -13.98 1.55 -36.24
CA ARG A 1026 -13.67 0.79 -37.44
C ARG A 1026 -14.90 0.06 -37.97
N ALA A 1027 -15.68 -0.53 -37.06
CA ALA A 1027 -16.93 -1.15 -37.48
C ALA A 1027 -17.87 -0.12 -38.10
N SER A 1028 -18.01 1.04 -37.47
CA SER A 1028 -18.87 2.09 -38.02
C SER A 1028 -18.36 2.58 -39.37
N ALA A 1029 -17.05 2.68 -39.54
CA ALA A 1029 -16.49 3.17 -40.80
C ALA A 1029 -16.65 2.13 -41.92
N ASN A 1030 -16.49 0.85 -41.59
CA ASN A 1030 -16.78 -0.19 -42.57
C ASN A 1030 -18.25 -0.18 -42.98
N LEU A 1031 -19.16 -0.02 -42.00
CA LEU A 1031 -20.57 0.10 -42.32
C LEU A 1031 -20.85 1.30 -43.21
N ALA A 1032 -20.20 2.44 -42.91
CA ALA A 1032 -20.42 3.65 -43.70
C ALA A 1032 -19.86 3.50 -45.11
N ALA A 1033 -18.71 2.85 -45.25
CA ALA A 1033 -18.14 2.64 -46.58
C ALA A 1033 -19.01 1.69 -47.40
N THR A 1034 -19.51 0.62 -46.78
CA THR A 1034 -20.43 -0.27 -47.49
C THR A 1034 -21.70 0.46 -47.88
N LYS A 1035 -22.24 1.28 -46.98
CA LYS A 1035 -23.44 2.04 -47.29
C LYS A 1035 -23.21 3.01 -48.43
N MET A 1036 -22.07 3.70 -48.44
CA MET A 1036 -21.76 4.59 -49.54
C MET A 1036 -21.62 3.84 -50.85
N SER A 1037 -20.87 2.74 -50.86
CA SER A 1037 -20.67 1.98 -52.08
C SER A 1037 -21.95 1.33 -52.60
N GLU A 1038 -22.92 1.06 -51.73
CA GLU A 1038 -24.15 0.41 -52.16
C GLU A 1038 -25.30 1.38 -52.43
N CYS A 1039 -25.28 2.59 -51.87
CA CYS A 1039 -26.37 3.53 -52.07
C CYS A 1039 -26.00 4.67 -53.01
N VAL A 1040 -24.75 5.12 -52.96
CA VAL A 1040 -24.30 6.22 -53.83
C VAL A 1040 -23.77 5.68 -55.16
N LEU A 1041 -22.94 4.64 -55.11
CA LEU A 1041 -22.38 4.04 -56.32
C LEU A 1041 -23.35 3.09 -57.00
N GLY A 1042 -24.55 2.91 -56.46
CA GLY A 1042 -25.51 2.02 -57.07
C GLY A 1042 -26.84 2.10 -56.34
N GLN A 1043 -27.81 1.34 -56.84
CA GLN A 1043 -29.16 1.31 -56.29
C GLN A 1043 -29.33 -0.02 -55.56
N SER A 1044 -29.10 -0.01 -54.25
CA SER A 1044 -29.22 -1.21 -53.44
C SER A 1044 -30.68 -1.55 -53.20
N LYS A 1045 -31.01 -2.83 -53.33
CA LYS A 1045 -32.36 -3.33 -53.08
C LYS A 1045 -32.54 -3.85 -51.67
N ARG A 1046 -31.58 -3.60 -50.78
CA ARG A 1046 -31.70 -4.02 -49.40
C ARG A 1046 -32.65 -3.10 -48.65
N VAL A 1047 -33.61 -3.70 -47.94
CA VAL A 1047 -34.63 -2.92 -47.24
C VAL A 1047 -34.00 -2.26 -46.01
N ASP A 1048 -34.34 -0.99 -45.80
CA ASP A 1048 -33.96 -0.21 -44.62
C ASP A 1048 -32.48 0.15 -44.63
N PHE A 1049 -31.74 -0.38 -45.60
CA PHE A 1049 -30.30 -0.11 -45.67
C PHE A 1049 -30.04 1.32 -46.13
N CYS A 1050 -30.52 1.66 -47.33
CA CYS A 1050 -30.37 3.01 -47.86
C CYS A 1050 -31.58 3.88 -47.52
N GLY A 1051 -31.92 3.94 -46.24
CA GLY A 1051 -33.06 4.71 -45.77
C GLY A 1051 -34.33 3.89 -45.68
N LYS A 1052 -35.34 4.51 -45.10
CA LYS A 1052 -36.64 3.87 -44.88
C LYS A 1052 -37.48 4.02 -46.15
N GLY A 1053 -37.62 2.93 -46.89
CA GLY A 1053 -38.41 2.94 -48.10
C GLY A 1053 -37.65 2.28 -49.24
N TYR A 1054 -38.09 2.59 -50.46
CA TYR A 1054 -37.46 2.08 -51.67
C TYR A 1054 -36.32 3.02 -52.05
N HIS A 1055 -35.10 2.48 -52.04
CA HIS A 1055 -33.93 3.31 -52.29
C HIS A 1055 -33.91 3.82 -53.73
N LEU A 1056 -33.73 5.13 -53.89
CA LEU A 1056 -33.56 5.74 -55.20
C LEU A 1056 -32.18 6.35 -55.36
N MET A 1057 -31.77 7.25 -54.47
CA MET A 1057 -30.47 7.89 -54.55
C MET A 1057 -29.92 8.09 -53.14
N SER A 1058 -28.66 8.54 -53.09
CA SER A 1058 -28.01 8.87 -51.83
C SER A 1058 -26.84 9.79 -52.13
N PHE A 1059 -26.78 10.91 -51.40
CA PHE A 1059 -25.73 11.92 -51.62
C PHE A 1059 -24.85 12.04 -50.39
N PRO A 1060 -23.56 11.73 -50.49
CA PRO A 1060 -22.70 11.85 -49.31
C PRO A 1060 -22.36 13.32 -49.02
N GLN A 1061 -22.25 13.62 -47.73
CA GLN A 1061 -21.91 14.95 -47.26
C GLN A 1061 -20.85 14.85 -46.18
N SER A 1062 -19.82 15.67 -46.29
CA SER A 1062 -18.73 15.64 -45.31
C SER A 1062 -19.21 16.17 -43.97
N ALA A 1063 -18.56 15.70 -42.90
CA ALA A 1063 -18.89 16.09 -41.54
C ALA A 1063 -17.66 15.89 -40.68
N PRO A 1064 -17.52 16.65 -39.59
CA PRO A 1064 -16.35 16.46 -38.70
C PRO A 1064 -16.32 15.07 -38.10
N HIS A 1065 -15.29 14.29 -38.48
CA HIS A 1065 -15.11 12.92 -37.99
C HIS A 1065 -16.33 12.06 -38.29
N GLY A 1066 -16.87 12.19 -39.50
CA GLY A 1066 -18.04 11.40 -39.87
C GLY A 1066 -18.46 11.74 -41.29
N VAL A 1067 -19.56 11.12 -41.69
CA VAL A 1067 -20.15 11.32 -43.02
C VAL A 1067 -21.66 11.26 -42.89
N VAL A 1068 -22.34 12.08 -43.70
CA VAL A 1068 -23.80 12.16 -43.69
C VAL A 1068 -24.32 11.68 -45.04
N PHE A 1069 -25.33 10.82 -45.00
CA PHE A 1069 -25.94 10.28 -46.21
C PHE A 1069 -27.35 10.83 -46.33
N LEU A 1070 -27.66 11.43 -47.48
CA LEU A 1070 -29.01 11.93 -47.77
C LEU A 1070 -29.71 10.91 -48.66
N HIS A 1071 -30.27 9.89 -48.02
CA HIS A 1071 -30.93 8.81 -48.74
C HIS A 1071 -32.25 9.30 -49.32
N VAL A 1072 -32.40 9.19 -50.64
CA VAL A 1072 -33.64 9.53 -51.33
C VAL A 1072 -34.47 8.26 -51.45
N THR A 1073 -35.59 8.22 -50.73
CA THR A 1073 -36.43 7.02 -50.68
C THR A 1073 -37.74 7.26 -51.43
N TYR A 1074 -38.43 6.16 -51.73
CA TYR A 1074 -39.71 6.18 -52.41
C TYR A 1074 -40.76 5.64 -51.45
N VAL A 1075 -41.68 6.51 -51.02
CA VAL A 1075 -42.70 6.13 -50.06
C VAL A 1075 -44.08 6.31 -50.69
N PRO A 1076 -44.82 5.22 -50.92
CA PRO A 1076 -46.16 5.35 -51.48
C PRO A 1076 -47.12 6.03 -50.51
N ALA A 1077 -48.21 6.57 -51.06
CA ALA A 1077 -49.22 7.25 -50.26
C ALA A 1077 -50.55 7.20 -51.01
N GLN A 1078 -51.61 7.60 -50.31
CA GLN A 1078 -52.96 7.65 -50.85
C GLN A 1078 -53.37 6.28 -51.40
N GLU A 1079 -53.29 5.28 -50.54
CA GLU A 1079 -53.66 3.92 -50.92
C GLU A 1079 -55.18 3.79 -51.05
N LYS A 1080 -55.59 2.87 -51.92
CA LYS A 1080 -57.00 2.62 -52.16
C LYS A 1080 -57.24 1.12 -52.26
N ASN A 1081 -58.35 0.66 -51.70
CA ASN A 1081 -58.68 -0.75 -51.69
C ASN A 1081 -59.26 -1.18 -53.04
N PHE A 1082 -58.91 -2.39 -53.47
CA PHE A 1082 -59.41 -2.95 -54.72
C PHE A 1082 -59.63 -4.45 -54.53
N THR A 1083 -60.47 -5.00 -55.40
CA THR A 1083 -60.75 -6.43 -55.39
C THR A 1083 -59.74 -7.14 -56.29
N THR A 1084 -59.05 -8.13 -55.74
CA THR A 1084 -57.99 -8.84 -56.44
C THR A 1084 -58.41 -10.28 -56.73
N ALA A 1085 -57.63 -10.93 -57.60
CA ALA A 1085 -57.86 -12.31 -57.98
C ALA A 1085 -56.54 -12.89 -58.47
N PRO A 1086 -56.27 -14.17 -58.21
CA PRO A 1086 -55.01 -14.78 -58.67
C PRO A 1086 -54.88 -14.79 -60.18
N ALA A 1087 -55.88 -15.33 -60.88
CA ALA A 1087 -55.84 -15.45 -62.33
C ALA A 1087 -57.24 -15.27 -62.89
N ILE A 1088 -57.34 -15.31 -64.22
CA ILE A 1088 -58.60 -15.21 -64.93
C ILE A 1088 -58.79 -16.46 -65.78
N CYS A 1089 -60.02 -16.64 -66.25
CA CYS A 1089 -60.38 -17.82 -67.04
C CYS A 1089 -61.26 -17.39 -68.20
N HIS A 1090 -60.64 -17.08 -69.34
CA HIS A 1090 -61.41 -16.67 -70.51
C HIS A 1090 -61.70 -17.84 -71.44
N ASP A 1091 -60.66 -18.41 -72.03
CA ASP A 1091 -60.80 -19.56 -72.92
C ASP A 1091 -60.56 -20.88 -72.19
N GLY A 1092 -61.27 -21.08 -71.07
CA GLY A 1092 -61.07 -22.27 -70.27
C GLY A 1092 -59.65 -22.48 -69.78
N LYS A 1093 -58.83 -21.43 -69.77
CA LYS A 1093 -57.44 -21.52 -69.36
C LYS A 1093 -57.13 -20.39 -68.38
N ALA A 1094 -56.02 -20.54 -67.65
CA ALA A 1094 -55.65 -19.62 -66.59
C ALA A 1094 -54.58 -18.66 -67.09
N HIS A 1095 -54.86 -17.37 -67.04
CA HIS A 1095 -53.91 -16.33 -67.41
C HIS A 1095 -53.39 -15.68 -66.13
N PHE A 1096 -52.08 -15.77 -65.92
CA PHE A 1096 -51.50 -15.19 -64.71
C PHE A 1096 -50.81 -13.87 -65.02
N PRO A 1097 -50.84 -12.92 -64.09
CA PRO A 1097 -50.18 -11.63 -64.33
C PRO A 1097 -48.68 -11.79 -64.48
N ARG A 1098 -48.14 -11.23 -65.55
CA ARG A 1098 -46.70 -11.31 -65.80
C ARG A 1098 -45.93 -10.32 -64.93
N GLU A 1099 -46.24 -9.03 -65.08
CA GLU A 1099 -45.67 -7.97 -64.24
C GLU A 1099 -46.82 -7.06 -63.81
N GLY A 1100 -47.41 -7.37 -62.66
CA GLY A 1100 -48.51 -6.57 -62.13
C GLY A 1100 -49.42 -7.42 -61.28
N VAL A 1101 -50.62 -6.88 -61.03
CA VAL A 1101 -51.62 -7.54 -60.20
C VAL A 1101 -52.99 -7.24 -60.79
N PHE A 1102 -53.86 -8.26 -60.81
CA PHE A 1102 -55.22 -8.11 -61.32
C PHE A 1102 -56.07 -7.45 -60.24
N VAL A 1103 -56.49 -6.22 -60.50
CA VAL A 1103 -57.35 -5.48 -59.58
C VAL A 1103 -58.72 -5.28 -60.24
N SER A 1104 -59.69 -4.89 -59.42
CA SER A 1104 -61.05 -4.64 -59.89
C SER A 1104 -61.64 -3.47 -59.14
N ASN A 1105 -62.17 -2.50 -59.88
CA ASN A 1105 -62.80 -1.33 -59.29
C ASN A 1105 -64.25 -1.59 -58.87
N GLY A 1106 -64.76 -2.79 -59.10
CA GLY A 1106 -66.13 -3.11 -58.73
C GLY A 1106 -66.91 -3.72 -59.87
N THR A 1107 -66.65 -3.27 -61.09
CA THR A 1107 -67.34 -3.77 -62.27
C THR A 1107 -66.40 -4.46 -63.25
N HIS A 1108 -65.30 -3.81 -63.62
CA HIS A 1108 -64.36 -4.36 -64.58
C HIS A 1108 -63.09 -4.83 -63.87
N TRP A 1109 -62.20 -5.44 -64.64
CA TRP A 1109 -60.93 -5.94 -64.15
C TRP A 1109 -59.78 -5.30 -64.93
N PHE A 1110 -58.73 -4.93 -64.19
CA PHE A 1110 -57.56 -4.30 -64.79
C PHE A 1110 -56.31 -4.83 -64.12
N VAL A 1111 -55.19 -4.70 -64.81
CA VAL A 1111 -53.87 -5.09 -64.29
C VAL A 1111 -53.10 -3.81 -64.00
N THR A 1112 -52.63 -3.68 -62.75
CA THR A 1112 -51.92 -2.50 -62.32
C THR A 1112 -50.59 -2.91 -61.70
N GLN A 1113 -49.70 -1.93 -61.55
CA GLN A 1113 -48.40 -2.20 -60.94
C GLN A 1113 -48.57 -2.48 -59.45
N ARG A 1114 -47.53 -3.04 -58.84
CA ARG A 1114 -47.55 -3.38 -57.42
C ARG A 1114 -47.21 -2.19 -56.54
N ASN A 1115 -46.74 -1.07 -57.11
CA ASN A 1115 -46.37 0.10 -56.33
C ASN A 1115 -47.00 1.39 -56.87
N PHE A 1116 -47.80 1.30 -57.93
CA PHE A 1116 -48.45 2.48 -58.48
C PHE A 1116 -49.68 2.07 -59.28
N TYR A 1117 -50.84 2.66 -58.97
CA TYR A 1117 -52.09 2.29 -59.61
C TYR A 1117 -52.12 2.87 -61.02
N GLU A 1118 -51.85 2.01 -62.01
CA GLU A 1118 -51.93 2.36 -63.43
C GLU A 1118 -52.90 1.39 -64.09
N PRO A 1119 -54.16 1.78 -64.27
CA PRO A 1119 -55.16 0.85 -64.82
C PRO A 1119 -54.86 0.55 -66.29
N GLN A 1120 -54.69 -0.73 -66.59
CA GLN A 1120 -54.44 -1.20 -67.95
C GLN A 1120 -55.33 -2.40 -68.24
N ILE A 1121 -55.79 -2.48 -69.49
CA ILE A 1121 -56.65 -3.59 -69.89
C ILE A 1121 -55.84 -4.88 -69.93
N ILE A 1122 -56.48 -5.98 -69.56
CA ILE A 1122 -55.83 -7.28 -69.52
C ILE A 1122 -55.74 -7.81 -70.95
N THR A 1123 -54.53 -7.85 -71.49
CA THR A 1123 -54.27 -8.32 -72.84
C THR A 1123 -53.35 -9.54 -72.79
N THR A 1124 -53.03 -10.07 -73.98
CA THR A 1124 -52.14 -11.22 -74.11
C THR A 1124 -50.67 -10.82 -74.10
N ASP A 1125 -50.36 -9.55 -73.86
CA ASP A 1125 -48.99 -9.09 -73.79
C ASP A 1125 -48.49 -8.96 -72.35
N ASN A 1126 -49.37 -9.06 -71.36
CA ASN A 1126 -48.97 -8.99 -69.95
C ASN A 1126 -49.44 -10.21 -69.17
N THR A 1127 -49.83 -11.29 -69.84
CA THR A 1127 -50.28 -12.51 -69.18
C THR A 1127 -49.61 -13.70 -69.85
N PHE A 1128 -49.79 -14.87 -69.24
CA PHE A 1128 -49.26 -16.11 -69.79
C PHE A 1128 -50.11 -17.28 -69.32
N VAL A 1129 -50.37 -18.22 -70.22
CA VAL A 1129 -51.24 -19.35 -69.93
C VAL A 1129 -50.43 -20.47 -69.30
N SER A 1130 -50.97 -21.08 -68.24
CA SER A 1130 -50.33 -22.21 -67.59
C SER A 1130 -51.44 -23.04 -66.93
N GLY A 1131 -51.76 -24.18 -67.53
CA GLY A 1131 -52.80 -25.03 -67.01
C GLY A 1131 -54.19 -24.53 -67.39
N ASN A 1132 -55.19 -25.14 -66.76
CA ASN A 1132 -56.59 -24.79 -66.98
C ASN A 1132 -57.21 -24.33 -65.66
N CYS A 1133 -58.51 -24.09 -65.69
CA CYS A 1133 -59.22 -23.49 -64.56
C CYS A 1133 -59.83 -24.57 -63.67
N ASP A 1134 -58.95 -25.40 -63.09
CA ASP A 1134 -59.37 -26.42 -62.15
C ASP A 1134 -58.44 -26.59 -60.95
N VAL A 1135 -57.38 -25.79 -60.84
CA VAL A 1135 -56.42 -25.96 -59.76
C VAL A 1135 -56.17 -24.69 -58.96
N VAL A 1136 -56.43 -23.51 -59.50
CA VAL A 1136 -56.19 -22.25 -58.80
C VAL A 1136 -57.44 -21.87 -58.02
N ILE A 1137 -57.28 -21.62 -56.72
CA ILE A 1137 -58.38 -21.26 -55.85
C ILE A 1137 -58.54 -19.75 -55.87
N GLY A 1138 -59.75 -19.28 -56.22
CA GLY A 1138 -60.05 -17.86 -56.30
C GLY A 1138 -60.02 -17.28 -57.69
N ILE A 1139 -59.90 -18.11 -58.73
CA ILE A 1139 -59.84 -17.60 -60.09
C ILE A 1139 -61.20 -17.07 -60.51
N VAL A 1140 -61.21 -15.92 -61.17
CA VAL A 1140 -62.42 -15.29 -61.63
C VAL A 1140 -62.57 -15.50 -63.13
N ASN A 1141 -63.77 -15.27 -63.65
CA ASN A 1141 -64.06 -15.43 -65.06
C ASN A 1141 -64.11 -14.06 -65.72
N ASN A 1142 -63.04 -13.71 -66.43
CA ASN A 1142 -62.93 -12.44 -67.14
C ASN A 1142 -62.46 -12.72 -68.57
N THR A 1143 -62.67 -11.75 -69.46
CA THR A 1143 -62.31 -11.88 -70.86
C THR A 1143 -61.04 -11.09 -71.12
N VAL A 1144 -60.00 -11.78 -71.60
CA VAL A 1144 -58.73 -11.15 -71.94
C VAL A 1144 -58.74 -10.82 -73.43
N TYR A 1145 -58.37 -9.59 -73.76
CA TYR A 1145 -58.38 -9.12 -75.14
C TYR A 1145 -57.10 -9.53 -75.86
N ASP A 1146 -57.27 -10.00 -77.09
CA ASP A 1146 -56.13 -10.38 -77.91
C ASP A 1146 -55.95 -9.33 -79.01
N PRO A 1147 -54.85 -8.58 -79.01
CA PRO A 1147 -54.69 -7.51 -80.02
C PRO A 1147 -54.61 -8.02 -81.44
N LEU A 1148 -54.35 -9.32 -81.64
CA LEU A 1148 -54.26 -9.85 -83.00
C LEU A 1148 -55.64 -9.99 -83.63
N GLN A 1149 -56.68 -10.12 -82.80
CA GLN A 1149 -58.04 -10.33 -83.29
C GLN A 1149 -58.57 -9.13 -84.07
N PRO A 1150 -58.57 -7.90 -83.52
CA PRO A 1150 -59.14 -6.78 -84.29
C PRO A 1150 -58.37 -6.47 -85.56
N GLU A 1151 -57.06 -6.73 -85.58
CA GLU A 1151 -56.28 -6.49 -86.79
C GLU A 1151 -56.61 -7.50 -87.88
N LEU A 1152 -57.02 -8.70 -87.50
CA LEU A 1152 -57.37 -9.73 -88.48
C LEU A 1152 -58.82 -9.65 -88.92
N ASP A 1153 -59.73 -9.22 -88.04
CA ASP A 1153 -61.14 -9.10 -88.43
C ASP A 1153 -61.34 -7.96 -89.43
N SER A 1154 -60.43 -6.99 -89.47
CA SER A 1154 -60.52 -5.89 -90.41
C SER A 1154 -59.75 -6.19 -91.69
N GLN B 1 33.18 53.07 40.65
CA GLN B 1 34.11 52.04 40.20
C GLN B 1 33.35 50.89 39.57
N VAL B 2 33.87 50.39 38.45
CA VAL B 2 33.21 49.29 37.73
C VAL B 2 33.42 47.99 38.51
N GLN B 3 32.35 47.45 39.07
CA GLN B 3 32.40 46.21 39.83
C GLN B 3 31.22 45.34 39.39
N LEU B 4 31.52 44.12 38.94
CA LEU B 4 30.51 43.19 38.47
C LEU B 4 30.11 42.28 39.64
N VAL B 5 28.85 42.39 40.07
CA VAL B 5 28.35 41.58 41.17
C VAL B 5 27.66 40.35 40.59
N GLN B 6 28.00 39.18 41.14
CA GLN B 6 27.45 37.91 40.69
C GLN B 6 26.75 37.22 41.85
N SER B 7 26.21 36.03 41.60
CA SER B 7 25.51 35.26 42.61
C SER B 7 26.53 34.47 43.44
N GLY B 8 26.03 33.68 44.39
CA GLY B 8 26.89 32.90 45.25
C GLY B 8 26.91 31.42 44.90
N ALA B 9 26.39 30.59 45.79
CA ALA B 9 26.32 29.15 45.58
C ALA B 9 24.95 28.76 45.08
N GLU B 10 24.91 27.68 44.29
CA GLU B 10 23.66 27.20 43.71
C GLU B 10 23.84 25.75 43.32
N VAL B 11 22.99 24.86 43.85
CA VAL B 11 23.05 23.44 43.56
C VAL B 11 21.89 23.07 42.64
N LYS B 12 22.08 22.03 41.85
CA LYS B 12 21.07 21.57 40.91
C LYS B 12 21.04 20.05 40.91
N LYS B 13 20.35 19.48 39.92
CA LYS B 13 20.17 18.05 39.76
C LYS B 13 20.48 17.68 38.31
N PRO B 14 21.02 16.50 38.07
CA PRO B 14 21.31 16.08 36.69
C PRO B 14 20.04 16.10 35.84
N GLY B 15 20.11 16.83 34.73
CA GLY B 15 18.96 17.00 33.85
C GLY B 15 18.06 18.14 34.27
N ALA B 16 18.63 19.34 34.40
CA ALA B 16 17.88 20.52 34.81
C ALA B 16 18.53 21.74 34.17
N SER B 17 18.17 22.92 34.67
CA SER B 17 18.69 24.18 34.16
C SER B 17 18.93 25.13 35.32
N VAL B 18 20.10 25.75 35.36
CA VAL B 18 20.49 26.67 36.42
C VAL B 18 20.49 28.09 35.86
N LYS B 19 19.90 29.02 36.60
CA LYS B 19 19.85 30.42 36.19
C LYS B 19 20.80 31.21 37.10
N VAL B 20 21.86 31.74 36.51
CA VAL B 20 22.86 32.51 37.23
C VAL B 20 22.95 33.90 36.59
N SER B 21 22.86 34.94 37.41
CA SER B 21 22.89 36.31 36.95
C SER B 21 24.18 37.00 37.40
N CYS B 22 24.55 38.03 36.65
CA CYS B 22 25.75 38.83 36.95
C CYS B 22 25.45 40.28 36.57
N LYS B 23 25.05 41.07 37.55
CA LYS B 23 24.66 42.46 37.31
C LYS B 23 25.89 43.35 37.17
N THR B 24 25.79 44.34 36.29
CA THR B 24 26.85 45.29 36.06
C THR B 24 26.63 46.57 36.85
N SER B 25 27.69 47.36 36.97
CA SER B 25 27.63 48.62 37.71
C SER B 25 28.81 49.48 37.30
N GLY B 26 28.66 50.78 37.47
CA GLY B 26 29.70 51.74 37.15
C GLY B 26 29.68 52.31 35.75
N TYR B 27 29.56 51.45 34.74
CA TYR B 27 29.53 51.86 33.35
C TYR B 27 28.14 51.63 32.76
N THR B 28 27.85 52.36 31.69
CA THR B 28 26.58 52.21 31.00
C THR B 28 26.58 50.91 30.21
N PHE B 29 25.59 50.06 30.49
CA PHE B 29 25.50 48.73 29.87
C PHE B 29 24.90 48.82 28.47
N THR B 30 25.57 49.59 27.61
CA THR B 30 25.13 49.75 26.23
C THR B 30 26.26 49.64 25.20
N ASP B 31 27.52 49.68 25.60
CA ASP B 31 28.63 49.71 24.66
C ASP B 31 29.69 48.65 24.91
N HIS B 32 29.81 48.14 26.13
CA HIS B 32 30.86 47.17 26.46
C HIS B 32 30.28 45.75 26.39
N TYR B 33 30.98 44.88 25.67
CA TYR B 33 30.58 43.49 25.58
C TYR B 33 30.92 42.74 26.87
N MET B 34 30.34 41.56 27.02
CA MET B 34 30.58 40.69 28.17
C MET B 34 30.78 39.27 27.70
N TYR B 35 31.62 38.54 28.43
CA TYR B 35 31.89 37.13 28.14
C TYR B 35 31.63 36.30 29.39
N TRP B 36 31.19 35.06 29.18
CA TRP B 36 30.89 34.12 30.26
C TRP B 36 31.83 32.94 30.12
N VAL B 37 32.82 32.86 31.01
CA VAL B 37 33.85 31.82 30.95
C VAL B 37 33.74 30.94 32.19
N ARG B 38 34.08 29.67 32.02
CA ARG B 38 34.03 28.68 33.09
C ARG B 38 35.44 28.37 33.59
N GLN B 39 35.59 28.31 34.90
CA GLN B 39 36.86 27.98 35.54
C GLN B 39 36.64 26.73 36.40
N ALA B 40 37.24 25.61 35.98
CA ALA B 40 37.09 24.35 36.70
C ALA B 40 38.14 24.24 37.80
N PRO B 41 37.81 23.57 38.90
CA PRO B 41 38.81 23.37 39.97
C PRO B 41 40.00 22.57 39.47
N GLY B 42 41.17 23.20 39.49
CA GLY B 42 42.39 22.61 39.00
C GLY B 42 42.66 22.85 37.53
N GLN B 43 41.61 23.00 36.72
CA GLN B 43 41.76 23.26 35.30
C GLN B 43 41.75 24.76 35.06
N GLY B 44 41.66 25.17 33.80
CA GLY B 44 41.63 26.58 33.45
C GLY B 44 40.39 26.99 32.70
N LEU B 45 40.44 28.14 32.04
CA LEU B 45 39.30 28.61 31.26
C LEU B 45 39.08 27.70 30.05
N GLU B 46 37.82 27.35 29.80
CA GLU B 46 37.48 26.35 28.80
C GLU B 46 36.71 26.92 27.62
N TRP B 47 35.57 27.57 27.84
CA TRP B 47 34.68 27.96 26.77
C TRP B 47 34.55 29.48 26.70
N MET B 48 34.42 29.99 25.48
CA MET B 48 34.19 31.40 25.23
C MET B 48 32.70 31.65 25.04
N GLY B 49 32.34 32.86 24.62
CA GLY B 49 30.94 33.21 24.39
C GLY B 49 30.62 34.63 24.81
N VAL B 50 30.01 35.39 23.90
CA VAL B 50 29.75 36.80 24.11
C VAL B 50 28.25 37.05 24.05
N ILE B 51 27.79 38.02 24.83
CA ILE B 51 26.38 38.42 24.88
C ILE B 51 26.31 39.90 24.54
N ASN B 52 25.37 40.26 23.67
CA ASN B 52 25.22 41.66 23.26
C ASN B 52 24.28 42.39 24.20
N PRO B 53 24.71 43.50 24.81
CA PRO B 53 23.79 44.26 25.67
C PRO B 53 22.64 44.90 24.91
N ASP B 54 22.83 45.22 23.63
CA ASP B 54 21.80 45.91 22.87
C ASP B 54 20.70 44.94 22.40
N ALA B 55 21.06 43.96 21.60
CA ALA B 55 20.13 43.00 21.03
C ALA B 55 20.51 41.59 21.47
N GLY B 56 19.79 40.60 20.94
CA GLY B 56 20.04 39.21 21.28
C GLY B 56 21.08 38.55 20.39
N SER B 57 21.91 39.36 19.74
CA SER B 57 22.96 38.84 18.86
C SER B 57 24.09 38.29 19.72
N VAL B 58 24.03 37.00 20.02
CA VAL B 58 25.04 36.35 20.85
C VAL B 58 25.80 35.33 20.02
N THR B 59 26.83 34.72 20.62
CA THR B 59 27.63 33.71 19.93
C THR B 59 28.07 32.69 20.98
N TYR B 60 27.47 31.50 20.94
CA TYR B 60 27.78 30.46 21.90
C TYR B 60 29.08 29.76 21.53
N ALA B 61 29.51 28.82 22.38
CA ALA B 61 30.75 28.11 22.18
C ALA B 61 30.55 26.93 21.23
N GLN B 62 31.66 26.30 20.84
CA GLN B 62 31.61 25.14 19.96
C GLN B 62 31.45 23.82 20.70
N LYS B 63 31.84 23.77 21.98
CA LYS B 63 31.69 22.54 22.75
C LYS B 63 30.22 22.30 23.09
N PHE B 64 29.53 23.33 23.59
CA PHE B 64 28.11 23.18 23.92
C PHE B 64 27.25 23.22 22.67
N GLN B 65 27.27 24.36 21.97
CA GLN B 65 26.60 24.54 20.68
C GLN B 65 25.12 24.13 20.75
N GLY B 66 24.37 24.88 21.56
CA GLY B 66 22.93 24.68 21.61
C GLY B 66 22.36 24.48 23.00
N ARG B 67 23.13 23.86 23.89
CA ARG B 67 22.68 23.56 25.24
C ARG B 67 22.95 24.71 26.21
N VAL B 68 23.14 25.93 25.70
CA VAL B 68 23.39 27.11 26.51
C VAL B 68 22.68 28.29 25.86
N THR B 69 22.06 29.14 26.68
CA THR B 69 21.36 30.32 26.21
C THR B 69 21.80 31.51 27.05
N MET B 70 22.10 32.63 26.39
CA MET B 70 22.55 33.85 27.05
C MET B 70 21.63 34.99 26.60
N THR B 71 20.77 35.45 27.50
CA THR B 71 19.84 36.52 27.20
C THR B 71 20.42 37.87 27.63
N SER B 72 19.71 38.93 27.27
CA SER B 72 20.11 40.29 27.61
C SER B 72 18.93 41.04 28.22
N ASP B 73 19.25 42.08 28.98
CA ASP B 73 18.23 42.89 29.64
C ASP B 73 18.80 44.27 29.91
N THR B 74 18.19 45.29 29.31
CA THR B 74 18.63 46.67 29.49
C THR B 74 17.89 47.39 30.61
N SER B 75 16.92 46.74 31.24
CA SER B 75 16.16 47.38 32.31
C SER B 75 17.02 47.53 33.57
N THR B 76 17.48 46.41 34.11
CA THR B 76 18.31 46.40 35.32
C THR B 76 19.79 46.19 35.02
N SER B 77 20.17 46.11 33.74
CA SER B 77 21.55 45.88 33.32
C SER B 77 22.12 44.63 33.99
N THR B 78 21.49 43.50 33.68
CA THR B 78 21.89 42.21 34.24
C THR B 78 21.83 41.16 33.15
N VAL B 79 22.87 40.32 33.09
CA VAL B 79 22.95 39.25 32.12
C VAL B 79 22.49 37.95 32.78
N TYR B 80 22.19 36.97 31.94
CA TYR B 80 21.70 35.68 32.42
C TYR B 80 22.40 34.56 31.65
N MET B 81 22.46 33.39 32.28
CA MET B 81 23.09 32.22 31.67
C MET B 81 22.37 30.99 32.18
N GLU B 82 21.77 30.22 31.27
CA GLU B 82 20.98 29.04 31.61
C GLU B 82 21.58 27.84 30.88
N LEU B 83 22.38 27.06 31.60
CA LEU B 83 22.93 25.82 31.04
C LEU B 83 21.93 24.68 31.23
N SER B 84 21.64 23.96 30.16
CA SER B 84 20.67 22.89 30.18
C SER B 84 21.36 21.53 30.24
N SER B 85 20.72 20.59 30.94
CA SER B 85 21.20 19.21 31.06
C SER B 85 22.62 19.17 31.65
N LEU B 86 22.73 19.65 32.89
CA LEU B 86 24.02 19.65 33.56
C LEU B 86 24.44 18.21 33.89
N ARG B 87 25.68 17.88 33.57
CA ARG B 87 26.24 16.56 33.80
C ARG B 87 27.27 16.61 34.93
N SER B 88 27.94 15.49 35.15
CA SER B 88 28.93 15.38 36.22
C SER B 88 30.26 16.06 35.87
N GLU B 89 30.38 16.66 34.70
CA GLU B 89 31.60 17.34 34.30
C GLU B 89 31.41 18.85 34.13
N ASP B 90 30.24 19.38 34.44
CA ASP B 90 29.98 20.81 34.34
C ASP B 90 30.08 21.53 35.68
N THR B 91 30.37 20.82 36.76
CA THR B 91 30.50 21.43 38.07
C THR B 91 31.78 22.25 38.14
N ALA B 92 31.65 23.56 38.16
CA ALA B 92 32.79 24.47 38.17
C ALA B 92 32.32 25.84 38.66
N VAL B 93 33.18 26.84 38.53
CA VAL B 93 32.89 28.20 38.95
C VAL B 93 32.81 29.07 37.70
N TYR B 94 31.64 29.65 37.47
CA TYR B 94 31.41 30.49 36.30
C TYR B 94 31.72 31.95 36.63
N TYR B 95 32.29 32.65 35.65
CA TYR B 95 32.65 34.06 35.79
C TYR B 95 32.06 34.86 34.64
N CYS B 96 31.90 36.16 34.89
CA CYS B 96 31.46 37.12 33.88
C CYS B 96 32.57 38.14 33.67
N ALA B 97 33.06 38.23 32.43
CA ALA B 97 34.19 39.09 32.10
C ALA B 97 33.77 40.10 31.04
N ARG B 98 34.24 41.33 31.21
CA ARG B 98 33.95 42.40 30.27
C ARG B 98 35.06 42.47 29.22
N ASP B 99 35.06 43.53 28.42
CA ASP B 99 36.08 43.74 27.39
C ASP B 99 36.53 45.19 27.43
N LEU B 100 37.76 45.42 26.94
CA LEU B 100 38.31 46.76 26.87
C LEU B 100 37.82 47.55 25.66
N PHE B 101 37.27 46.88 24.65
CA PHE B 101 36.80 47.52 23.44
C PHE B 101 35.28 47.67 23.48
N PHE B 102 34.73 48.29 22.44
CA PHE B 102 33.32 48.57 22.32
C PHE B 102 32.62 47.42 21.61
N ILE B 103 31.38 47.68 21.16
CA ILE B 103 30.59 46.61 20.52
C ILE B 103 31.29 45.97 19.34
N PRO B 104 31.82 46.73 18.35
CA PRO B 104 32.38 46.05 17.16
C PRO B 104 33.56 45.15 17.44
N ALA B 105 34.59 45.68 18.11
CA ALA B 105 35.83 44.95 18.33
C ALA B 105 35.82 44.25 19.69
N ALA B 106 36.80 43.37 19.88
CA ALA B 106 36.94 42.64 21.14
C ALA B 106 38.36 42.11 21.23
N ASN B 107 39.11 42.57 22.23
CA ASN B 107 40.52 42.19 22.38
C ASN B 107 40.70 41.10 23.43
N SER B 108 40.34 41.38 24.68
CA SER B 108 40.57 40.45 25.78
C SER B 108 39.57 40.77 26.89
N PHE B 109 39.80 40.18 28.06
CA PHE B 109 38.93 40.34 29.22
C PHE B 109 39.68 41.13 30.29
N ASP B 110 39.07 42.23 30.76
CA ASP B 110 39.69 43.08 31.76
C ASP B 110 38.92 43.08 33.08
N TYR B 111 37.63 43.38 33.06
CA TYR B 111 36.81 43.44 34.27
C TYR B 111 36.11 42.10 34.46
N TRP B 112 36.40 41.43 35.57
CA TRP B 112 35.81 40.16 35.91
C TRP B 112 34.89 40.30 37.11
N GLY B 113 34.04 39.30 37.31
CA GLY B 113 33.12 39.29 38.43
C GLY B 113 33.73 38.69 39.68
N GLN B 114 32.96 37.85 40.38
CA GLN B 114 33.43 37.19 41.59
C GLN B 114 33.33 35.68 41.56
N GLY B 115 32.52 35.10 40.69
CA GLY B 115 32.41 33.66 40.57
C GLY B 115 31.09 33.13 41.12
N THR B 116 30.72 31.94 40.66
CA THR B 116 29.50 31.28 41.09
C THR B 116 29.76 29.78 41.11
N LEU B 117 29.84 29.21 42.31
CA LEU B 117 30.12 27.78 42.47
C LEU B 117 28.87 26.99 42.13
N VAL B 118 28.79 26.53 40.88
CA VAL B 118 27.67 25.72 40.41
C VAL B 118 28.10 24.25 40.46
N THR B 119 27.43 23.48 41.32
CA THR B 119 27.72 22.06 41.49
C THR B 119 26.43 21.27 41.35
N VAL B 120 26.56 20.04 40.87
CA VAL B 120 25.40 19.20 40.59
C VAL B 120 25.53 17.87 41.34
N SER B 121 24.96 17.82 42.55
CA SER B 121 24.94 16.61 43.35
C SER B 121 24.05 16.85 44.57
N SER B 122 23.48 15.78 45.10
CA SER B 122 22.63 15.89 46.28
C SER B 122 23.49 16.08 47.54
N THR B 123 23.05 16.99 48.40
CA THR B 123 23.76 17.29 49.64
C THR B 123 23.39 16.26 50.72
N LYS B 124 24.23 16.21 51.74
CA LYS B 124 24.05 15.28 52.85
C LYS B 124 24.67 15.86 54.11
N GLY B 125 24.10 15.51 55.26
CA GLY B 125 24.56 15.99 56.53
C GLY B 125 25.96 15.53 56.88
N PRO B 126 26.82 16.46 57.27
CA PRO B 126 28.22 16.11 57.54
C PRO B 126 28.36 15.32 58.83
N SER B 127 29.57 14.81 59.05
CA SER B 127 29.89 14.03 60.23
C SER B 127 31.38 14.18 60.51
N VAL B 128 31.72 14.49 61.77
CA VAL B 128 33.09 14.77 62.17
C VAL B 128 33.66 13.55 62.87
N PHE B 129 34.93 13.24 62.57
CA PHE B 129 35.65 12.14 63.19
C PHE B 129 37.06 12.63 63.53
N PRO B 130 37.50 12.47 64.77
CA PRO B 130 38.83 12.93 65.15
C PRO B 130 39.92 12.03 64.62
N LEU B 131 41.15 12.55 64.65
CA LEU B 131 42.34 11.82 64.20
C LEU B 131 43.40 11.95 65.29
N ALA B 132 43.57 10.91 66.10
CA ALA B 132 44.55 10.92 67.17
C ALA B 132 45.70 9.99 66.82
N PRO B 133 46.94 10.44 66.95
CA PRO B 133 48.09 9.58 66.63
C PRO B 133 48.32 8.53 67.71
N SER B 134 49.07 7.50 67.34
CA SER B 134 49.40 6.42 68.25
C SER B 134 50.52 6.87 69.20
N SER B 135 50.88 5.98 70.13
CA SER B 135 51.92 6.30 71.10
C SER B 135 53.30 6.31 70.44
N LYS B 136 53.49 5.57 69.35
CA LYS B 136 54.76 5.50 68.65
C LYS B 136 54.84 6.48 67.48
N SER B 137 53.84 7.35 67.33
CA SER B 137 53.82 8.33 66.24
C SER B 137 54.47 9.65 66.63
N THR B 138 55.10 9.73 67.79
CA THR B 138 55.75 10.95 68.26
C THR B 138 57.20 10.92 67.76
N SER B 139 57.47 11.65 66.69
CA SER B 139 58.80 11.74 66.10
C SER B 139 59.27 13.18 66.14
N GLY B 140 60.51 13.38 66.59
CA GLY B 140 61.07 14.72 66.67
C GLY B 140 60.48 15.59 67.76
N GLY B 141 59.85 14.98 68.77
CA GLY B 141 59.28 15.74 69.86
C GLY B 141 58.02 16.51 69.53
N THR B 142 57.41 16.24 68.37
CA THR B 142 56.20 16.93 67.96
C THR B 142 55.08 15.93 67.73
N ALA B 143 53.84 16.40 67.89
CA ALA B 143 52.65 15.57 67.70
C ALA B 143 51.63 16.35 66.88
N ALA B 144 50.90 15.63 66.04
CA ALA B 144 49.91 16.23 65.15
C ALA B 144 48.52 15.74 65.52
N LEU B 145 47.60 16.67 65.76
CA LEU B 145 46.21 16.36 66.04
C LEU B 145 45.33 16.88 64.91
N GLY B 146 44.37 16.05 64.48
CA GLY B 146 43.52 16.41 63.37
C GLY B 146 42.12 15.87 63.53
N CYS B 147 41.26 16.28 62.60
CA CYS B 147 39.87 15.84 62.57
C CYS B 147 39.46 15.60 61.12
N LEU B 148 38.83 14.46 60.88
CA LEU B 148 38.43 14.05 59.54
C LEU B 148 36.91 14.15 59.44
N VAL B 149 36.43 15.15 58.71
CA VAL B 149 35.02 15.34 58.46
C VAL B 149 34.64 14.63 57.17
N LYS B 150 33.41 14.11 57.11
CA LYS B 150 32.96 13.35 55.96
C LYS B 150 31.46 13.56 55.78
N ASP B 151 30.93 13.01 54.70
CA ASP B 151 29.50 13.03 54.37
C ASP B 151 28.97 14.43 54.10
N TYR B 152 29.75 15.29 53.46
CA TYR B 152 29.34 16.63 53.10
C TYR B 152 29.81 16.96 51.69
N PHE B 153 28.87 17.29 50.81
CA PHE B 153 29.22 17.61 49.43
C PHE B 153 29.78 19.02 49.30
N PRO B 154 29.10 20.07 49.79
CA PRO B 154 29.68 21.42 49.71
C PRO B 154 30.86 21.54 50.65
N GLU B 155 31.76 22.47 50.32
CA GLU B 155 32.99 22.69 51.09
C GLU B 155 33.12 24.15 51.54
N PRO B 156 32.22 24.63 52.41
CA PRO B 156 32.42 25.95 53.03
C PRO B 156 33.03 25.90 54.42
N VAL B 157 33.45 24.73 54.90
CA VAL B 157 33.87 24.58 56.28
C VAL B 157 35.28 25.13 56.46
N THR B 158 35.46 25.95 57.48
CA THR B 158 36.77 26.46 57.90
C THR B 158 37.06 25.87 59.28
N VAL B 159 37.82 24.77 59.30
CA VAL B 159 38.07 24.04 60.53
C VAL B 159 39.07 24.80 61.39
N SER B 160 38.58 25.50 62.41
CA SER B 160 39.42 26.23 63.34
C SER B 160 39.55 25.46 64.64
N TRP B 161 40.68 25.66 65.31
CA TRP B 161 40.99 24.99 66.57
C TRP B 161 40.81 25.98 67.73
N ASN B 162 40.12 25.52 68.78
CA ASN B 162 39.86 26.33 69.97
C ASN B 162 39.12 27.62 69.60
N SER B 163 38.10 27.49 68.74
CA SER B 163 37.29 28.63 68.30
C SER B 163 38.15 29.72 67.65
N GLY B 164 39.20 29.30 66.94
CA GLY B 164 40.09 30.22 66.26
C GLY B 164 41.26 30.71 67.08
N ALA B 165 41.36 30.30 68.35
CA ALA B 165 42.48 30.74 69.18
C ALA B 165 43.79 30.10 68.75
N LEU B 166 43.73 28.89 68.19
CA LEU B 166 44.93 28.17 67.75
C LEU B 166 45.02 28.29 66.23
N THR B 167 46.03 29.01 65.74
CA THR B 167 46.23 29.20 64.31
C THR B 167 47.61 28.79 63.82
N SER B 168 48.60 28.68 64.70
CA SER B 168 49.94 28.30 64.27
C SER B 168 49.99 26.80 63.97
N GLY B 169 50.61 26.45 62.84
CA GLY B 169 50.74 25.06 62.46
C GLY B 169 49.47 24.41 61.96
N VAL B 170 48.41 25.17 61.74
CA VAL B 170 47.14 24.61 61.28
C VAL B 170 47.19 24.51 59.76
N HIS B 171 46.93 23.31 59.24
CA HIS B 171 46.93 23.05 57.80
C HIS B 171 45.58 22.45 57.41
N THR B 172 44.86 23.14 56.53
CA THR B 172 43.56 22.71 56.06
C THR B 172 43.71 22.13 54.65
N PHE B 173 43.57 20.81 54.53
CA PHE B 173 43.70 20.15 53.24
C PHE B 173 42.45 20.37 52.39
N PRO B 174 42.62 20.46 51.08
CA PRO B 174 41.45 20.59 50.19
C PRO B 174 40.61 19.33 50.22
N ALA B 175 39.33 19.50 49.90
CA ALA B 175 38.39 18.39 49.90
C ALA B 175 38.64 17.47 48.71
N VAL B 176 38.47 16.17 48.93
CA VAL B 176 38.65 15.16 47.90
C VAL B 176 37.30 14.49 47.63
N LEU B 177 36.94 14.39 46.35
CA LEU B 177 35.68 13.78 45.97
C LEU B 177 35.81 12.27 46.07
N GLN B 178 35.06 11.67 46.99
CA GLN B 178 35.10 10.22 47.19
C GLN B 178 34.28 9.52 46.11
N SER B 179 34.26 8.19 46.17
CA SER B 179 33.52 7.43 45.18
C SER B 179 32.01 7.56 45.37
N SER B 180 31.56 7.84 46.59
CA SER B 180 30.14 7.99 46.88
C SER B 180 29.59 9.35 46.46
N GLY B 181 30.42 10.25 45.97
CA GLY B 181 29.97 11.56 45.54
C GLY B 181 29.96 12.62 46.62
N LEU B 182 30.65 12.39 47.74
CA LEU B 182 30.70 13.34 48.84
C LEU B 182 32.15 13.70 49.14
N TYR B 183 32.40 14.98 49.35
CA TYR B 183 33.75 15.46 49.62
C TYR B 183 34.11 15.25 51.09
N SER B 184 35.42 15.17 51.34
CA SER B 184 35.92 14.98 52.69
C SER B 184 37.39 15.43 52.73
N LEU B 185 37.75 16.13 53.81
CA LEU B 185 39.11 16.60 53.99
C LEU B 185 39.49 16.46 55.45
N SER B 186 40.76 16.77 55.74
CA SER B 186 41.29 16.72 57.10
C SER B 186 42.01 18.02 57.42
N SER B 187 42.01 18.39 58.70
CA SER B 187 42.68 19.59 59.17
C SER B 187 43.52 19.21 60.39
N VAL B 188 44.84 19.20 60.22
CA VAL B 188 45.75 18.81 61.28
C VAL B 188 46.52 20.03 61.76
N VAL B 189 47.01 19.96 62.99
CA VAL B 189 47.78 21.02 63.61
C VAL B 189 48.96 20.40 64.35
N THR B 190 50.15 20.98 64.18
CA THR B 190 51.36 20.46 64.82
C THR B 190 51.53 21.13 66.18
N VAL B 191 51.57 20.33 67.24
CA VAL B 191 51.75 20.84 68.59
C VAL B 191 52.90 20.09 69.26
N PRO B 192 53.62 20.70 70.19
CA PRO B 192 54.71 19.98 70.87
C PRO B 192 54.17 18.83 71.71
N SER B 193 55.04 17.83 71.93
CA SER B 193 54.65 16.67 72.72
C SER B 193 54.48 17.00 74.19
N SER B 194 55.10 18.08 74.68
CA SER B 194 54.96 18.45 76.07
C SER B 194 53.56 18.99 76.40
N SER B 195 52.80 19.41 75.40
CA SER B 195 51.46 19.93 75.60
C SER B 195 50.39 18.85 75.55
N LEU B 196 50.77 17.60 75.28
CA LEU B 196 49.80 16.52 75.20
C LEU B 196 49.27 16.19 76.61
N GLY B 197 47.95 16.20 76.75
CA GLY B 197 47.30 15.90 78.01
C GLY B 197 47.05 17.10 78.90
N THR B 198 47.78 18.19 78.71
CA THR B 198 47.63 19.40 79.51
C THR B 198 46.71 20.42 78.85
N GLN B 199 46.77 20.56 77.53
CA GLN B 199 45.95 21.52 76.80
C GLN B 199 44.85 20.79 76.05
N THR B 200 43.64 21.35 76.09
CA THR B 200 42.49 20.77 75.42
C THR B 200 42.38 21.34 74.01
N TYR B 201 42.32 20.45 73.01
CA TYR B 201 42.22 20.85 71.62
C TYR B 201 40.89 20.36 71.07
N ILE B 202 40.09 21.29 70.55
CA ILE B 202 38.77 20.99 70.00
C ILE B 202 38.69 21.60 68.60
N CYS B 203 38.37 20.78 67.62
CA CYS B 203 38.24 21.23 66.23
C CYS B 203 36.79 21.65 65.97
N ASN B 204 36.62 22.87 65.47
CA ASN B 204 35.31 23.44 65.22
C ASN B 204 34.94 23.23 63.75
N VAL B 205 33.82 22.55 63.52
CA VAL B 205 33.32 22.27 62.18
C VAL B 205 31.97 22.96 62.03
N ASN B 206 31.84 23.80 61.00
CA ASN B 206 30.61 24.53 60.74
C ASN B 206 30.28 24.42 59.26
N HIS B 207 29.09 23.94 58.95
CA HIS B 207 28.61 23.78 57.58
C HIS B 207 27.35 24.61 57.43
N LYS B 208 27.44 25.71 56.68
CA LYS B 208 26.35 26.66 56.53
C LYS B 208 25.16 26.10 55.73
N PRO B 209 25.37 25.42 54.60
CA PRO B 209 24.21 24.89 53.86
C PRO B 209 23.39 23.89 54.65
N SER B 210 24.01 23.13 55.55
CA SER B 210 23.29 22.16 56.36
C SER B 210 23.00 22.67 57.77
N ASN B 211 23.57 23.80 58.17
CA ASN B 211 23.37 24.39 59.50
C ASN B 211 23.73 23.38 60.59
N THR B 212 24.89 22.73 60.43
CA THR B 212 25.37 21.73 61.37
C THR B 212 26.66 22.22 62.00
N LYS B 213 26.69 22.29 63.33
CA LYS B 213 27.86 22.70 64.08
C LYS B 213 28.19 21.61 65.10
N VAL B 214 29.30 20.92 64.88
CA VAL B 214 29.74 19.82 65.73
C VAL B 214 31.12 20.14 66.26
N ASP B 215 31.26 20.19 67.59
CA ASP B 215 32.53 20.43 68.24
C ASP B 215 33.11 19.09 68.68
N LYS B 216 34.20 18.68 68.04
CA LYS B 216 34.83 17.39 68.28
C LYS B 216 36.13 17.61 69.06
N LYS B 217 36.26 16.92 70.19
CA LYS B 217 37.45 17.01 71.01
C LYS B 217 38.42 15.91 70.64
N VAL B 218 39.70 16.26 70.53
CA VAL B 218 40.74 15.29 70.20
C VAL B 218 41.36 14.72 71.46
N GLU C 1 40.49 24.30 16.13
CA GLU C 1 41.03 25.49 16.79
C GLU C 1 42.52 25.31 17.10
N ILE C 2 43.22 26.44 17.25
CA ILE C 2 44.65 26.42 17.53
C ILE C 2 44.84 25.93 18.96
N VAL C 3 45.44 24.75 19.12
CA VAL C 3 45.65 24.14 20.44
C VAL C 3 46.82 24.87 21.10
N LEU C 4 46.50 25.79 22.02
CA LEU C 4 47.53 26.52 22.76
C LEU C 4 48.15 25.59 23.79
N THR C 5 49.43 25.27 23.60
CA THR C 5 50.15 24.35 24.47
C THR C 5 51.35 25.06 25.10
N GLN C 6 51.58 24.78 26.38
CA GLN C 6 52.70 25.33 27.13
C GLN C 6 53.66 24.21 27.47
N SER C 7 54.92 24.36 27.07
CA SER C 7 55.93 23.31 27.26
C SER C 7 56.40 23.21 28.71
N PRO C 8 56.86 24.30 29.37
CA PRO C 8 57.37 24.15 30.73
C PRO C 8 56.31 23.69 31.72
N ALA C 9 55.21 24.44 31.82
CA ALA C 9 54.05 24.19 32.66
C ALA C 9 54.38 24.28 34.16
N THR C 10 55.63 24.56 34.53
CA THR C 10 56.00 24.70 35.94
C THR C 10 57.24 25.59 36.00
N LEU C 11 57.05 26.83 36.43
CA LEU C 11 58.13 27.82 36.49
C LEU C 11 58.48 28.03 37.97
N SER C 12 59.46 27.27 38.46
CA SER C 12 59.92 27.37 39.84
C SER C 12 61.17 28.24 39.87
N LEU C 13 61.00 29.49 40.30
CA LEU C 13 62.09 30.45 40.39
C LEU C 13 62.08 31.10 41.77
N SER C 14 63.04 32.01 41.99
CA SER C 14 63.17 32.70 43.26
C SER C 14 62.69 34.15 43.12
N PRO C 15 62.09 34.71 44.17
CA PRO C 15 61.63 36.10 44.10
C PRO C 15 62.80 37.07 44.01
N GLY C 16 62.80 37.88 42.95
CA GLY C 16 63.84 38.87 42.70
C GLY C 16 64.49 38.72 41.33
N GLU C 17 64.53 37.51 40.80
CA GLU C 17 65.13 37.26 39.50
C GLU C 17 64.11 37.52 38.40
N ARG C 18 64.48 37.18 37.16
CA ARG C 18 63.61 37.36 36.00
C ARG C 18 62.99 36.02 35.59
N ALA C 19 61.79 36.10 35.02
CA ALA C 19 61.05 34.92 34.61
C ALA C 19 60.72 35.01 33.12
N THR C 20 60.67 33.85 32.47
CA THR C 20 60.35 33.75 31.05
C THR C 20 59.47 32.51 30.84
N LEU C 21 58.17 32.73 30.70
CA LEU C 21 57.21 31.67 30.43
C LEU C 21 56.73 31.78 28.99
N SER C 22 56.78 30.68 28.25
CA SER C 22 56.46 30.66 26.84
C SER C 22 55.12 29.98 26.58
N CYS C 23 54.41 30.48 25.57
CA CYS C 23 53.15 29.88 25.13
C CYS C 23 53.07 30.06 23.61
N ARG C 24 53.46 29.01 22.89
CA ARG C 24 53.51 29.06 21.43
C ARG C 24 52.22 28.56 20.81
N ALA C 25 52.05 28.86 19.52
CA ALA C 25 50.86 28.47 18.78
C ALA C 25 51.29 28.03 17.38
N SER C 26 50.31 27.86 16.50
CA SER C 26 50.56 27.43 15.13
C SER C 26 50.26 28.52 14.10
N GLN C 27 49.06 29.09 14.14
CA GLN C 27 48.69 30.13 13.21
C GLN C 27 49.38 31.44 13.58
N SER C 28 49.44 32.36 12.62
CA SER C 28 50.08 33.66 12.82
C SER C 28 49.26 34.46 13.82
N VAL C 29 49.76 34.54 15.05
CA VAL C 29 49.07 35.23 16.14
C VAL C 29 49.97 36.33 16.69
N SER C 30 50.80 36.91 15.82
CA SER C 30 51.74 37.94 16.27
C SER C 30 51.01 39.15 16.85
N SER C 31 49.86 39.49 16.28
CA SER C 31 49.06 40.62 16.77
C SER C 31 47.78 40.15 17.47
N TYR C 32 47.58 38.85 17.63
CA TYR C 32 46.39 38.29 18.26
C TYR C 32 46.84 37.43 19.45
N LEU C 33 46.98 38.06 20.61
CA LEU C 33 47.40 37.34 21.80
C LEU C 33 47.02 38.16 23.03
N ALA C 34 46.60 37.45 24.08
CA ALA C 34 46.27 38.07 25.35
C ALA C 34 46.88 37.26 26.48
N TRP C 35 47.25 37.94 27.56
CA TRP C 35 47.88 37.31 28.71
C TRP C 35 47.10 37.67 29.96
N TYR C 36 46.77 36.65 30.76
CA TYR C 36 45.99 36.81 31.98
C TYR C 36 46.84 36.40 33.19
N GLN C 37 46.22 36.50 34.37
CA GLN C 37 46.87 36.09 35.61
C GLN C 37 45.77 35.71 36.59
N GLN C 38 45.70 34.42 36.92
CA GLN C 38 44.68 33.89 37.83
C GLN C 38 45.33 33.58 39.17
N LYS C 39 44.95 34.32 40.20
CA LYS C 39 45.43 34.05 41.55
C LYS C 39 44.49 33.09 42.28
N PRO C 40 45.02 32.20 43.10
CA PRO C 40 44.17 31.24 43.82
C PRO C 40 43.28 31.94 44.84
N GLY C 41 41.97 31.77 44.68
CA GLY C 41 41.00 32.35 45.61
C GLY C 41 40.22 33.53 45.06
N GLN C 42 40.47 33.95 43.83
CA GLN C 42 39.76 35.08 43.24
C GLN C 42 39.65 34.85 41.73
N ALA C 43 39.27 35.91 41.00
CA ALA C 43 39.06 35.88 39.57
C ALA C 43 40.34 36.27 38.83
N PRO C 44 40.56 35.71 37.64
CA PRO C 44 41.75 36.07 36.86
C PRO C 44 41.71 37.53 36.42
N ARG C 45 42.88 38.14 36.41
CA ARG C 45 43.03 39.54 36.01
C ARG C 45 43.82 39.65 34.71
N LEU C 46 43.58 40.74 33.99
CA LEU C 46 44.28 40.99 32.73
C LEU C 46 45.68 41.48 33.02
N LEU C 47 46.68 40.76 32.51
CA LEU C 47 48.08 41.13 32.71
C LEU C 47 48.59 41.98 31.53
N ILE C 48 48.57 41.42 30.33
CA ILE C 48 49.01 42.11 29.12
C ILE C 48 48.06 41.74 27.99
N TYR C 49 47.48 42.75 27.34
CA TYR C 49 46.59 42.53 26.20
C TYR C 49 47.26 43.03 24.93
N ASP C 50 46.92 42.38 23.82
CA ASP C 50 47.44 42.62 22.48
C ASP C 50 48.91 42.23 22.33
N ALA C 51 49.57 41.81 23.41
CA ALA C 51 50.94 41.31 23.42
C ALA C 51 51.95 42.31 22.87
N THR C 52 51.58 43.59 22.76
CA THR C 52 52.49 44.60 22.23
C THR C 52 52.54 45.83 23.13
N ASN C 53 51.46 46.06 23.89
CA ASN C 53 51.37 47.22 24.77
C ASN C 53 51.05 46.77 26.19
N ARG C 54 51.07 47.74 27.10
CA ARG C 54 50.80 47.49 28.51
C ARG C 54 49.34 47.76 28.84
N ALA C 55 48.80 46.96 29.76
CA ALA C 55 47.42 47.11 30.19
C ALA C 55 47.30 48.17 31.28
N THR C 56 46.08 48.47 31.67
CA THR C 56 45.82 49.46 32.71
C THR C 56 45.88 48.82 34.09
N GLY C 57 46.33 49.61 35.07
CA GLY C 57 46.46 49.10 36.43
C GLY C 57 47.49 48.00 36.57
N ILE C 58 48.54 48.02 35.75
CA ILE C 58 49.58 47.01 35.76
C ILE C 58 50.90 47.70 36.09
N PRO C 59 51.68 47.20 37.05
CA PRO C 59 52.96 47.82 37.36
C PRO C 59 53.94 47.71 36.20
N ALA C 60 55.03 48.48 36.31
CA ALA C 60 56.04 48.51 35.26
C ALA C 60 56.90 47.25 35.22
N ARG C 61 56.80 46.38 36.23
CA ARG C 61 57.62 45.18 36.23
C ARG C 61 57.17 44.17 35.19
N PHE C 62 55.89 44.20 34.80
CA PHE C 62 55.36 43.28 33.81
C PHE C 62 55.65 43.83 32.42
N SER C 63 56.47 43.11 31.66
CA SER C 63 56.82 43.51 30.29
C SER C 63 56.65 42.31 29.37
N GLY C 64 55.75 42.45 28.40
CA GLY C 64 55.48 41.40 27.45
C GLY C 64 56.01 41.73 26.07
N SER C 65 56.41 40.70 25.33
CA SER C 65 56.95 40.88 23.99
C SER C 65 56.84 39.55 23.24
N GLY C 66 57.12 39.60 21.95
CA GLY C 66 57.07 38.42 21.10
C GLY C 66 56.38 38.70 19.79
N SER C 67 56.74 37.92 18.76
CA SER C 67 56.15 38.07 17.44
C SER C 67 56.33 36.77 16.67
N GLY C 68 55.40 36.51 15.77
CA GLY C 68 55.45 35.29 14.95
C GLY C 68 54.64 34.15 15.59
N THR C 69 55.36 33.12 16.05
CA THR C 69 54.74 31.97 16.69
C THR C 69 55.43 31.59 17.99
N ASP C 70 56.23 32.49 18.55
CA ASP C 70 56.95 32.25 19.80
C ASP C 70 56.84 33.50 20.66
N PHE C 71 56.17 33.38 21.80
CA PHE C 71 55.96 34.51 22.70
C PHE C 71 56.43 34.14 24.09
N THR C 72 56.77 35.16 24.87
CA THR C 72 57.24 34.97 26.24
C THR C 72 57.03 36.25 27.03
N LEU C 73 56.88 36.11 28.34
CA LEU C 73 56.71 37.23 29.24
C LEU C 73 58.03 37.51 29.95
N THR C 74 58.41 38.78 30.04
CA THR C 74 59.68 39.20 30.64
C THR C 74 59.35 40.01 31.89
N ILE C 75 59.29 39.33 33.03
CA ILE C 75 59.03 39.98 34.30
C ILE C 75 60.34 40.60 34.80
N SER C 76 60.26 41.85 35.25
CA SER C 76 61.45 42.54 35.73
C SER C 76 61.94 41.96 37.06
N SER C 77 61.10 42.01 38.08
CA SER C 77 61.46 41.50 39.40
C SER C 77 60.24 40.80 40.01
N LEU C 78 60.45 39.58 40.49
CA LEU C 78 59.38 38.82 41.10
C LEU C 78 59.08 39.34 42.50
N GLU C 79 57.80 39.38 42.84
CA GLU C 79 57.31 39.86 44.13
C GLU C 79 56.45 38.78 44.76
N PRO C 80 56.28 38.82 46.08
CA PRO C 80 55.43 37.79 46.74
C PRO C 80 53.99 37.80 46.27
N GLU C 81 53.48 38.94 45.80
CA GLU C 81 52.13 39.03 45.27
C GLU C 81 52.05 38.69 43.79
N ASP C 82 53.17 38.26 43.19
CA ASP C 82 53.20 37.92 41.77
C ASP C 82 53.11 36.42 41.50
N PHE C 83 53.30 35.59 42.53
CA PHE C 83 53.24 34.14 42.36
C PHE C 83 51.79 33.72 42.11
N ALA C 84 51.48 33.41 40.85
CA ALA C 84 50.14 33.01 40.46
C ALA C 84 50.24 32.18 39.18
N VAL C 85 49.09 31.92 38.56
CA VAL C 85 49.02 31.14 37.32
C VAL C 85 48.69 32.08 36.17
N TYR C 86 49.46 31.97 35.09
CA TYR C 86 49.28 32.79 33.91
C TYR C 86 48.76 31.94 32.76
N TYR C 87 48.00 32.57 31.87
CA TYR C 87 47.41 31.90 30.72
C TYR C 87 47.66 32.74 29.46
N CYS C 88 47.25 32.18 28.32
CA CYS C 88 47.40 32.84 27.03
C CYS C 88 46.14 32.61 26.20
N GLN C 89 45.75 33.63 25.45
CA GLN C 89 44.54 33.57 24.63
C GLN C 89 44.74 34.41 23.38
N HIS C 90 44.40 33.82 22.22
CA HIS C 90 44.45 34.52 20.95
C HIS C 90 43.07 35.04 20.59
N ARG C 91 43.04 36.10 19.79
CA ARG C 91 41.79 36.76 19.36
C ARG C 91 41.68 36.63 17.85
N SER C 92 41.01 35.58 17.40
CA SER C 92 40.72 35.42 15.98
C SER C 92 39.71 36.46 15.53
N ASN C 93 39.82 36.88 14.27
CA ASN C 93 38.98 37.98 13.79
C ASN C 93 37.59 37.49 13.42
N TRP C 94 37.50 36.57 12.46
CA TRP C 94 36.20 36.11 11.99
C TRP C 94 35.64 35.02 12.92
N PRO C 95 36.31 33.87 13.09
CA PRO C 95 35.71 32.79 13.90
C PRO C 95 35.99 33.01 15.38
N ARG C 96 34.94 33.33 16.13
CA ARG C 96 35.09 33.55 17.57
C ARG C 96 35.22 32.22 18.30
N MET C 97 36.45 31.71 18.37
CA MET C 97 36.76 30.43 19.01
C MET C 97 37.92 30.61 19.98
N PHE C 98 37.82 31.63 20.82
CA PHE C 98 38.86 31.96 21.79
C PHE C 98 39.16 30.79 22.71
N THR C 99 40.36 30.23 22.61
CA THR C 99 40.79 29.10 23.42
C THR C 99 41.86 29.55 24.40
N PHE C 100 42.28 28.61 25.24
CA PHE C 100 43.27 28.86 26.27
C PHE C 100 44.25 27.69 26.32
N GLY C 101 45.19 27.77 27.26
CA GLY C 101 46.18 26.71 27.42
C GLY C 101 45.98 25.88 28.66
N GLN C 102 47.03 25.68 29.43
CA GLN C 102 46.98 24.88 30.66
C GLN C 102 47.36 25.66 31.90
N GLY C 103 48.20 26.69 31.78
CA GLY C 103 48.59 27.47 32.94
C GLY C 103 49.96 27.10 33.47
N THR C 104 50.71 28.10 33.92
CA THR C 104 52.05 27.91 34.48
C THR C 104 52.07 28.44 35.90
N LYS C 105 52.35 27.55 36.86
CA LYS C 105 52.41 27.95 38.26
C LYS C 105 53.79 28.48 38.60
N LEU C 106 53.83 29.60 39.32
CA LEU C 106 55.08 30.24 39.71
C LEU C 106 55.39 29.85 41.15
N GLU C 107 56.43 29.05 41.34
CA GLU C 107 56.79 28.54 42.65
C GLU C 107 57.87 29.40 43.30
N ILE C 108 58.12 29.13 44.57
CA ILE C 108 59.16 29.80 45.34
C ILE C 108 60.27 28.81 45.65
N LYS C 109 61.52 29.24 45.49
CA LYS C 109 62.68 28.40 45.70
C LYS C 109 63.17 28.58 47.13
N ARG C 110 62.70 27.71 48.03
CA ARG C 110 63.18 27.71 49.41
C ARG C 110 64.32 26.70 49.56
N THR C 111 64.71 26.43 50.79
CA THR C 111 65.74 25.45 51.10
C THR C 111 65.13 24.05 51.06
N VAL C 112 65.99 23.06 50.79
CA VAL C 112 65.54 21.67 50.73
C VAL C 112 65.20 21.18 52.12
N ALA C 113 63.95 20.77 52.31
CA ALA C 113 63.46 20.29 53.59
C ALA C 113 62.95 18.87 53.46
N ALA C 114 63.12 18.10 54.52
CA ALA C 114 62.67 16.71 54.53
C ALA C 114 61.20 16.64 54.94
N PRO C 115 60.39 15.82 54.27
CA PRO C 115 58.97 15.73 54.63
C PRO C 115 58.80 15.01 55.98
N SER C 116 58.04 15.64 56.86
CA SER C 116 57.74 15.07 58.17
C SER C 116 56.71 13.96 57.99
N VAL C 117 57.17 12.71 58.07
CA VAL C 117 56.29 11.56 57.83
C VAL C 117 55.57 11.20 59.13
N PHE C 118 54.24 11.21 59.08
CA PHE C 118 53.42 10.81 60.21
C PHE C 118 52.31 9.88 59.71
N ILE C 119 51.94 8.93 60.56
CA ILE C 119 50.89 7.97 60.25
C ILE C 119 49.88 7.98 61.38
N PHE C 120 48.59 7.90 61.03
CA PHE C 120 47.50 7.96 62.01
C PHE C 120 46.60 6.74 61.80
N PRO C 121 46.37 5.94 62.84
CA PRO C 121 45.42 4.83 62.71
C PRO C 121 44.00 5.33 62.63
N PRO C 122 43.07 4.52 62.12
CA PRO C 122 41.67 4.96 62.05
C PRO C 122 41.07 5.12 63.44
N SER C 123 40.25 6.15 63.59
CA SER C 123 39.63 6.44 64.87
C SER C 123 38.56 5.40 65.21
N ASP C 124 38.18 5.37 66.49
CA ASP C 124 37.17 4.43 66.94
C ASP C 124 35.79 4.82 66.42
N GLU C 125 35.48 6.12 66.40
CA GLU C 125 34.17 6.56 65.94
C GLU C 125 33.94 6.22 64.48
N GLN C 126 35.01 6.17 63.68
CA GLN C 126 34.87 5.75 62.29
C GLN C 126 34.71 4.24 62.17
N LEU C 127 35.37 3.48 63.04
CA LEU C 127 35.19 2.03 63.04
C LEU C 127 33.82 1.62 63.57
N LYS C 128 33.15 2.49 64.32
CA LYS C 128 31.80 2.17 64.81
C LYS C 128 30.82 2.01 63.66
N SER C 129 31.03 2.72 62.56
CA SER C 129 30.14 2.65 61.41
C SER C 129 30.52 1.55 60.42
N GLY C 130 31.69 0.93 60.59
CA GLY C 130 32.12 -0.14 59.70
C GLY C 130 33.13 0.26 58.65
N THR C 131 33.75 1.44 58.76
CA THR C 131 34.74 1.90 57.82
C THR C 131 36.05 2.17 58.53
N ALA C 132 37.15 2.09 57.77
CA ALA C 132 38.49 2.31 58.31
C ALA C 132 39.28 3.16 57.33
N SER C 133 39.93 4.20 57.86
CA SER C 133 40.72 5.12 57.04
C SER C 133 42.02 5.42 57.77
N VAL C 134 43.14 5.00 57.18
CA VAL C 134 44.46 5.28 57.75
C VAL C 134 45.02 6.53 57.08
N VAL C 135 45.35 7.53 57.89
CA VAL C 135 45.80 8.82 57.39
C VAL C 135 47.32 8.89 57.56
N CYS C 136 48.02 9.20 56.47
CA CYS C 136 49.47 9.37 56.48
C CYS C 136 49.77 10.83 56.14
N LEU C 137 50.49 11.50 57.03
CA LEU C 137 50.75 12.94 56.91
C LEU C 137 52.11 13.19 56.30
N LEU C 138 52.16 14.16 55.37
CA LEU C 138 53.40 14.57 54.73
C LEU C 138 53.39 16.10 54.66
N ASN C 139 54.14 16.74 55.54
CA ASN C 139 54.19 18.19 55.63
C ASN C 139 55.63 18.68 55.55
N ASN C 140 55.79 19.97 55.26
CA ASN C 140 57.08 20.66 55.24
C ASN C 140 58.05 19.98 54.25
N PHE C 141 57.65 20.05 52.97
CA PHE C 141 58.45 19.47 51.90
C PHE C 141 58.30 20.32 50.64
N TYR C 142 59.06 19.93 49.61
CA TYR C 142 59.09 20.65 48.34
C TYR C 142 57.73 20.53 47.64
N PRO C 143 57.57 21.21 46.50
CA PRO C 143 56.36 20.99 45.68
C PRO C 143 56.08 19.51 45.44
N ARG C 144 54.82 19.19 45.21
CA ARG C 144 54.35 17.81 45.18
C ARG C 144 54.99 17.06 44.02
N GLU C 145 55.94 16.17 44.34
CA GLU C 145 56.54 15.30 43.34
C GLU C 145 56.69 13.86 43.82
N ALA C 146 56.59 13.59 45.11
CA ALA C 146 56.74 12.24 45.61
C ALA C 146 55.41 11.49 45.61
N LYS C 147 55.48 10.17 45.55
CA LYS C 147 54.30 9.32 45.57
C LYS C 147 54.29 8.49 46.86
N VAL C 148 53.09 8.27 47.39
CA VAL C 148 52.91 7.57 48.66
C VAL C 148 52.62 6.10 48.36
N GLN C 149 53.32 5.21 49.06
CA GLN C 149 53.14 3.77 48.93
C GLN C 149 52.50 3.21 50.19
N TRP C 150 51.50 2.36 50.01
CA TRP C 150 50.80 1.72 51.13
C TRP C 150 51.09 0.22 51.11
N LYS C 151 51.76 -0.26 52.14
CA LYS C 151 52.10 -1.68 52.29
C LYS C 151 51.33 -2.25 53.47
N VAL C 152 50.45 -3.20 53.19
CA VAL C 152 49.66 -3.88 54.22
C VAL C 152 50.11 -5.33 54.25
N ASP C 153 50.79 -5.71 55.34
CA ASP C 153 51.36 -7.06 55.49
C ASP C 153 52.28 -7.41 54.33
N ASN C 154 53.23 -6.51 54.06
CA ASN C 154 54.22 -6.65 53.00
C ASN C 154 53.60 -6.76 51.61
N ALA C 155 52.36 -6.30 51.44
CA ALA C 155 51.67 -6.32 50.16
C ALA C 155 51.33 -4.91 49.74
N LEU C 156 51.72 -4.54 48.53
CA LEU C 156 51.46 -3.19 48.03
C LEU C 156 49.99 -3.04 47.65
N GLN C 157 49.38 -1.95 48.10
CA GLN C 157 47.98 -1.65 47.81
C GLN C 157 47.89 -0.40 46.94
N SER C 158 46.95 -0.41 46.00
CA SER C 158 46.76 0.71 45.10
C SER C 158 45.29 0.80 44.71
N GLY C 159 44.85 2.01 44.36
CA GLY C 159 43.49 2.26 43.95
C GLY C 159 42.55 2.65 45.07
N ASN C 160 42.88 2.34 46.31
CA ASN C 160 42.03 2.67 47.46
C ASN C 160 42.60 3.80 48.30
N SER C 161 43.61 4.51 47.80
CA SER C 161 44.24 5.60 48.52
C SER C 161 43.95 6.93 47.84
N GLN C 162 43.63 7.95 48.64
CA GLN C 162 43.34 9.29 48.14
C GLN C 162 44.34 10.27 48.76
N GLU C 163 44.89 11.15 47.92
CA GLU C 163 45.88 12.13 48.34
C GLU C 163 45.31 13.54 48.21
N SER C 164 45.68 14.41 49.15
CA SER C 164 45.23 15.79 49.17
C SER C 164 46.45 16.68 49.40
N VAL C 165 46.72 17.58 48.47
CA VAL C 165 47.87 18.47 48.53
C VAL C 165 47.37 19.90 48.69
N THR C 166 47.91 20.61 49.67
CA THR C 166 47.54 22.00 49.91
C THR C 166 48.32 22.94 49.00
N GLU C 167 47.97 24.22 49.08
CA GLU C 167 48.69 25.24 48.33
C GLU C 167 49.98 25.61 49.04
N GLN C 168 50.82 26.38 48.36
CA GLN C 168 52.09 26.80 48.92
C GLN C 168 51.86 27.87 49.98
N ASP C 169 52.33 27.60 51.21
CA ASP C 169 52.15 28.55 52.29
C ASP C 169 53.02 29.79 52.06
N SER C 170 52.52 30.94 52.51
CA SER C 170 53.24 32.20 52.37
C SER C 170 54.24 32.44 53.49
N LYS C 171 54.30 31.56 54.49
CA LYS C 171 55.20 31.74 55.63
C LYS C 171 56.53 31.05 55.40
N ASP C 172 56.52 29.76 55.08
CA ASP C 172 57.73 28.98 54.89
C ASP C 172 57.85 28.37 53.50
N SER C 173 56.89 28.62 52.61
CA SER C 173 56.91 28.12 51.24
C SER C 173 56.98 26.59 51.20
N THR C 174 56.22 25.95 52.09
CA THR C 174 56.17 24.51 52.18
C THR C 174 54.79 24.01 51.75
N TYR C 175 54.67 22.69 51.63
CA TYR C 175 53.44 22.05 51.20
C TYR C 175 53.01 21.01 52.23
N SER C 176 51.77 20.55 52.09
CA SER C 176 51.20 19.54 52.97
C SER C 176 50.50 18.49 52.13
N LEU C 177 50.71 17.22 52.47
CA LEU C 177 50.13 16.10 51.76
C LEU C 177 49.56 15.11 52.76
N SER C 178 48.34 14.64 52.51
CA SER C 178 47.66 13.69 53.39
C SER C 178 47.11 12.56 52.54
N SER C 179 47.57 11.34 52.80
CA SER C 179 47.12 10.15 52.09
C SER C 179 46.17 9.37 53.01
N THR C 180 44.97 9.10 52.50
CA THR C 180 43.93 8.40 53.27
C THR C 180 43.59 7.10 52.55
N LEU C 181 43.92 5.98 53.19
CA LEU C 181 43.62 4.66 52.64
C LEU C 181 42.29 4.19 53.21
N THR C 182 41.25 4.20 52.39
CA THR C 182 39.91 3.82 52.81
C THR C 182 39.75 2.30 52.69
N LEU C 183 39.42 1.66 53.81
CA LEU C 183 39.22 0.22 53.85
C LEU C 183 37.99 -0.09 54.68
N SER C 184 37.48 -1.32 54.52
CA SER C 184 36.31 -1.75 55.27
C SER C 184 36.72 -2.24 56.66
N LYS C 185 35.71 -2.50 57.50
CA LYS C 185 35.97 -2.96 58.86
C LYS C 185 36.50 -4.39 58.87
N ALA C 186 35.92 -5.27 58.06
CA ALA C 186 36.37 -6.65 58.02
C ALA C 186 37.78 -6.75 57.46
N ASP C 187 38.07 -6.03 56.37
CA ASP C 187 39.42 -6.04 55.81
C ASP C 187 40.44 -5.40 56.74
N TYR C 188 40.01 -4.47 57.61
CA TYR C 188 40.93 -3.88 58.57
C TYR C 188 41.21 -4.84 59.72
N GLU C 189 40.17 -5.51 60.22
CA GLU C 189 40.37 -6.48 61.29
C GLU C 189 41.07 -7.73 60.81
N LYS C 190 41.04 -8.02 59.51
CA LYS C 190 41.73 -9.20 58.99
C LYS C 190 43.24 -9.01 58.97
N HIS C 191 43.70 -7.81 58.66
CA HIS C 191 45.13 -7.50 58.59
C HIS C 191 45.60 -6.86 59.89
N LYS C 192 46.91 -6.89 60.09
CA LYS C 192 47.52 -6.38 61.32
C LYS C 192 48.48 -5.23 61.06
N VAL C 193 49.38 -5.38 60.10
CA VAL C 193 50.43 -4.39 59.84
C VAL C 193 49.97 -3.45 58.73
N TYR C 194 50.15 -2.15 58.95
CA TYR C 194 49.82 -1.12 57.97
C TYR C 194 50.97 -0.13 57.94
N ALA C 195 51.57 0.06 56.77
CA ALA C 195 52.75 0.90 56.62
C ALA C 195 52.52 1.97 55.57
N CYS C 196 53.20 3.09 55.74
CA CYS C 196 53.17 4.21 54.79
C CYS C 196 54.60 4.52 54.38
N GLU C 197 54.93 4.22 53.13
CA GLU C 197 56.27 4.45 52.60
C GLU C 197 56.32 5.79 51.89
N VAL C 198 57.32 6.59 52.21
CA VAL C 198 57.51 7.91 51.63
C VAL C 198 58.88 7.95 50.97
N THR C 199 58.89 8.21 49.66
CA THR C 199 60.13 8.32 48.89
C THR C 199 60.17 9.71 48.26
N HIS C 200 60.90 10.63 48.90
CA HIS C 200 60.98 12.01 48.46
C HIS C 200 62.41 12.32 48.04
N GLN C 201 62.56 13.39 47.26
CA GLN C 201 63.89 13.79 46.79
C GLN C 201 64.79 14.19 47.96
N GLY C 202 64.23 14.88 48.94
CA GLY C 202 65.01 15.29 50.11
C GLY C 202 65.36 14.17 51.06
N LEU C 203 64.81 12.98 50.87
CA LEU C 203 65.09 11.83 51.72
C LEU C 203 66.08 10.92 51.00
N SER C 204 67.19 10.62 51.65
CA SER C 204 68.20 9.73 51.07
C SER C 204 67.72 8.29 51.03
N SER C 205 66.80 7.90 51.91
CA SER C 205 66.26 6.55 51.96
C SER C 205 64.76 6.63 52.20
N PRO C 206 64.00 5.70 51.63
CA PRO C 206 62.54 5.71 51.84
C PRO C 206 62.19 5.49 53.30
N VAL C 207 61.46 6.43 53.87
CA VAL C 207 61.03 6.36 55.26
C VAL C 207 59.69 5.66 55.32
N THR C 208 59.61 4.56 56.07
CA THR C 208 58.40 3.77 56.19
C THR C 208 57.97 3.73 57.66
N LYS C 209 56.77 4.21 57.93
CA LYS C 209 56.20 4.21 59.28
C LYS C 209 55.07 3.20 59.33
N SER C 210 55.11 2.32 60.33
CA SER C 210 54.11 1.26 60.47
C SER C 210 53.72 1.13 61.93
N PHE C 211 52.58 0.49 62.17
CA PHE C 211 52.06 0.27 63.51
C PHE C 211 51.42 -1.10 63.57
N ASN C 212 51.32 -1.64 64.79
CA ASN C 212 50.72 -2.94 65.03
C ASN C 212 49.33 -2.75 65.64
N ARG C 213 48.34 -3.44 65.08
CA ARG C 213 46.97 -3.34 65.54
C ARG C 213 46.79 -4.12 66.85
N SER D 35 47.96 15.14 -36.17
CA SER D 35 47.05 15.04 -37.30
C SER D 35 45.74 14.39 -36.89
N TYR D 36 44.82 14.24 -37.85
CA TYR D 36 43.52 13.64 -37.59
C TYR D 36 43.07 12.87 -38.81
N THR D 37 42.18 11.90 -38.59
CA THR D 37 41.61 11.10 -39.66
C THR D 37 40.19 10.71 -39.24
N ASN D 38 39.61 9.74 -39.94
CA ASN D 38 38.21 9.36 -39.76
C ASN D 38 38.13 7.90 -39.33
N SER D 39 37.29 7.63 -38.32
CA SER D 39 37.03 6.26 -37.88
C SER D 39 35.77 5.73 -38.56
N PHE D 40 35.95 5.10 -39.73
CA PHE D 40 34.82 4.73 -40.58
C PHE D 40 33.89 3.72 -39.91
N THR D 41 34.38 2.50 -39.65
CA THR D 41 33.49 1.48 -39.10
C THR D 41 34.20 0.58 -38.08
N ARG D 42 35.36 0.96 -37.58
CA ARG D 42 36.13 0.13 -36.67
C ARG D 42 36.02 0.65 -35.24
N GLY D 43 36.11 -0.26 -34.28
CA GLY D 43 36.01 0.09 -32.88
C GLY D 43 34.91 -0.63 -32.16
N VAL D 44 34.43 -1.73 -32.74
CA VAL D 44 33.34 -2.52 -32.18
C VAL D 44 33.91 -3.80 -31.59
N TYR D 45 33.49 -4.12 -30.36
CA TYR D 45 33.95 -5.30 -29.65
C TYR D 45 32.76 -6.09 -29.13
N TYR D 46 33.05 -7.26 -28.59
CA TYR D 46 32.03 -8.09 -27.95
C TYR D 46 31.77 -7.59 -26.53
N PRO D 47 30.58 -7.07 -26.22
CA PRO D 47 30.35 -6.59 -24.84
C PRO D 47 30.31 -7.69 -23.82
N ASP D 48 29.79 -8.87 -24.19
CA ASP D 48 29.72 -10.00 -23.28
C ASP D 48 30.34 -11.24 -23.91
N LYS D 49 30.20 -12.39 -23.25
CA LYS D 49 30.74 -13.65 -23.73
C LYS D 49 29.61 -14.66 -23.92
N VAL D 50 28.51 -14.20 -24.50
CA VAL D 50 27.32 -15.02 -24.73
C VAL D 50 27.18 -15.26 -26.23
N PHE D 51 27.07 -16.52 -26.62
CA PHE D 51 26.93 -16.90 -28.02
C PHE D 51 25.54 -16.51 -28.51
N ARG D 52 25.48 -15.82 -29.64
CA ARG D 52 24.23 -15.45 -30.28
C ARG D 52 24.30 -15.75 -31.77
N SER D 53 23.21 -16.27 -32.32
CA SER D 53 23.16 -16.69 -33.71
C SER D 53 21.97 -16.02 -34.40
N SER D 54 22.26 -15.21 -35.42
CA SER D 54 21.27 -14.54 -36.25
C SER D 54 20.33 -13.62 -35.46
N VAL D 55 20.80 -13.05 -34.37
CA VAL D 55 19.98 -12.14 -33.57
C VAL D 55 20.47 -10.71 -33.80
N LEU D 56 19.64 -9.76 -33.40
CA LEU D 56 19.96 -8.33 -33.50
C LEU D 56 19.85 -7.75 -32.08
N HIS D 57 20.95 -7.81 -31.34
CA HIS D 57 20.96 -7.39 -29.96
C HIS D 57 21.48 -5.97 -29.82
N SER D 58 20.84 -5.22 -28.93
CA SER D 58 21.24 -3.84 -28.62
C SER D 58 21.85 -3.80 -27.22
N THR D 59 22.99 -3.13 -27.10
CA THR D 59 23.72 -3.07 -25.84
C THR D 59 24.17 -1.63 -25.59
N GLN D 60 24.07 -1.20 -24.34
CA GLN D 60 24.53 0.13 -23.93
C GLN D 60 25.86 -0.02 -23.22
N ASP D 61 26.95 0.20 -23.96
CA ASP D 61 28.28 0.07 -23.40
C ASP D 61 29.20 1.18 -23.93
N LEU D 62 30.47 1.12 -23.60
CA LEU D 62 31.46 2.13 -24.01
C LEU D 62 32.05 1.69 -25.35
N PHE D 63 31.46 2.16 -26.43
CA PHE D 63 31.92 1.88 -27.78
C PHE D 63 32.58 3.10 -28.38
N LEU D 64 33.12 2.92 -29.58
CA LEU D 64 33.72 4.04 -30.31
C LEU D 64 32.71 4.63 -31.27
N PRO D 65 32.44 5.94 -31.21
CA PRO D 65 31.47 6.52 -32.13
C PRO D 65 31.95 6.44 -33.58
N PHE D 66 31.04 6.05 -34.47
CA PHE D 66 31.38 5.95 -35.88
C PHE D 66 31.56 7.33 -36.48
N PHE D 67 32.63 7.47 -37.28
CA PHE D 67 32.93 8.71 -37.99
C PHE D 67 33.02 9.90 -37.05
N SER D 68 33.81 9.79 -35.98
CA SER D 68 33.89 10.90 -35.04
C SER D 68 35.26 11.55 -35.02
N ASN D 69 36.30 10.79 -34.64
CA ASN D 69 37.65 11.32 -34.54
C ASN D 69 38.69 10.25 -34.28
N VAL D 70 39.82 10.31 -34.97
CA VAL D 70 41.00 9.51 -34.68
C VAL D 70 42.23 10.37 -34.89
N THR D 71 43.06 10.47 -33.86
CA THR D 71 44.25 11.32 -33.88
C THR D 71 45.41 10.53 -34.46
N TRP D 72 46.04 11.09 -35.50
CA TRP D 72 47.16 10.45 -36.18
C TRP D 72 48.49 10.99 -35.69
N PHE D 73 48.98 10.46 -34.57
CA PHE D 73 50.29 10.84 -34.06
C PHE D 73 51.40 10.18 -34.88
N HIS D 74 52.23 11.01 -35.50
CA HIS D 74 53.30 10.54 -36.38
C HIS D 74 54.62 10.61 -35.62
N ALA D 75 54.90 9.58 -34.81
CA ALA D 75 56.14 9.49 -34.05
C ALA D 75 57.18 8.68 -34.80
N ILE D 76 57.59 9.15 -35.98
CA ILE D 76 58.51 8.44 -36.85
C ILE D 76 59.86 9.13 -36.79
N HIS D 77 60.91 8.37 -37.11
CA HIS D 77 62.28 8.89 -37.14
C HIS D 77 63.01 8.23 -38.31
N VAL D 78 63.01 8.89 -39.46
CA VAL D 78 63.68 8.36 -40.64
C VAL D 78 64.02 9.53 -41.57
N SER D 79 65.25 9.53 -42.10
CA SER D 79 65.68 10.58 -43.01
C SER D 79 66.87 10.08 -43.81
N GLY D 80 66.79 10.19 -45.13
CA GLY D 80 67.89 9.79 -45.99
C GLY D 80 69.04 10.76 -46.08
N THR D 81 68.82 12.01 -45.68
CA THR D 81 69.87 13.03 -45.69
C THR D 81 70.25 13.48 -44.28
N ASN D 82 70.09 12.63 -43.27
CA ASN D 82 70.42 12.94 -41.89
C ASN D 82 69.65 14.14 -41.34
N GLY D 83 68.41 14.34 -41.80
CA GLY D 83 67.64 15.47 -41.33
C GLY D 83 67.11 15.24 -39.92
N THR D 84 66.89 16.37 -39.22
CA THR D 84 66.38 16.30 -37.85
C THR D 84 64.89 15.98 -37.85
N LYS D 85 64.51 15.00 -37.03
CA LYS D 85 63.13 14.57 -36.87
C LYS D 85 62.64 14.97 -35.47
N ARG D 86 61.41 14.58 -35.13
CA ARG D 86 60.83 14.95 -33.86
C ARG D 86 60.00 13.78 -33.33
N PHE D 87 59.74 13.80 -32.03
CA PHE D 87 58.96 12.75 -31.38
C PHE D 87 57.83 13.42 -30.59
N ASP D 88 56.69 12.74 -30.51
CA ASP D 88 55.54 13.27 -29.78
C ASP D 88 55.82 13.29 -28.29
N ASN D 89 56.06 14.49 -27.75
CA ASN D 89 56.40 14.67 -26.34
C ASN D 89 55.19 14.55 -25.41
N PRO D 90 54.08 15.30 -25.64
CA PRO D 90 53.00 15.31 -24.64
C PRO D 90 52.31 13.97 -24.46
N VAL D 91 51.49 13.87 -23.42
CA VAL D 91 50.78 12.64 -23.08
C VAL D 91 49.32 12.80 -23.47
N LEU D 92 48.61 11.67 -23.55
CA LEU D 92 47.20 11.64 -23.94
C LEU D 92 46.34 11.24 -22.75
N PRO D 93 45.30 12.01 -22.42
CA PRO D 93 44.47 11.66 -21.26
C PRO D 93 43.53 10.50 -21.56
N PHE D 94 43.51 9.52 -20.66
CA PHE D 94 42.62 8.38 -20.77
C PHE D 94 41.25 8.72 -20.17
N ASN D 95 40.29 9.04 -21.04
CA ASN D 95 38.98 9.48 -20.55
C ASN D 95 38.11 8.28 -20.14
N ASP D 96 37.81 7.41 -21.10
CA ASP D 96 36.98 6.25 -20.80
C ASP D 96 37.38 5.05 -21.67
N GLY D 97 38.49 5.19 -22.39
CA GLY D 97 38.92 4.12 -23.27
C GLY D 97 40.05 4.59 -24.17
N VAL D 98 40.41 3.73 -25.12
CA VAL D 98 41.47 4.05 -26.06
C VAL D 98 41.20 3.32 -27.38
N TYR D 99 41.82 3.80 -28.46
CA TYR D 99 41.67 3.18 -29.77
C TYR D 99 43.04 2.93 -30.43
N PHE D 100 43.97 2.31 -29.71
CA PHE D 100 45.28 2.01 -30.24
C PHE D 100 45.19 1.02 -31.40
N ALA D 101 45.53 1.50 -32.61
CA ALA D 101 45.40 0.72 -33.83
C ALA D 101 46.70 0.86 -34.64
N SER D 102 47.82 0.64 -33.95
CA SER D 102 49.13 0.78 -34.58
C SER D 102 49.30 -0.21 -35.72
N THR D 103 50.27 0.10 -36.59
CA THR D 103 50.61 -0.75 -37.74
C THR D 103 52.12 -0.94 -37.73
N GLU D 104 52.56 -2.12 -37.32
CA GLU D 104 53.98 -2.44 -37.20
C GLU D 104 54.28 -3.74 -37.96
N LYS D 105 55.57 -4.07 -38.03
CA LYS D 105 56.01 -5.33 -38.62
C LYS D 105 56.69 -6.27 -37.63
N SER D 106 57.73 -5.83 -36.91
CA SER D 106 58.34 -6.66 -35.89
C SER D 106 58.17 -6.03 -34.52
N ASN D 107 58.58 -4.77 -34.39
CA ASN D 107 58.41 -4.04 -33.14
C ASN D 107 58.52 -2.53 -33.35
N ILE D 108 57.44 -1.80 -33.09
CA ILE D 108 57.48 -0.35 -33.13
C ILE D 108 57.08 0.25 -31.79
N ILE D 109 55.86 -0.02 -31.34
CA ILE D 109 55.35 0.45 -30.06
C ILE D 109 55.07 -0.77 -29.20
N ARG D 110 55.92 -1.01 -28.21
CA ARG D 110 55.78 -2.18 -27.33
C ARG D 110 55.62 -1.68 -25.90
N GLY D 111 54.37 -1.44 -25.51
CA GLY D 111 54.08 -0.96 -24.17
C GLY D 111 52.84 -0.09 -24.11
N TRP D 112 52.00 -0.32 -23.09
CA TRP D 112 50.77 0.44 -22.90
C TRP D 112 50.66 0.85 -21.43
N ILE D 113 51.73 1.44 -20.92
CA ILE D 113 51.80 1.83 -19.51
C ILE D 113 50.76 2.91 -19.23
N PHE D 114 49.79 2.59 -18.39
CA PHE D 114 48.77 3.53 -17.97
C PHE D 114 49.20 4.24 -16.69
N GLY D 115 48.49 5.32 -16.37
CA GLY D 115 48.77 6.07 -15.17
C GLY D 115 48.57 7.57 -15.32
N THR D 116 48.17 8.24 -14.24
CA THR D 116 47.86 9.67 -14.30
C THR D 116 49.10 10.54 -14.07
N THR D 117 49.75 10.37 -12.92
CA THR D 117 50.94 11.15 -12.55
C THR D 117 52.07 10.18 -12.28
N LEU D 118 52.97 10.02 -13.24
CA LEU D 118 54.03 9.01 -13.15
C LEU D 118 55.29 9.57 -12.53
N ASP D 119 55.17 10.22 -11.37
CA ASP D 119 56.36 10.70 -10.67
C ASP D 119 56.72 9.81 -9.49
N SER D 120 55.85 9.76 -8.47
CA SER D 120 56.10 8.88 -7.35
C SER D 120 54.83 8.24 -6.78
N LYS D 121 53.65 8.47 -7.37
CA LYS D 121 52.40 8.04 -6.74
C LYS D 121 51.45 7.39 -7.74
N THR D 122 51.94 6.46 -8.56
CA THR D 122 51.10 5.76 -9.53
C THR D 122 51.55 4.32 -9.67
N GLN D 123 50.61 3.40 -9.57
CA GLN D 123 50.92 2.00 -9.77
C GLN D 123 51.22 1.71 -11.23
N SER D 124 52.27 0.92 -11.47
CA SER D 124 52.66 0.58 -12.83
C SER D 124 51.62 -0.32 -13.48
N LEU D 125 51.43 -0.14 -14.78
CA LEU D 125 50.52 -0.95 -15.56
C LEU D 125 51.19 -1.33 -16.89
N LEU D 126 52.43 -1.80 -16.79
CA LEU D 126 53.18 -2.21 -17.97
C LEU D 126 52.49 -3.39 -18.65
N ILE D 127 52.27 -3.28 -19.96
CA ILE D 127 51.67 -4.35 -20.74
C ILE D 127 52.64 -4.74 -21.85
N VAL D 128 53.94 -4.64 -21.56
CA VAL D 128 54.96 -4.98 -22.54
C VAL D 128 54.85 -6.46 -22.91
N ASN D 129 54.93 -6.74 -24.20
CA ASN D 129 54.82 -8.11 -24.72
C ASN D 129 56.05 -8.40 -25.60
N ASN D 130 57.13 -8.85 -24.97
CA ASN D 130 58.34 -9.17 -25.69
C ASN D 130 58.31 -10.63 -26.16
N ALA D 131 59.44 -11.11 -26.65
CA ALA D 131 59.49 -12.46 -27.22
C ALA D 131 59.38 -13.55 -26.16
N THR D 132 59.77 -13.26 -24.91
CA THR D 132 59.73 -14.30 -23.88
C THR D 132 58.32 -14.49 -23.34
N ASN D 133 57.73 -13.45 -22.74
CA ASN D 133 56.40 -13.56 -22.16
C ASN D 133 55.79 -12.17 -21.93
N VAL D 134 54.60 -12.14 -21.33
CA VAL D 134 53.91 -10.89 -21.03
C VAL D 134 54.38 -10.38 -19.68
N VAL D 135 54.56 -9.07 -19.57
CA VAL D 135 55.13 -8.47 -18.37
C VAL D 135 54.08 -7.64 -17.63
N ILE D 136 52.83 -8.07 -17.72
CA ILE D 136 51.75 -7.38 -16.99
C ILE D 136 52.05 -7.42 -15.50
N LYS D 137 52.16 -6.25 -14.89
CA LYS D 137 52.50 -6.14 -13.48
C LYS D 137 51.93 -4.84 -12.93
N VAL D 138 51.40 -4.90 -11.71
CA VAL D 138 50.82 -3.73 -11.06
C VAL D 138 51.68 -3.28 -9.88
N CYS D 139 52.95 -3.66 -9.87
CA CYS D 139 53.84 -3.33 -8.76
C CYS D 139 54.02 -1.83 -8.63
N GLU D 140 54.00 -1.34 -7.39
CA GLU D 140 54.23 0.07 -7.13
C GLU D 140 55.73 0.32 -6.96
N PHE D 141 56.25 1.31 -7.70
CA PHE D 141 57.66 1.65 -7.63
C PHE D 141 57.84 3.07 -8.12
N GLN D 142 59.10 3.51 -8.18
CA GLN D 142 59.45 4.84 -8.67
C GLN D 142 59.17 4.89 -10.17
N PHE D 143 58.14 5.62 -10.56
CA PHE D 143 57.76 5.70 -11.96
C PHE D 143 58.71 6.59 -12.74
N CYS D 144 59.09 6.14 -13.93
CA CYS D 144 60.00 6.87 -14.79
C CYS D 144 59.22 7.77 -15.76
N ASN D 145 59.94 8.69 -16.40
CA ASN D 145 59.36 9.62 -17.35
C ASN D 145 59.98 9.49 -18.74
N ASP D 146 60.77 8.45 -18.98
CA ASP D 146 61.41 8.27 -20.27
C ASP D 146 60.40 7.75 -21.29
N PRO D 147 60.19 8.44 -22.41
CA PRO D 147 59.22 7.96 -23.41
C PRO D 147 59.77 6.78 -24.21
N PHE D 148 61.07 6.57 -24.15
CA PHE D 148 61.72 5.47 -24.85
C PHE D 148 62.13 4.40 -23.84
N LEU D 149 61.97 3.13 -24.23
CA LEU D 149 62.33 2.03 -23.33
C LEU D 149 63.83 2.04 -23.02
N ASP D 150 64.66 1.77 -24.03
CA ASP D 150 66.11 1.88 -23.85
C ASP D 150 66.69 2.95 -24.75
N VAL D 151 66.49 2.81 -26.06
CA VAL D 151 66.91 3.80 -27.06
C VAL D 151 66.27 3.39 -28.38
N TYR D 152 65.97 4.38 -29.22
CA TYR D 152 65.34 4.09 -30.51
C TYR D 152 66.28 3.42 -31.50
N GLN D 153 67.58 3.70 -31.41
CA GLN D 153 68.56 3.11 -32.32
C GLN D 153 69.13 1.82 -31.73
N LYS D 154 70.26 1.37 -32.25
CA LYS D 154 70.96 0.19 -31.74
C LYS D 154 70.07 -1.05 -31.77
N ASN D 155 69.70 -1.48 -32.98
CA ASN D 155 68.86 -2.65 -33.17
C ASN D 155 69.67 -3.94 -33.21
N ASN D 156 70.87 -3.94 -32.65
CA ASN D 156 71.73 -5.12 -32.62
C ASN D 156 71.21 -6.10 -31.56
N LYS D 157 71.45 -7.39 -31.79
CA LYS D 157 71.01 -8.43 -30.88
C LYS D 157 72.07 -8.83 -29.86
N SER D 158 73.20 -8.13 -29.82
CA SER D 158 74.25 -8.44 -28.85
C SER D 158 73.89 -8.04 -27.43
N TRP D 159 72.90 -7.18 -27.25
CA TRP D 159 72.44 -6.75 -25.95
C TRP D 159 71.26 -7.59 -25.49
N MET D 160 70.64 -7.16 -24.39
CA MET D 160 69.47 -7.85 -23.84
C MET D 160 68.34 -7.88 -24.85
N GLU D 161 67.44 -8.85 -24.72
CA GLU D 161 66.33 -9.01 -25.66
C GLU D 161 65.36 -7.83 -25.62
N SER D 162 65.30 -7.08 -24.50
CA SER D 162 64.41 -5.94 -24.42
C SER D 162 65.12 -4.72 -23.83
N GLU D 163 66.21 -4.92 -23.10
CA GLU D 163 66.99 -3.83 -22.51
C GLU D 163 66.14 -2.95 -21.61
N PHE D 164 65.73 -3.48 -20.46
CA PHE D 164 64.85 -2.75 -19.54
C PHE D 164 65.61 -1.65 -18.81
N ARG D 165 65.86 -0.53 -19.48
CA ARG D 165 66.52 0.61 -18.88
C ARG D 165 65.55 1.50 -18.10
N VAL D 166 64.24 1.33 -18.28
CA VAL D 166 63.27 2.09 -17.51
C VAL D 166 63.18 1.63 -16.07
N TYR D 167 63.71 0.46 -15.74
CA TYR D 167 63.71 -0.03 -14.37
C TYR D 167 64.65 0.82 -13.53
N SER D 168 64.07 1.65 -12.65
CA SER D 168 64.86 2.54 -11.81
C SER D 168 65.10 1.84 -10.48
N SER D 169 64.06 1.47 -9.74
CA SER D 169 64.21 0.81 -8.45
C SER D 169 62.93 0.05 -8.14
N ALA D 170 63.08 -1.20 -7.72
CA ALA D 170 61.91 -2.02 -7.39
C ALA D 170 61.48 -1.78 -5.95
N ASN D 171 60.18 -1.85 -5.70
CA ASN D 171 59.64 -1.68 -4.36
C ASN D 171 58.61 -2.76 -4.05
N ASN D 172 57.89 -2.62 -2.95
CA ASN D 172 56.88 -3.60 -2.57
C ASN D 172 55.76 -3.64 -3.62
N CYS D 173 55.41 -4.85 -4.04
CA CYS D 173 54.41 -5.05 -5.07
C CYS D 173 53.07 -5.46 -4.47
N THR D 174 52.05 -5.51 -5.31
CA THR D 174 50.71 -5.91 -4.91
C THR D 174 50.19 -7.13 -5.66
N PHE D 175 50.39 -7.19 -6.98
CA PHE D 175 49.90 -8.29 -7.79
C PHE D 175 50.73 -8.35 -9.06
N GLU D 176 50.79 -9.56 -9.64
CA GLU D 176 51.52 -9.77 -10.89
C GLU D 176 50.77 -10.80 -11.73
N TYR D 177 50.98 -10.72 -13.04
CA TYR D 177 50.32 -11.63 -13.98
C TYR D 177 51.32 -11.97 -15.08
N VAL D 178 51.77 -13.22 -15.10
CA VAL D 178 52.68 -13.71 -16.13
C VAL D 178 51.87 -14.58 -17.08
N SER D 179 51.58 -14.06 -18.27
CA SER D 179 50.77 -14.75 -19.27
C SER D 179 51.69 -15.34 -20.33
N GLN D 180 51.56 -16.64 -20.56
CA GLN D 180 52.34 -17.32 -21.58
C GLN D 180 51.92 -16.90 -22.99
N PRO D 181 50.60 -16.86 -23.32
CA PRO D 181 50.22 -16.39 -24.66
C PRO D 181 50.50 -14.91 -24.85
N PHE D 182 51.43 -14.59 -25.74
CA PHE D 182 51.78 -13.21 -26.01
C PHE D 182 50.68 -12.53 -26.83
N LEU D 183 50.64 -11.20 -26.78
CA LEU D 183 49.63 -10.43 -27.48
C LEU D 183 50.03 -10.06 -28.90
N MET D 184 51.32 -10.11 -29.23
CA MET D 184 51.82 -9.78 -30.56
C MET D 184 52.35 -11.06 -31.19
N ASP D 185 51.66 -11.55 -32.21
CA ASP D 185 52.02 -12.79 -32.89
C ASP D 185 52.28 -12.50 -34.36
N LEU D 186 53.53 -12.20 -34.68
CA LEU D 186 53.94 -11.94 -36.06
C LEU D 186 55.45 -12.05 -36.21
N GLU D 187 55.91 -12.80 -37.20
CA GLU D 187 57.33 -12.99 -37.46
C GLU D 187 57.76 -12.40 -38.80
N GLY D 188 56.86 -11.73 -39.52
CA GLY D 188 57.19 -11.17 -40.81
C GLY D 188 57.38 -12.18 -41.92
N LYS D 189 56.70 -13.33 -41.85
CA LYS D 189 56.88 -14.35 -42.87
C LYS D 189 56.23 -13.99 -44.20
N GLU D 190 55.37 -12.96 -44.22
CA GLU D 190 54.73 -12.57 -45.46
C GLU D 190 55.72 -11.91 -46.41
N GLY D 191 56.51 -10.96 -45.92
CA GLY D 191 57.55 -10.33 -46.71
C GLY D 191 57.32 -8.85 -46.98
N ASN D 192 56.07 -8.46 -47.25
CA ASN D 192 55.78 -7.07 -47.58
C ASN D 192 54.51 -6.54 -46.91
N PHE D 193 53.79 -7.36 -46.15
CA PHE D 193 52.55 -6.93 -45.53
C PHE D 193 52.72 -6.86 -44.01
N LYS D 194 52.15 -5.80 -43.43
CA LYS D 194 52.20 -5.59 -41.99
C LYS D 194 50.91 -6.11 -41.35
N ASN D 195 50.75 -5.84 -40.06
CA ASN D 195 49.57 -6.25 -39.32
C ASN D 195 49.00 -5.07 -38.53
N LEU D 196 47.71 -5.15 -38.24
CA LEU D 196 47.03 -4.15 -37.44
C LEU D 196 47.09 -4.55 -35.97
N ARG D 197 47.11 -3.55 -35.09
CA ARG D 197 47.35 -3.75 -33.67
C ARG D 197 46.20 -3.15 -32.86
N GLU D 198 44.97 -3.49 -33.24
CA GLU D 198 43.78 -3.04 -32.52
C GLU D 198 43.83 -3.50 -31.06
N PHE D 199 43.93 -2.56 -30.13
CA PHE D 199 44.04 -2.85 -28.71
C PHE D 199 43.15 -1.91 -27.90
N VAL D 200 41.88 -1.83 -28.30
CA VAL D 200 40.91 -0.98 -27.60
C VAL D 200 40.81 -1.44 -26.15
N PHE D 201 41.17 -0.55 -25.22
CA PHE D 201 41.16 -0.83 -23.80
C PHE D 201 40.05 -0.05 -23.12
N LYS D 202 39.75 -0.43 -21.87
CA LYS D 202 38.76 0.24 -21.06
C LYS D 202 38.93 -0.17 -19.61
N ASN D 203 38.57 0.73 -18.71
CA ASN D 203 38.64 0.48 -17.28
C ASN D 203 37.26 0.58 -16.66
N ILE D 204 36.84 -0.50 -15.99
CA ILE D 204 35.54 -0.58 -15.33
C ILE D 204 35.76 -0.61 -13.83
N ASP D 205 34.66 -0.49 -13.08
CA ASP D 205 34.75 -0.50 -11.62
C ASP D 205 35.22 -1.87 -11.12
N GLY D 206 35.05 -2.91 -11.91
CA GLY D 206 35.48 -4.24 -11.52
C GLY D 206 36.78 -4.67 -12.15
N TYR D 207 36.70 -5.50 -13.18
CA TYR D 207 37.87 -6.03 -13.87
C TYR D 207 38.26 -5.12 -15.03
N PHE D 208 39.53 -5.22 -15.44
CA PHE D 208 40.05 -4.45 -16.55
C PHE D 208 39.94 -5.27 -17.83
N LYS D 209 39.29 -4.70 -18.84
CA LYS D 209 39.03 -5.39 -20.10
C LYS D 209 40.11 -5.03 -21.10
N ILE D 210 40.53 -6.03 -21.90
CA ILE D 210 41.52 -5.85 -22.95
C ILE D 210 41.05 -6.63 -24.17
N TYR D 211 40.99 -5.96 -25.31
CA TYR D 211 40.54 -6.56 -26.56
C TYR D 211 41.64 -6.45 -27.61
N SER D 212 41.64 -7.41 -28.53
CA SER D 212 42.64 -7.44 -29.59
C SER D 212 42.12 -8.28 -30.74
N LYS D 213 42.58 -7.97 -31.95
CA LYS D 213 42.17 -8.70 -33.15
C LYS D 213 43.19 -8.45 -34.25
N HIS D 214 43.54 -9.53 -34.96
CA HIS D 214 44.44 -9.45 -36.11
C HIS D 214 43.61 -9.51 -37.39
N THR D 215 43.79 -8.50 -38.24
CA THR D 215 43.03 -8.40 -39.48
C THR D 215 43.97 -8.01 -40.60
N PRO D 216 43.72 -8.47 -41.82
CA PRO D 216 44.59 -8.08 -42.95
C PRO D 216 44.54 -6.58 -43.20
N ILE D 217 45.71 -5.96 -43.18
CA ILE D 217 45.84 -4.52 -43.40
C ILE D 217 46.74 -4.31 -44.62
N ASN D 218 46.48 -5.08 -45.67
CA ASN D 218 47.28 -5.00 -46.89
C ASN D 218 47.26 -3.59 -47.48
N LEU D 219 48.10 -3.39 -48.50
CA LEU D 219 48.34 -2.10 -49.12
C LEU D 219 47.06 -1.29 -49.35
N GLU D 220 47.04 -0.06 -48.81
CA GLU D 220 45.89 0.83 -48.95
C GLU D 220 46.35 2.28 -48.92
N ARG D 221 45.41 3.21 -48.79
CA ARG D 221 45.75 4.63 -48.75
C ARG D 221 45.40 5.15 -47.36
N ASP D 222 44.16 4.98 -46.91
CA ASP D 222 43.73 5.51 -45.61
C ASP D 222 43.47 4.37 -44.63
N LEU D 223 42.93 4.72 -43.47
CA LEU D 223 42.55 3.72 -42.46
C LEU D 223 41.65 2.66 -43.10
N PRO D 224 41.85 1.38 -42.81
CA PRO D 224 41.06 0.34 -43.50
C PRO D 224 39.58 0.42 -43.23
N GLN D 225 38.80 0.68 -44.28
CA GLN D 225 37.34 0.75 -44.16
C GLN D 225 36.74 -0.65 -44.18
N GLY D 226 36.71 -1.31 -43.02
CA GLY D 226 36.17 -2.64 -42.92
C GLY D 226 35.85 -3.04 -41.49
N PHE D 227 34.69 -3.67 -41.30
CA PHE D 227 34.28 -4.04 -39.96
C PHE D 227 35.12 -5.21 -39.44
N SER D 228 35.53 -5.11 -38.17
CA SER D 228 36.30 -6.15 -37.52
C SER D 228 35.93 -6.19 -36.05
N ALA D 229 35.50 -7.35 -35.57
CA ALA D 229 35.11 -7.52 -34.18
C ALA D 229 36.34 -7.75 -33.30
N LEU D 230 36.27 -7.25 -32.08
CA LEU D 230 37.37 -7.33 -31.13
C LEU D 230 36.97 -8.27 -29.99
N GLU D 231 37.67 -9.42 -29.91
CA GLU D 231 37.36 -10.37 -28.84
C GLU D 231 38.25 -10.13 -27.64
N PRO D 232 37.73 -10.35 -26.43
CA PRO D 232 38.55 -10.16 -25.23
C PRO D 232 39.56 -11.27 -25.04
N LEU D 233 40.72 -10.91 -24.48
CA LEU D 233 41.78 -11.87 -24.22
C LEU D 233 42.08 -12.05 -22.74
N VAL D 234 42.19 -10.96 -21.98
CA VAL D 234 42.44 -11.04 -20.54
C VAL D 234 41.46 -10.12 -19.81
N ASP D 235 41.03 -10.55 -18.63
CA ASP D 235 40.08 -9.80 -17.82
C ASP D 235 40.60 -9.72 -16.39
N LEU D 236 41.87 -9.35 -16.24
CA LEU D 236 42.50 -9.32 -14.93
C LEU D 236 41.88 -8.22 -14.06
N PRO D 237 41.79 -8.43 -12.75
CA PRO D 237 41.27 -7.39 -11.86
C PRO D 237 42.22 -6.22 -11.76
N ILE D 238 41.71 -5.12 -11.21
CA ILE D 238 42.48 -3.89 -11.05
C ILE D 238 41.81 -3.05 -9.99
N GLY D 239 42.58 -2.16 -9.37
CA GLY D 239 42.05 -1.33 -8.30
C GLY D 239 42.48 0.11 -8.37
N ILE D 240 43.36 0.44 -9.33
CA ILE D 240 43.83 1.82 -9.47
C ILE D 240 42.89 2.60 -10.37
N ASN D 241 42.60 3.83 -9.97
CA ASN D 241 41.73 4.71 -10.76
C ASN D 241 42.57 5.50 -11.76
N ILE D 242 42.91 4.81 -12.85
CA ILE D 242 43.74 5.42 -13.88
C ILE D 242 42.92 6.41 -14.69
N THR D 243 43.53 7.57 -14.98
CA THR D 243 42.88 8.60 -15.78
C THR D 243 43.72 9.11 -16.94
N ARG D 244 44.93 8.60 -17.14
CA ARG D 244 45.80 9.05 -18.23
C ARG D 244 46.57 7.85 -18.77
N PHE D 245 46.94 7.94 -20.05
CA PHE D 245 47.61 6.84 -20.73
C PHE D 245 48.86 7.36 -21.43
N GLN D 246 49.97 6.65 -21.25
CA GLN D 246 51.25 6.99 -21.84
C GLN D 246 51.74 5.85 -22.72
N THR D 247 52.32 6.20 -23.86
CA THR D 247 52.87 5.22 -24.79
C THR D 247 54.39 5.25 -24.76
N LEU D 248 55.00 4.23 -25.35
CA LEU D 248 56.45 4.10 -25.39
C LEU D 248 56.83 3.22 -26.58
N LEU D 249 57.96 3.55 -27.21
CA LEU D 249 58.44 2.84 -28.37
C LEU D 249 59.76 2.14 -28.04
N ALA D 250 60.04 1.05 -28.76
CA ALA D 250 61.25 0.28 -28.57
C ALA D 250 61.51 -0.56 -29.80
N LEU D 251 62.78 -0.80 -30.10
CA LEU D 251 63.18 -1.62 -31.23
C LEU D 251 63.64 -2.98 -30.73
N HIS D 252 63.17 -4.04 -31.40
CA HIS D 252 63.50 -5.40 -31.00
C HIS D 252 64.90 -5.77 -31.48
N ARG D 253 65.53 -6.69 -30.76
CA ARG D 253 66.87 -7.14 -31.12
C ARG D 253 66.89 -7.94 -32.42
N SER D 254 65.77 -8.53 -32.80
CA SER D 254 65.69 -9.35 -34.01
C SER D 254 65.47 -8.46 -35.24
N TYR D 255 66.51 -7.69 -35.56
CA TYR D 255 66.44 -6.80 -36.71
C TYR D 255 66.58 -7.59 -38.01
N LEU D 256 65.67 -7.34 -38.94
CA LEU D 256 65.65 -8.03 -40.22
C LEU D 256 66.58 -7.35 -41.21
N THR D 257 66.47 -7.76 -42.48
CA THR D 257 67.28 -7.21 -43.56
C THR D 257 66.94 -5.74 -43.76
N PRO D 258 67.88 -4.94 -44.30
CA PRO D 258 67.59 -3.51 -44.51
C PRO D 258 66.43 -3.29 -45.47
N GLY D 259 65.32 -2.80 -44.94
CA GLY D 259 64.12 -2.55 -45.73
C GLY D 259 64.07 -1.17 -46.35
N ASP D 260 64.87 -0.96 -47.41
CA ASP D 260 64.90 0.33 -48.08
C ASP D 260 63.53 0.75 -48.61
N SER D 261 62.64 -0.19 -48.87
CA SER D 261 61.30 0.15 -49.34
C SER D 261 60.46 0.70 -48.20
N SER D 262 59.27 1.21 -48.55
CA SER D 262 58.37 1.77 -47.56
C SER D 262 57.81 0.71 -46.62
N SER D 263 57.58 -0.51 -47.10
CA SER D 263 57.05 -1.59 -46.29
C SER D 263 58.15 -2.46 -45.69
N GLY D 264 59.39 -1.97 -45.64
CA GLY D 264 60.49 -2.74 -45.09
C GLY D 264 60.85 -2.32 -43.68
N TRP D 265 61.93 -1.56 -43.54
CA TRP D 265 62.38 -1.09 -42.24
C TRP D 265 61.32 -0.17 -41.63
N THR D 266 60.69 -0.62 -40.54
CA THR D 266 59.60 0.10 -39.91
C THR D 266 60.06 1.02 -38.78
N ALA D 267 61.31 1.51 -38.86
CA ALA D 267 61.78 2.45 -37.85
C ALA D 267 61.12 3.81 -37.99
N GLY D 268 60.61 4.15 -39.17
CA GLY D 268 59.93 5.41 -39.39
C GLY D 268 58.53 5.23 -39.92
N ALA D 269 57.83 4.21 -39.45
CA ALA D 269 56.46 3.94 -39.89
C ALA D 269 55.56 3.72 -38.68
N ALA D 270 55.74 4.52 -37.63
CA ALA D 270 54.96 4.39 -36.41
C ALA D 270 53.54 4.89 -36.65
N ALA D 271 52.60 4.41 -35.84
CA ALA D 271 51.21 4.84 -35.94
C ALA D 271 50.55 4.84 -34.58
N TYR D 272 50.51 6.00 -33.92
CA TYR D 272 49.94 6.10 -32.59
C TYR D 272 48.53 6.71 -32.65
N TYR D 273 47.53 5.85 -32.86
CA TYR D 273 46.14 6.29 -33.00
C TYR D 273 45.50 6.28 -31.62
N VAL D 274 44.89 7.41 -31.25
CA VAL D 274 44.18 7.55 -29.98
C VAL D 274 42.74 7.93 -30.26
N GLY D 275 41.81 7.19 -29.68
CA GLY D 275 40.40 7.48 -29.82
C GLY D 275 39.63 7.30 -28.54
N TYR D 276 38.91 8.33 -28.11
CA TYR D 276 38.19 8.29 -26.85
C TYR D 276 36.82 7.65 -27.05
N LEU D 277 36.40 6.87 -26.05
CA LEU D 277 35.11 6.21 -26.07
C LEU D 277 34.08 7.06 -25.31
N GLN D 278 32.81 6.68 -25.45
CA GLN D 278 31.72 7.37 -24.77
C GLN D 278 30.53 6.43 -24.71
N PRO D 279 29.65 6.59 -23.71
CA PRO D 279 28.49 5.70 -23.61
C PRO D 279 27.51 5.88 -24.76
N ARG D 280 27.33 4.81 -25.55
CA ARG D 280 26.41 4.85 -26.68
C ARG D 280 25.67 3.52 -26.75
N THR D 281 24.70 3.45 -27.66
CA THR D 281 23.91 2.24 -27.90
C THR D 281 24.24 1.74 -29.29
N PHE D 282 24.51 0.44 -29.41
CA PHE D 282 24.84 -0.17 -30.69
C PHE D 282 23.99 -1.41 -30.91
N LEU D 283 23.69 -1.67 -32.18
CA LEU D 283 22.91 -2.83 -32.60
C LEU D 283 23.84 -3.78 -33.35
N LEU D 284 24.23 -4.87 -32.68
CA LEU D 284 25.16 -5.82 -33.24
C LEU D 284 24.42 -6.96 -33.92
N LYS D 285 24.83 -7.28 -35.14
CA LYS D 285 24.27 -8.39 -35.90
C LYS D 285 25.24 -9.57 -35.88
N TYR D 286 24.77 -10.71 -35.38
CA TYR D 286 25.59 -11.91 -35.27
C TYR D 286 25.33 -12.83 -36.46
N ASN D 287 26.40 -13.39 -37.02
CA ASN D 287 26.29 -14.30 -38.13
C ASN D 287 25.92 -15.70 -37.64
N GLU D 288 25.72 -16.62 -38.59
CA GLU D 288 25.38 -18.00 -38.22
C GLU D 288 26.53 -18.68 -37.49
N ASN D 289 27.76 -18.21 -37.68
CA ASN D 289 28.91 -18.74 -36.97
C ASN D 289 29.12 -18.07 -35.61
N GLY D 290 28.32 -17.06 -35.28
CA GLY D 290 28.45 -16.37 -34.00
C GLY D 290 29.34 -15.15 -34.02
N THR D 291 29.73 -14.67 -35.20
CA THR D 291 30.58 -13.50 -35.32
C THR D 291 29.75 -12.29 -35.74
N ILE D 292 30.29 -11.10 -35.48
CA ILE D 292 29.61 -9.85 -35.79
C ILE D 292 30.10 -9.36 -37.15
N THR D 293 29.17 -8.99 -38.03
CA THR D 293 29.52 -8.52 -39.36
C THR D 293 29.42 -7.01 -39.51
N ASP D 294 28.45 -6.38 -38.84
CA ASP D 294 28.29 -4.93 -38.93
C ASP D 294 27.44 -4.47 -37.75
N ALA D 295 27.43 -3.15 -37.54
CA ALA D 295 26.70 -2.56 -36.43
C ALA D 295 26.17 -1.20 -36.84
N VAL D 296 25.31 -0.64 -35.99
CA VAL D 296 24.71 0.66 -36.21
C VAL D 296 24.97 1.54 -34.99
N ASP D 297 25.35 2.79 -35.24
CA ASP D 297 25.68 3.72 -34.16
C ASP D 297 24.47 4.13 -33.34
N CYS D 298 23.28 4.15 -33.94
CA CYS D 298 22.01 4.38 -33.25
C CYS D 298 21.87 5.84 -32.79
N ALA D 299 22.94 6.63 -32.94
CA ALA D 299 22.90 8.02 -32.52
C ALA D 299 23.64 8.93 -33.50
N LEU D 300 24.04 8.38 -34.65
CA LEU D 300 24.81 9.14 -35.61
C LEU D 300 23.89 9.90 -36.56
N ASP D 301 23.05 9.18 -37.29
CA ASP D 301 22.17 9.73 -38.30
C ASP D 301 20.72 9.37 -37.99
N PRO D 302 19.76 10.09 -38.57
CA PRO D 302 18.36 9.69 -38.40
C PRO D 302 18.08 8.29 -38.94
N LEU D 303 18.77 7.89 -40.01
CA LEU D 303 18.64 6.51 -40.49
C LEU D 303 19.13 5.52 -39.46
N SER D 304 20.17 5.88 -38.70
CA SER D 304 20.62 5.04 -37.61
C SER D 304 19.58 4.92 -36.51
N GLU D 305 18.93 6.02 -36.14
CA GLU D 305 17.83 5.94 -35.18
C GLU D 305 16.66 5.11 -35.69
N THR D 306 16.37 5.16 -37.00
CA THR D 306 15.34 4.31 -37.56
C THR D 306 15.71 2.84 -37.53
N LYS D 307 16.93 2.48 -37.91
CA LYS D 307 17.43 1.12 -37.80
C LYS D 307 17.54 0.65 -36.35
N CYS D 308 17.63 1.58 -35.40
CA CYS D 308 17.72 1.25 -33.99
C CYS D 308 16.36 1.04 -33.34
N THR D 309 15.36 1.85 -33.69
CA THR D 309 14.02 1.65 -33.16
C THR D 309 13.42 0.35 -33.66
N LEU D 310 13.25 0.23 -34.97
CA LEU D 310 12.87 -1.04 -35.59
C LEU D 310 14.13 -1.87 -35.73
N LYS D 311 14.20 -2.96 -34.97
CA LYS D 311 15.42 -3.74 -34.90
C LYS D 311 15.65 -4.51 -36.19
N SER D 312 16.29 -3.86 -37.16
CA SER D 312 16.61 -4.47 -38.45
C SER D 312 17.71 -3.65 -39.11
N PHE D 313 18.15 -4.11 -40.28
CA PHE D 313 19.18 -3.43 -41.05
C PHE D 313 18.70 -3.03 -42.44
N THR D 314 17.40 -3.20 -42.73
CA THR D 314 16.83 -2.82 -44.00
C THR D 314 15.50 -2.12 -43.74
N VAL D 315 15.54 -0.79 -43.71
CA VAL D 315 14.34 0.01 -43.45
C VAL D 315 13.49 0.07 -44.70
N GLU D 316 12.20 -0.17 -44.54
CA GLU D 316 11.26 -0.14 -45.66
C GLU D 316 10.92 1.31 -45.99
N LYS D 317 10.04 1.51 -46.97
CA LYS D 317 9.65 2.83 -47.41
C LYS D 317 8.46 3.31 -46.58
N GLY D 318 8.64 4.40 -45.85
CA GLY D 318 7.58 4.95 -45.03
C GLY D 318 8.13 5.84 -43.94
N ILE D 319 7.21 6.33 -43.12
CA ILE D 319 7.53 7.21 -41.99
C ILE D 319 7.48 6.39 -40.71
N TYR D 320 8.46 6.61 -39.83
CA TYR D 320 8.58 5.84 -38.59
C TYR D 320 8.88 6.79 -37.44
N GLN D 321 8.20 6.57 -36.31
CA GLN D 321 8.41 7.38 -35.11
C GLN D 321 9.64 6.86 -34.38
N THR D 322 10.72 7.64 -34.40
CA THR D 322 11.97 7.21 -33.76
C THR D 322 12.04 7.66 -32.31
N SER D 323 11.96 8.98 -32.09
CA SER D 323 12.05 9.52 -30.74
C SER D 323 11.22 10.79 -30.59
N ASN D 324 11.43 11.51 -29.49
CA ASN D 324 10.69 12.74 -29.23
C ASN D 324 11.67 13.88 -29.04
N PHE D 325 11.20 15.09 -29.32
CA PHE D 325 12.00 16.30 -29.20
C PHE D 325 11.48 17.16 -28.06
N ARG D 326 12.42 17.77 -27.33
CA ARG D 326 12.09 18.61 -26.19
C ARG D 326 13.08 19.76 -26.07
N VAL D 327 12.59 21.00 -26.18
CA VAL D 327 13.45 22.16 -26.04
C VAL D 327 13.94 22.24 -24.61
N GLN D 328 15.26 22.29 -24.43
CA GLN D 328 15.83 22.35 -23.11
C GLN D 328 15.82 23.78 -22.59
N PRO D 329 15.60 23.97 -21.27
CA PRO D 329 15.60 25.33 -20.71
C PRO D 329 16.94 26.04 -20.92
N THR D 330 16.90 27.18 -21.61
CA THR D 330 18.12 27.93 -21.90
C THR D 330 18.68 28.57 -20.64
N GLU D 331 17.90 29.43 -20.00
CA GLU D 331 18.33 30.12 -18.80
C GLU D 331 17.49 29.65 -17.62
N SER D 332 17.77 30.17 -16.42
CA SER D 332 17.00 29.85 -15.23
C SER D 332 16.71 31.14 -14.48
N ILE D 333 15.43 31.47 -14.32
CA ILE D 333 15.01 32.73 -13.74
C ILE D 333 14.28 32.46 -12.43
N VAL D 334 14.36 33.43 -11.52
CA VAL D 334 13.70 33.35 -10.22
C VAL D 334 13.36 34.78 -9.78
N ARG D 335 12.10 35.04 -9.52
CA ARG D 335 11.65 36.33 -9.01
C ARG D 335 10.83 36.12 -7.74
N PHE D 336 11.45 36.40 -6.60
CA PHE D 336 10.77 36.32 -5.32
C PHE D 336 9.78 37.48 -5.17
N PRO D 337 9.00 37.51 -4.06
CA PRO D 337 8.16 38.68 -3.78
C PRO D 337 8.87 40.02 -3.91
N ASN D 338 8.10 41.10 -4.03
CA ASN D 338 8.65 42.42 -4.31
C ASN D 338 9.70 42.81 -3.29
N ILE D 339 10.52 43.80 -3.67
CA ILE D 339 11.65 44.25 -2.87
C ILE D 339 11.22 44.56 -1.44
N THR D 340 12.00 44.11 -0.48
CA THR D 340 11.67 44.33 0.93
C THR D 340 11.83 45.80 1.29
N ASN D 341 11.38 46.16 2.49
CA ASN D 341 11.53 47.52 2.97
C ASN D 341 12.99 47.92 3.03
N LEU D 342 13.28 49.12 2.55
CA LEU D 342 14.65 49.62 2.51
C LEU D 342 15.17 49.81 3.93
N CYS D 343 16.33 49.22 4.22
CA CYS D 343 16.93 49.33 5.54
C CYS D 343 17.28 50.78 5.84
N PRO D 344 17.42 51.14 7.12
CA PRO D 344 17.69 52.54 7.47
C PRO D 344 19.09 53.01 7.05
N PHE D 345 19.36 52.95 5.74
CA PHE D 345 20.59 53.51 5.21
C PHE D 345 20.45 54.99 4.85
N HIS D 346 19.22 55.46 4.66
CA HIS D 346 19.00 56.87 4.40
C HIS D 346 19.34 57.70 5.63
N GLU D 347 19.58 59.00 5.40
CA GLU D 347 19.95 59.98 6.42
C GLU D 347 21.34 59.69 6.99
N VAL D 348 21.96 58.60 6.55
CA VAL D 348 23.31 58.23 6.96
C VAL D 348 24.26 58.66 5.85
N PHE D 349 23.78 58.63 4.61
CA PHE D 349 24.56 59.07 3.46
C PHE D 349 24.08 60.40 2.90
N ASN D 350 22.90 60.87 3.29
CA ASN D 350 22.39 62.15 2.79
C ASN D 350 21.41 62.70 3.84
N ALA D 351 21.86 63.68 4.60
CA ALA D 351 21.06 64.31 5.64
C ALA D 351 21.37 65.80 5.67
N THR D 352 20.91 66.46 6.73
CA THR D 352 21.11 67.90 6.86
C THR D 352 22.56 68.22 7.19
N THR D 353 23.04 67.74 8.33
CA THR D 353 24.40 68.01 8.77
C THR D 353 24.87 66.90 9.69
N PHE D 354 26.02 66.32 9.39
CA PHE D 354 26.59 65.27 10.21
C PHE D 354 27.45 65.86 11.32
N ALA D 355 27.51 65.15 12.44
CA ALA D 355 28.29 65.60 13.58
C ALA D 355 29.78 65.30 13.36
N SER D 356 30.61 65.96 14.16
CA SER D 356 32.05 65.78 14.05
C SER D 356 32.48 64.51 14.78
N VAL D 357 33.80 64.33 14.90
CA VAL D 357 34.35 63.16 15.60
C VAL D 357 34.16 63.26 17.11
N TYR D 358 33.70 64.40 17.62
CA TYR D 358 33.44 64.53 19.05
C TYR D 358 32.16 63.81 19.46
N ALA D 359 31.10 63.97 18.66
CA ALA D 359 29.81 63.35 18.93
C ALA D 359 29.33 62.58 17.71
N TRP D 360 30.21 61.74 17.16
CA TRP D 360 29.85 60.94 16.00
C TRP D 360 28.71 59.99 16.34
N ASN D 361 27.60 60.14 15.61
CA ASN D 361 26.41 59.35 15.90
C ASN D 361 26.58 57.91 15.42
N ARG D 362 25.83 57.02 16.04
CA ARG D 362 25.82 55.61 15.69
C ARG D 362 24.42 55.19 15.28
N LYS D 363 24.31 54.41 14.21
CA LYS D 363 23.03 53.97 13.68
C LYS D 363 23.14 52.49 13.34
N ARG D 364 22.51 51.65 14.15
CA ARG D 364 22.51 50.21 13.92
C ARG D 364 21.33 49.81 13.04
N ILE D 365 21.54 48.79 12.22
CA ILE D 365 20.52 48.29 11.29
C ILE D 365 20.36 46.79 11.53
N SER D 366 19.14 46.37 11.84
CA SER D 366 18.85 44.96 12.08
C SER D 366 17.48 44.64 11.52
N ASN D 367 17.20 43.34 11.41
CA ASN D 367 15.92 42.84 10.89
C ASN D 367 15.64 43.38 9.49
N CYS D 368 16.68 43.46 8.67
CA CYS D 368 16.55 43.97 7.32
C CYS D 368 17.75 43.51 6.49
N VAL D 369 17.48 43.06 5.27
CA VAL D 369 18.52 42.58 4.37
C VAL D 369 19.22 43.80 3.78
N ALA D 370 20.45 44.04 4.19
CA ALA D 370 21.20 45.23 3.76
C ALA D 370 21.51 45.13 2.27
N ASP D 371 20.86 45.98 1.47
CA ASP D 371 21.11 46.03 0.04
C ASP D 371 22.13 47.12 -0.25
N TYR D 372 23.30 46.72 -0.74
CA TYR D 372 24.39 47.64 -1.02
C TYR D 372 24.41 48.13 -2.46
N SER D 373 23.28 48.08 -3.16
CA SER D 373 23.21 48.52 -4.53
C SER D 373 22.87 50.00 -4.66
N VAL D 374 22.12 50.55 -3.70
CA VAL D 374 21.75 51.97 -3.75
C VAL D 374 22.85 52.88 -3.25
N ILE D 375 23.92 52.33 -2.67
CA ILE D 375 25.01 53.17 -2.16
C ILE D 375 25.77 53.82 -3.31
N TYR D 376 25.98 53.08 -4.40
CA TYR D 376 26.71 53.61 -5.55
C TYR D 376 25.96 54.69 -6.29
N ASN D 377 24.66 54.86 -6.04
CA ASN D 377 23.84 55.85 -6.73
C ASN D 377 23.63 57.11 -5.91
N PHE D 378 24.47 57.34 -4.90
CA PHE D 378 24.34 58.53 -4.05
C PHE D 378 25.23 59.67 -4.55
N ALA D 379 26.53 59.43 -4.63
CA ALA D 379 27.48 60.45 -5.04
C ALA D 379 28.79 59.77 -5.43
N PRO D 380 29.57 60.37 -6.31
CA PRO D 380 30.88 59.78 -6.66
C PRO D 380 31.79 59.70 -5.44
N PHE D 381 32.24 58.49 -5.14
CA PHE D 381 33.08 58.24 -3.97
C PHE D 381 34.54 58.52 -4.28
N PHE D 382 35.33 58.67 -3.22
CA PHE D 382 36.75 58.96 -3.32
C PHE D 382 37.63 57.73 -3.12
N ALA D 383 37.28 56.86 -2.18
CA ALA D 383 38.08 55.67 -1.90
C ALA D 383 37.14 54.57 -1.40
N PHE D 384 36.79 53.65 -2.31
CA PHE D 384 35.94 52.52 -1.97
C PHE D 384 36.78 51.28 -1.67
N LYS D 385 37.46 51.33 -0.51
CA LYS D 385 38.38 50.28 -0.10
C LYS D 385 37.83 49.59 1.14
N CYS D 386 37.16 48.46 0.95
CA CYS D 386 36.67 47.64 2.05
C CYS D 386 37.80 46.73 2.51
N TYR D 387 38.27 46.92 3.74
CA TYR D 387 39.43 46.20 4.25
C TYR D 387 39.08 44.83 4.81
N GLY D 388 37.81 44.44 4.83
CA GLY D 388 37.45 43.16 5.39
C GLY D 388 36.87 42.17 4.40
N VAL D 389 36.14 42.68 3.40
CA VAL D 389 35.51 41.84 2.39
C VAL D 389 35.64 42.52 1.04
N SER D 390 35.34 41.76 -0.01
CA SER D 390 35.37 42.31 -1.37
C SER D 390 34.07 43.08 -1.64
N PRO D 391 34.15 44.18 -2.39
CA PRO D 391 32.93 44.96 -2.66
C PRO D 391 31.85 44.17 -3.39
N THR D 392 32.23 43.20 -4.20
CA THR D 392 31.27 42.37 -4.93
C THR D 392 30.85 41.12 -4.13
N LYS D 393 31.15 41.08 -2.84
CA LYS D 393 30.81 39.93 -2.00
C LYS D 393 29.92 40.31 -0.82
N LEU D 394 29.36 41.52 -0.81
CA LEU D 394 28.50 41.91 0.30
C LEU D 394 27.16 41.20 0.25
N ASN D 395 26.64 40.93 -0.95
CA ASN D 395 25.35 40.26 -1.09
C ASN D 395 25.46 38.75 -0.98
N ASP D 396 26.65 38.21 -0.76
CA ASP D 396 26.84 36.76 -0.63
C ASP D 396 27.10 36.34 0.81
N LEU D 397 27.08 37.27 1.76
CA LEU D 397 27.29 36.97 3.17
C LEU D 397 26.14 37.48 4.00
N CYS D 398 25.86 36.77 5.09
CA CYS D 398 24.76 37.12 5.99
C CYS D 398 25.31 37.84 7.22
N PHE D 399 24.75 39.01 7.50
CA PHE D 399 25.15 39.82 8.64
C PHE D 399 23.99 39.92 9.64
N THR D 400 24.34 40.19 10.90
CA THR D 400 23.35 40.30 11.95
C THR D 400 22.92 41.74 12.20
N ASN D 401 23.89 42.62 12.41
CA ASN D 401 23.58 44.04 12.67
C ASN D 401 24.79 44.87 12.30
N VAL D 402 24.62 45.82 11.38
CA VAL D 402 25.69 46.70 10.92
C VAL D 402 25.54 48.05 11.61
N TYR D 403 26.63 48.54 12.18
CA TYR D 403 26.65 49.83 12.86
C TYR D 403 27.20 50.88 11.89
N ALA D 404 26.37 51.88 11.58
CA ALA D 404 26.74 52.96 10.67
C ALA D 404 27.13 54.19 11.46
N ASP D 405 28.40 54.58 11.36
CA ASP D 405 28.93 55.74 12.06
C ASP D 405 29.37 56.78 11.03
N SER D 406 28.75 57.96 11.08
CA SER D 406 29.03 59.04 10.15
C SER D 406 29.69 60.20 10.88
N PHE D 407 30.68 60.81 10.22
CA PHE D 407 31.40 61.93 10.78
C PHE D 407 32.12 62.66 9.66
N VAL D 408 32.23 63.99 9.80
CA VAL D 408 32.89 64.84 8.83
C VAL D 408 34.28 65.18 9.34
N ILE D 409 35.28 65.01 8.47
CA ILE D 409 36.67 65.26 8.81
C ILE D 409 37.28 66.17 7.76
N ARG D 410 38.56 66.46 7.91
CA ARG D 410 39.27 67.32 6.98
C ARG D 410 39.57 66.56 5.69
N GLY D 411 39.96 67.31 4.65
CA GLY D 411 40.20 66.74 3.34
C GLY D 411 41.54 66.06 3.15
N ASN D 412 42.44 66.14 4.12
CA ASN D 412 43.76 65.52 4.02
C ASN D 412 43.91 64.33 4.96
N GLU D 413 42.83 63.89 5.61
CA GLU D 413 42.86 62.76 6.52
C GLU D 413 41.90 61.66 6.08
N VAL D 414 41.70 61.51 4.78
CA VAL D 414 40.79 60.48 4.27
C VAL D 414 41.39 59.09 4.50
N SER D 415 42.70 58.95 4.37
CA SER D 415 43.37 57.66 4.53
C SER D 415 43.95 57.46 5.93
N GLN D 416 43.81 58.45 6.81
CA GLN D 416 44.35 58.30 8.17
C GLN D 416 43.52 57.34 9.00
N ILE D 417 42.22 57.26 8.75
CA ILE D 417 41.33 56.35 9.47
C ILE D 417 41.38 55.02 8.73
N ALA D 418 42.37 54.20 9.07
CA ALA D 418 42.58 52.91 8.44
C ALA D 418 43.13 51.94 9.48
N PRO D 419 42.87 50.64 9.33
CA PRO D 419 43.43 49.67 10.28
C PRO D 419 44.95 49.70 10.30
N GLY D 420 45.51 50.03 11.46
CA GLY D 420 46.94 50.12 11.62
C GLY D 420 47.53 51.40 11.06
N GLN D 421 47.10 52.54 11.62
CA GLN D 421 47.59 53.84 11.18
C GLN D 421 47.63 54.77 12.38
N THR D 422 48.77 55.43 12.59
CA THR D 422 48.95 56.34 13.72
C THR D 422 48.83 57.77 13.20
N GLY D 423 47.62 58.32 13.29
CA GLY D 423 47.37 59.68 12.85
C GLY D 423 46.98 60.59 13.99
N ASN D 424 47.11 61.91 13.77
CA ASN D 424 46.76 62.87 14.82
C ASN D 424 45.25 62.91 15.07
N ILE D 425 44.45 62.58 14.06
CA ILE D 425 43.00 62.45 14.23
C ILE D 425 42.57 60.98 14.22
N ALA D 426 43.52 60.05 14.13
CA ALA D 426 43.21 58.63 14.17
C ALA D 426 43.61 57.97 15.47
N ASP D 427 44.36 58.65 16.33
CA ASP D 427 44.79 58.10 17.62
C ASP D 427 44.02 58.70 18.79
N TYR D 428 43.78 60.01 18.78
CA TYR D 428 43.03 60.69 19.84
C TYR D 428 41.55 60.87 19.47
N ASN D 429 41.05 60.08 18.54
CA ASN D 429 39.66 60.20 18.08
C ASN D 429 39.17 58.81 17.71
N TYR D 430 38.10 58.75 16.92
CA TYR D 430 37.55 57.48 16.46
C TYR D 430 38.61 56.70 15.70
N LYS D 431 39.02 55.56 16.26
CA LYS D 431 40.11 54.76 15.72
C LYS D 431 39.57 53.44 15.20
N LEU D 432 40.11 53.00 14.05
CA LEU D 432 39.76 51.70 13.49
C LEU D 432 40.81 50.68 13.89
N PRO D 433 40.42 49.57 14.52
CA PRO D 433 41.39 48.57 14.96
C PRO D 433 41.88 47.73 13.78
N ASP D 434 42.79 46.80 14.08
CA ASP D 434 43.34 45.92 13.06
C ASP D 434 42.38 44.83 12.62
N ASP D 435 41.19 44.74 13.23
CA ASP D 435 40.19 43.74 12.87
C ASP D 435 38.96 44.38 12.24
N PHE D 436 39.09 45.60 11.72
CA PHE D 436 37.97 46.29 11.09
C PHE D 436 37.62 45.60 9.78
N THR D 437 36.44 44.98 9.74
CA THR D 437 35.96 44.25 8.57
C THR D 437 34.90 45.03 7.81
N GLY D 438 35.01 46.36 7.77
CA GLY D 438 34.04 47.18 7.08
C GLY D 438 34.62 47.83 5.84
N CYS D 439 34.23 49.09 5.59
CA CYS D 439 34.69 49.82 4.42
C CYS D 439 35.09 51.23 4.84
N VAL D 440 35.64 51.97 3.89
CA VAL D 440 36.07 53.35 4.12
C VAL D 440 35.30 54.26 3.16
N ILE D 441 34.04 53.88 2.88
CA ILE D 441 33.22 54.62 1.94
C ILE D 441 33.11 56.07 2.35
N ALA D 442 33.48 56.96 1.43
CA ALA D 442 33.41 58.40 1.66
C ALA D 442 33.24 59.11 0.33
N TRP D 443 32.84 60.38 0.41
CA TRP D 443 32.62 61.18 -0.78
C TRP D 443 32.95 62.64 -0.47
N ASN D 444 32.87 63.47 -1.49
CA ASN D 444 33.16 64.90 -1.37
C ASN D 444 31.87 65.65 -1.05
N SER D 445 31.97 66.59 -0.11
CA SER D 445 30.83 67.39 0.33
C SER D 445 31.20 68.87 0.30
N ASN D 446 31.83 69.30 -0.79
CA ASN D 446 32.22 70.70 -0.96
C ASN D 446 31.06 71.59 -1.38
N LYS D 447 29.85 71.05 -1.50
CA LYS D 447 28.68 71.82 -1.88
C LYS D 447 27.63 71.92 -0.79
N LEU D 448 27.47 70.89 0.04
CA LEU D 448 26.47 70.89 1.10
C LEU D 448 27.01 71.49 2.40
N ASP D 449 28.17 71.01 2.86
CA ASP D 449 28.76 71.49 4.10
C ASP D 449 29.55 72.78 3.93
N SER D 450 29.64 73.31 2.71
CA SER D 450 30.38 74.55 2.48
C SER D 450 29.51 75.75 2.81
N LYS D 451 30.13 76.77 3.40
CA LYS D 451 29.43 77.99 3.78
C LYS D 451 30.43 79.15 3.88
N PRO D 452 30.15 80.29 3.24
CA PRO D 452 31.08 81.42 3.32
C PRO D 452 31.04 82.09 4.69
N SER D 453 31.58 81.42 5.70
CA SER D 453 31.60 81.95 7.05
C SER D 453 32.85 81.42 7.75
N GLY D 454 32.91 81.56 9.08
CA GLY D 454 34.06 81.09 9.83
C GLY D 454 34.09 79.59 10.05
N ASN D 455 32.98 78.91 9.77
CA ASN D 455 32.87 77.46 9.93
C ASN D 455 33.17 77.04 11.37
N TYR D 456 32.33 77.51 12.28
CA TYR D 456 32.45 77.19 13.71
C TYR D 456 31.61 75.98 14.10
N ASN D 457 31.37 75.05 13.19
CA ASN D 457 30.51 73.91 13.46
C ASN D 457 31.29 72.60 13.63
N TYR D 458 32.41 72.45 12.93
CA TYR D 458 33.21 71.24 13.02
C TYR D 458 34.45 71.48 13.87
N LEU D 459 35.03 70.37 14.35
CA LEU D 459 36.25 70.40 15.15
C LEU D 459 37.04 69.13 14.87
N TYR D 460 38.16 68.97 15.58
CA TYR D 460 39.01 67.80 15.41
C TYR D 460 39.34 67.06 16.70
N ARG D 461 39.23 67.70 17.87
CA ARG D 461 39.44 67.05 19.16
C ARG D 461 40.83 66.41 19.26
N LEU D 462 41.84 67.28 19.22
CA LEU D 462 43.22 66.85 19.28
C LEU D 462 43.74 66.78 20.72
N PHE D 463 43.39 67.75 21.56
CA PHE D 463 43.89 67.82 22.92
C PHE D 463 43.22 66.75 23.77
N ARG D 464 43.96 65.69 24.08
CA ARG D 464 43.47 64.61 24.94
C ARG D 464 44.60 64.13 25.84
N LYS D 465 44.22 63.62 27.02
CA LYS D 465 45.22 63.19 27.99
C LYS D 465 45.89 61.89 27.56
N SER D 466 45.11 60.93 27.06
CA SER D 466 45.64 59.63 26.68
C SER D 466 45.02 59.22 25.34
N LYS D 467 45.49 58.09 24.82
CA LYS D 467 44.99 57.57 23.55
C LYS D 467 43.57 57.05 23.72
N LEU D 468 42.77 57.19 22.66
CA LEU D 468 41.39 56.74 22.70
C LEU D 468 41.26 55.30 22.21
N LYS D 469 40.35 54.56 22.83
CA LYS D 469 40.06 53.21 22.41
C LYS D 469 39.31 53.23 21.08
N PRO D 470 39.33 52.12 20.33
CA PRO D 470 38.56 52.08 19.09
C PRO D 470 37.06 52.15 19.36
N PHE D 471 36.35 52.86 18.48
CA PHE D 471 34.91 53.05 18.59
C PHE D 471 34.52 53.76 19.87
N GLU D 472 35.34 54.70 20.32
CA GLU D 472 35.08 55.45 21.55
C GLU D 472 34.53 56.82 21.22
N ARG D 473 33.46 57.21 21.92
CA ARG D 473 32.81 58.50 21.73
C ARG D 473 32.87 59.25 23.06
N ASP D 474 33.74 60.25 23.12
CA ASP D 474 33.94 61.06 24.33
C ASP D 474 32.95 62.21 24.32
N ILE D 475 32.05 62.23 25.31
CA ILE D 475 31.05 63.28 25.43
C ILE D 475 31.48 64.37 26.41
N SER D 476 32.49 64.12 27.22
CA SER D 476 32.93 65.11 28.21
C SER D 476 33.62 66.28 27.52
N THR D 477 33.55 67.44 28.19
CA THR D 477 34.15 68.67 27.69
C THR D 477 35.11 69.28 28.71
N GLU D 478 35.81 68.44 29.46
CA GLU D 478 36.74 68.92 30.47
C GLU D 478 37.93 69.62 29.83
N ILE D 479 38.55 70.51 30.61
CA ILE D 479 39.69 71.29 30.13
C ILE D 479 40.94 70.41 30.19
N TYR D 480 41.63 70.30 29.05
CA TYR D 480 42.83 69.48 28.99
C TYR D 480 43.97 70.14 29.75
N GLN D 481 44.74 69.32 30.47
CA GLN D 481 45.89 69.78 31.24
C GLN D 481 47.14 69.13 30.66
N ALA D 482 48.07 69.96 30.18
CA ALA D 482 49.30 69.44 29.59
C ALA D 482 50.22 68.87 30.66
N GLY D 483 50.58 69.69 31.64
CA GLY D 483 51.46 69.24 32.71
C GLY D 483 51.76 70.31 33.74
N ASN D 484 51.76 69.91 35.02
CA ASN D 484 52.04 70.76 36.17
C ASN D 484 51.38 72.13 36.09
N LYS D 485 50.16 72.16 35.55
CA LYS D 485 49.39 73.41 35.43
C LYS D 485 47.91 73.09 35.52
N PRO D 486 47.40 72.88 36.73
CA PRO D 486 45.96 72.57 36.88
C PRO D 486 45.12 73.82 36.69
N CYS D 487 44.10 73.71 35.85
CA CYS D 487 43.16 74.80 35.57
C CYS D 487 41.77 74.37 36.04
N ASN D 488 41.42 74.76 37.26
CA ASN D 488 40.10 74.46 37.79
C ASN D 488 39.03 75.41 37.28
N GLY D 489 39.42 76.57 36.74
CA GLY D 489 38.47 77.52 36.20
C GLY D 489 38.56 77.64 34.69
N VAL D 490 39.22 78.70 34.22
CA VAL D 490 39.38 78.94 32.80
C VAL D 490 40.74 78.40 32.36
N ALA D 491 40.88 78.18 31.06
CA ALA D 491 42.12 77.66 30.50
C ALA D 491 43.18 78.77 30.46
N GLY D 492 44.32 78.51 31.11
CA GLY D 492 45.41 79.47 31.13
C GLY D 492 46.28 79.39 29.90
N SER D 493 47.56 79.73 30.08
CA SER D 493 48.50 79.70 28.97
C SER D 493 48.90 78.27 28.63
N ASN D 494 49.15 77.44 29.66
CA ASN D 494 49.52 76.05 29.43
C ASN D 494 48.30 75.18 29.18
N CYS D 495 47.14 75.57 29.68
CA CYS D 495 45.91 74.83 29.49
C CYS D 495 45.27 75.21 28.16
N TYR D 496 44.84 74.20 27.40
CA TYR D 496 44.23 74.40 26.10
C TYR D 496 42.87 73.72 26.06
N SER D 497 41.93 74.34 25.36
CA SER D 497 40.61 73.77 25.22
C SER D 497 40.65 72.58 24.25
N PRO D 498 39.89 71.52 24.52
CA PRO D 498 39.90 70.35 23.63
C PRO D 498 39.07 70.51 22.36
N LEU D 499 38.62 71.71 22.04
CA LEU D 499 37.83 71.94 20.84
C LEU D 499 38.32 73.22 20.16
N GLN D 500 38.17 73.25 18.83
CA GLN D 500 38.61 74.39 18.04
C GLN D 500 37.84 74.40 16.73
N SER D 501 37.53 75.59 16.23
CA SER D 501 36.79 75.72 14.99
C SER D 501 37.59 75.14 13.82
N TYR D 502 36.91 74.37 12.98
CA TYR D 502 37.52 73.74 11.80
C TYR D 502 37.13 74.58 10.59
N GLY D 503 37.95 75.59 10.28
CA GLY D 503 37.66 76.48 9.18
C GLY D 503 37.77 75.83 7.81
N PHE D 504 36.63 75.65 7.15
CA PHE D 504 36.56 75.07 5.82
C PHE D 504 36.15 76.16 4.85
N ARG D 505 37.14 76.89 4.33
CA ARG D 505 36.86 77.96 3.39
C ARG D 505 36.52 77.40 2.02
N PRO D 506 35.54 77.98 1.32
CA PRO D 506 35.19 77.48 -0.01
C PRO D 506 36.30 77.66 -1.03
N THR D 507 37.25 78.56 -0.80
CA THR D 507 38.35 78.79 -1.74
C THR D 507 39.48 77.79 -1.60
N TYR D 508 39.49 76.99 -0.54
CA TYR D 508 40.54 76.00 -0.35
C TYR D 508 40.40 74.87 -1.36
N GLY D 509 41.54 74.39 -1.85
CA GLY D 509 41.56 73.30 -2.81
C GLY D 509 41.46 71.95 -2.12
N VAL D 510 41.93 70.92 -2.83
CA VAL D 510 41.90 69.57 -2.29
C VAL D 510 42.86 69.46 -1.12
N GLY D 511 42.37 68.93 0.00
CA GLY D 511 43.15 68.76 1.22
C GLY D 511 42.53 69.44 2.42
N HIS D 512 41.74 70.50 2.21
CA HIS D 512 41.09 71.22 3.29
C HIS D 512 39.58 71.35 3.07
N GLN D 513 38.99 70.47 2.26
CA GLN D 513 37.57 70.50 2.00
C GLN D 513 36.83 69.57 2.95
N PRO D 514 35.56 69.87 3.26
CA PRO D 514 34.78 68.98 4.14
C PRO D 514 34.39 67.71 3.41
N TYR D 515 34.81 66.57 3.95
CA TYR D 515 34.50 65.26 3.39
C TYR D 515 33.70 64.46 4.41
N ARG D 516 32.53 63.98 3.99
CA ARG D 516 31.67 63.16 4.84
C ARG D 516 32.10 61.70 4.72
N VAL D 517 32.65 61.15 5.80
CA VAL D 517 33.15 59.78 5.83
C VAL D 517 32.25 58.98 6.76
N VAL D 518 31.77 57.84 6.27
CA VAL D 518 30.93 56.95 7.05
C VAL D 518 31.47 55.53 6.90
N VAL D 519 31.81 54.92 8.03
CA VAL D 519 32.37 53.54 8.02
C VAL D 519 31.22 52.56 8.30
N LEU D 520 31.20 51.44 7.59
CA LEU D 520 30.12 50.43 7.79
C LEU D 520 30.67 49.31 8.68
N SER D 521 30.76 49.55 9.99
CA SER D 521 31.29 48.53 10.94
C SER D 521 30.42 47.28 10.89
N PHE D 522 30.88 46.23 10.22
CA PHE D 522 30.08 44.98 10.08
C PHE D 522 30.32 44.08 11.29
N GLU D 523 29.38 44.07 12.24
CA GLU D 523 29.50 43.16 13.41
C GLU D 523 29.45 41.72 12.88
N LEU D 524 30.57 40.98 12.99
CA LEU D 524 30.61 39.61 12.43
C LEU D 524 30.44 38.57 13.55
N LEU D 525 29.59 38.87 14.53
CA LEU D 525 29.30 37.88 15.60
C LEU D 525 28.57 36.71 14.94
N HIS D 526 29.03 35.48 15.20
CA HIS D 526 28.34 34.28 14.63
C HIS D 526 26.93 34.19 15.21
N ALA D 527 25.94 34.74 14.49
CA ALA D 527 24.54 34.77 14.99
C ALA D 527 23.62 34.71 13.77
N PRO D 528 22.38 34.18 13.87
CA PRO D 528 21.44 34.19 12.75
C PRO D 528 21.24 35.60 12.18
N ALA D 529 21.01 35.70 10.87
CA ALA D 529 20.81 37.03 10.22
C ALA D 529 19.44 37.59 10.58
N THR D 530 19.24 38.01 11.84
CA THR D 530 17.94 38.56 12.33
C THR D 530 16.76 37.94 11.59
N VAL D 531 16.08 38.70 10.74
CA VAL D 531 14.69 38.36 10.34
C VAL D 531 14.68 37.79 8.92
N CYS D 532 15.68 38.16 8.09
CA CYS D 532 15.68 37.71 6.68
C CYS D 532 17.11 37.41 6.21
N GLY D 533 17.27 36.44 5.30
CA GLY D 533 18.61 36.07 4.81
C GLY D 533 18.73 36.27 3.31
N PRO D 534 18.20 35.37 2.46
CA PRO D 534 18.22 35.55 1.00
C PRO D 534 17.17 36.56 0.52
N LYS D 535 15.97 36.08 0.17
CA LYS D 535 14.86 36.96 -0.33
C LYS D 535 15.38 37.92 -1.39
N LYS D 536 15.87 37.39 -2.52
CA LYS D 536 16.40 38.25 -3.61
C LYS D 536 15.75 37.82 -4.94
N SER D 537 15.49 38.79 -5.82
CA SER D 537 14.87 38.49 -7.13
C SER D 537 15.82 38.88 -8.25
N THR D 538 15.64 38.30 -9.44
CA THR D 538 16.49 38.66 -10.60
C THR D 538 15.69 39.56 -11.56
N ASN D 539 16.00 39.51 -12.85
CA ASN D 539 15.25 40.32 -13.85
C ASN D 539 14.13 39.46 -14.45
N LEU D 540 13.61 39.87 -15.61
CA LEU D 540 12.47 39.13 -16.21
C LEU D 540 12.80 38.73 -17.66
N VAL D 541 12.93 37.43 -17.91
CA VAL D 541 13.14 36.95 -19.27
C VAL D 541 11.83 36.39 -19.80
N LYS D 542 11.43 36.84 -20.99
CA LYS D 542 10.17 36.42 -21.60
C LYS D 542 10.42 35.92 -23.02
N ASN D 543 9.38 35.29 -23.58
CA ASN D 543 9.41 34.74 -24.93
C ASN D 543 10.55 33.73 -25.09
N LYS D 544 10.71 32.89 -24.07
CA LYS D 544 11.76 31.88 -24.07
C LYS D 544 11.48 30.81 -23.03
N CYS D 545 11.57 29.54 -23.43
CA CYS D 545 11.32 28.43 -22.52
C CYS D 545 12.47 28.32 -21.51
N VAL D 546 12.24 28.84 -20.30
CA VAL D 546 13.23 28.84 -19.24
C VAL D 546 12.57 28.37 -17.95
N ASN D 547 13.41 28.10 -16.94
CA ASN D 547 12.91 27.65 -15.65
C ASN D 547 12.43 28.86 -14.84
N PHE D 548 11.17 28.81 -14.41
CA PHE D 548 10.59 29.87 -13.61
C PHE D 548 10.46 29.44 -12.16
N ASN D 549 10.74 30.37 -11.25
CA ASN D 549 10.65 30.12 -9.82
C ASN D 549 9.93 31.29 -9.16
N PHE D 550 8.79 31.69 -9.72
CA PHE D 550 8.03 32.82 -9.22
C PHE D 550 7.30 32.45 -7.93
N ASN D 551 7.90 32.82 -6.80
CA ASN D 551 7.30 32.63 -5.48
C ASN D 551 6.89 31.19 -5.23
N GLY D 552 7.83 30.26 -5.37
CA GLY D 552 7.61 28.86 -5.07
C GLY D 552 7.25 27.98 -6.26
N LEU D 553 6.54 28.53 -7.24
CA LEU D 553 6.16 27.76 -8.41
C LEU D 553 7.36 27.37 -9.25
N THR D 554 7.65 26.08 -9.33
CA THR D 554 8.78 25.58 -10.11
C THR D 554 8.28 24.91 -11.38
N GLY D 555 9.17 24.81 -12.35
CA GLY D 555 8.85 24.20 -13.63
C GLY D 555 9.62 24.90 -14.74
N THR D 556 9.03 24.85 -15.94
CA THR D 556 9.64 25.47 -17.11
C THR D 556 8.55 25.76 -18.14
N GLY D 557 8.83 26.70 -19.02
CA GLY D 557 7.89 27.04 -20.06
C GLY D 557 8.21 28.40 -20.66
N VAL D 558 7.43 28.74 -21.69
CA VAL D 558 7.64 30.00 -22.42
C VAL D 558 6.79 31.05 -21.72
N LEU D 559 7.45 31.89 -20.94
CA LEU D 559 6.77 32.98 -20.25
C LEU D 559 6.44 34.10 -21.22
N THR D 560 5.15 34.38 -21.38
CA THR D 560 4.66 35.40 -22.30
C THR D 560 3.77 36.40 -21.57
N GLU D 561 3.14 37.28 -22.34
CA GLU D 561 2.25 38.31 -21.82
C GLU D 561 0.81 37.94 -22.16
N SER D 562 -0.06 38.01 -21.16
CA SER D 562 -1.47 37.68 -21.33
C SER D 562 -2.35 38.91 -21.07
N ASN D 563 -3.43 38.99 -21.83
CA ASN D 563 -4.39 40.08 -21.68
C ASN D 563 -5.54 39.63 -20.78
N LYS D 564 -5.19 39.33 -19.53
CA LYS D 564 -6.14 38.90 -18.52
C LYS D 564 -5.93 39.72 -17.25
N LYS D 565 -7.03 40.21 -16.69
CA LYS D 565 -7.01 41.06 -15.52
C LYS D 565 -7.37 40.25 -14.28
N PHE D 566 -6.35 39.88 -13.51
CA PHE D 566 -6.58 39.11 -12.29
C PHE D 566 -7.11 40.02 -11.20
N LEU D 567 -7.95 39.46 -10.32
CA LEU D 567 -8.39 40.20 -9.15
C LEU D 567 -7.23 40.38 -8.19
N PRO D 568 -7.16 41.53 -7.50
CA PRO D 568 -5.96 41.84 -6.71
C PRO D 568 -5.90 41.10 -5.38
N PHE D 569 -6.24 39.81 -5.37
CA PHE D 569 -6.01 38.96 -4.21
C PHE D 569 -5.50 37.60 -4.65
N GLN D 570 -5.60 37.32 -5.95
CA GLN D 570 -5.18 36.03 -6.49
C GLN D 570 -3.77 36.16 -7.07
N GLN D 571 -2.90 35.22 -6.71
CA GLN D 571 -1.51 35.23 -7.19
C GLN D 571 -1.33 34.25 -8.35
N PHE D 572 -1.71 32.99 -8.14
CA PHE D 572 -1.49 31.95 -9.12
C PHE D 572 -2.56 31.96 -10.21
N GLY D 573 -2.64 30.88 -10.98
CA GLY D 573 -3.65 30.74 -12.01
C GLY D 573 -3.61 29.37 -12.66
N ARG D 574 -4.77 28.74 -12.81
CA ARG D 574 -4.87 27.38 -13.32
C ARG D 574 -5.95 27.31 -14.40
N ASP D 575 -6.26 26.07 -14.81
CA ASP D 575 -7.23 25.82 -15.87
C ASP D 575 -8.12 24.64 -15.52
N ILE D 576 -8.81 24.08 -16.52
CA ILE D 576 -9.73 22.98 -16.29
C ILE D 576 -8.95 21.66 -16.25
N ALA D 577 -7.62 21.75 -16.29
CA ALA D 577 -6.80 20.54 -16.25
C ALA D 577 -5.82 20.54 -15.09
N ASP D 578 -6.00 21.42 -14.10
CA ASP D 578 -5.10 21.51 -12.94
C ASP D 578 -3.65 21.73 -13.37
N THR D 579 -3.46 22.70 -14.26
CA THR D 579 -2.14 23.04 -14.79
C THR D 579 -1.98 24.55 -14.75
N THR D 580 -0.86 25.01 -14.19
CA THR D 580 -0.59 26.44 -14.10
C THR D 580 -0.42 27.04 -15.48
N ASP D 581 -1.39 27.87 -15.88
CA ASP D 581 -1.39 28.50 -17.19
C ASP D 581 -1.17 30.00 -17.15
N ALA D 582 -1.11 30.61 -15.96
CA ALA D 582 -0.89 32.04 -15.84
C ALA D 582 -0.41 32.35 -14.44
N VAL D 583 0.63 33.18 -14.34
CA VAL D 583 1.19 33.58 -13.06
C VAL D 583 1.18 35.11 -12.99
N ARG D 584 1.59 35.62 -11.83
CA ARG D 584 1.66 37.06 -11.58
C ARG D 584 3.08 37.42 -11.17
N ASP D 585 3.65 38.42 -11.81
CA ASP D 585 4.98 38.90 -11.47
C ASP D 585 4.98 39.50 -10.08
N PRO D 586 5.73 38.92 -9.13
CA PRO D 586 5.70 39.44 -7.76
C PRO D 586 6.39 40.79 -7.61
N GLN D 587 7.02 41.27 -8.69
CA GLN D 587 7.74 42.53 -8.64
C GLN D 587 6.95 43.66 -9.29
N THR D 588 6.53 43.46 -10.54
CA THR D 588 5.81 44.50 -11.27
C THR D 588 4.30 44.38 -11.13
N LEU D 589 3.81 43.30 -10.51
CA LEU D 589 2.37 43.08 -10.32
C LEU D 589 1.64 43.04 -11.66
N GLU D 590 2.29 42.47 -12.65
CA GLU D 590 1.72 42.29 -13.98
C GLU D 590 1.32 40.83 -14.19
N ILE D 591 0.49 40.61 -15.19
CA ILE D 591 -0.07 39.29 -15.49
C ILE D 591 0.74 38.66 -16.62
N LEU D 592 1.34 37.52 -16.35
CA LEU D 592 2.17 36.81 -17.31
C LEU D 592 1.57 35.43 -17.59
N ASP D 593 1.64 35.01 -18.84
CA ASP D 593 1.12 33.72 -19.27
C ASP D 593 2.26 32.72 -19.37
N ILE D 594 2.12 31.61 -18.65
CA ILE D 594 3.11 30.52 -18.69
C ILE D 594 2.57 29.42 -19.57
N THR D 595 3.23 29.19 -20.70
CA THR D 595 2.83 28.18 -21.67
C THR D 595 3.82 27.01 -21.65
N PRO D 596 3.35 25.80 -21.94
CA PRO D 596 4.26 24.64 -21.93
C PRO D 596 5.39 24.79 -22.94
N CYS D 597 6.56 24.27 -22.56
CA CYS D 597 7.72 24.32 -23.43
C CYS D 597 7.45 23.52 -24.71
N SER D 598 8.00 24.00 -25.82
CA SER D 598 7.74 23.40 -27.13
C SER D 598 8.35 22.00 -27.23
N PHE D 599 7.50 20.99 -27.36
CA PHE D 599 7.94 19.61 -27.55
C PHE D 599 7.14 18.98 -28.67
N GLY D 600 7.48 17.73 -28.98
CA GLY D 600 6.78 16.99 -30.01
C GLY D 600 7.33 15.59 -30.24
N GLY D 601 7.38 15.18 -31.50
CA GLY D 601 7.89 13.87 -31.84
C GLY D 601 8.65 13.85 -33.15
N VAL D 602 9.84 13.26 -33.14
CA VAL D 602 10.69 13.20 -34.33
C VAL D 602 10.30 12.00 -35.16
N SER D 603 10.03 12.22 -36.44
CA SER D 603 9.67 11.17 -37.38
C SER D 603 10.64 11.20 -38.55
N VAL D 604 11.34 10.11 -38.77
CA VAL D 604 12.35 10.01 -39.82
C VAL D 604 11.71 9.38 -41.05
N ILE D 605 11.65 10.15 -42.13
CA ILE D 605 11.09 9.68 -43.40
C ILE D 605 12.21 9.01 -44.19
N THR D 606 12.06 7.71 -44.44
CA THR D 606 13.06 6.93 -45.14
C THR D 606 12.45 6.32 -46.40
N PRO D 607 12.97 6.61 -47.59
CA PRO D 607 12.43 6.00 -48.81
C PRO D 607 12.86 4.56 -49.02
N GLY D 608 13.58 3.96 -48.08
CA GLY D 608 14.05 2.59 -48.23
C GLY D 608 15.55 2.52 -48.35
N THR D 609 16.18 1.71 -47.48
CA THR D 609 17.63 1.56 -47.53
C THR D 609 18.09 0.91 -48.83
N ASN D 610 17.23 0.11 -49.46
CA ASN D 610 17.59 -0.50 -50.73
C ASN D 610 17.69 0.54 -51.84
N THR D 611 16.87 1.59 -51.76
CA THR D 611 16.89 2.63 -52.78
C THR D 611 18.06 3.60 -52.55
N SER D 612 18.07 4.25 -51.39
CA SER D 612 19.13 5.21 -51.06
C SER D 612 19.24 5.29 -49.55
N ASN D 613 19.98 6.29 -49.06
CA ASN D 613 20.18 6.49 -47.63
C ASN D 613 19.80 7.89 -47.17
N GLN D 614 19.42 8.78 -48.08
CA GLN D 614 19.00 10.11 -47.69
C GLN D 614 17.65 10.06 -47.00
N VAL D 615 17.58 10.62 -45.79
CA VAL D 615 16.37 10.60 -44.98
C VAL D 615 16.02 12.04 -44.59
N ALA D 616 14.77 12.22 -44.17
CA ALA D 616 14.27 13.51 -43.73
C ALA D 616 13.56 13.33 -42.39
N VAL D 617 13.72 14.33 -41.52
CA VAL D 617 13.17 14.30 -40.17
C VAL D 617 11.96 15.23 -40.13
N LEU D 618 10.96 14.85 -39.33
CA LEU D 618 9.74 15.64 -39.15
C LEU D 618 9.57 15.93 -37.67
N TYR D 619 9.54 17.21 -37.31
CA TYR D 619 9.36 17.65 -35.93
C TYR D 619 7.90 18.05 -35.76
N GLN D 620 7.07 17.07 -35.35
CA GLN D 620 5.64 17.30 -35.22
C GLN D 620 5.37 18.30 -34.09
N GLY D 621 4.71 19.40 -34.43
CA GLY D 621 4.38 20.40 -33.44
C GLY D 621 5.41 21.49 -33.27
N VAL D 622 6.21 21.77 -34.29
CA VAL D 622 7.26 22.79 -34.24
C VAL D 622 7.05 23.75 -35.40
N ASN D 623 7.20 25.05 -35.12
CA ASN D 623 7.02 26.09 -36.12
C ASN D 623 8.31 26.44 -36.85
N CYS D 624 9.23 25.49 -36.97
CA CYS D 624 10.54 25.66 -37.60
C CYS D 624 11.40 26.71 -36.91
N THR D 625 11.03 27.13 -35.70
CA THR D 625 11.81 28.11 -34.95
C THR D 625 12.72 27.48 -33.89
N GLU D 626 12.27 26.38 -33.27
CA GLU D 626 13.09 25.66 -32.30
C GLU D 626 13.85 24.52 -32.97
N VAL D 627 14.73 24.90 -33.89
CA VAL D 627 15.55 23.98 -34.66
C VAL D 627 14.67 22.97 -35.42
N SER D 647 20.53 22.39 -45.98
CA SER D 647 19.30 22.03 -45.28
C SER D 647 18.10 22.74 -45.90
N ASN D 648 16.99 22.00 -46.03
CA ASN D 648 15.75 22.53 -46.60
C ASN D 648 14.70 22.56 -45.50
N VAL D 649 14.42 23.76 -45.01
CA VAL D 649 13.44 23.95 -43.94
C VAL D 649 12.11 24.36 -44.55
N PHE D 650 11.05 23.64 -44.20
CA PHE D 650 9.72 23.92 -44.70
C PHE D 650 8.70 23.65 -43.61
N GLN D 651 7.80 24.61 -43.39
CA GLN D 651 6.80 24.51 -42.33
C GLN D 651 5.49 23.97 -42.91
N THR D 652 5.04 22.84 -42.38
CA THR D 652 3.76 22.24 -42.75
C THR D 652 2.75 22.46 -41.63
N ARG D 653 1.52 21.97 -41.87
CA ARG D 653 0.48 22.04 -40.86
C ARG D 653 0.62 20.97 -39.79
N ALA D 654 1.55 20.03 -39.96
CA ALA D 654 1.80 18.99 -38.97
C ALA D 654 3.13 19.18 -38.24
N GLY D 655 4.12 19.75 -38.89
CA GLY D 655 5.40 19.97 -38.24
C GLY D 655 6.38 20.66 -39.17
N CYS D 656 7.65 20.59 -38.81
CA CYS D 656 8.73 21.17 -39.60
C CYS D 656 9.48 20.05 -40.30
N LEU D 657 9.26 19.91 -41.61
CA LEU D 657 9.90 18.86 -42.39
C LEU D 657 11.26 19.35 -42.87
N ILE D 658 12.30 19.00 -42.09
CA ILE D 658 13.67 19.39 -42.39
C ILE D 658 14.31 18.23 -43.14
N GLY D 659 14.58 18.41 -44.43
CA GLY D 659 15.22 17.38 -45.22
C GLY D 659 14.65 17.25 -46.62
N ALA D 660 13.44 17.76 -46.83
CA ALA D 660 12.77 17.69 -48.12
C ALA D 660 12.39 19.10 -48.57
N GLU D 661 12.28 19.26 -49.88
CA GLU D 661 11.89 20.53 -50.49
C GLU D 661 10.46 20.43 -51.00
N TYR D 662 9.72 21.53 -50.88
CA TYR D 662 8.31 21.55 -51.27
C TYR D 662 8.21 21.89 -52.75
N VAL D 663 7.83 20.90 -53.55
CA VAL D 663 7.63 21.10 -54.98
C VAL D 663 6.20 21.56 -55.22
N ASN D 664 6.03 22.50 -56.15
CA ASN D 664 4.71 23.05 -56.46
C ASN D 664 3.86 22.12 -57.30
N ASN D 665 4.33 20.90 -57.57
CA ASN D 665 3.55 19.93 -58.33
C ASN D 665 2.62 19.16 -57.42
N SER D 666 1.99 18.11 -57.95
CA SER D 666 1.05 17.32 -57.16
C SER D 666 1.05 15.90 -57.70
N TYR D 667 1.45 14.94 -56.87
CA TYR D 667 1.47 13.54 -57.25
C TYR D 667 0.70 12.69 -56.25
N GLU D 668 0.78 11.37 -56.39
CA GLU D 668 0.14 10.48 -55.44
C GLU D 668 0.90 10.49 -54.11
N CYS D 669 0.27 9.97 -53.07
CA CYS D 669 0.87 9.98 -51.73
C CYS D 669 1.69 8.71 -51.56
N ASP D 670 3.01 8.85 -51.67
CA ASP D 670 3.92 7.72 -51.48
C ASP D 670 4.15 7.46 -50.00
N ILE D 671 4.66 8.45 -49.29
CA ILE D 671 4.91 8.38 -47.86
C ILE D 671 4.00 9.42 -47.18
N PRO D 672 2.98 9.00 -46.43
CA PRO D 672 2.08 9.97 -45.79
C PRO D 672 2.79 10.74 -44.68
N ILE D 673 2.75 12.06 -44.78
CA ILE D 673 3.36 12.94 -43.79
C ILE D 673 2.32 13.48 -42.81
N GLY D 674 1.23 14.03 -43.34
CA GLY D 674 0.17 14.56 -42.51
C GLY D 674 -0.36 15.87 -43.07
N ALA D 675 -1.66 16.11 -42.87
CA ALA D 675 -2.32 17.35 -43.30
C ALA D 675 -2.20 17.58 -44.80
N GLY D 676 -2.22 16.51 -45.58
CA GLY D 676 -2.17 16.57 -47.02
C GLY D 676 -0.78 16.47 -47.61
N ILE D 677 0.24 16.78 -46.82
CA ILE D 677 1.63 16.71 -47.30
C ILE D 677 2.03 15.25 -47.44
N CYS D 678 2.70 14.92 -48.54
CA CYS D 678 3.18 13.57 -48.81
C CYS D 678 4.56 13.64 -49.41
N ALA D 679 5.46 12.78 -48.93
CA ALA D 679 6.84 12.75 -49.38
C ALA D 679 7.07 11.57 -50.31
N SER D 680 8.11 11.68 -51.13
CA SER D 680 8.46 10.64 -52.09
C SER D 680 9.92 10.85 -52.50
N TYR D 681 10.46 9.87 -53.21
CA TYR D 681 11.85 9.90 -53.69
C TYR D 681 11.83 9.82 -55.21
N GLN D 682 11.70 10.97 -55.87
CA GLN D 682 11.62 11.05 -57.32
C GLN D 682 12.84 11.78 -57.86
N THR D 683 13.14 11.53 -59.14
CA THR D 683 14.26 12.18 -59.79
C THR D 683 13.87 13.59 -60.23
N GLN D 684 14.65 14.58 -59.81
CA GLN D 684 14.38 15.96 -60.17
C GLN D 684 15.27 16.38 -61.35
N THR D 685 14.79 17.38 -62.09
CA THR D 685 15.51 17.89 -63.25
C THR D 685 16.30 19.14 -62.89
N SER D 696 19.64 13.74 -60.44
CA SER D 696 19.59 14.10 -59.03
C SER D 696 18.47 13.35 -58.32
N GLN D 697 18.77 12.86 -57.11
CA GLN D 697 17.83 12.11 -56.30
C GLN D 697 17.74 12.75 -54.92
N SER D 698 16.57 13.26 -54.57
CA SER D 698 16.35 13.89 -53.28
C SER D 698 14.90 13.74 -52.88
N ILE D 699 14.66 13.68 -51.56
CA ILE D 699 13.30 13.58 -51.05
C ILE D 699 12.57 14.89 -51.28
N ILE D 700 11.38 14.81 -51.88
CA ILE D 700 10.59 15.99 -52.19
C ILE D 700 9.29 15.95 -51.38
N ALA D 701 8.72 17.12 -51.17
CA ALA D 701 7.45 17.26 -50.48
C ALA D 701 6.45 17.97 -51.39
N TYR D 702 5.18 17.61 -51.26
CA TYR D 702 4.15 18.15 -52.14
C TYR D 702 2.78 17.86 -51.53
N THR D 703 1.76 18.45 -52.15
CA THR D 703 0.37 18.19 -51.77
C THR D 703 -0.15 17.03 -52.60
N MET D 704 -0.72 16.03 -51.92
CA MET D 704 -1.18 14.83 -52.61
C MET D 704 -2.34 15.14 -53.54
N SER D 705 -2.33 14.53 -54.71
CA SER D 705 -3.40 14.68 -55.68
C SER D 705 -4.46 13.62 -55.44
N LEU D 706 -5.72 14.06 -55.36
CA LEU D 706 -6.83 13.13 -55.14
C LEU D 706 -7.19 12.33 -56.39
N GLY D 707 -6.54 12.59 -57.51
CA GLY D 707 -6.79 11.89 -58.75
C GLY D 707 -6.70 12.84 -59.91
N ALA D 708 -7.09 12.34 -61.09
CA ALA D 708 -7.07 13.14 -62.30
C ALA D 708 -8.44 13.79 -62.52
N GLU D 709 -8.44 15.09 -62.79
CA GLU D 709 -9.68 15.81 -63.01
C GLU D 709 -10.31 15.37 -64.33
N ASN D 710 -11.43 14.68 -64.25
CA ASN D 710 -12.15 14.19 -65.42
C ASN D 710 -13.44 14.99 -65.57
N SER D 711 -13.49 15.82 -66.61
CA SER D 711 -14.65 16.65 -66.89
C SER D 711 -15.63 15.85 -67.73
N VAL D 712 -16.56 15.15 -67.08
CA VAL D 712 -17.57 14.35 -67.77
C VAL D 712 -18.62 15.30 -68.32
N ALA D 713 -18.67 15.42 -69.65
CA ALA D 713 -19.65 16.28 -70.29
C ALA D 713 -21.06 15.77 -70.02
N TYR D 714 -21.91 16.66 -69.52
CA TYR D 714 -23.30 16.34 -69.20
C TYR D 714 -24.23 17.12 -70.11
N SER D 715 -25.20 16.44 -70.70
CA SER D 715 -26.20 17.06 -71.54
C SER D 715 -27.51 16.29 -71.40
N ASN D 716 -28.62 16.96 -71.73
CA ASN D 716 -29.93 16.37 -71.65
C ASN D 716 -30.26 15.49 -72.85
N ASN D 717 -29.36 15.42 -73.83
CA ASN D 717 -29.59 14.59 -75.02
C ASN D 717 -28.30 13.88 -75.43
N SER D 718 -27.47 13.54 -74.45
CA SER D 718 -26.19 12.87 -74.72
C SER D 718 -26.00 11.75 -73.72
N ILE D 719 -25.71 10.55 -74.23
CA ILE D 719 -25.46 9.38 -73.40
C ILE D 719 -24.24 8.66 -73.94
N ALA D 720 -23.62 7.85 -73.08
CA ALA D 720 -22.44 7.07 -73.42
C ALA D 720 -22.73 5.60 -73.16
N ILE D 721 -22.74 4.81 -74.22
CA ILE D 721 -22.99 3.36 -74.15
C ILE D 721 -21.69 2.66 -74.50
N PRO D 722 -21.21 1.72 -73.66
CA PRO D 722 -19.95 1.04 -73.98
C PRO D 722 -20.09 0.16 -75.21
N THR D 723 -18.99 0.03 -75.95
CA THR D 723 -18.95 -0.81 -77.13
C THR D 723 -18.16 -2.09 -76.93
N ASN D 724 -17.31 -2.16 -75.91
CA ASN D 724 -16.53 -3.35 -75.63
C ASN D 724 -16.52 -3.58 -74.12
N PHE D 725 -15.94 -4.69 -73.70
CA PHE D 725 -15.86 -5.07 -72.29
C PHE D 725 -14.45 -5.54 -71.98
N THR D 726 -14.17 -5.73 -70.68
CA THR D 726 -12.87 -6.19 -70.24
C THR D 726 -13.07 -6.98 -68.94
N ILE D 727 -13.02 -8.30 -69.04
CA ILE D 727 -13.14 -9.17 -67.87
C ILE D 727 -11.87 -9.03 -67.04
N SER D 728 -12.02 -8.50 -65.82
CA SER D 728 -10.89 -8.28 -64.92
C SER D 728 -11.09 -9.12 -63.67
N VAL D 729 -10.10 -9.94 -63.33
CA VAL D 729 -10.13 -10.77 -62.14
C VAL D 729 -9.27 -10.09 -61.08
N THR D 730 -9.92 -9.49 -60.09
CA THR D 730 -9.22 -8.84 -59.00
C THR D 730 -9.05 -9.80 -57.83
N THR D 731 -8.23 -9.39 -56.87
CA THR D 731 -7.94 -10.20 -55.69
C THR D 731 -8.25 -9.40 -54.44
N GLU D 732 -8.60 -10.13 -53.37
CA GLU D 732 -8.91 -9.52 -52.08
C GLU D 732 -8.43 -10.44 -50.98
N ILE D 733 -7.66 -9.90 -50.04
CA ILE D 733 -7.06 -10.66 -48.94
C ILE D 733 -7.85 -10.36 -47.67
N LEU D 734 -8.39 -11.41 -47.05
CA LEU D 734 -9.15 -11.28 -45.82
C LEU D 734 -8.69 -12.34 -44.83
N PRO D 735 -8.25 -11.95 -43.63
CA PRO D 735 -7.88 -12.95 -42.63
C PRO D 735 -9.08 -13.76 -42.16
N VAL D 736 -8.78 -14.93 -41.62
CA VAL D 736 -9.80 -15.85 -41.11
C VAL D 736 -9.59 -16.16 -39.63
N SER D 737 -8.38 -16.59 -39.26
CA SER D 737 -8.09 -16.96 -37.90
C SER D 737 -6.66 -16.57 -37.55
N MET D 738 -6.34 -16.71 -36.26
CA MET D 738 -5.02 -16.43 -35.73
C MET D 738 -4.41 -17.71 -35.14
N THR D 739 -3.24 -17.56 -34.55
CA THR D 739 -2.56 -18.68 -33.91
C THR D 739 -3.17 -18.92 -32.53
N LYS D 740 -3.74 -20.11 -32.33
CA LYS D 740 -4.36 -20.45 -31.06
C LYS D 740 -3.27 -20.65 -30.01
N THR D 741 -3.20 -19.73 -29.05
CA THR D 741 -2.20 -19.77 -27.99
C THR D 741 -2.85 -20.17 -26.68
N SER D 742 -2.06 -20.83 -25.83
CA SER D 742 -2.51 -21.24 -24.51
C SER D 742 -1.30 -21.26 -23.58
N VAL D 743 -1.22 -20.28 -22.68
CA VAL D 743 -0.08 -20.14 -21.79
C VAL D 743 -0.35 -20.88 -20.50
N ASP D 744 0.71 -21.39 -19.88
CA ASP D 744 0.63 -22.05 -18.58
C ASP D 744 0.77 -20.98 -17.52
N CYS D 745 -0.36 -20.59 -16.91
CA CYS D 745 -0.36 -19.48 -15.98
C CYS D 745 0.52 -19.74 -14.76
N THR D 746 0.29 -20.87 -14.08
CA THR D 746 1.08 -21.20 -12.90
C THR D 746 2.54 -21.48 -13.22
N MET D 747 2.87 -21.72 -14.50
CA MET D 747 4.26 -21.91 -14.90
C MET D 747 4.89 -20.63 -15.42
N TYR D 748 4.14 -19.82 -16.18
CA TYR D 748 4.68 -18.55 -16.64
C TYR D 748 4.90 -17.59 -15.48
N ILE D 749 4.00 -17.58 -14.50
CA ILE D 749 4.16 -16.69 -13.36
C ILE D 749 5.19 -17.25 -12.39
N CYS D 750 5.15 -18.55 -12.13
CA CYS D 750 6.07 -19.21 -11.19
C CYS D 750 6.83 -20.29 -11.96
N GLY D 751 8.14 -20.09 -12.10
CA GLY D 751 8.95 -21.03 -12.86
C GLY D 751 8.99 -22.43 -12.29
N ASP D 752 9.65 -22.58 -11.15
CA ASP D 752 9.78 -23.88 -10.49
C ASP D 752 9.62 -23.80 -8.97
N SER D 753 9.18 -22.65 -8.46
CA SER D 753 9.07 -22.44 -7.01
C SER D 753 7.64 -22.68 -6.57
N THR D 754 7.44 -23.56 -5.59
CA THR D 754 6.13 -23.80 -5.03
C THR D 754 5.70 -22.69 -4.07
N GLU D 755 6.66 -21.97 -3.46
CA GLU D 755 6.32 -20.85 -2.62
C GLU D 755 5.65 -19.74 -3.43
N CYS D 756 6.05 -19.61 -4.70
CA CYS D 756 5.40 -18.65 -5.58
C CYS D 756 3.96 -19.07 -5.90
N SER D 757 3.72 -20.37 -6.06
CA SER D 757 2.37 -20.85 -6.33
C SER D 757 1.48 -20.70 -5.11
N ASN D 758 2.06 -20.89 -3.91
CA ASN D 758 1.28 -20.72 -2.68
C ASN D 758 0.77 -19.29 -2.54
N LEU D 759 1.53 -18.32 -3.08
CA LEU D 759 1.09 -16.93 -3.08
C LEU D 759 0.17 -16.61 -4.26
N LEU D 760 0.41 -17.23 -5.42
CA LEU D 760 -0.48 -17.05 -6.55
C LEU D 760 -1.88 -17.56 -6.26
N LEU D 761 -2.00 -18.61 -5.44
CA LEU D 761 -3.32 -19.10 -5.05
C LEU D 761 -4.06 -18.08 -4.19
N GLN D 762 -3.34 -17.13 -3.61
CA GLN D 762 -3.95 -16.12 -2.76
C GLN D 762 -4.45 -14.90 -3.53
N TYR D 763 -3.91 -14.64 -4.72
CA TYR D 763 -4.30 -13.47 -5.49
C TYR D 763 -5.68 -13.60 -6.13
N GLY D 764 -6.28 -14.77 -6.11
CA GLY D 764 -7.61 -14.98 -6.64
C GLY D 764 -7.61 -15.89 -7.85
N SER D 765 -8.77 -15.94 -8.51
CA SER D 765 -8.95 -16.79 -9.67
C SER D 765 -8.64 -16.04 -10.96
N PHE D 766 -7.45 -15.45 -11.05
CA PHE D 766 -7.05 -14.77 -12.27
C PHE D 766 -6.58 -15.76 -13.33
N CYS D 767 -5.79 -16.75 -12.93
CA CYS D 767 -5.33 -17.77 -13.87
C CYS D 767 -6.50 -18.52 -14.49
N THR D 768 -7.54 -18.79 -13.72
CA THR D 768 -8.72 -19.47 -14.26
C THR D 768 -9.40 -18.62 -15.33
N GLN D 769 -9.56 -17.32 -15.07
CA GLN D 769 -10.16 -16.43 -16.06
C GLN D 769 -9.31 -16.35 -17.32
N LEU D 770 -7.99 -16.28 -17.17
CA LEU D 770 -7.12 -16.19 -18.34
C LEU D 770 -7.17 -17.47 -19.16
N LYS D 771 -7.16 -18.63 -18.49
CA LYS D 771 -7.27 -19.90 -19.21
C LYS D 771 -8.61 -20.03 -19.92
N ARG D 772 -9.69 -19.58 -19.26
CA ARG D 772 -11.00 -19.60 -19.90
C ARG D 772 -11.04 -18.70 -21.12
N ALA D 773 -10.42 -17.52 -21.03
CA ALA D 773 -10.39 -16.60 -22.17
C ALA D 773 -9.60 -17.19 -23.32
N LEU D 774 -8.46 -17.84 -23.02
CA LEU D 774 -7.68 -18.46 -24.08
C LEU D 774 -8.41 -19.63 -24.73
N THR D 775 -9.10 -20.45 -23.92
CA THR D 775 -9.88 -21.55 -24.48
C THR D 775 -11.01 -21.01 -25.35
N GLY D 776 -11.68 -19.93 -24.91
CA GLY D 776 -12.70 -19.31 -25.72
C GLY D 776 -12.17 -18.76 -27.03
N ILE D 777 -10.98 -18.14 -26.99
CA ILE D 777 -10.37 -17.65 -28.22
C ILE D 777 -10.05 -18.79 -29.17
N ALA D 778 -9.54 -19.91 -28.64
CA ALA D 778 -9.23 -21.06 -29.48
C ALA D 778 -10.49 -21.63 -30.13
N VAL D 779 -11.55 -21.81 -29.33
CA VAL D 779 -12.81 -22.31 -29.88
C VAL D 779 -13.38 -21.33 -30.90
N GLU D 780 -13.20 -20.03 -30.67
CA GLU D 780 -13.69 -19.04 -31.61
C GLU D 780 -12.95 -19.11 -32.93
N GLN D 781 -11.63 -19.27 -32.89
CA GLN D 781 -10.86 -19.40 -34.12
C GLN D 781 -11.23 -20.68 -34.86
N ASP D 782 -11.45 -21.77 -34.13
CA ASP D 782 -11.91 -23.00 -34.77
C ASP D 782 -13.27 -22.82 -35.43
N LYS D 783 -14.20 -22.15 -34.75
CA LYS D 783 -15.52 -21.90 -35.33
C LYS D 783 -15.42 -21.00 -36.54
N ASN D 784 -14.52 -20.02 -36.52
CA ASN D 784 -14.33 -19.16 -37.69
C ASN D 784 -13.81 -19.96 -38.88
N THR D 785 -12.78 -20.79 -38.65
CA THR D 785 -12.25 -21.62 -39.73
C THR D 785 -13.32 -22.59 -40.24
N GLN D 786 -14.22 -23.03 -39.39
CA GLN D 786 -15.29 -23.92 -39.83
C GLN D 786 -16.35 -23.19 -40.64
N GLU D 787 -16.74 -21.99 -40.20
CA GLU D 787 -17.81 -21.27 -40.88
C GLU D 787 -17.35 -20.58 -42.15
N VAL D 788 -16.04 -20.35 -42.31
CA VAL D 788 -15.54 -19.68 -43.50
C VAL D 788 -15.44 -20.67 -44.66
N PHE D 789 -14.73 -21.78 -44.44
CA PHE D 789 -14.45 -22.71 -45.53
C PHE D 789 -15.48 -23.84 -45.63
N ALA D 790 -15.93 -24.40 -44.51
CA ALA D 790 -16.85 -25.53 -44.53
C ALA D 790 -18.29 -25.04 -44.63
N GLN D 791 -18.65 -24.54 -45.81
CA GLN D 791 -20.00 -24.08 -46.09
C GLN D 791 -20.82 -25.08 -46.90
N VAL D 792 -20.17 -26.03 -47.57
CA VAL D 792 -20.89 -27.04 -48.33
C VAL D 792 -21.01 -28.31 -47.50
N LYS D 793 -22.02 -29.13 -47.84
CA LYS D 793 -22.29 -30.37 -47.13
C LYS D 793 -21.47 -31.54 -47.67
N GLN D 794 -21.27 -31.59 -48.98
CA GLN D 794 -20.52 -32.67 -49.62
C GLN D 794 -19.29 -32.10 -50.35
N ILE D 795 -18.27 -32.95 -50.47
CA ILE D 795 -17.03 -32.59 -51.14
C ILE D 795 -17.15 -32.96 -52.61
N TYR D 796 -17.13 -31.96 -53.47
CA TYR D 796 -17.27 -32.17 -54.90
C TYR D 796 -15.91 -32.38 -55.55
N LYS D 797 -15.93 -33.14 -56.65
CA LYS D 797 -14.70 -33.45 -57.39
C LYS D 797 -14.86 -32.98 -58.84
N THR D 798 -13.76 -32.54 -59.43
CA THR D 798 -13.79 -32.09 -60.81
C THR D 798 -13.64 -33.29 -61.75
N PRO D 799 -14.30 -33.30 -62.90
CA PRO D 799 -14.16 -34.41 -63.83
C PRO D 799 -12.75 -34.50 -64.39
N PRO D 800 -12.35 -35.66 -64.91
CA PRO D 800 -11.00 -35.77 -65.49
C PRO D 800 -10.81 -34.86 -66.69
N ILE D 801 -11.75 -34.87 -67.62
CA ILE D 801 -11.72 -33.97 -68.77
C ILE D 801 -11.97 -32.55 -68.27
N LYS D 802 -10.96 -31.70 -68.33
CA LYS D 802 -11.02 -30.34 -67.78
C LYS D 802 -11.31 -29.30 -68.86
N TYR D 803 -12.11 -29.65 -69.87
CA TYR D 803 -12.51 -28.69 -70.90
C TYR D 803 -13.79 -28.03 -70.42
N PHE D 804 -13.64 -26.93 -69.68
CA PHE D 804 -14.76 -26.21 -69.09
C PHE D 804 -15.14 -25.04 -70.00
N GLY D 805 -15.57 -25.37 -71.22
CA GLY D 805 -16.03 -24.36 -72.16
C GLY D 805 -14.91 -23.63 -72.88
N GLY D 806 -13.70 -23.72 -72.36
CA GLY D 806 -12.58 -23.02 -72.95
C GLY D 806 -11.80 -22.19 -71.94
N PHE D 807 -12.32 -22.12 -70.72
CA PHE D 807 -11.67 -21.39 -69.65
C PHE D 807 -10.68 -22.30 -68.93
N ASN D 808 -9.43 -21.86 -68.83
CA ASN D 808 -8.36 -22.66 -68.24
C ASN D 808 -8.27 -22.33 -66.74
N PHE D 809 -8.72 -23.26 -65.91
CA PHE D 809 -8.66 -23.11 -64.46
C PHE D 809 -7.47 -23.87 -63.86
N SER D 810 -6.45 -24.15 -64.66
CA SER D 810 -5.34 -24.98 -64.18
C SER D 810 -4.55 -24.28 -63.07
N GLN D 811 -4.63 -22.95 -62.99
CA GLN D 811 -3.88 -22.23 -61.98
C GLN D 811 -4.60 -22.13 -60.65
N ILE D 812 -5.91 -22.39 -60.62
CA ILE D 812 -6.67 -22.28 -59.39
C ILE D 812 -7.11 -23.67 -58.92
N LEU D 813 -7.19 -24.62 -59.87
CA LEU D 813 -7.54 -25.98 -59.50
C LEU D 813 -6.36 -26.67 -58.82
N PRO D 814 -6.63 -27.65 -57.95
CA PRO D 814 -5.53 -28.33 -57.24
C PRO D 814 -4.63 -29.07 -58.20
N ASP D 815 -3.32 -28.95 -57.97
CA ASP D 815 -2.32 -29.58 -58.83
C ASP D 815 -1.92 -30.92 -58.23
N PRO D 816 -1.98 -32.01 -59.00
CA PRO D 816 -1.67 -33.33 -58.43
C PRO D 816 -0.17 -33.61 -58.30
N SER D 817 0.69 -32.81 -58.92
CA SER D 817 2.12 -33.03 -58.84
C SER D 817 2.64 -32.82 -57.41
N LYS D 818 2.27 -31.70 -56.81
CA LYS D 818 2.66 -31.41 -55.44
C LYS D 818 1.98 -32.38 -54.48
N PRO D 819 2.65 -32.81 -53.41
CA PRO D 819 2.02 -33.75 -52.47
C PRO D 819 1.04 -33.07 -51.52
N SER D 820 0.80 -31.77 -51.72
CA SER D 820 -0.10 -31.01 -50.88
C SER D 820 -1.47 -30.81 -51.50
N LYS D 821 -1.67 -31.21 -52.75
CA LYS D 821 -2.95 -31.10 -53.45
C LYS D 821 -3.44 -29.66 -53.51
N ARG D 822 -2.52 -28.72 -53.66
CA ARG D 822 -2.86 -27.30 -53.77
C ARG D 822 -2.62 -26.79 -55.18
N SER D 823 -3.16 -25.61 -55.45
CA SER D 823 -3.02 -24.96 -56.74
C SER D 823 -1.72 -24.16 -56.81
N PRO D 824 -1.25 -23.83 -58.02
CA PRO D 824 -0.04 -22.98 -58.12
C PRO D 824 -0.16 -21.67 -57.37
N ILE D 825 -1.34 -21.05 -57.41
CA ILE D 825 -1.55 -19.81 -56.69
C ILE D 825 -1.51 -20.05 -55.18
N GLU D 826 -2.14 -21.14 -54.71
CA GLU D 826 -2.07 -21.46 -53.29
C GLU D 826 -0.65 -21.82 -52.87
N ASP D 827 0.10 -22.50 -53.73
CA ASP D 827 1.49 -22.82 -53.41
C ASP D 827 2.33 -21.55 -53.34
N LEU D 828 2.04 -20.57 -54.20
CA LEU D 828 2.76 -19.30 -54.14
C LEU D 828 2.39 -18.51 -52.89
N LEU D 829 1.12 -18.57 -52.48
CA LEU D 829 0.68 -17.83 -51.30
C LEU D 829 1.20 -18.45 -50.02
N PHE D 830 1.30 -19.77 -49.95
CA PHE D 830 1.82 -20.44 -48.76
C PHE D 830 3.31 -20.30 -48.60
N ASN D 831 4.03 -19.94 -49.66
CA ASN D 831 5.48 -19.74 -49.61
C ASN D 831 5.85 -18.29 -49.34
N LYS D 832 4.89 -17.47 -48.93
CA LYS D 832 5.14 -16.06 -48.65
C LYS D 832 4.08 -15.50 -47.71
N ALA D 859 7.05 -29.60 -29.11
CA ALA D 859 8.41 -29.09 -29.03
C ALA D 859 8.44 -27.57 -29.10
N GLN D 860 7.29 -26.97 -29.37
CA GLN D 860 7.16 -25.52 -29.48
C GLN D 860 6.75 -24.92 -28.13
N LYS D 861 7.69 -24.99 -27.19
CA LYS D 861 7.50 -24.48 -25.84
C LYS D 861 8.68 -23.61 -25.45
N PHE D 862 8.38 -22.43 -24.90
CA PHE D 862 9.44 -21.50 -24.52
C PHE D 862 9.49 -21.29 -23.01
N ASN D 863 8.41 -20.76 -22.44
CA ASN D 863 8.33 -20.49 -21.01
C ASN D 863 6.97 -20.87 -20.44
N GLY D 864 6.20 -21.64 -21.19
CA GLY D 864 4.86 -22.01 -20.77
C GLY D 864 3.82 -21.75 -21.84
N LEU D 865 4.12 -20.84 -22.76
CA LEU D 865 3.23 -20.52 -23.86
C LEU D 865 3.32 -21.60 -24.93
N THR D 866 2.17 -22.20 -25.26
CA THR D 866 2.10 -23.27 -26.24
C THR D 866 1.11 -22.89 -27.33
N VAL D 867 1.55 -23.00 -28.58
CA VAL D 867 0.70 -22.70 -29.73
C VAL D 867 -0.03 -23.98 -30.13
N LEU D 868 -1.35 -24.00 -29.97
CA LEU D 868 -2.13 -25.19 -30.29
C LEU D 868 -2.36 -25.30 -31.79
N PRO D 869 -2.31 -26.51 -32.33
CA PRO D 869 -2.52 -26.69 -33.76
C PRO D 869 -3.98 -26.53 -34.13
N PRO D 870 -4.28 -25.97 -35.30
CA PRO D 870 -5.68 -25.81 -35.71
C PRO D 870 -6.36 -27.16 -35.91
N LEU D 871 -7.69 -27.15 -35.78
CA LEU D 871 -8.46 -28.37 -35.98
C LEU D 871 -8.39 -28.83 -37.43
N LEU D 872 -8.62 -27.92 -38.37
CA LEU D 872 -8.54 -28.24 -39.79
C LEU D 872 -7.13 -27.98 -40.29
N THR D 873 -6.48 -29.01 -40.82
CA THR D 873 -5.14 -28.88 -41.36
C THR D 873 -5.17 -28.18 -42.71
N ASP D 874 -3.99 -27.94 -43.28
CA ASP D 874 -3.91 -27.30 -44.59
C ASP D 874 -4.50 -28.18 -45.69
N GLU D 875 -4.37 -29.50 -45.55
CA GLU D 875 -4.94 -30.41 -46.56
C GLU D 875 -6.47 -30.34 -46.55
N MET D 876 -7.07 -30.20 -45.37
CA MET D 876 -8.53 -30.12 -45.29
C MET D 876 -9.04 -28.80 -45.85
N ILE D 877 -8.33 -27.71 -45.60
CA ILE D 877 -8.72 -26.43 -46.19
C ILE D 877 -8.55 -26.46 -47.71
N ALA D 878 -7.49 -27.12 -48.18
CA ALA D 878 -7.32 -27.29 -49.63
C ALA D 878 -8.43 -28.10 -50.24
N GLN D 879 -8.86 -29.18 -49.56
CA GLN D 879 -9.98 -29.97 -50.08
C GLN D 879 -11.28 -29.19 -50.06
N TYR D 880 -11.50 -28.37 -49.03
CA TYR D 880 -12.68 -27.52 -49.00
C TYR D 880 -12.68 -26.53 -50.15
N THR D 881 -11.54 -25.89 -50.42
CA THR D 881 -11.45 -24.97 -51.53
C THR D 881 -11.63 -25.67 -52.87
N SER D 882 -11.09 -26.88 -53.01
CA SER D 882 -11.29 -27.63 -54.24
C SER D 882 -12.76 -28.02 -54.43
N ALA D 883 -13.44 -28.38 -53.35
CA ALA D 883 -14.87 -28.70 -53.46
C ALA D 883 -15.68 -27.47 -53.83
N LEU D 884 -15.36 -26.32 -53.21
CA LEU D 884 -16.03 -25.08 -53.57
C LEU D 884 -15.80 -24.72 -55.04
N LEU D 885 -14.56 -24.91 -55.53
CA LEU D 885 -14.27 -24.61 -56.93
C LEU D 885 -15.00 -25.56 -57.87
N ALA D 886 -15.06 -26.84 -57.51
CA ALA D 886 -15.78 -27.81 -58.34
C ALA D 886 -17.28 -27.50 -58.36
N GLY D 887 -17.83 -27.06 -57.23
CA GLY D 887 -19.23 -26.65 -57.22
C GLY D 887 -19.48 -25.38 -58.01
N THR D 888 -18.54 -24.45 -57.99
CA THR D 888 -18.68 -23.22 -58.77
C THR D 888 -18.55 -23.47 -60.26
N ILE D 889 -17.75 -24.45 -60.66
CA ILE D 889 -17.56 -24.78 -62.07
C ILE D 889 -18.70 -25.63 -62.60
N THR D 890 -19.04 -26.72 -61.91
CA THR D 890 -20.06 -27.64 -62.41
C THR D 890 -21.47 -27.11 -62.13
N SER D 891 -21.72 -26.66 -60.89
CA SER D 891 -23.05 -26.20 -60.50
C SER D 891 -23.18 -24.67 -60.53
N GLY D 892 -22.16 -23.94 -60.09
CA GLY D 892 -22.20 -22.50 -60.12
C GLY D 892 -22.81 -21.88 -58.88
N TRP D 893 -24.14 -21.96 -58.76
CA TRP D 893 -24.83 -21.40 -57.60
C TRP D 893 -25.89 -22.31 -57.01
N THR D 894 -26.30 -23.37 -57.69
CA THR D 894 -27.34 -24.26 -57.17
C THR D 894 -26.84 -25.16 -56.06
N PHE D 895 -25.52 -25.40 -55.97
CA PHE D 895 -25.00 -26.26 -54.93
C PHE D 895 -25.03 -25.57 -53.57
N GLY D 896 -25.06 -24.25 -53.54
CA GLY D 896 -25.13 -23.51 -52.30
C GLY D 896 -26.53 -23.22 -51.81
N ALA D 897 -27.55 -23.56 -52.59
CA ALA D 897 -28.94 -23.34 -52.21
C ALA D 897 -29.76 -24.63 -52.32
N GLY D 898 -29.11 -25.78 -52.25
CA GLY D 898 -29.80 -27.05 -52.35
C GLY D 898 -28.95 -28.11 -53.02
N PRO D 899 -29.57 -28.93 -53.87
CA PRO D 899 -28.83 -29.98 -54.56
C PRO D 899 -27.94 -29.42 -55.65
N ALA D 900 -26.83 -30.11 -55.89
CA ALA D 900 -25.87 -29.68 -56.91
C ALA D 900 -26.44 -30.00 -58.29
N LEU D 901 -26.85 -28.96 -59.01
CA LEU D 901 -27.43 -29.11 -60.34
C LEU D 901 -26.34 -28.86 -61.37
N GLN D 902 -26.05 -29.87 -62.18
CA GLN D 902 -25.04 -29.73 -63.22
C GLN D 902 -25.50 -28.76 -64.30
N ILE D 903 -24.55 -28.00 -64.84
CA ILE D 903 -24.82 -27.02 -65.89
C ILE D 903 -23.52 -26.68 -66.59
N PRO D 904 -23.51 -26.61 -67.93
CA PRO D 904 -22.27 -26.25 -68.64
C PRO D 904 -21.79 -24.86 -68.23
N PHE D 905 -20.48 -24.68 -68.28
CA PHE D 905 -19.89 -23.40 -67.89
C PHE D 905 -20.26 -22.25 -68.83
N PRO D 906 -20.29 -22.42 -70.16
CA PRO D 906 -20.80 -21.32 -70.99
C PRO D 906 -22.24 -20.95 -70.70
N MET D 907 -23.11 -21.94 -70.47
CA MET D 907 -24.48 -21.63 -70.07
C MET D 907 -24.55 -21.01 -68.69
N GLN D 908 -23.56 -21.26 -67.84
CA GLN D 908 -23.51 -20.61 -66.53
C GLN D 908 -23.12 -19.14 -66.67
N MET D 909 -22.12 -18.86 -67.50
CA MET D 909 -21.73 -17.48 -67.77
C MET D 909 -22.82 -16.70 -68.49
N ALA D 910 -23.58 -17.36 -69.37
CA ALA D 910 -24.66 -16.67 -70.06
C ALA D 910 -25.74 -16.22 -69.09
N TYR D 911 -25.98 -16.99 -68.02
CA TYR D 911 -26.96 -16.59 -67.03
C TYR D 911 -26.37 -15.62 -66.00
N ARG D 912 -25.07 -15.71 -65.74
CA ARG D 912 -24.43 -14.72 -64.87
C ARG D 912 -24.36 -13.35 -65.52
N PHE D 913 -24.26 -13.29 -66.86
CA PHE D 913 -24.32 -12.02 -67.55
C PHE D 913 -25.71 -11.39 -67.43
N ASN D 914 -26.75 -12.21 -67.40
CA ASN D 914 -28.12 -11.69 -67.28
C ASN D 914 -28.38 -11.06 -65.92
N GLY D 915 -27.51 -11.27 -64.93
CA GLY D 915 -27.67 -10.67 -63.63
C GLY D 915 -27.12 -9.26 -63.50
N ILE D 916 -26.41 -8.78 -64.51
CA ILE D 916 -25.85 -7.43 -64.49
C ILE D 916 -26.43 -6.54 -65.57
N GLY D 917 -27.26 -7.06 -66.47
CA GLY D 917 -27.89 -6.28 -67.53
C GLY D 917 -27.49 -6.72 -68.92
N VAL D 918 -26.26 -7.24 -69.08
CA VAL D 918 -25.80 -7.67 -70.39
C VAL D 918 -26.55 -8.93 -70.81
N THR D 919 -27.06 -8.93 -72.04
CA THR D 919 -27.78 -10.08 -72.55
C THR D 919 -26.83 -11.26 -72.74
N GLN D 920 -27.41 -12.45 -72.83
CA GLN D 920 -26.62 -13.68 -72.91
C GLN D 920 -26.03 -13.92 -74.29
N ASN D 921 -26.50 -13.21 -75.33
CA ASN D 921 -25.95 -13.41 -76.66
C ASN D 921 -24.55 -12.85 -76.80
N VAL D 922 -24.19 -11.84 -76.01
CA VAL D 922 -22.85 -11.28 -76.07
C VAL D 922 -21.81 -12.35 -75.74
N LEU D 923 -22.09 -13.18 -74.73
CA LEU D 923 -21.18 -14.27 -74.40
C LEU D 923 -21.14 -15.30 -75.52
N TYR D 924 -22.31 -15.69 -76.02
CA TYR D 924 -22.36 -16.71 -77.08
C TYR D 924 -21.74 -16.19 -78.37
N GLU D 925 -21.46 -14.89 -78.46
CA GLU D 925 -20.78 -14.34 -79.62
C GLU D 925 -19.30 -14.07 -79.38
N ASN D 926 -18.89 -13.79 -78.14
CA ASN D 926 -17.50 -13.45 -77.85
C ASN D 926 -16.91 -14.36 -76.78
N GLN D 927 -17.35 -15.63 -76.77
CA GLN D 927 -16.81 -16.60 -75.82
C GLN D 927 -15.29 -16.76 -75.95
N LYS D 928 -14.77 -16.76 -77.18
CA LYS D 928 -13.33 -16.90 -77.35
C LYS D 928 -12.58 -15.73 -76.72
N LEU D 929 -13.02 -14.50 -77.00
CA LEU D 929 -12.36 -13.33 -76.41
C LEU D 929 -12.50 -13.32 -74.90
N ILE D 930 -13.66 -13.73 -74.38
CA ILE D 930 -13.86 -13.74 -72.93
C ILE D 930 -12.97 -14.78 -72.28
N ALA D 931 -12.82 -15.96 -72.89
CA ALA D 931 -11.93 -16.97 -72.33
C ALA D 931 -10.47 -16.51 -72.38
N ASN D 932 -10.08 -15.84 -73.48
CA ASN D 932 -8.73 -15.31 -73.57
C ASN D 932 -8.46 -14.27 -72.49
N GLN D 933 -9.42 -13.36 -72.28
CA GLN D 933 -9.25 -12.35 -71.23
C GLN D 933 -9.23 -12.97 -69.85
N PHE D 934 -10.03 -14.01 -69.62
CA PHE D 934 -10.03 -14.69 -68.33
C PHE D 934 -8.70 -15.37 -68.06
N ASN D 935 -8.15 -16.07 -69.07
CA ASN D 935 -6.84 -16.68 -68.92
C ASN D 935 -5.75 -15.64 -68.70
N SER D 936 -5.81 -14.53 -69.42
CA SER D 936 -4.82 -13.47 -69.23
C SER D 936 -4.91 -12.88 -67.82
N ALA D 937 -6.12 -12.69 -67.30
CA ALA D 937 -6.26 -12.15 -65.95
C ALA D 937 -5.78 -13.15 -64.90
N ILE D 938 -6.06 -14.43 -65.10
CA ILE D 938 -5.57 -15.46 -64.18
C ILE D 938 -4.05 -15.50 -64.18
N GLY D 939 -3.43 -15.34 -65.36
CA GLY D 939 -1.99 -15.29 -65.42
C GLY D 939 -1.41 -14.04 -64.76
N LYS D 940 -2.03 -12.89 -65.02
CA LYS D 940 -1.56 -11.65 -64.42
C LYS D 940 -1.73 -11.62 -62.91
N ILE D 941 -2.72 -12.33 -62.37
CA ILE D 941 -2.86 -12.42 -60.92
C ILE D 941 -1.62 -13.07 -60.31
N GLN D 942 -1.22 -14.22 -60.85
CA GLN D 942 -0.02 -14.89 -60.35
C GLN D 942 1.24 -14.06 -60.62
N ASP D 943 1.29 -13.39 -61.77
CA ASP D 943 2.45 -12.54 -62.06
C ASP D 943 2.58 -11.39 -61.06
N SER D 944 1.45 -10.78 -60.66
CA SER D 944 1.50 -9.69 -59.70
C SER D 944 1.78 -10.21 -58.30
N LEU D 945 1.27 -11.40 -57.96
CA LEU D 945 1.58 -11.98 -56.66
C LEU D 945 3.06 -12.36 -56.56
N SER D 946 3.68 -12.72 -57.69
CA SER D 946 5.10 -13.05 -57.67
C SER D 946 5.97 -11.78 -57.67
N SER D 947 5.55 -10.75 -58.41
CA SER D 947 6.35 -9.54 -58.52
C SER D 947 6.19 -8.63 -57.30
N THR D 948 5.04 -8.65 -56.65
CA THR D 948 4.77 -7.80 -55.49
C THR D 948 4.71 -8.68 -54.24
N PRO D 949 5.77 -8.69 -53.44
CA PRO D 949 5.76 -9.50 -52.21
C PRO D 949 4.91 -8.90 -51.09
N SER D 950 4.50 -7.64 -51.20
CA SER D 950 3.71 -6.99 -50.18
C SER D 950 2.21 -7.12 -50.41
N ALA D 951 1.78 -8.07 -51.26
CA ALA D 951 0.35 -8.26 -51.49
C ALA D 951 -0.34 -8.87 -50.28
N LEU D 952 0.33 -9.77 -49.57
CA LEU D 952 -0.22 -10.39 -48.37
C LEU D 952 0.05 -9.51 -47.14
N GLY D 953 -0.62 -8.36 -47.11
CA GLY D 953 -0.38 -7.41 -46.04
C GLY D 953 -0.92 -7.87 -44.70
N LYS D 954 -2.21 -8.18 -44.65
CA LYS D 954 -2.84 -8.52 -43.38
C LYS D 954 -2.43 -9.92 -42.91
N LEU D 955 -2.23 -10.85 -43.84
CA LEU D 955 -1.83 -12.21 -43.46
C LEU D 955 -0.47 -12.21 -42.76
N GLN D 956 0.45 -11.36 -43.21
CA GLN D 956 1.71 -11.20 -42.52
C GLN D 956 1.59 -10.29 -41.31
N ASP D 957 0.66 -9.33 -41.33
CA ASP D 957 0.52 -8.40 -40.21
C ASP D 957 0.02 -9.11 -38.97
N VAL D 958 -0.94 -10.03 -39.12
CA VAL D 958 -1.45 -10.75 -37.95
C VAL D 958 -0.38 -11.65 -37.36
N VAL D 959 0.42 -12.30 -38.21
CA VAL D 959 1.51 -13.15 -37.71
C VAL D 959 2.57 -12.32 -37.01
N ASN D 960 2.92 -11.15 -37.58
CA ASN D 960 3.88 -10.28 -36.93
C ASN D 960 3.36 -9.75 -35.60
N HIS D 961 2.07 -9.43 -35.52
CA HIS D 961 1.49 -8.96 -34.25
C HIS D 961 1.52 -10.07 -33.20
N ASN D 962 1.16 -11.29 -33.60
CA ASN D 962 1.21 -12.40 -32.65
C ASN D 962 2.64 -12.67 -32.18
N ALA D 963 3.61 -12.65 -33.11
CA ALA D 963 5.00 -12.88 -32.73
C ALA D 963 5.51 -11.78 -31.81
N GLN D 964 5.15 -10.54 -32.09
CA GLN D 964 5.57 -9.43 -31.23
C GLN D 964 4.94 -9.53 -29.85
N ALA D 965 3.66 -9.92 -29.78
CA ALA D 965 3.02 -10.09 -28.48
C ALA D 965 3.69 -11.20 -27.68
N LEU D 966 3.99 -12.33 -28.32
CA LEU D 966 4.67 -13.42 -27.61
C LEU D 966 6.07 -13.00 -27.17
N ASN D 967 6.82 -12.32 -28.03
CA ASN D 967 8.17 -11.89 -27.68
C ASN D 967 8.14 -10.89 -26.54
N THR D 968 7.15 -9.99 -26.52
CA THR D 968 7.04 -9.05 -25.41
C THR D 968 6.65 -9.75 -24.11
N LEU D 969 5.70 -10.70 -24.19
CA LEU D 969 5.32 -11.44 -22.99
C LEU D 969 6.47 -12.25 -22.43
N VAL D 970 7.36 -12.74 -23.30
CA VAL D 970 8.54 -13.46 -22.81
C VAL D 970 9.62 -12.52 -22.28
N LYS D 971 9.84 -11.38 -22.94
CA LYS D 971 10.90 -10.47 -22.53
C LYS D 971 10.55 -9.73 -21.25
N GLN D 972 9.25 -9.55 -20.97
CA GLN D 972 8.84 -8.88 -19.74
C GLN D 972 8.99 -9.76 -18.51
N LEU D 973 9.63 -10.92 -18.63
CA LEU D 973 9.96 -11.75 -17.48
C LEU D 973 11.31 -11.37 -16.87
N SER D 974 12.23 -10.82 -17.66
CA SER D 974 13.54 -10.41 -17.17
C SER D 974 13.57 -8.96 -16.70
N SER D 975 12.41 -8.35 -16.47
CA SER D 975 12.33 -6.98 -16.01
C SER D 975 12.07 -6.96 -14.50
N LYS D 976 12.87 -6.18 -13.79
CA LYS D 976 12.75 -6.08 -12.33
C LYS D 976 11.59 -5.17 -11.97
N PHE D 977 10.56 -5.73 -11.35
CA PHE D 977 9.38 -4.98 -10.94
C PHE D 977 9.51 -4.40 -9.53
N GLY D 978 10.74 -4.22 -9.05
CA GLY D 978 10.96 -3.69 -7.71
C GLY D 978 11.81 -4.59 -6.85
N ALA D 979 12.23 -5.73 -7.40
CA ALA D 979 13.04 -6.69 -6.69
C ALA D 979 14.52 -6.45 -6.99
N ILE D 980 15.38 -7.21 -6.31
CA ILE D 980 16.82 -7.07 -6.53
C ILE D 980 17.24 -7.65 -7.87
N SER D 981 16.47 -8.60 -8.41
CA SER D 981 16.76 -9.18 -9.71
C SER D 981 15.45 -9.72 -10.29
N SER D 982 15.56 -10.47 -11.38
CA SER D 982 14.39 -11.01 -12.07
C SER D 982 14.28 -12.53 -11.93
N VAL D 983 15.21 -13.18 -11.25
CA VAL D 983 15.19 -14.63 -11.05
C VAL D 983 14.63 -14.92 -9.67
N LEU D 984 13.58 -15.75 -9.64
CA LEU D 984 12.98 -16.12 -8.35
C LEU D 984 13.94 -16.93 -7.50
N ASN D 985 14.77 -17.76 -8.11
CA ASN D 985 15.74 -18.53 -7.36
C ASN D 985 16.75 -17.64 -6.65
N ASP D 986 17.19 -16.57 -7.29
CA ASP D 986 18.10 -15.62 -6.65
C ASP D 986 17.44 -14.92 -5.46
N ILE D 987 16.17 -14.54 -5.61
CA ILE D 987 15.44 -13.91 -4.52
C ILE D 987 15.30 -14.87 -3.35
N LEU D 988 15.01 -16.14 -3.64
CA LEU D 988 14.86 -17.12 -2.56
C LEU D 988 16.19 -17.52 -1.95
N SER D 989 17.30 -17.37 -2.67
CA SER D 989 18.60 -17.78 -2.15
C SER D 989 19.25 -16.67 -1.33
N ARG D 990 19.39 -15.48 -1.91
CA ARG D 990 20.09 -14.40 -1.23
C ARG D 990 19.29 -13.89 -0.04
N LEU D 991 18.04 -13.47 -0.28
CA LEU D 991 17.22 -12.90 0.77
C LEU D 991 16.48 -13.98 1.54
N ASP D 992 16.22 -13.72 2.82
CA ASP D 992 15.47 -14.62 3.66
C ASP D 992 13.99 -14.58 3.28
N PRO D 993 13.25 -15.65 3.59
CA PRO D 993 11.83 -15.73 3.18
C PRO D 993 11.00 -14.54 3.64
N PRO D 994 11.07 -14.13 4.93
CA PRO D 994 10.19 -13.03 5.35
C PRO D 994 10.49 -11.71 4.64
N GLU D 995 11.75 -11.48 4.25
CA GLU D 995 12.06 -10.28 3.48
C GLU D 995 11.79 -10.48 1.99
N ALA D 996 12.05 -11.68 1.47
CA ALA D 996 11.81 -11.94 0.05
C ALA D 996 10.33 -11.96 -0.27
N GLU D 997 9.47 -12.09 0.75
CA GLU D 997 8.03 -12.04 0.53
C GLU D 997 7.57 -10.69 0.00
N VAL D 998 8.31 -9.63 0.27
CA VAL D 998 7.93 -8.30 -0.22
C VAL D 998 8.27 -8.16 -1.70
N GLN D 999 9.41 -8.70 -2.13
CA GLN D 999 9.81 -8.57 -3.51
C GLN D 999 9.11 -9.57 -4.43
N ILE D 1000 8.85 -10.79 -3.93
CA ILE D 1000 8.14 -11.76 -4.75
C ILE D 1000 6.71 -11.32 -5.00
N ASP D 1001 6.10 -10.57 -4.08
CA ASP D 1001 4.76 -10.03 -4.32
C ASP D 1001 4.78 -9.02 -5.45
N ARG D 1002 5.76 -8.11 -5.47
CA ARG D 1002 5.89 -7.17 -6.57
C ARG D 1002 6.13 -7.89 -7.89
N LEU D 1003 6.99 -8.90 -7.88
CA LEU D 1003 7.27 -9.66 -9.11
C LEU D 1003 6.01 -10.35 -9.63
N ILE D 1004 5.27 -11.03 -8.75
CA ILE D 1004 4.08 -11.74 -9.20
C ILE D 1004 2.99 -10.77 -9.65
N THR D 1005 2.89 -9.61 -8.98
CA THR D 1005 1.92 -8.61 -9.41
C THR D 1005 2.26 -8.07 -10.80
N GLY D 1006 3.54 -7.75 -11.03
CA GLY D 1006 3.93 -7.27 -12.35
C GLY D 1006 3.71 -8.31 -13.44
N ARG D 1007 4.06 -9.57 -13.16
CA ARG D 1007 3.87 -10.62 -14.16
C ARG D 1007 2.39 -10.87 -14.42
N LEU D 1008 1.55 -10.84 -13.39
CA LEU D 1008 0.12 -11.01 -13.59
C LEU D 1008 -0.47 -9.86 -14.39
N GLN D 1009 0.00 -8.63 -14.12
CA GLN D 1009 -0.46 -7.49 -14.91
C GLN D 1009 -0.04 -7.61 -16.38
N SER D 1010 1.20 -8.06 -16.62
CA SER D 1010 1.64 -8.27 -17.99
C SER D 1010 0.81 -9.32 -18.70
N LEU D 1011 0.54 -10.44 -18.02
CA LEU D 1011 -0.25 -11.51 -18.64
C LEU D 1011 -1.69 -11.05 -18.89
N GLN D 1012 -2.25 -10.24 -17.98
CA GLN D 1012 -3.59 -9.71 -18.18
C GLN D 1012 -3.64 -8.74 -19.35
N THR D 1013 -2.60 -7.91 -19.50
CA THR D 1013 -2.53 -7.02 -20.66
C THR D 1013 -2.45 -7.82 -21.95
N TYR D 1014 -1.62 -8.88 -21.95
CA TYR D 1014 -1.53 -9.75 -23.13
C TYR D 1014 -2.87 -10.38 -23.45
N VAL D 1015 -3.60 -10.84 -22.44
CA VAL D 1015 -4.89 -11.49 -22.66
C VAL D 1015 -5.91 -10.48 -23.18
N THR D 1016 -5.88 -9.24 -22.68
CA THR D 1016 -6.81 -8.22 -23.18
C THR D 1016 -6.51 -7.87 -24.63
N GLN D 1017 -5.23 -7.71 -24.97
CA GLN D 1017 -4.87 -7.46 -26.37
C GLN D 1017 -5.26 -8.63 -27.25
N GLN D 1018 -5.08 -9.86 -26.78
CA GLN D 1018 -5.51 -11.02 -27.55
C GLN D 1018 -7.02 -11.06 -27.73
N LEU D 1019 -7.78 -10.65 -26.72
CA LEU D 1019 -9.24 -10.60 -26.85
C LEU D 1019 -9.66 -9.56 -27.88
N ILE D 1020 -9.04 -8.39 -27.86
CA ILE D 1020 -9.38 -7.36 -28.84
C ILE D 1020 -9.02 -7.82 -30.25
N ARG D 1021 -7.83 -8.41 -30.41
CA ARG D 1021 -7.41 -8.89 -31.72
C ARG D 1021 -8.30 -10.04 -32.19
N ALA D 1022 -8.77 -10.87 -31.26
CA ALA D 1022 -9.67 -11.96 -31.62
C ALA D 1022 -11.04 -11.44 -32.02
N ALA D 1023 -11.51 -10.36 -31.39
CA ALA D 1023 -12.76 -9.75 -31.83
C ALA D 1023 -12.60 -9.18 -33.24
N GLU D 1024 -11.47 -8.52 -33.52
CA GLU D 1024 -11.22 -8.01 -34.86
C GLU D 1024 -11.16 -9.15 -35.88
N ILE D 1025 -10.50 -10.26 -35.52
CA ILE D 1025 -10.38 -11.39 -36.42
C ILE D 1025 -11.75 -12.05 -36.62
N ARG D 1026 -12.58 -12.05 -35.59
CA ARG D 1026 -13.94 -12.60 -35.73
C ARG D 1026 -14.76 -11.75 -36.69
N ALA D 1027 -14.66 -10.41 -36.56
CA ALA D 1027 -15.34 -9.54 -37.51
C ALA D 1027 -14.85 -9.77 -38.93
N SER D 1028 -13.53 -9.88 -39.12
CA SER D 1028 -12.99 -10.13 -40.45
C SER D 1028 -13.42 -11.50 -40.99
N ALA D 1029 -13.51 -12.51 -40.12
CA ALA D 1029 -13.90 -13.84 -40.58
C ALA D 1029 -15.38 -13.88 -40.93
N ASN D 1030 -16.22 -13.19 -40.17
CA ASN D 1030 -17.63 -13.07 -40.55
C ASN D 1030 -17.78 -12.36 -41.87
N LEU D 1031 -17.03 -11.27 -42.08
CA LEU D 1031 -17.05 -10.58 -43.37
C LEU D 1031 -16.62 -11.50 -44.50
N ALA D 1032 -15.56 -12.29 -44.28
CA ALA D 1032 -15.06 -13.18 -45.32
C ALA D 1032 -16.06 -14.30 -45.61
N ALA D 1033 -16.73 -14.82 -44.58
CA ALA D 1033 -17.72 -15.87 -44.79
C ALA D 1033 -18.92 -15.32 -45.55
N THR D 1034 -19.39 -14.13 -45.19
CA THR D 1034 -20.48 -13.50 -45.94
C THR D 1034 -20.07 -13.24 -47.38
N LYS D 1035 -18.84 -12.78 -47.60
CA LYS D 1035 -18.38 -12.52 -48.96
C LYS D 1035 -18.30 -13.81 -49.77
N MET D 1036 -17.81 -14.89 -49.17
CA MET D 1036 -17.79 -16.17 -49.88
C MET D 1036 -19.20 -16.65 -50.21
N SER D 1037 -20.11 -16.61 -49.23
CA SER D 1037 -21.47 -17.07 -49.45
C SER D 1037 -22.23 -16.21 -50.47
N GLU D 1038 -21.84 -14.95 -50.64
CA GLU D 1038 -22.55 -14.08 -51.57
C GLU D 1038 -21.90 -13.97 -52.94
N CYS D 1039 -20.59 -14.23 -53.05
CA CYS D 1039 -19.92 -14.10 -54.33
C CYS D 1039 -19.61 -15.45 -54.98
N VAL D 1040 -19.32 -16.47 -54.18
CA VAL D 1040 -19.03 -17.80 -54.72
C VAL D 1040 -20.29 -18.63 -54.87
N LEU D 1041 -21.14 -18.66 -53.85
CA LEU D 1041 -22.38 -19.41 -53.89
C LEU D 1041 -23.47 -18.72 -54.71
N GLY D 1042 -23.20 -17.53 -55.24
CA GLY D 1042 -24.19 -16.82 -56.03
C GLY D 1042 -23.59 -15.57 -56.63
N GLN D 1043 -24.41 -14.86 -57.39
CA GLN D 1043 -24.01 -13.63 -58.07
C GLN D 1043 -24.62 -12.46 -57.31
N SER D 1044 -23.83 -11.87 -56.42
CA SER D 1044 -24.29 -10.75 -55.62
C SER D 1044 -24.34 -9.48 -56.46
N LYS D 1045 -25.40 -8.69 -56.27
CA LYS D 1045 -25.57 -7.43 -56.96
C LYS D 1045 -25.11 -6.24 -56.13
N ARG D 1046 -24.46 -6.48 -54.99
CA ARG D 1046 -23.95 -5.40 -54.17
C ARG D 1046 -22.71 -4.79 -54.82
N VAL D 1047 -22.70 -3.46 -54.93
CA VAL D 1047 -21.61 -2.77 -55.60
C VAL D 1047 -20.37 -2.79 -54.72
N ASP D 1048 -19.21 -3.08 -55.32
CA ASP D 1048 -17.90 -3.03 -54.68
C ASP D 1048 -17.71 -4.17 -53.68
N PHE D 1049 -18.76 -4.95 -53.43
CA PHE D 1049 -18.67 -6.04 -52.47
C PHE D 1049 -17.83 -7.19 -53.03
N CYS D 1050 -18.24 -7.73 -54.17
CA CYS D 1050 -17.48 -8.79 -54.84
C CYS D 1050 -16.50 -8.22 -55.85
N GLY D 1051 -15.66 -7.29 -55.40
CA GLY D 1051 -14.70 -6.63 -56.26
C GLY D 1051 -15.25 -5.39 -56.93
N LYS D 1052 -14.33 -4.60 -57.49
CA LYS D 1052 -14.69 -3.36 -58.16
C LYS D 1052 -15.23 -3.67 -59.55
N GLY D 1053 -16.52 -3.45 -59.75
CA GLY D 1053 -17.17 -3.71 -61.02
C GLY D 1053 -18.36 -4.64 -60.85
N TYR D 1054 -18.93 -5.04 -61.98
CA TYR D 1054 -20.07 -5.95 -61.97
C TYR D 1054 -19.60 -7.35 -61.64
N HIS D 1055 -20.13 -7.92 -60.57
CA HIS D 1055 -19.70 -9.23 -60.10
C HIS D 1055 -20.17 -10.33 -61.06
N LEU D 1056 -19.23 -11.19 -61.46
CA LEU D 1056 -19.54 -12.35 -62.28
C LEU D 1056 -19.28 -13.65 -61.54
N MET D 1057 -18.07 -13.85 -61.05
CA MET D 1057 -17.70 -15.07 -60.33
C MET D 1057 -16.72 -14.73 -59.22
N SER D 1058 -16.41 -15.74 -58.41
CA SER D 1058 -15.43 -15.62 -57.35
C SER D 1058 -14.94 -17.01 -56.97
N PHE D 1059 -13.63 -17.18 -56.94
CA PHE D 1059 -13.02 -18.48 -56.66
C PHE D 1059 -12.23 -18.42 -55.36
N PRO D 1060 -12.65 -19.13 -54.32
CA PRO D 1060 -11.90 -19.10 -53.06
C PRO D 1060 -10.65 -19.95 -53.13
N GLN D 1061 -9.62 -19.49 -52.43
CA GLN D 1061 -8.34 -20.18 -52.36
C GLN D 1061 -7.84 -20.19 -50.93
N SER D 1062 -7.09 -21.23 -50.59
CA SER D 1062 -6.54 -21.36 -49.25
C SER D 1062 -5.33 -20.44 -49.08
N ALA D 1063 -5.16 -19.94 -47.86
CA ALA D 1063 -4.05 -19.04 -47.54
C ALA D 1063 -3.71 -19.24 -46.07
N PRO D 1064 -2.45 -19.01 -45.68
CA PRO D 1064 -2.08 -19.17 -44.27
C PRO D 1064 -2.82 -18.19 -43.36
N HIS D 1065 -3.71 -18.72 -42.51
CA HIS D 1065 -4.50 -17.92 -41.59
C HIS D 1065 -5.33 -16.87 -42.33
N GLY D 1066 -5.92 -17.28 -43.44
CA GLY D 1066 -6.74 -16.36 -44.22
C GLY D 1066 -7.31 -17.05 -45.44
N VAL D 1067 -7.97 -16.25 -46.27
CA VAL D 1067 -8.60 -16.72 -47.50
C VAL D 1067 -8.46 -15.64 -48.56
N VAL D 1068 -8.28 -16.06 -49.81
CA VAL D 1068 -8.12 -15.16 -50.94
C VAL D 1068 -9.25 -15.39 -51.92
N PHE D 1069 -9.87 -14.31 -52.38
CA PHE D 1069 -10.98 -14.37 -53.33
C PHE D 1069 -10.53 -13.77 -54.66
N LEU D 1070 -10.72 -14.51 -55.74
CA LEU D 1070 -10.42 -14.02 -57.09
C LEU D 1070 -11.73 -13.59 -57.73
N HIS D 1071 -12.13 -12.35 -57.42
CA HIS D 1071 -13.40 -11.82 -57.92
C HIS D 1071 -13.29 -11.52 -59.41
N VAL D 1072 -14.15 -12.16 -60.21
CA VAL D 1072 -14.21 -11.90 -61.64
C VAL D 1072 -15.21 -10.77 -61.86
N THR D 1073 -14.71 -9.62 -62.29
CA THR D 1073 -15.53 -8.43 -62.45
C THR D 1073 -15.73 -8.11 -63.94
N TYR D 1074 -16.82 -7.42 -64.23
CA TYR D 1074 -17.15 -6.98 -65.58
C TYR D 1074 -16.94 -5.48 -65.67
N VAL D 1075 -15.89 -5.08 -66.38
CA VAL D 1075 -15.55 -3.66 -66.52
C VAL D 1075 -15.71 -3.24 -67.97
N PRO D 1076 -16.70 -2.39 -68.29
CA PRO D 1076 -16.86 -1.93 -69.66
C PRO D 1076 -15.69 -1.05 -70.11
N ALA D 1077 -15.53 -0.95 -71.42
CA ALA D 1077 -14.46 -0.16 -72.00
C ALA D 1077 -14.86 0.28 -73.40
N GLN D 1078 -14.09 1.23 -73.94
CA GLN D 1078 -14.31 1.77 -75.29
C GLN D 1078 -15.72 2.34 -75.42
N GLU D 1079 -15.99 3.35 -74.61
CA GLU D 1079 -17.29 4.02 -74.63
C GLU D 1079 -17.38 4.98 -75.80
N LYS D 1080 -18.60 5.24 -76.25
CA LYS D 1080 -18.86 6.14 -77.36
C LYS D 1080 -20.08 6.99 -77.06
N ASN D 1081 -20.02 8.26 -77.45
CA ASN D 1081 -21.11 9.19 -77.19
C ASN D 1081 -22.22 9.02 -78.21
N PHE D 1082 -23.46 9.04 -77.73
CA PHE D 1082 -24.63 8.94 -78.60
C PHE D 1082 -25.69 9.92 -78.12
N THR D 1083 -26.59 10.27 -79.04
CA THR D 1083 -27.71 11.15 -78.74
C THR D 1083 -28.87 10.31 -78.19
N THR D 1084 -29.33 10.65 -76.99
CA THR D 1084 -30.36 9.90 -76.31
C THR D 1084 -31.66 10.70 -76.27
N ALA D 1085 -32.72 10.02 -75.82
CA ALA D 1085 -34.04 10.63 -75.69
C ALA D 1085 -34.85 9.82 -74.69
N PRO D 1086 -35.67 10.47 -73.86
CA PRO D 1086 -36.47 9.70 -72.89
C PRO D 1086 -37.43 8.72 -73.55
N ALA D 1087 -38.12 9.15 -74.61
CA ALA D 1087 -39.06 8.29 -75.31
C ALA D 1087 -39.24 8.80 -76.73
N ILE D 1088 -39.90 8.00 -77.56
CA ILE D 1088 -40.20 8.37 -78.93
C ILE D 1088 -41.70 8.57 -79.05
N CYS D 1089 -42.10 9.36 -80.05
CA CYS D 1089 -43.49 9.68 -80.30
C CYS D 1089 -43.92 9.07 -81.62
N HIS D 1090 -44.98 8.27 -81.59
CA HIS D 1090 -45.56 7.68 -82.79
C HIS D 1090 -46.61 8.64 -83.34
N ASP D 1091 -47.45 8.17 -84.26
CA ASP D 1091 -48.48 9.03 -84.86
C ASP D 1091 -49.39 9.63 -83.80
N GLY D 1092 -49.84 8.81 -82.84
CA GLY D 1092 -50.73 9.30 -81.81
C GLY D 1092 -50.48 8.73 -80.43
N LYS D 1093 -49.25 8.29 -80.17
CA LYS D 1093 -48.93 7.70 -78.87
C LYS D 1093 -47.43 7.71 -78.68
N ALA D 1094 -47.01 7.51 -77.44
CA ALA D 1094 -45.61 7.49 -77.05
C ALA D 1094 -45.16 6.05 -76.78
N HIS D 1095 -43.85 5.82 -76.94
CA HIS D 1095 -43.27 4.51 -76.73
C HIS D 1095 -42.04 4.67 -75.84
N PHE D 1096 -42.00 3.91 -74.73
CA PHE D 1096 -40.90 3.93 -73.79
C PHE D 1096 -40.06 2.66 -73.92
N PRO D 1097 -38.75 2.76 -73.71
CA PRO D 1097 -37.89 1.57 -73.78
C PRO D 1097 -38.23 0.58 -72.68
N ARG D 1098 -38.49 -0.67 -73.06
CA ARG D 1098 -38.81 -1.70 -72.08
C ARG D 1098 -37.55 -2.17 -71.36
N GLU D 1099 -36.58 -2.69 -72.12
CA GLU D 1099 -35.26 -3.07 -71.60
C GLU D 1099 -34.21 -2.51 -72.56
N GLY D 1100 -33.75 -1.31 -72.29
CA GLY D 1100 -32.73 -0.68 -73.11
C GLY D 1100 -32.83 0.83 -73.03
N VAL D 1101 -32.16 1.49 -73.97
CA VAL D 1101 -32.11 2.94 -74.03
C VAL D 1101 -32.17 3.38 -75.49
N PHE D 1102 -32.97 4.41 -75.76
CA PHE D 1102 -33.10 4.95 -77.11
C PHE D 1102 -31.89 5.81 -77.41
N VAL D 1103 -30.99 5.28 -78.25
CA VAL D 1103 -29.80 6.01 -78.67
C VAL D 1103 -29.94 6.39 -80.14
N SER D 1104 -29.06 7.27 -80.60
CA SER D 1104 -29.07 7.73 -81.98
C SER D 1104 -27.64 7.97 -82.43
N ASN D 1105 -27.29 7.41 -83.59
CA ASN D 1105 -25.96 7.60 -84.17
C ASN D 1105 -25.82 8.91 -84.92
N GLY D 1106 -26.88 9.71 -85.00
CA GLY D 1106 -26.83 10.98 -85.70
C GLY D 1106 -27.97 11.15 -86.70
N THR D 1107 -28.36 10.06 -87.35
CA THR D 1107 -29.43 10.07 -88.33
C THR D 1107 -30.62 9.22 -87.92
N HIS D 1108 -30.39 7.97 -87.53
CA HIS D 1108 -31.46 7.06 -87.14
C HIS D 1108 -31.47 6.85 -85.64
N TRP D 1109 -32.52 6.18 -85.17
CA TRP D 1109 -32.70 5.89 -83.75
C TRP D 1109 -32.73 4.38 -83.53
N PHE D 1110 -32.01 3.93 -82.51
CA PHE D 1110 -31.93 2.51 -82.19
C PHE D 1110 -32.02 2.34 -80.68
N VAL D 1111 -32.42 1.14 -80.26
CA VAL D 1111 -32.50 0.79 -78.84
C VAL D 1111 -31.37 -0.18 -78.54
N THR D 1112 -30.52 0.19 -77.58
CA THR D 1112 -29.37 -0.60 -77.20
C THR D 1112 -29.41 -0.90 -75.71
N GLN D 1113 -28.59 -1.86 -75.29
CA GLN D 1113 -28.50 -2.22 -73.89
C GLN D 1113 -27.83 -1.11 -73.10
N ARG D 1114 -27.97 -1.18 -71.77
CA ARG D 1114 -27.39 -0.17 -70.88
C ARG D 1114 -25.91 -0.41 -70.60
N ASN D 1115 -25.38 -1.58 -70.93
CA ASN D 1115 -23.98 -1.90 -70.65
C ASN D 1115 -23.23 -2.42 -71.86
N PHE D 1116 -23.86 -2.50 -73.03
CA PHE D 1116 -23.19 -2.99 -74.23
C PHE D 1116 -23.95 -2.46 -75.45
N TYR D 1117 -23.22 -1.82 -76.36
CA TYR D 1117 -23.84 -1.24 -77.55
C TYR D 1117 -24.24 -2.34 -78.51
N GLU D 1118 -25.55 -2.53 -78.71
CA GLU D 1118 -26.08 -3.49 -79.66
C GLU D 1118 -27.22 -2.82 -80.40
N PRO D 1119 -26.96 -2.26 -81.59
CA PRO D 1119 -28.00 -1.52 -82.31
C PRO D 1119 -29.12 -2.44 -82.79
N GLN D 1120 -30.34 -2.17 -82.33
CA GLN D 1120 -31.51 -2.92 -82.73
C GLN D 1120 -32.62 -1.95 -83.12
N ILE D 1121 -33.42 -2.35 -84.11
CA ILE D 1121 -34.52 -1.51 -84.57
C ILE D 1121 -35.58 -1.44 -83.47
N ILE D 1122 -36.25 -0.29 -83.40
CA ILE D 1122 -37.27 -0.04 -82.39
C ILE D 1122 -38.59 -0.63 -82.89
N THR D 1123 -39.00 -1.75 -82.29
CA THR D 1123 -40.24 -2.43 -82.64
C THR D 1123 -41.24 -2.30 -81.50
N THR D 1124 -42.39 -2.96 -81.66
CA THR D 1124 -43.42 -2.97 -80.63
C THR D 1124 -43.19 -4.05 -79.58
N ASP D 1125 -42.19 -4.91 -79.76
CA ASP D 1125 -41.91 -5.96 -78.80
C ASP D 1125 -41.00 -5.50 -77.66
N ASN D 1126 -40.24 -4.43 -77.87
CA ASN D 1126 -39.36 -3.89 -76.83
C ASN D 1126 -39.78 -2.50 -76.38
N THR D 1127 -41.01 -2.09 -76.69
CA THR D 1127 -41.54 -0.79 -76.29
C THR D 1127 -42.96 -0.95 -75.80
N PHE D 1128 -43.31 -0.20 -74.75
CA PHE D 1128 -44.66 -0.19 -74.20
C PHE D 1128 -45.22 1.23 -74.26
N VAL D 1129 -46.52 1.33 -74.57
CA VAL D 1129 -47.18 2.61 -74.74
C VAL D 1129 -47.85 3.00 -73.43
N SER D 1130 -47.60 4.23 -72.98
CA SER D 1130 -48.24 4.74 -71.76
C SER D 1130 -48.39 6.26 -71.92
N GLY D 1131 -49.57 6.67 -72.38
CA GLY D 1131 -49.91 8.08 -72.53
C GLY D 1131 -49.59 8.57 -73.93
N ASN D 1132 -49.68 9.88 -74.10
CA ASN D 1132 -49.42 10.56 -75.36
C ASN D 1132 -48.19 11.46 -75.21
N CYS D 1133 -47.88 12.19 -76.28
CA CYS D 1133 -46.69 13.04 -76.34
C CYS D 1133 -47.07 14.46 -75.97
N ASP D 1134 -47.50 14.65 -74.72
CA ASP D 1134 -47.88 15.97 -74.25
C ASP D 1134 -47.33 16.27 -72.86
N VAL D 1135 -46.85 15.24 -72.16
CA VAL D 1135 -46.42 15.39 -70.78
C VAL D 1135 -44.93 15.11 -70.66
N VAL D 1136 -44.41 14.27 -71.55
CA VAL D 1136 -42.99 13.90 -71.52
C VAL D 1136 -42.18 15.03 -72.13
N ILE D 1137 -41.17 15.49 -71.39
CA ILE D 1137 -40.33 16.61 -71.81
C ILE D 1137 -39.06 16.01 -72.42
N GLY D 1138 -38.90 16.18 -73.73
CA GLY D 1138 -37.73 15.71 -74.43
C GLY D 1138 -38.01 14.57 -75.38
N ILE D 1139 -39.30 14.31 -75.64
CA ILE D 1139 -39.68 13.20 -76.50
C ILE D 1139 -39.39 13.57 -77.95
N VAL D 1140 -38.88 12.60 -78.71
CA VAL D 1140 -38.55 12.82 -80.12
C VAL D 1140 -39.62 12.18 -80.99
N ASN D 1141 -39.64 12.54 -82.28
CA ASN D 1141 -40.63 12.04 -83.22
C ASN D 1141 -39.92 11.05 -84.15
N ASN D 1142 -39.98 9.77 -83.80
CA ASN D 1142 -39.41 8.69 -84.60
C ASN D 1142 -40.46 7.60 -84.79
N THR D 1143 -40.27 6.78 -85.81
CA THR D 1143 -41.21 5.73 -86.18
C THR D 1143 -40.84 4.42 -85.49
N VAL D 1144 -41.87 3.69 -85.05
CA VAL D 1144 -41.70 2.39 -84.41
C VAL D 1144 -42.37 1.36 -85.30
N TYR D 1145 -41.61 0.32 -85.66
CA TYR D 1145 -42.11 -0.69 -86.59
C TYR D 1145 -42.97 -1.71 -85.86
N ASP D 1146 -44.05 -2.12 -86.50
CA ASP D 1146 -44.92 -3.17 -85.98
C ASP D 1146 -44.70 -4.44 -86.78
N PRO D 1147 -44.22 -5.53 -86.18
CA PRO D 1147 -43.87 -6.73 -86.95
C PRO D 1147 -45.05 -7.36 -87.68
N LEU D 1148 -46.28 -7.06 -87.24
CA LEU D 1148 -47.45 -7.65 -87.88
C LEU D 1148 -47.66 -7.09 -89.29
N GLN D 1149 -47.27 -5.83 -89.51
CA GLN D 1149 -47.52 -5.15 -90.78
C GLN D 1149 -46.78 -5.79 -91.96
N PRO D 1150 -45.45 -6.06 -91.86
CA PRO D 1150 -44.78 -6.69 -92.99
C PRO D 1150 -45.27 -8.10 -93.25
N GLU D 1151 -45.55 -8.84 -92.18
CA GLU D 1151 -46.05 -10.22 -92.34
C GLU D 1151 -47.43 -10.22 -92.97
N LEU D 1152 -48.23 -9.20 -92.70
CA LEU D 1152 -49.56 -9.08 -93.29
C LEU D 1152 -49.47 -8.28 -94.59
N ASP D 1153 -48.75 -8.86 -95.54
CA ASP D 1153 -48.55 -8.24 -96.85
C ASP D 1153 -49.47 -8.81 -97.92
N SER D 1154 -50.22 -9.86 -97.62
CA SER D 1154 -51.14 -10.45 -98.59
C SER D 1154 -52.38 -9.58 -98.78
N GLN E 1 -17.74 -23.65 76.32
CA GLN E 1 -17.32 -22.27 76.16
C GLN E 1 -16.60 -22.09 74.82
N VAL E 2 -16.93 -21.01 74.11
CA VAL E 2 -16.34 -20.74 72.81
C VAL E 2 -14.90 -20.29 73.01
N GLN E 3 -13.95 -21.12 72.59
CA GLN E 3 -12.53 -20.82 72.70
C GLN E 3 -11.85 -21.16 71.39
N LEU E 4 -11.23 -20.16 70.75
CA LEU E 4 -10.55 -20.34 69.48
C LEU E 4 -9.10 -20.72 69.75
N VAL E 5 -8.75 -21.96 69.41
CA VAL E 5 -7.39 -22.45 69.61
C VAL E 5 -6.59 -22.22 68.33
N GLN E 6 -5.40 -21.68 68.47
CA GLN E 6 -4.52 -21.36 67.35
C GLN E 6 -3.19 -22.09 67.52
N SER E 7 -2.27 -21.84 66.59
CA SER E 7 -0.96 -22.48 66.63
C SER E 7 -0.02 -21.67 67.53
N GLY E 8 1.25 -22.07 67.59
CA GLY E 8 2.22 -21.38 68.42
C GLY E 8 3.18 -20.53 67.63
N ALA E 9 4.46 -20.91 67.62
CA ALA E 9 5.49 -20.20 66.88
C ALA E 9 5.81 -20.91 65.58
N GLU E 10 6.21 -20.13 64.58
CA GLU E 10 6.54 -20.68 63.27
C GLU E 10 7.43 -19.70 62.53
N VAL E 11 8.61 -20.14 62.13
CA VAL E 11 9.57 -19.31 61.40
C VAL E 11 9.57 -19.73 59.95
N LYS E 12 9.94 -18.80 59.07
CA LYS E 12 9.97 -19.07 57.64
C LYS E 12 11.21 -18.40 57.04
N LYS E 13 11.26 -18.35 55.72
CA LYS E 13 12.36 -17.77 54.96
C LYS E 13 11.79 -16.79 53.96
N PRO E 14 12.53 -15.71 53.65
CA PRO E 14 12.03 -14.73 52.67
C PRO E 14 11.73 -15.39 51.33
N GLY E 15 10.49 -15.21 50.86
CA GLY E 15 10.07 -15.83 49.63
C GLY E 15 9.53 -17.23 49.83
N ALA E 16 8.54 -17.37 50.71
CA ALA E 16 7.94 -18.66 51.02
C ALA E 16 6.48 -18.45 51.41
N SER E 17 5.87 -19.46 52.00
CA SER E 17 4.48 -19.40 52.43
C SER E 17 4.33 -20.10 53.76
N VAL E 18 3.66 -19.43 54.70
CA VAL E 18 3.46 -19.96 56.05
C VAL E 18 1.99 -20.35 56.20
N LYS E 19 1.76 -21.57 56.70
CA LYS E 19 0.41 -22.09 56.92
C LYS E 19 0.11 -22.06 58.41
N VAL E 20 -0.84 -21.23 58.81
CA VAL E 20 -1.25 -21.09 60.20
C VAL E 20 -2.74 -21.40 60.29
N SER E 21 -3.09 -22.28 61.22
CA SER E 21 -4.47 -22.71 61.42
C SER E 21 -5.01 -22.19 62.74
N CYS E 22 -6.33 -22.07 62.81
CA CYS E 22 -7.02 -21.59 64.01
C CYS E 22 -8.36 -22.34 64.10
N LYS E 23 -8.37 -23.41 64.89
CA LYS E 23 -9.55 -24.25 65.02
C LYS E 23 -10.57 -23.61 65.95
N THR E 24 -11.85 -23.79 65.62
CA THR E 24 -12.95 -23.28 66.42
C THR E 24 -13.49 -24.36 67.34
N SER E 25 -14.25 -23.91 68.35
CA SER E 25 -14.85 -24.82 69.32
C SER E 25 -15.98 -24.10 70.03
N GLY E 26 -16.91 -24.88 70.55
CA GLY E 26 -18.05 -24.33 71.29
C GLY E 26 -19.29 -24.05 70.47
N TYR E 27 -19.13 -23.33 69.37
CA TYR E 27 -20.24 -22.95 68.50
C TYR E 27 -20.16 -23.73 67.19
N THR E 28 -21.31 -23.88 66.55
CA THR E 28 -21.38 -24.55 65.25
C THR E 28 -20.75 -23.65 64.18
N PHE E 29 -19.74 -24.18 63.50
CA PHE E 29 -18.99 -23.40 62.50
C PHE E 29 -19.74 -23.36 61.16
N THR E 30 -20.96 -22.83 61.23
CA THR E 30 -21.79 -22.68 60.03
C THR E 30 -22.48 -21.33 59.90
N ASP E 31 -22.52 -20.51 60.94
CA ASP E 31 -23.28 -19.26 60.92
C ASP E 31 -22.47 -18.04 61.33
N HIS E 32 -21.38 -18.20 62.06
CA HIS E 32 -20.60 -17.07 62.56
C HIS E 32 -19.40 -16.84 61.66
N TYR E 33 -19.21 -15.59 61.22
CA TYR E 33 -18.07 -15.24 60.39
C TYR E 33 -16.80 -15.13 61.24
N MET E 34 -15.66 -15.17 60.56
CA MET E 34 -14.36 -15.03 61.20
C MET E 34 -13.50 -14.04 60.44
N TYR E 35 -12.65 -13.32 61.17
CA TYR E 35 -11.72 -12.37 60.59
C TYR E 35 -10.30 -12.70 61.02
N TRP E 36 -9.35 -12.39 60.14
CA TRP E 36 -7.94 -12.64 60.38
C TRP E 36 -7.22 -11.30 60.40
N VAL E 37 -6.81 -10.86 61.59
CA VAL E 37 -6.20 -9.55 61.77
C VAL E 37 -4.76 -9.74 62.26
N ARG E 38 -3.90 -8.81 61.86
CA ARG E 38 -2.49 -8.83 62.21
C ARG E 38 -2.19 -7.77 63.26
N GLN E 39 -1.42 -8.14 64.27
CA GLN E 39 -0.99 -7.24 65.33
C GLN E 39 0.53 -7.17 65.33
N ALA E 40 1.08 -6.02 64.95
CA ALA E 40 2.52 -5.85 64.89
C ALA E 40 3.07 -5.40 66.24
N PRO E 41 4.31 -5.79 66.57
CA PRO E 41 4.91 -5.36 67.84
C PRO E 41 5.05 -3.84 67.89
N GLY E 42 4.35 -3.22 68.83
CA GLY E 42 4.33 -1.78 68.98
C GLY E 42 3.25 -1.08 68.18
N GLN E 43 2.86 -1.64 67.05
CA GLN E 43 1.81 -1.07 66.22
C GLN E 43 0.46 -1.68 66.62
N GLY E 44 -0.57 -1.42 65.82
CA GLY E 44 -1.89 -1.95 66.09
C GLY E 44 -2.42 -2.84 64.98
N LEU E 45 -3.73 -3.04 64.94
CA LEU E 45 -4.33 -3.85 63.88
C LEU E 45 -4.21 -3.14 62.55
N GLU E 46 -3.87 -3.91 61.50
CA GLU E 46 -3.54 -3.34 60.20
C GLU E 46 -4.55 -3.71 59.12
N TRP E 47 -4.77 -5.00 58.87
CA TRP E 47 -5.54 -5.46 57.73
C TRP E 47 -6.78 -6.23 58.18
N MET E 48 -7.85 -6.10 57.42
CA MET E 48 -9.09 -6.83 57.65
C MET E 48 -9.17 -8.03 56.71
N GLY E 49 -10.31 -8.71 56.71
CA GLY E 49 -10.49 -9.86 55.85
C GLY E 49 -11.37 -10.93 56.48
N VAL E 50 -12.38 -11.38 55.75
CA VAL E 50 -13.38 -12.31 56.27
C VAL E 50 -13.33 -13.59 55.45
N ILE E 51 -13.71 -14.70 56.09
CA ILE E 51 -13.77 -16.01 55.46
C ILE E 51 -15.13 -16.63 55.78
N ASN E 52 -15.79 -17.17 54.76
CA ASN E 52 -17.10 -17.77 54.95
C ASN E 52 -16.95 -19.23 55.35
N PRO E 53 -17.55 -19.65 56.47
CA PRO E 53 -17.48 -21.08 56.83
C PRO E 53 -18.24 -21.98 55.87
N ASP E 54 -19.21 -21.44 55.13
CA ASP E 54 -20.03 -22.27 54.25
C ASP E 54 -19.32 -22.53 52.93
N ALA E 55 -19.02 -21.48 52.18
CA ALA E 55 -18.40 -21.59 50.86
C ALA E 55 -17.04 -20.88 50.87
N GLY E 56 -16.41 -20.83 49.70
CA GLY E 56 -15.11 -20.20 49.57
C GLY E 56 -15.18 -18.72 49.28
N SER E 57 -16.31 -18.10 49.59
CA SER E 57 -16.49 -16.67 49.37
C SER E 57 -15.77 -15.91 50.49
N VAL E 58 -14.71 -15.19 50.13
CA VAL E 58 -13.91 -14.43 51.07
C VAL E 58 -13.83 -12.98 50.60
N THR E 59 -13.12 -12.16 51.37
CA THR E 59 -12.93 -10.75 51.03
C THR E 59 -11.56 -10.34 51.56
N TYR E 60 -10.57 -10.31 50.68
CA TYR E 60 -9.22 -9.97 51.08
C TYR E 60 -9.09 -8.47 51.33
N ALA E 61 -7.93 -8.07 51.84
CA ALA E 61 -7.68 -6.68 52.16
C ALA E 61 -7.20 -5.91 50.92
N GLN E 62 -7.01 -4.60 51.08
CA GLN E 62 -6.56 -3.76 49.99
C GLN E 62 -5.04 -3.61 49.96
N LYS E 63 -4.37 -3.82 51.10
CA LYS E 63 -2.92 -3.72 51.14
C LYS E 63 -2.27 -4.89 50.40
N PHE E 64 -2.67 -6.12 50.73
CA PHE E 64 -2.11 -7.29 50.07
C PHE E 64 -2.71 -7.48 48.68
N GLN E 65 -4.02 -7.72 48.62
CA GLN E 65 -4.78 -7.81 47.37
C GLN E 65 -4.14 -8.81 46.40
N GLY E 66 -4.12 -10.07 46.82
CA GLY E 66 -3.65 -11.13 45.94
C GLY E 66 -2.63 -12.07 46.55
N ARG E 67 -1.76 -11.55 47.41
CA ARG E 67 -0.70 -12.34 48.03
C ARG E 67 -1.15 -13.01 49.32
N VAL E 68 -2.46 -13.17 49.51
CA VAL E 68 -3.01 -13.83 50.69
C VAL E 68 -4.19 -14.68 50.24
N THR E 69 -4.31 -15.87 50.82
CA THR E 69 -5.40 -16.79 50.51
C THR E 69 -5.96 -17.33 51.82
N MET E 70 -7.29 -17.35 51.94
CA MET E 70 -7.98 -17.84 53.12
C MET E 70 -8.99 -18.89 52.70
N THR E 71 -8.74 -20.15 53.08
CA THR E 71 -9.61 -21.25 52.73
C THR E 71 -10.57 -21.58 53.88
N SER E 72 -11.50 -22.48 53.60
CA SER E 72 -12.49 -22.92 54.58
C SER E 72 -12.55 -24.44 54.61
N ASP E 73 -13.03 -24.96 55.74
CA ASP E 73 -13.12 -26.41 55.91
C ASP E 73 -14.19 -26.70 56.95
N THR E 74 -15.24 -27.42 56.55
CA THR E 74 -16.32 -27.79 57.45
C THR E 74 -16.13 -29.14 58.11
N SER E 75 -15.05 -29.87 57.78
CA SER E 75 -14.82 -31.18 58.36
C SER E 75 -14.38 -31.06 59.82
N THR E 76 -13.26 -30.38 60.05
CA THR E 76 -12.72 -30.20 61.39
C THR E 76 -12.98 -28.80 61.95
N SER E 77 -13.70 -27.96 61.20
CA SER E 77 -14.02 -26.59 61.61
C SER E 77 -12.75 -25.82 61.96
N THR E 78 -11.88 -25.68 60.95
CA THR E 78 -10.61 -24.99 61.11
C THR E 78 -10.34 -24.12 59.90
N VAL E 79 -9.92 -22.89 60.14
CA VAL E 79 -9.61 -21.95 59.09
C VAL E 79 -8.11 -22.00 58.81
N TYR E 80 -7.72 -21.49 57.64
CA TYR E 80 -6.32 -21.49 57.23
C TYR E 80 -5.98 -20.14 56.63
N MET E 81 -4.69 -19.80 56.69
CA MET E 81 -4.19 -18.54 56.16
C MET E 81 -2.78 -18.75 55.67
N GLU E 82 -2.56 -18.54 54.37
CA GLU E 82 -1.26 -18.77 53.73
C GLU E 82 -0.80 -17.47 53.09
N LEU E 83 0.06 -16.73 53.78
CA LEU E 83 0.66 -15.52 53.23
C LEU E 83 1.86 -15.87 52.38
N SER E 84 1.91 -15.32 51.17
CA SER E 84 2.98 -15.61 50.23
C SER E 84 3.98 -14.45 50.18
N SER E 85 5.24 -14.80 49.92
CA SER E 85 6.33 -13.82 49.77
C SER E 85 6.48 -12.96 51.02
N LEU E 86 6.81 -13.61 52.13
CA LEU E 86 7.00 -12.90 53.40
C LEU E 86 8.23 -12.00 53.31
N ARG E 87 8.04 -10.72 53.64
CA ARG E 87 9.10 -9.73 53.61
C ARG E 87 9.50 -9.36 55.04
N SER E 88 10.41 -8.39 55.14
CA SER E 88 10.92 -7.95 56.44
C SER E 88 9.92 -7.11 57.23
N GLU E 89 8.74 -6.84 56.67
CA GLU E 89 7.73 -6.05 57.36
C GLU E 89 6.47 -6.84 57.70
N ASP E 90 6.45 -8.15 57.46
CA ASP E 90 5.30 -8.99 57.75
C ASP E 90 5.45 -9.78 59.04
N THR E 91 6.58 -9.65 59.73
CA THR E 91 6.80 -10.36 60.98
C THR E 91 5.94 -9.74 62.08
N ALA E 92 4.92 -10.46 62.53
CA ALA E 92 4.00 -9.97 63.55
C ALA E 92 3.26 -11.16 64.14
N VAL E 93 2.22 -10.89 64.93
CA VAL E 93 1.42 -11.91 65.59
C VAL E 93 0.03 -11.86 64.97
N TYR E 94 -0.36 -12.94 64.29
CA TYR E 94 -1.66 -13.02 63.64
C TYR E 94 -2.70 -13.56 64.61
N TYR E 95 -3.93 -13.07 64.47
CA TYR E 95 -5.04 -13.47 65.31
C TYR E 95 -6.24 -13.86 64.47
N CYS E 96 -7.13 -14.65 65.06
CA CYS E 96 -8.38 -15.04 64.43
C CYS E 96 -9.52 -14.54 65.31
N ALA E 97 -10.36 -13.66 64.77
CA ALA E 97 -11.44 -13.02 65.51
C ALA E 97 -12.78 -13.39 64.90
N ARG E 98 -13.76 -13.67 65.77
CA ARG E 98 -15.11 -14.01 65.33
C ARG E 98 -15.95 -12.73 65.28
N ASP E 99 -17.26 -12.88 65.10
CA ASP E 99 -18.18 -11.75 65.06
C ASP E 99 -19.42 -12.08 65.88
N LEU E 100 -20.11 -11.03 66.33
CA LEU E 100 -21.34 -11.19 67.08
C LEU E 100 -22.55 -11.45 66.20
N PHE E 101 -22.49 -11.12 64.92
CA PHE E 101 -23.61 -11.29 64.01
C PHE E 101 -23.48 -12.60 63.25
N PHE E 102 -24.38 -12.81 62.30
CA PHE E 102 -24.45 -14.02 61.51
C PHE E 102 -23.82 -13.78 60.13
N ILE E 103 -24.02 -14.73 59.21
CA ILE E 103 -23.40 -14.63 57.89
C ILE E 103 -23.68 -13.31 57.18
N PRO E 104 -24.94 -12.82 57.07
CA PRO E 104 -25.18 -11.60 56.28
C PRO E 104 -24.48 -10.36 56.81
N ALA E 105 -24.68 -10.04 58.08
CA ALA E 105 -24.17 -8.81 58.66
C ALA E 105 -22.85 -9.05 59.38
N ALA E 106 -22.21 -7.94 59.78
CA ALA E 106 -20.94 -8.00 60.50
C ALA E 106 -20.74 -6.67 61.21
N ASN E 107 -20.67 -6.70 62.54
CA ASN E 107 -20.53 -5.48 63.34
C ASN E 107 -19.09 -5.24 63.80
N SER E 108 -18.54 -6.17 64.58
CA SER E 108 -17.21 -6.00 65.15
C SER E 108 -16.66 -7.37 65.50
N PHE E 109 -15.55 -7.38 66.24
CA PHE E 109 -14.87 -8.61 66.64
C PHE E 109 -15.03 -8.80 68.15
N ASP E 110 -15.54 -9.96 68.54
CA ASP E 110 -15.78 -10.26 69.96
C ASP E 110 -14.92 -11.41 70.45
N TYR E 111 -14.98 -12.56 69.80
CA TYR E 111 -14.23 -13.74 70.21
C TYR E 111 -12.93 -13.80 69.44
N TRP E 112 -11.81 -13.71 70.15
CA TRP E 112 -10.47 -13.76 69.57
C TRP E 112 -9.77 -15.04 69.97
N GLY E 113 -8.68 -15.33 69.25
CA GLY E 113 -7.89 -16.51 69.53
C GLY E 113 -6.81 -16.29 70.57
N GLN E 114 -5.61 -16.81 70.31
CA GLN E 114 -4.49 -16.64 71.22
C GLN E 114 -3.26 -16.02 70.58
N GLY E 115 -3.17 -16.01 69.25
CA GLY E 115 -2.05 -15.41 68.56
C GLY E 115 -1.09 -16.44 68.00
N THR E 116 -0.32 -16.01 67.01
CA THR E 116 0.67 -16.87 66.36
C THR E 116 1.84 -15.98 65.94
N LEU E 117 2.97 -16.13 66.62
CA LEU E 117 4.16 -15.33 66.33
C LEU E 117 4.79 -15.85 65.05
N VAL E 118 4.46 -15.20 63.94
CA VAL E 118 5.00 -15.56 62.63
C VAL E 118 6.15 -14.62 62.30
N THR E 119 7.36 -15.17 62.23
CA THR E 119 8.56 -14.41 61.91
C THR E 119 9.24 -15.04 60.70
N VAL E 120 10.04 -14.22 60.01
CA VAL E 120 10.74 -14.65 58.81
C VAL E 120 12.20 -14.21 58.90
N SER E 121 13.05 -15.17 59.29
CA SER E 121 14.49 -14.94 59.43
C SER E 121 15.23 -16.25 59.65
N SER E 122 16.54 -16.16 59.88
CA SER E 122 17.33 -17.33 60.22
C SER E 122 17.63 -17.36 61.71
N THR E 123 17.91 -18.55 62.23
CA THR E 123 18.16 -18.76 63.64
C THR E 123 19.67 -18.94 63.88
N LYS E 124 20.08 -18.73 65.13
CA LYS E 124 21.48 -18.86 65.51
C LYS E 124 21.55 -19.07 67.01
N GLY E 125 22.58 -19.82 67.43
CA GLY E 125 22.77 -20.15 68.83
C GLY E 125 23.06 -18.94 69.68
N PRO E 126 22.37 -18.83 70.82
CA PRO E 126 22.55 -17.66 71.69
C PRO E 126 23.90 -17.71 72.40
N SER E 127 24.22 -16.59 73.06
CA SER E 127 25.46 -16.45 73.81
C SER E 127 25.24 -15.45 74.92
N VAL E 128 25.63 -15.81 76.14
CA VAL E 128 25.43 -14.99 77.32
C VAL E 128 26.76 -14.36 77.72
N PHE E 129 26.71 -13.09 78.12
CA PHE E 129 27.87 -12.35 78.57
C PHE E 129 27.54 -11.63 79.87
N PRO E 130 28.38 -11.77 80.90
CA PRO E 130 28.09 -11.11 82.17
C PRO E 130 28.37 -9.61 82.10
N LEU E 131 27.62 -8.85 82.91
CA LEU E 131 27.76 -7.41 83.01
C LEU E 131 28.14 -7.05 84.44
N ALA E 132 29.40 -6.69 84.65
CA ALA E 132 29.88 -6.33 85.99
C ALA E 132 30.04 -4.83 86.10
N PRO E 133 29.47 -4.21 87.12
CA PRO E 133 29.61 -2.76 87.28
C PRO E 133 30.98 -2.38 87.83
N SER E 134 31.34 -1.13 87.61
CA SER E 134 32.62 -0.61 88.08
C SER E 134 32.57 -0.37 89.58
N SER E 135 33.75 -0.07 90.15
CA SER E 135 33.83 0.19 91.58
C SER E 135 33.21 1.53 91.95
N LYS E 136 33.17 2.47 91.02
CA LYS E 136 32.60 3.79 91.27
C LYS E 136 31.14 3.89 90.84
N SER E 137 30.52 2.78 90.46
CA SER E 137 29.13 2.77 90.02
C SER E 137 28.16 2.51 91.17
N THR E 138 28.65 2.47 92.41
CA THR E 138 27.80 2.23 93.58
C THR E 138 27.30 3.58 94.09
N SER E 139 26.06 3.92 93.72
CA SER E 139 25.43 5.18 94.11
C SER E 139 24.21 4.87 94.96
N GLY E 140 24.08 5.56 96.09
CA GLY E 140 22.95 5.35 96.97
C GLY E 140 22.98 4.04 97.73
N GLY E 141 24.14 3.41 97.86
CA GLY E 141 24.24 2.16 98.59
C GLY E 141 23.66 0.96 97.89
N THR E 142 23.34 1.07 96.60
CA THR E 142 22.75 -0.03 95.84
C THR E 142 23.66 -0.40 94.69
N ALA E 143 23.57 -1.66 94.26
CA ALA E 143 24.36 -2.18 93.16
C ALA E 143 23.46 -3.00 92.24
N ALA E 144 23.71 -2.91 90.94
CA ALA E 144 22.93 -3.61 89.93
C ALA E 144 23.79 -4.63 89.22
N LEU E 145 23.31 -5.86 89.13
CA LEU E 145 23.99 -6.94 88.43
C LEU E 145 23.10 -7.45 87.30
N GLY E 146 23.69 -7.67 86.13
CA GLY E 146 22.93 -8.10 84.98
C GLY E 146 23.75 -8.98 84.06
N CYS E 147 23.07 -9.52 83.05
CA CYS E 147 23.68 -10.39 82.06
C CYS E 147 23.14 -10.02 80.68
N LEU E 148 24.03 -9.88 79.70
CA LEU E 148 23.69 -9.47 78.36
C LEU E 148 23.77 -10.69 77.45
N VAL E 149 22.62 -11.18 76.99
CA VAL E 149 22.55 -12.29 76.06
C VAL E 149 22.42 -11.74 74.65
N LYS E 150 23.00 -12.45 73.68
CA LYS E 150 23.01 -12.00 72.30
C LYS E 150 22.99 -13.22 71.38
N ASP E 151 22.91 -12.95 70.08
CA ASP E 151 22.94 -13.95 69.02
C ASP E 151 21.74 -14.90 69.05
N TYR E 152 20.55 -14.39 69.32
CA TYR E 152 19.33 -15.18 69.32
C TYR E 152 18.18 -14.34 68.75
N PHE E 153 17.54 -14.86 67.70
CA PHE E 153 16.43 -14.14 67.08
C PHE E 153 15.13 -14.30 67.89
N PRO E 154 14.68 -15.51 68.23
CA PRO E 154 13.45 -15.62 69.01
C PRO E 154 13.65 -15.11 70.43
N GLU E 155 12.55 -14.74 71.07
CA GLU E 155 12.57 -14.19 72.43
C GLU E 155 11.65 -14.97 73.37
N PRO E 156 11.94 -16.24 73.62
CA PRO E 156 11.21 -16.99 74.67
C PRO E 156 11.93 -17.05 76.01
N VAL E 157 13.05 -16.35 76.16
CA VAL E 157 13.89 -16.50 77.34
C VAL E 157 13.30 -15.70 78.50
N THR E 158 13.17 -16.34 79.66
CA THR E 158 12.78 -15.69 80.90
C THR E 158 13.97 -15.73 81.84
N VAL E 159 14.74 -14.64 81.88
CA VAL E 159 15.98 -14.59 82.64
C VAL E 159 15.68 -14.49 84.13
N SER E 160 15.78 -15.61 84.83
CA SER E 160 15.56 -15.64 86.27
C SER E 160 16.90 -15.70 87.00
N TRP E 161 16.91 -15.20 88.24
CA TRP E 161 18.10 -15.16 89.06
C TRP E 161 17.98 -16.21 90.16
N ASN E 162 19.06 -16.98 90.36
CA ASN E 162 19.11 -18.03 91.37
C ASN E 162 18.00 -19.05 91.16
N SER E 163 17.80 -19.46 89.90
CA SER E 163 16.78 -20.45 89.53
C SER E 163 15.40 -19.99 89.97
N GLY E 164 15.15 -18.68 89.90
CA GLY E 164 13.87 -18.12 90.26
C GLY E 164 13.72 -17.73 91.72
N ALA E 165 14.73 -17.99 92.54
CA ALA E 165 14.63 -17.63 93.96
C ALA E 165 14.69 -16.13 94.18
N LEU E 166 15.37 -15.40 93.29
CA LEU E 166 15.50 -13.95 93.39
C LEU E 166 14.55 -13.31 92.39
N THR E 167 13.52 -12.63 92.89
CA THR E 167 12.53 -11.97 92.06
C THR E 167 12.37 -10.49 92.34
N SER E 168 12.76 -10.01 93.52
CA SER E 168 12.61 -8.61 93.86
C SER E 168 13.65 -7.77 93.11
N GLY E 169 13.19 -6.67 92.51
CA GLY E 169 14.08 -5.79 91.79
C GLY E 169 14.56 -6.31 90.45
N VAL E 170 14.01 -7.41 89.97
CA VAL E 170 14.41 -7.98 88.68
C VAL E 170 13.63 -7.29 87.57
N HIS E 171 14.34 -6.74 86.59
CA HIS E 171 13.74 -6.05 85.46
C HIS E 171 14.25 -6.69 84.18
N THR E 172 13.33 -7.22 83.37
CA THR E 172 13.66 -7.86 82.11
C THR E 172 13.29 -6.91 80.97
N PHE E 173 14.31 -6.36 80.31
CA PHE E 173 14.08 -5.44 79.22
C PHE E 173 13.67 -6.18 77.95
N PRO E 174 12.82 -5.58 77.12
CA PRO E 174 12.44 -6.21 75.85
C PRO E 174 13.63 -6.31 74.91
N ALA E 175 13.52 -7.24 73.97
CA ALA E 175 14.59 -7.46 73.02
C ALA E 175 14.60 -6.35 71.96
N VAL E 176 15.80 -5.98 71.52
CA VAL E 176 16.00 -4.95 70.51
C VAL E 176 16.63 -5.61 69.29
N LEU E 177 16.06 -5.34 68.11
CA LEU E 177 16.56 -5.92 66.87
C LEU E 177 17.82 -5.18 66.45
N GLN E 178 18.95 -5.89 66.43
CA GLN E 178 20.22 -5.31 66.04
C GLN E 178 20.32 -5.20 64.53
N SER E 179 21.44 -4.65 64.04
CA SER E 179 21.63 -4.50 62.61
C SER E 179 21.88 -5.84 61.92
N SER E 180 22.41 -6.82 62.66
CA SER E 180 22.70 -8.13 62.09
C SER E 180 21.45 -9.01 61.98
N GLY E 181 20.30 -8.54 62.43
CA GLY E 181 19.08 -9.32 62.35
C GLY E 181 18.82 -10.23 63.53
N LEU E 182 19.52 -10.04 64.65
CA LEU E 182 19.36 -10.86 65.83
C LEU E 182 19.00 -9.99 67.02
N TYR E 183 18.03 -10.44 67.81
CA TYR E 183 17.58 -9.70 68.96
C TYR E 183 18.51 -9.92 70.16
N SER E 184 18.48 -8.96 71.08
CA SER E 184 19.29 -9.03 72.29
C SER E 184 18.70 -8.12 73.34
N LEU E 185 18.70 -8.58 74.59
CA LEU E 185 18.17 -7.80 75.70
C LEU E 185 19.04 -8.04 76.93
N SER E 186 18.78 -7.27 77.98
CA SER E 186 19.49 -7.38 79.24
C SER E 186 18.50 -7.48 80.39
N SER E 187 18.90 -8.18 81.44
CA SER E 187 18.09 -8.36 82.63
C SER E 187 18.94 -8.04 83.85
N VAL E 188 18.62 -6.96 84.55
CA VAL E 188 19.39 -6.52 85.71
C VAL E 188 18.52 -6.63 86.95
N VAL E 189 19.19 -6.70 88.10
CA VAL E 189 18.53 -6.80 89.39
C VAL E 189 19.25 -5.87 90.37
N THR E 190 18.46 -5.11 91.14
CA THR E 190 19.03 -4.17 92.10
C THR E 190 19.18 -4.86 93.45
N VAL E 191 20.43 -4.93 93.94
CA VAL E 191 20.72 -5.56 95.22
C VAL E 191 21.51 -4.58 96.08
N PRO E 192 21.41 -4.65 97.41
CA PRO E 192 22.18 -3.74 98.25
C PRO E 192 23.67 -3.98 98.12
N SER E 193 24.46 -2.94 98.41
CA SER E 193 25.91 -3.05 98.31
C SER E 193 26.50 -3.92 99.40
N SER E 194 25.78 -4.13 100.51
CA SER E 194 26.29 -4.96 101.59
C SER E 194 26.30 -6.44 101.22
N SER E 195 25.54 -6.85 100.21
CA SER E 195 25.49 -8.23 99.77
C SER E 195 26.53 -8.55 98.71
N LEU E 196 27.32 -7.58 98.28
CA LEU E 196 28.33 -7.82 97.27
C LEU E 196 29.48 -8.66 97.84
N GLY E 197 29.78 -9.76 97.15
CA GLY E 197 30.84 -10.66 97.57
C GLY E 197 30.40 -11.75 98.52
N THR E 198 29.29 -11.58 99.22
CA THR E 198 28.77 -12.58 100.16
C THR E 198 27.74 -13.50 99.54
N GLN E 199 26.88 -12.98 98.67
CA GLN E 199 25.84 -13.77 98.01
C GLN E 199 26.21 -14.01 96.56
N THR E 200 26.01 -15.24 96.11
CA THR E 200 26.31 -15.63 94.73
C THR E 200 25.08 -15.42 93.87
N TYR E 201 25.23 -14.69 92.77
CA TYR E 201 24.14 -14.39 91.84
C TYR E 201 24.47 -15.04 90.50
N ILE E 202 23.54 -15.86 90.01
CA ILE E 202 23.71 -16.57 88.74
C ILE E 202 22.47 -16.31 87.89
N CYS E 203 22.68 -15.81 86.68
CA CYS E 203 21.60 -15.52 85.75
C CYS E 203 21.32 -16.75 84.89
N ASN E 204 20.08 -17.24 84.93
CA ASN E 204 19.69 -18.44 84.20
C ASN E 204 19.10 -18.03 82.86
N VAL E 205 19.68 -18.53 81.77
CA VAL E 205 19.23 -18.26 80.41
C VAL E 205 18.81 -19.59 79.79
N ASN E 206 17.57 -19.65 79.31
CA ASN E 206 17.02 -20.86 78.70
C ASN E 206 16.33 -20.49 77.40
N HIS E 207 16.75 -21.12 76.31
CA HIS E 207 16.18 -20.89 74.98
C HIS E 207 15.64 -22.22 74.47
N LYS E 208 14.31 -22.31 74.36
CA LYS E 208 13.63 -23.54 73.99
C LYS E 208 13.84 -23.92 72.52
N PRO E 209 13.69 -22.99 71.56
CA PRO E 209 13.89 -23.39 70.15
C PRO E 209 15.29 -23.91 69.85
N SER E 210 16.30 -23.43 70.55
CA SER E 210 17.67 -23.89 70.33
C SER E 210 18.13 -24.91 71.36
N ASN E 211 17.36 -25.13 72.42
CA ASN E 211 17.70 -26.08 73.47
C ASN E 211 19.07 -25.79 74.08
N THR E 212 19.29 -24.51 74.40
CA THR E 212 20.55 -24.05 74.96
C THR E 212 20.30 -23.44 76.33
N LYS E 213 21.00 -23.95 77.33
CA LYS E 213 20.91 -23.47 78.70
C LYS E 213 22.29 -23.09 79.19
N VAL E 214 22.52 -21.80 79.40
CA VAL E 214 23.82 -21.28 79.82
C VAL E 214 23.62 -20.51 81.12
N ASP E 215 24.28 -20.97 82.19
CA ASP E 215 24.22 -20.32 83.49
C ASP E 215 25.53 -19.55 83.70
N LYS E 216 25.42 -18.22 83.73
CA LYS E 216 26.58 -17.34 83.87
C LYS E 216 26.61 -16.80 85.29
N LYS E 217 27.74 -16.99 85.96
CA LYS E 217 27.91 -16.49 87.33
C LYS E 217 28.37 -15.04 87.31
N VAL E 218 27.74 -14.22 88.14
CA VAL E 218 28.07 -12.81 88.21
C VAL E 218 29.03 -12.55 89.37
N GLU F 1 -9.52 5.12 52.07
CA GLU F 1 -10.19 4.75 53.31
C GLU F 1 -10.14 5.88 54.32
N ILE F 2 -11.07 5.86 55.28
CA ILE F 2 -11.14 6.90 56.30
C ILE F 2 -9.96 6.71 57.26
N VAL F 3 -9.04 7.66 57.25
CA VAL F 3 -7.84 7.61 58.09
C VAL F 3 -8.26 7.95 59.52
N LEU F 4 -8.42 6.92 60.35
CA LEU F 4 -8.76 7.12 61.75
C LEU F 4 -7.55 7.64 62.51
N THR F 5 -7.60 8.89 62.97
CA THR F 5 -6.51 9.53 63.66
C THR F 5 -6.93 9.91 65.08
N GLN F 6 -6.03 9.69 66.04
CA GLN F 6 -6.27 10.04 67.43
C GLN F 6 -5.33 11.17 67.84
N SER F 7 -5.90 12.25 68.34
CA SER F 7 -5.14 13.45 68.67
C SER F 7 -4.32 13.27 69.96
N PRO F 8 -4.93 12.86 71.10
CA PRO F 8 -4.14 12.77 72.33
C PRO F 8 -3.02 11.75 72.26
N ALA F 9 -3.38 10.50 71.93
CA ALA F 9 -2.47 9.36 71.77
C ALA F 9 -1.80 8.95 73.08
N THR F 10 -2.06 9.64 74.19
CA THR F 10 -1.47 9.28 75.47
C THR F 10 -2.38 9.81 76.57
N LEU F 11 -3.08 8.89 77.23
CA LEU F 11 -4.04 9.24 78.29
C LEU F 11 -3.41 8.87 79.63
N SER F 12 -2.77 9.86 80.24
CA SER F 12 -2.11 9.68 81.54
C SER F 12 -3.00 10.27 82.63
N LEU F 13 -3.69 9.40 83.35
CA LEU F 13 -4.59 9.81 84.42
C LEU F 13 -4.33 8.94 85.66
N SER F 14 -5.11 9.18 86.70
CA SER F 14 -5.00 8.45 87.96
C SER F 14 -6.18 7.49 88.12
N PRO F 15 -5.96 6.33 88.75
CA PRO F 15 -7.06 5.37 88.94
C PRO F 15 -8.08 5.89 89.93
N GLY F 16 -9.34 5.98 89.49
CA GLY F 16 -10.41 6.46 90.33
C GLY F 16 -11.20 7.59 89.70
N GLU F 17 -10.55 8.34 88.81
CA GLU F 17 -11.19 9.46 88.14
C GLU F 17 -11.84 8.98 86.85
N ARG F 18 -12.33 9.93 86.04
CA ARG F 18 -12.96 9.62 84.77
C ARG F 18 -12.01 9.91 83.62
N ALA F 19 -12.18 9.16 82.53
CA ALA F 19 -11.33 9.28 81.36
C ALA F 19 -12.19 9.53 80.12
N THR F 20 -11.62 10.30 79.18
CA THR F 20 -12.30 10.64 77.93
C THR F 20 -11.27 10.61 76.82
N LEU F 21 -11.27 9.53 76.04
CA LEU F 21 -10.38 9.38 74.89
C LEU F 21 -11.20 9.53 73.62
N SER F 22 -10.73 10.35 72.69
CA SER F 22 -11.46 10.68 71.48
C SER F 22 -10.82 10.01 70.26
N CYS F 23 -11.67 9.61 69.31
CA CYS F 23 -11.23 9.04 68.03
C CYS F 23 -12.20 9.53 66.96
N ARG F 24 -11.82 10.60 66.27
CA ARG F 24 -12.67 11.22 65.26
C ARG F 24 -12.39 10.64 63.87
N ALA F 25 -13.26 11.01 62.93
CA ALA F 25 -13.16 10.53 61.56
C ALA F 25 -13.67 11.62 60.63
N SER F 26 -13.90 11.26 59.37
CA SER F 26 -14.38 12.20 58.36
C SER F 26 -15.79 11.86 57.87
N GLN F 27 -16.01 10.63 57.41
CA GLN F 27 -17.32 10.23 56.93
C GLN F 27 -18.28 10.03 58.09
N SER F 28 -19.57 10.05 57.78
CA SER F 28 -20.61 9.88 58.79
C SER F 28 -20.55 8.46 59.34
N VAL F 29 -20.01 8.32 60.56
CA VAL F 29 -19.85 7.03 61.20
C VAL F 29 -20.58 7.02 62.54
N SER F 30 -21.68 7.78 62.61
CA SER F 30 -22.44 7.87 63.86
C SER F 30 -22.96 6.50 64.30
N SER F 31 -23.38 5.67 63.34
CA SER F 31 -23.89 4.34 63.64
C SER F 31 -22.91 3.24 63.24
N TYR F 32 -21.72 3.60 62.75
CA TYR F 32 -20.70 2.66 62.31
C TYR F 32 -19.43 2.93 63.11
N LEU F 33 -19.31 2.29 64.27
CA LEU F 33 -18.14 2.46 65.11
C LEU F 33 -18.05 1.31 66.10
N ALA F 34 -16.83 0.86 66.36
CA ALA F 34 -16.54 -0.21 67.31
C ALA F 34 -15.38 0.20 68.19
N TRP F 35 -15.40 -0.27 69.44
CA TRP F 35 -14.36 0.05 70.41
C TRP F 35 -13.79 -1.23 70.97
N TYR F 36 -12.46 -1.33 70.98
CA TYR F 36 -11.75 -2.51 71.46
C TYR F 36 -10.89 -2.14 72.67
N GLN F 37 -10.20 -3.14 73.20
CA GLN F 37 -9.29 -2.95 74.32
C GLN F 37 -8.23 -4.03 74.26
N GLN F 38 -7.00 -3.64 73.98
CA GLN F 38 -5.87 -4.58 73.85
C GLN F 38 -4.98 -4.46 75.08
N LYS F 39 -4.86 -5.55 75.83
CA LYS F 39 -3.98 -5.58 76.98
C LYS F 39 -2.64 -6.20 76.61
N PRO F 40 -1.54 -5.72 77.19
CA PRO F 40 -0.22 -6.26 76.86
C PRO F 40 -0.07 -7.70 77.33
N GLY F 41 0.15 -8.60 76.39
CA GLY F 41 0.35 -10.01 76.69
C GLY F 41 -0.79 -10.92 76.31
N GLN F 42 -1.86 -10.40 75.71
CA GLN F 42 -3.00 -11.22 75.32
C GLN F 42 -3.63 -10.60 74.07
N ALA F 43 -4.86 -11.07 73.74
CA ALA F 43 -5.58 -10.63 72.56
C ALA F 43 -6.53 -9.49 72.89
N PRO F 44 -6.76 -8.57 71.94
CA PRO F 44 -7.69 -7.46 72.19
C PRO F 44 -9.11 -7.97 72.38
N ARG F 45 -9.82 -7.40 73.34
CA ARG F 45 -11.20 -7.75 73.63
C ARG F 45 -12.15 -6.66 73.18
N LEU F 46 -13.40 -7.06 72.93
CA LEU F 46 -14.43 -6.12 72.51
C LEU F 46 -14.93 -5.35 73.73
N LEU F 47 -14.81 -4.02 73.68
CA LEU F 47 -15.25 -3.17 74.78
C LEU F 47 -16.67 -2.67 74.54
N ILE F 48 -16.90 -1.94 73.45
CA ILE F 48 -18.20 -1.41 73.10
C ILE F 48 -18.38 -1.53 71.59
N TYR F 49 -19.44 -2.19 71.15
CA TYR F 49 -19.74 -2.33 69.74
C TYR F 49 -20.98 -1.51 69.38
N ASP F 50 -21.02 -1.04 68.14
CA ASP F 50 -22.07 -0.20 67.56
C ASP F 50 -22.09 1.20 68.15
N ALA F 51 -21.25 1.50 69.15
CA ALA F 51 -21.09 2.81 69.76
C ALA F 51 -22.38 3.37 70.34
N THR F 52 -23.41 2.55 70.52
CA THR F 52 -24.68 3.02 71.05
C THR F 52 -25.17 2.14 72.20
N ASN F 53 -24.73 0.89 72.22
CA ASN F 53 -25.16 -0.06 73.24
C ASN F 53 -23.94 -0.68 73.93
N ARG F 54 -24.22 -1.51 74.93
CA ARG F 54 -23.19 -2.17 75.71
C ARG F 54 -22.98 -3.59 75.21
N ALA F 55 -21.72 -4.04 75.25
CA ALA F 55 -21.36 -5.37 74.82
C ALA F 55 -21.58 -6.37 75.95
N THR F 56 -21.38 -7.65 75.64
CA THR F 56 -21.56 -8.72 76.62
C THR F 56 -20.27 -8.93 77.41
N GLY F 57 -20.43 -9.32 78.67
CA GLY F 57 -19.28 -9.52 79.54
C GLY F 57 -18.49 -8.26 79.82
N ILE F 58 -19.16 -7.10 79.84
CA ILE F 58 -18.51 -5.82 80.06
C ILE F 58 -19.11 -5.21 81.33
N PRO F 59 -18.29 -4.77 82.28
CA PRO F 59 -18.83 -4.15 83.49
C PRO F 59 -19.56 -2.85 83.19
N ALA F 60 -20.33 -2.39 84.17
CA ALA F 60 -21.12 -1.18 84.01
C ALA F 60 -20.28 0.09 84.02
N ARG F 61 -19.00 0.01 84.36
CA ARG F 61 -18.16 1.20 84.40
C ARG F 61 -17.86 1.72 83.00
N PHE F 62 -17.87 0.85 81.99
CA PHE F 62 -17.61 1.24 80.62
C PHE F 62 -18.88 1.79 79.99
N SER F 63 -18.88 3.08 79.65
CA SER F 63 -20.03 3.73 79.03
C SER F 63 -19.54 4.50 77.81
N GLY F 64 -20.05 4.13 76.63
CA GLY F 64 -19.68 4.76 75.39
C GLY F 64 -20.82 5.59 74.83
N SER F 65 -20.47 6.67 74.13
CA SER F 65 -21.45 7.56 73.54
C SER F 65 -20.77 8.37 72.44
N GLY F 66 -21.59 9.10 71.69
CA GLY F 66 -21.09 9.93 70.61
C GLY F 66 -21.93 9.79 69.35
N SER F 67 -21.93 10.84 68.54
CA SER F 67 -22.68 10.84 67.29
C SER F 67 -22.08 11.88 66.36
N GLY F 68 -22.21 11.63 65.06
CA GLY F 68 -21.69 12.55 64.04
C GLY F 68 -20.27 12.16 63.62
N THR F 69 -19.31 13.02 63.97
CA THR F 69 -17.90 12.79 63.64
C THR F 69 -17.00 13.00 64.85
N ASP F 70 -17.55 13.02 66.06
CA ASP F 70 -16.78 13.19 67.28
C ASP F 70 -17.30 12.21 68.32
N PHE F 71 -16.45 11.26 68.72
CA PHE F 71 -16.82 10.22 69.66
C PHE F 71 -15.82 10.20 70.81
N THR F 72 -16.28 9.69 71.95
CA THR F 72 -15.43 9.60 73.14
C THR F 72 -16.00 8.54 74.07
N LEU F 73 -15.12 7.95 74.87
CA LEU F 73 -15.50 6.94 75.85
C LEU F 73 -15.57 7.59 77.23
N THR F 74 -16.62 7.26 77.97
CA THR F 74 -16.87 7.83 79.30
C THR F 74 -16.75 6.71 80.32
N ILE F 75 -15.55 6.52 80.85
CA ILE F 75 -15.31 5.51 81.87
C ILE F 75 -15.76 6.05 83.22
N SER F 76 -16.48 5.22 83.98
CA SER F 76 -16.99 5.66 85.28
C SER F 76 -15.87 5.77 86.30
N SER F 77 -15.18 4.65 86.56
CA SER F 77 -14.09 4.63 87.53
C SER F 77 -12.98 3.74 87.00
N LEU F 78 -11.75 4.26 87.01
CA LEU F 78 -10.60 3.51 86.54
C LEU F 78 -10.19 2.46 87.57
N GLU F 79 -9.81 1.29 87.09
CA GLU F 79 -9.39 0.16 87.90
C GLU F 79 -8.01 -0.30 87.46
N PRO F 80 -7.26 -0.98 88.33
CA PRO F 80 -5.92 -1.44 87.92
C PRO F 80 -5.94 -2.42 86.76
N GLU F 81 -7.02 -3.14 86.57
CA GLU F 81 -7.16 -4.06 85.44
C GLU F 81 -7.71 -3.38 84.19
N ASP F 82 -7.86 -2.06 84.22
CA ASP F 82 -8.39 -1.31 83.08
C ASP F 82 -7.31 -0.60 82.28
N PHE F 83 -6.10 -0.49 82.80
CA PHE F 83 -5.00 0.19 82.11
C PHE F 83 -4.56 -0.65 80.93
N ALA F 84 -4.95 -0.25 79.72
CA ALA F 84 -4.62 -0.96 78.51
C ALA F 84 -4.68 0.03 77.34
N VAL F 85 -4.64 -0.50 76.12
CA VAL F 85 -4.68 0.30 74.90
C VAL F 85 -6.02 0.07 74.23
N TYR F 86 -6.68 1.17 73.86
CA TYR F 86 -7.98 1.12 73.20
C TYR F 86 -7.85 1.53 71.74
N TYR F 87 -8.75 1.01 70.90
CA TYR F 87 -8.75 1.30 69.47
C TYR F 87 -10.17 1.61 69.02
N CYS F 88 -10.29 2.01 67.77
CA CYS F 88 -11.57 2.36 67.18
C CYS F 88 -11.65 1.81 65.76
N GLN F 89 -12.83 1.33 65.37
CA GLN F 89 -13.04 0.73 64.06
C GLN F 89 -14.44 1.03 63.58
N HIS F 90 -14.56 1.48 62.34
CA HIS F 90 -15.85 1.71 61.71
C HIS F 90 -16.23 0.53 60.84
N ARG F 91 -17.54 0.34 60.65
CA ARG F 91 -18.09 -0.76 59.88
C ARG F 91 -18.81 -0.20 58.65
N SER F 92 -18.08 -0.09 57.55
CA SER F 92 -18.70 0.32 56.29
C SER F 92 -19.61 -0.78 55.77
N ASN F 93 -20.68 -0.37 55.09
CA ASN F 93 -21.68 -1.35 54.65
C ASN F 93 -21.24 -2.04 53.36
N TRP F 94 -21.03 -1.28 52.29
CA TRP F 94 -20.69 -1.87 51.00
C TRP F 94 -19.21 -2.23 50.93
N PRO F 95 -18.27 -1.27 51.08
CA PRO F 95 -16.86 -1.61 50.92
C PRO F 95 -16.26 -2.14 52.22
N ARG F 96 -15.86 -3.41 52.19
CA ARG F 96 -15.27 -4.03 53.38
C ARG F 96 -13.82 -3.58 53.54
N MET F 97 -13.63 -2.40 54.14
CA MET F 97 -12.32 -1.79 54.32
C MET F 97 -12.15 -1.33 55.76
N PHE F 98 -12.47 -2.22 56.71
CA PHE F 98 -12.39 -1.92 58.13
C PHE F 98 -10.98 -1.52 58.52
N THR F 99 -10.80 -0.26 58.91
CA THR F 99 -9.50 0.27 59.31
C THR F 99 -9.47 0.53 60.81
N PHE F 100 -8.30 0.92 61.29
CA PHE F 100 -8.08 1.19 62.71
C PHE F 100 -7.26 2.47 62.85
N GLY F 101 -6.93 2.81 64.09
CA GLY F 101 -6.17 4.01 64.37
C GLY F 101 -4.76 3.73 64.84
N GLN F 102 -4.37 4.33 65.95
CA GLN F 102 -3.04 4.14 66.52
C GLN F 102 -3.05 3.60 67.93
N GLY F 103 -4.05 3.92 68.73
CA GLY F 103 -4.12 3.42 70.10
C GLY F 103 -3.69 4.43 71.14
N THR F 104 -4.37 4.44 72.29
CA THR F 104 -4.06 5.34 73.39
C THR F 104 -3.73 4.51 74.62
N LYS F 105 -2.54 4.72 75.18
CA LYS F 105 -2.11 3.98 76.35
C LYS F 105 -2.60 4.67 77.63
N LEU F 106 -3.12 3.87 78.55
CA LEU F 106 -3.61 4.37 79.83
C LEU F 106 -2.60 3.97 80.92
N GLU F 107 -1.91 4.96 81.47
CA GLU F 107 -0.85 4.74 82.44
C GLU F 107 -1.21 5.37 83.79
N ILE F 108 -0.48 4.94 84.82
CA ILE F 108 -0.70 5.41 86.17
C ILE F 108 0.30 6.52 86.49
N LYS F 109 -0.11 7.44 87.36
CA LYS F 109 0.73 8.54 87.80
C LYS F 109 0.95 8.43 89.29
N ARG F 110 2.18 8.12 89.70
CA ARG F 110 2.50 7.95 91.11
C ARG F 110 3.01 9.24 91.72
N THR F 111 4.16 9.72 91.22
CA THR F 111 4.84 10.92 91.70
C THR F 111 6.02 11.21 90.80
N VAL F 112 6.59 12.41 90.96
CA VAL F 112 7.80 12.76 90.23
C VAL F 112 8.98 12.00 90.81
N ALA F 113 9.47 11.01 90.07
CA ALA F 113 10.54 10.14 90.52
C ALA F 113 11.79 10.40 89.69
N ALA F 114 12.93 10.55 90.37
CA ALA F 114 14.19 10.78 89.69
C ALA F 114 14.73 9.47 89.15
N PRO F 115 15.20 9.42 87.90
CA PRO F 115 15.72 8.16 87.35
C PRO F 115 17.08 7.82 87.96
N SER F 116 17.23 6.56 88.36
CA SER F 116 18.48 6.08 88.93
C SER F 116 19.45 5.80 87.79
N VAL F 117 20.48 6.63 87.66
CA VAL F 117 21.44 6.54 86.57
C VAL F 117 22.56 5.59 86.97
N PHE F 118 22.78 4.54 86.18
CA PHE F 118 23.86 3.60 86.39
C PHE F 118 24.53 3.29 85.05
N ILE F 119 25.84 3.06 85.10
CA ILE F 119 26.64 2.75 83.92
C ILE F 119 27.44 1.49 84.19
N PHE F 120 27.58 0.64 83.17
CA PHE F 120 28.28 -0.63 83.30
C PHE F 120 29.37 -0.71 82.23
N PRO F 121 30.63 -0.81 82.60
CA PRO F 121 31.69 -0.97 81.60
C PRO F 121 31.69 -2.38 81.02
N PRO F 122 32.21 -2.55 79.81
CA PRO F 122 32.24 -3.89 79.21
C PRO F 122 33.21 -4.81 79.94
N SER F 123 32.80 -6.06 80.12
CA SER F 123 33.63 -7.02 80.81
C SER F 123 34.80 -7.46 79.95
N ASP F 124 35.82 -8.03 80.60
CA ASP F 124 37.00 -8.48 79.89
C ASP F 124 36.71 -9.72 79.04
N GLU F 125 35.71 -10.51 79.43
CA GLU F 125 35.37 -11.70 78.64
C GLU F 125 34.76 -11.32 77.30
N GLN F 126 33.95 -10.25 77.27
CA GLN F 126 33.34 -9.82 76.02
C GLN F 126 34.37 -9.20 75.07
N LEU F 127 35.41 -8.57 75.62
CA LEU F 127 36.43 -7.97 74.77
C LEU F 127 37.20 -9.01 73.97
N LYS F 128 37.28 -10.24 74.48
CA LYS F 128 37.96 -11.31 73.74
C LYS F 128 37.20 -11.72 72.49
N SER F 129 35.90 -11.50 72.44
CA SER F 129 35.09 -11.85 71.28
C SER F 129 35.14 -10.79 70.18
N GLY F 130 35.73 -9.62 70.45
CA GLY F 130 35.83 -8.56 69.48
C GLY F 130 34.78 -7.49 69.57
N THR F 131 33.88 -7.56 70.55
CA THR F 131 32.82 -6.59 70.72
C THR F 131 32.84 -6.03 72.13
N ALA F 132 32.27 -4.83 72.28
CA ALA F 132 32.18 -4.17 73.58
C ALA F 132 30.82 -3.52 73.70
N SER F 133 30.14 -3.74 74.83
CA SER F 133 28.81 -3.20 75.07
C SER F 133 28.81 -2.43 76.38
N VAL F 134 28.58 -1.12 76.30
CA VAL F 134 28.47 -0.27 77.47
C VAL F 134 26.99 -0.05 77.76
N VAL F 135 26.55 -0.49 78.94
CA VAL F 135 25.14 -0.43 79.31
C VAL F 135 24.93 0.73 80.28
N CYS F 136 23.97 1.59 79.97
CA CYS F 136 23.59 2.70 80.84
C CYS F 136 22.17 2.44 81.33
N LEU F 137 22.02 2.28 82.65
CA LEU F 137 20.76 1.89 83.25
C LEU F 137 19.97 3.11 83.70
N LEU F 138 18.66 3.09 83.43
CA LEU F 138 17.74 4.16 83.84
C LEU F 138 16.48 3.48 84.36
N ASN F 139 16.31 3.46 85.68
CA ASN F 139 15.17 2.81 86.32
C ASN F 139 14.47 3.78 87.26
N ASN F 140 13.24 3.41 87.63
CA ASN F 140 12.43 4.15 88.61
C ASN F 140 12.22 5.60 88.18
N PHE F 141 11.52 5.76 87.06
CA PHE F 141 11.22 7.09 86.52
C PHE F 141 9.87 7.06 85.82
N TYR F 142 9.42 8.25 85.40
CA TYR F 142 8.14 8.42 84.76
C TYR F 142 8.11 7.73 83.40
N PRO F 143 6.95 7.71 82.73
CA PRO F 143 6.91 7.22 81.34
C PRO F 143 8.02 7.82 80.48
N ARG F 144 8.43 7.06 79.48
CA ARG F 144 9.60 7.41 78.67
C ARG F 144 9.42 8.73 77.94
N GLU F 145 10.20 9.74 78.35
CA GLU F 145 10.22 11.02 77.66
C GLU F 145 11.62 11.60 77.51
N ALA F 146 12.60 11.11 78.26
CA ALA F 146 13.96 11.64 78.15
C ALA F 146 14.77 10.88 77.12
N LYS F 147 15.77 11.54 76.56
CA LYS F 147 16.66 10.95 75.58
C LYS F 147 18.04 10.78 76.17
N VAL F 148 18.72 9.70 75.80
CA VAL F 148 20.02 9.34 76.34
C VAL F 148 21.11 9.89 75.42
N GLN F 149 22.09 10.57 76.02
CA GLN F 149 23.23 11.12 75.28
C GLN F 149 24.49 10.36 75.66
N TRP F 150 25.28 10.00 74.66
CA TRP F 150 26.53 9.28 74.86
C TRP F 150 27.69 10.21 74.52
N LYS F 151 28.55 10.48 75.49
CA LYS F 151 29.70 11.35 75.33
C LYS F 151 30.96 10.52 75.52
N VAL F 152 31.72 10.32 74.44
CA VAL F 152 32.99 9.61 74.47
C VAL F 152 34.09 10.62 74.22
N ASP F 153 34.86 10.93 75.26
CA ASP F 153 35.90 11.96 75.21
C ASP F 153 35.30 13.31 74.82
N ASN F 154 34.19 13.66 75.49
CA ASN F 154 33.45 14.90 75.25
C ASN F 154 32.96 15.03 73.81
N ALA F 155 32.65 13.90 73.16
CA ALA F 155 32.13 13.89 71.80
C ALA F 155 30.78 13.20 71.80
N LEU F 156 29.77 13.89 71.26
CA LEU F 156 28.42 13.33 71.22
C LEU F 156 28.34 12.19 70.22
N GLN F 157 27.70 11.11 70.62
CA GLN F 157 27.51 9.93 69.79
C GLN F 157 26.04 9.79 69.43
N SER F 158 25.77 9.35 68.20
CA SER F 158 24.41 9.20 67.71
C SER F 158 24.39 8.12 66.63
N GLY F 159 23.29 7.36 66.58
CA GLY F 159 23.11 6.33 65.59
C GLY F 159 23.62 4.96 66.00
N ASN F 160 24.55 4.89 66.95
CA ASN F 160 25.11 3.62 67.40
C ASN F 160 24.59 3.20 68.77
N SER F 161 23.56 3.86 69.27
CA SER F 161 22.99 3.56 70.58
C SER F 161 21.59 2.96 70.42
N GLN F 162 21.31 1.92 71.19
CA GLN F 162 20.01 1.25 71.17
C GLN F 162 19.38 1.37 72.56
N GLU F 163 18.10 1.71 72.59
CA GLU F 163 17.37 1.91 73.84
C GLU F 163 16.27 0.87 73.96
N SER F 164 16.03 0.41 75.19
CA SER F 164 15.01 -0.59 75.48
C SER F 164 14.21 -0.10 76.68
N VAL F 165 12.90 0.06 76.51
CA VAL F 165 12.01 0.56 77.55
C VAL F 165 11.02 -0.54 77.89
N THR F 166 10.93 -0.85 79.18
CA THR F 166 10.01 -1.88 79.66
C THR F 166 8.59 -1.31 79.80
N GLU F 167 7.65 -2.19 80.12
CA GLU F 167 6.29 -1.78 80.39
C GLU F 167 6.18 -1.23 81.81
N GLN F 168 5.00 -0.65 82.11
CA GLN F 168 4.77 -0.08 83.42
C GLN F 168 4.58 -1.19 84.45
N ASP F 169 5.40 -1.19 85.49
CA ASP F 169 5.29 -2.21 86.52
C ASP F 169 4.01 -2.03 87.33
N SER F 170 3.42 -3.16 87.73
CA SER F 170 2.19 -3.14 88.51
C SER F 170 2.44 -3.01 90.01
N LYS F 171 3.70 -2.99 90.44
CA LYS F 171 4.03 -2.89 91.86
C LYS F 171 4.25 -1.45 92.31
N ASP F 172 5.10 -0.71 91.61
CA ASP F 172 5.42 0.66 91.97
C ASP F 172 5.11 1.67 90.86
N SER F 173 4.55 1.22 89.73
CA SER F 173 4.17 2.10 88.62
C SER F 173 5.38 2.89 88.10
N THR F 174 6.50 2.19 87.91
CA THR F 174 7.72 2.79 87.40
C THR F 174 8.12 2.15 86.08
N TYR F 175 9.07 2.77 85.41
CA TYR F 175 9.58 2.28 84.13
C TYR F 175 11.08 2.03 84.24
N SER F 176 11.61 1.35 83.22
CA SER F 176 13.02 1.01 83.15
C SER F 176 13.53 1.24 81.73
N LEU F 177 14.74 1.80 81.63
CA LEU F 177 15.35 2.10 80.34
C LEU F 177 16.81 1.66 80.39
N SER F 178 17.25 0.96 79.35
CA SER F 178 18.62 0.47 79.25
C SER F 178 19.18 0.84 77.88
N SER F 179 20.27 1.60 77.86
CA SER F 179 20.92 2.01 76.63
C SER F 179 22.23 1.24 76.50
N THR F 180 22.35 0.45 75.43
CA THR F 180 23.52 -0.38 75.19
C THR F 180 24.27 0.17 73.97
N LEU F 181 25.49 0.64 74.18
CA LEU F 181 26.32 1.17 73.11
C LEU F 181 27.18 0.05 72.56
N THR F 182 26.87 -0.39 71.34
CA THR F 182 27.59 -1.49 70.71
C THR F 182 28.90 -0.97 70.12
N LEU F 183 30.02 -1.48 70.64
CA LEU F 183 31.35 -1.09 70.20
C LEU F 183 32.14 -2.33 69.81
N SER F 184 33.33 -2.10 69.26
CA SER F 184 34.22 -3.16 68.86
C SER F 184 35.36 -3.30 69.87
N LYS F 185 36.28 -4.23 69.59
CA LYS F 185 37.42 -4.44 70.48
C LYS F 185 38.40 -3.28 70.40
N ALA F 186 38.80 -2.90 69.19
CA ALA F 186 39.72 -1.79 69.03
C ALA F 186 39.07 -0.45 69.34
N ASP F 187 37.74 -0.38 69.37
CA ASP F 187 37.04 0.86 69.66
C ASP F 187 37.03 1.19 71.15
N TYR F 188 37.50 0.29 72.01
CA TYR F 188 37.52 0.51 73.44
C TYR F 188 38.92 0.73 74.01
N GLU F 189 39.96 0.26 73.31
CA GLU F 189 41.33 0.41 73.83
C GLU F 189 41.87 1.81 73.58
N LYS F 190 41.52 2.43 72.44
CA LYS F 190 42.06 3.74 72.13
C LYS F 190 41.39 4.82 72.98
N HIS F 191 40.06 4.84 73.03
CA HIS F 191 39.34 5.81 73.83
C HIS F 191 39.31 5.38 75.30
N LYS F 192 39.24 6.36 76.18
CA LYS F 192 39.29 6.12 77.61
C LYS F 192 38.03 6.58 78.34
N VAL F 193 37.53 7.77 78.03
CA VAL F 193 36.38 8.35 78.73
C VAL F 193 35.10 7.93 78.04
N TYR F 194 34.16 7.40 78.80
CA TYR F 194 32.84 7.01 78.30
C TYR F 194 31.79 7.53 79.28
N ALA F 195 30.94 8.44 78.82
CA ALA F 195 29.96 9.09 79.68
C ALA F 195 28.55 8.86 79.14
N CYS F 196 27.60 8.80 80.07
CA CYS F 196 26.17 8.64 79.74
C CYS F 196 25.42 9.82 80.37
N GLU F 197 24.92 10.72 79.54
CA GLU F 197 24.20 11.89 80.02
C GLU F 197 22.71 11.60 80.07
N VAL F 198 22.09 11.94 81.20
CA VAL F 198 20.66 11.72 81.42
C VAL F 198 20.03 13.06 81.76
N THR F 199 19.09 13.51 80.93
CA THR F 199 18.37 14.76 81.13
C THR F 199 16.88 14.44 81.20
N HIS F 200 16.36 14.33 82.42
CA HIS F 200 14.96 13.97 82.64
C HIS F 200 14.25 15.11 83.33
N GLN F 201 12.92 15.09 83.24
CA GLN F 201 12.11 16.15 83.85
C GLN F 201 12.26 16.16 85.37
N GLY F 202 12.38 14.98 85.98
CA GLY F 202 12.54 14.90 87.42
C GLY F 202 13.90 15.31 87.93
N LEU F 203 14.86 15.53 87.04
CA LEU F 203 16.21 15.94 87.41
C LEU F 203 16.37 17.43 87.13
N SER F 204 16.81 18.17 88.16
CA SER F 204 17.03 19.60 87.99
C SER F 204 18.25 19.91 87.13
N SER F 205 19.21 18.98 87.04
CA SER F 205 20.41 19.15 86.25
C SER F 205 20.74 17.82 85.57
N PRO F 206 21.30 17.87 84.36
CA PRO F 206 21.66 16.63 83.68
C PRO F 206 22.74 15.87 84.44
N VAL F 207 22.43 14.63 84.80
CA VAL F 207 23.36 13.77 85.53
C VAL F 207 24.20 13.00 84.53
N THR F 208 25.52 13.14 84.61
CA THR F 208 26.45 12.49 83.70
C THR F 208 27.38 11.59 84.51
N LYS F 209 27.36 10.29 84.19
CA LYS F 209 28.22 9.30 84.83
C LYS F 209 29.28 8.84 83.86
N SER F 210 30.54 8.92 84.27
CA SER F 210 31.66 8.54 83.41
C SER F 210 32.66 7.74 84.23
N PHE F 211 33.49 6.97 83.51
CA PHE F 211 34.52 6.15 84.13
C PHE F 211 35.78 6.19 83.27
N ASN F 212 36.91 5.93 83.91
CA ASN F 212 38.21 5.92 83.26
C ASN F 212 38.66 4.47 83.07
N ARG F 213 39.13 4.16 81.87
CA ARG F 213 39.60 2.81 81.56
C ARG F 213 40.90 2.49 82.29
N SER G 35 -6.09 -59.53 6.31
CA SER G 35 -6.73 -59.44 5.00
C SER G 35 -6.87 -57.99 4.55
N TYR G 36 -7.43 -57.79 3.36
CA TYR G 36 -7.62 -56.46 2.80
C TYR G 36 -8.96 -56.40 2.10
N THR G 37 -9.48 -55.18 1.96
CA THR G 37 -10.75 -54.94 1.29
C THR G 37 -10.65 -53.62 0.53
N ASN G 38 -11.77 -53.20 -0.04
CA ASN G 38 -11.83 -51.99 -0.85
C ASN G 38 -12.87 -51.04 -0.30
N SER G 39 -12.47 -49.80 -0.02
CA SER G 39 -13.39 -48.76 0.42
C SER G 39 -13.91 -47.98 -0.78
N PHE G 40 -15.08 -48.40 -1.26
CA PHE G 40 -15.63 -47.91 -2.51
C PHE G 40 -15.94 -46.41 -2.47
N THR G 41 -16.93 -46.01 -1.67
CA THR G 41 -17.34 -44.61 -1.62
C THR G 41 -17.65 -44.16 -0.20
N ARG G 42 -17.11 -44.86 0.80
CA ARG G 42 -17.34 -44.52 2.19
C ARG G 42 -16.12 -43.85 2.80
N GLY G 43 -16.36 -43.02 3.81
CA GLY G 43 -15.29 -42.30 4.47
C GLY G 43 -15.40 -40.80 4.29
N VAL G 44 -16.61 -40.32 4.01
CA VAL G 44 -16.87 -38.90 3.78
C VAL G 44 -17.64 -38.34 4.95
N TYR G 45 -17.21 -37.21 5.47
CA TYR G 45 -17.83 -36.54 6.60
C TYR G 45 -18.10 -35.08 6.28
N TYR G 46 -18.82 -34.42 7.16
CA TYR G 46 -19.06 -32.98 7.04
C TYR G 46 -17.82 -32.22 7.46
N PRO G 47 -17.17 -31.46 6.58
CA PRO G 47 -15.92 -30.77 6.98
C PRO G 47 -16.15 -29.63 7.96
N ASP G 48 -17.24 -28.90 7.81
CA ASP G 48 -17.49 -27.74 8.66
C ASP G 48 -18.87 -27.83 9.33
N LYS G 49 -19.27 -26.75 10.00
CA LYS G 49 -20.55 -26.72 10.71
C LYS G 49 -21.50 -25.72 10.07
N VAL G 50 -21.50 -25.66 8.73
CA VAL G 50 -22.29 -24.69 7.99
C VAL G 50 -23.31 -25.45 7.15
N PHE G 51 -24.56 -25.00 7.19
CA PHE G 51 -25.63 -25.61 6.41
C PHE G 51 -25.60 -25.08 4.99
N ARG G 52 -25.49 -25.99 4.02
CA ARG G 52 -25.52 -25.65 2.60
C ARG G 52 -26.63 -26.43 1.91
N SER G 53 -27.27 -25.80 0.93
CA SER G 53 -28.40 -26.40 0.23
C SER G 53 -28.21 -26.25 -1.27
N SER G 54 -28.21 -27.38 -1.98
CA SER G 54 -28.08 -27.45 -3.44
C SER G 54 -26.80 -26.81 -3.95
N VAL G 55 -25.71 -26.90 -3.16
CA VAL G 55 -24.40 -26.32 -3.58
C VAL G 55 -23.40 -27.46 -3.85
N LEU G 56 -22.36 -27.19 -4.65
CA LEU G 56 -21.29 -28.20 -4.88
C LEU G 56 -20.04 -27.66 -4.18
N HIS G 57 -19.91 -27.89 -2.87
CA HIS G 57 -18.78 -27.30 -2.10
C HIS G 57 -17.51 -28.16 -2.21
N SER G 58 -16.46 -27.62 -2.82
CA SER G 58 -15.16 -28.36 -2.88
C SER G 58 -14.34 -28.00 -1.64
N THR G 59 -13.77 -29.00 -0.96
CA THR G 59 -13.04 -28.73 0.31
C THR G 59 -11.76 -29.55 0.39
N GLN G 60 -10.64 -28.91 0.77
CA GLN G 60 -9.37 -29.64 0.97
C GLN G 60 -9.31 -30.05 2.44
N ASP G 61 -9.35 -31.36 2.73
CA ASP G 61 -9.36 -31.83 4.13
C ASP G 61 -8.78 -33.24 4.21
N LEU G 62 -8.55 -33.76 5.41
CA LEU G 62 -8.08 -35.17 5.56
C LEU G 62 -9.23 -36.08 5.14
N PHE G 63 -9.19 -36.59 3.92
CA PHE G 63 -10.33 -37.40 3.40
C PHE G 63 -9.84 -38.80 3.03
N LEU G 64 -10.67 -39.82 3.28
CA LEU G 64 -10.28 -41.20 2.87
C LEU G 64 -10.34 -41.29 1.35
N PRO G 65 -9.21 -41.60 0.66
CA PRO G 65 -9.19 -41.68 -0.79
C PRO G 65 -10.22 -42.73 -1.25
N PHE G 66 -10.98 -42.41 -2.28
CA PHE G 66 -11.94 -43.41 -2.81
C PHE G 66 -11.16 -44.61 -3.36
N PHE G 67 -11.71 -45.82 -3.21
CA PHE G 67 -11.06 -47.02 -3.70
C PHE G 67 -9.64 -47.15 -3.15
N SER G 68 -9.51 -47.24 -1.83
CA SER G 68 -8.22 -47.36 -1.17
C SER G 68 -8.10 -48.75 -0.58
N ASN G 69 -6.88 -49.09 -0.15
CA ASN G 69 -6.59 -50.40 0.43
C ASN G 69 -6.77 -50.33 1.94
N VAL G 70 -7.82 -50.95 2.44
CA VAL G 70 -8.13 -50.95 3.86
C VAL G 70 -7.55 -52.20 4.50
N THR G 71 -6.94 -52.04 5.67
CA THR G 71 -6.31 -53.14 6.39
C THR G 71 -7.31 -53.81 7.34
N TRP G 72 -8.10 -54.72 6.77
CA TRP G 72 -9.08 -55.47 7.53
C TRP G 72 -8.39 -56.51 8.41
N PHE G 73 -8.56 -56.36 9.73
CA PHE G 73 -7.99 -57.28 10.71
C PHE G 73 -9.10 -58.12 11.33
N HIS G 74 -8.92 -59.44 11.31
CA HIS G 74 -9.94 -60.36 11.81
C HIS G 74 -9.57 -60.79 13.23
N ALA G 75 -9.82 -59.89 14.18
CA ALA G 75 -9.56 -60.17 15.59
C ALA G 75 -10.78 -60.86 16.18
N ILE G 76 -10.88 -62.16 15.91
CA ILE G 76 -12.02 -62.97 16.30
C ILE G 76 -11.53 -64.15 17.14
N HIS G 77 -12.48 -64.79 17.83
CA HIS G 77 -12.18 -65.98 18.61
C HIS G 77 -13.42 -66.86 18.74
N VAL G 78 -13.50 -67.90 17.92
CA VAL G 78 -14.65 -68.81 17.93
C VAL G 78 -14.25 -70.12 17.27
N SER G 79 -14.69 -71.24 17.84
CA SER G 79 -14.39 -72.55 17.29
C SER G 79 -15.39 -73.56 17.82
N GLY G 80 -16.06 -74.27 16.91
CA GLY G 80 -17.00 -75.30 17.30
C GLY G 80 -16.36 -76.61 17.73
N THR G 81 -15.10 -76.84 17.39
CA THR G 81 -14.39 -78.05 17.77
C THR G 81 -13.22 -77.77 18.72
N ASN G 82 -13.29 -76.71 19.51
CA ASN G 82 -12.25 -76.32 20.46
C ASN G 82 -10.91 -76.07 19.79
N GLY G 83 -10.91 -75.56 18.56
CA GLY G 83 -9.67 -75.27 17.87
C GLY G 83 -9.02 -74.01 18.38
N THR G 84 -7.70 -73.92 18.18
CA THR G 84 -6.95 -72.76 18.62
C THR G 84 -7.11 -71.60 17.66
N LYS G 85 -7.44 -70.42 18.20
CA LYS G 85 -7.60 -69.20 17.44
C LYS G 85 -6.49 -68.22 17.83
N ARG G 86 -6.54 -67.01 17.29
CA ARG G 86 -5.52 -66.01 17.55
C ARG G 86 -6.10 -64.63 17.32
N PHE G 87 -5.68 -63.66 18.14
CA PHE G 87 -6.14 -62.29 18.02
C PHE G 87 -4.96 -61.39 17.64
N ASP G 88 -5.28 -60.17 17.23
CA ASP G 88 -4.26 -59.24 16.74
C ASP G 88 -3.46 -58.66 17.90
N ASN G 89 -2.20 -59.06 17.97
CA ASN G 89 -1.27 -58.62 19.01
C ASN G 89 -0.70 -57.23 18.75
N PRO G 90 -0.08 -56.95 17.60
CA PRO G 90 0.64 -55.69 17.42
C PRO G 90 -0.30 -54.49 17.37
N VAL G 91 0.30 -53.30 17.33
CA VAL G 91 -0.43 -52.05 17.34
C VAL G 91 -0.35 -51.40 15.97
N LEU G 92 -1.38 -50.64 15.59
CA LEU G 92 -1.42 -49.99 14.30
C LEU G 92 -1.12 -48.51 14.47
N PRO G 93 -0.32 -47.90 13.61
CA PRO G 93 -0.03 -46.47 13.76
C PRO G 93 -1.20 -45.60 13.33
N PHE G 94 -1.23 -44.38 13.83
CA PHE G 94 -2.29 -43.40 13.53
C PHE G 94 -1.61 -42.21 12.83
N ASN G 95 -1.80 -42.12 11.53
CA ASN G 95 -1.21 -41.04 10.72
C ASN G 95 -2.32 -40.23 10.08
N ASP G 96 -2.64 -39.09 10.69
CA ASP G 96 -3.57 -38.06 10.22
C ASP G 96 -5.02 -38.53 10.15
N GLY G 97 -5.33 -39.73 10.64
CA GLY G 97 -6.71 -40.18 10.61
C GLY G 97 -6.81 -41.69 10.74
N VAL G 98 -8.06 -42.14 10.86
CA VAL G 98 -8.38 -43.56 10.97
C VAL G 98 -9.75 -43.77 10.33
N TYR G 99 -10.04 -45.03 9.99
CA TYR G 99 -11.30 -45.41 9.35
C TYR G 99 -11.88 -46.63 10.05
N PHE G 100 -12.00 -46.55 11.38
CA PHE G 100 -12.61 -47.62 12.14
C PHE G 100 -14.09 -47.72 11.80
N ALA G 101 -14.45 -48.77 11.05
CA ALA G 101 -15.79 -48.97 10.53
C ALA G 101 -16.21 -50.42 10.81
N SER G 102 -16.03 -50.84 12.06
CA SER G 102 -16.32 -52.21 12.47
C SER G 102 -17.81 -52.52 12.34
N THR G 103 -18.13 -53.79 12.46
CA THR G 103 -19.51 -54.28 12.45
C THR G 103 -19.68 -55.20 13.66
N GLU G 104 -20.06 -54.64 14.79
CA GLU G 104 -20.28 -55.38 16.02
C GLU G 104 -21.76 -55.59 16.24
N LYS G 105 -22.09 -56.45 17.21
CA LYS G 105 -23.50 -56.70 17.51
C LYS G 105 -23.86 -56.20 18.90
N SER G 106 -23.23 -56.75 19.94
CA SER G 106 -23.55 -56.30 21.29
C SER G 106 -22.54 -55.30 21.84
N ASN G 107 -21.30 -55.74 22.06
CA ASN G 107 -20.28 -54.88 22.65
C ASN G 107 -18.88 -55.16 22.10
N ILE G 108 -18.80 -55.92 21.01
CA ILE G 108 -17.53 -56.49 20.54
C ILE G 108 -16.44 -55.44 20.46
N ILE G 109 -16.65 -54.40 19.66
CA ILE G 109 -15.65 -53.35 19.49
C ILE G 109 -16.03 -52.19 20.39
N ARG G 110 -15.19 -51.90 21.39
CA ARG G 110 -15.43 -50.83 22.34
C ARG G 110 -14.09 -50.36 22.89
N GLY G 111 -13.61 -49.24 22.40
CA GLY G 111 -12.36 -48.67 22.87
C GLY G 111 -11.49 -48.16 21.72
N TRP G 112 -11.02 -46.93 21.86
CA TRP G 112 -10.18 -46.31 20.84
C TRP G 112 -8.99 -45.62 21.51
N ILE G 113 -8.32 -46.34 22.40
CA ILE G 113 -7.18 -45.82 23.15
C ILE G 113 -6.10 -45.34 22.20
N PHE G 114 -5.70 -44.07 22.33
CA PHE G 114 -4.69 -43.47 21.49
C PHE G 114 -3.37 -43.39 22.25
N GLY G 115 -2.38 -42.75 21.65
CA GLY G 115 -1.07 -42.57 22.24
C GLY G 115 0.02 -43.25 21.44
N THR G 116 1.25 -42.76 21.65
CA THR G 116 2.40 -43.24 20.89
C THR G 116 3.14 -44.37 21.59
N THR G 117 3.66 -44.10 22.79
CA THR G 117 4.43 -45.10 23.53
C THR G 117 3.74 -45.34 24.87
N LEU G 118 2.90 -46.37 24.93
CA LEU G 118 2.03 -46.60 26.09
C LEU G 118 2.72 -47.41 27.17
N ASP G 119 3.93 -47.00 27.58
CA ASP G 119 4.57 -47.68 28.69
C ASP G 119 4.47 -46.86 29.98
N SER G 120 5.08 -45.67 30.01
CA SER G 120 4.94 -44.81 31.17
C SER G 120 4.91 -43.33 30.84
N LYS G 121 4.95 -42.92 29.57
CA LYS G 121 5.15 -41.52 29.24
C LYS G 121 4.23 -41.10 28.09
N THR G 122 2.97 -41.50 28.13
CA THR G 122 2.02 -41.12 27.11
C THR G 122 0.61 -41.08 27.70
N GLN G 123 -0.15 -40.06 27.32
CA GLN G 123 -1.54 -39.93 27.74
C GLN G 123 -2.42 -40.81 26.85
N SER G 124 -3.73 -40.75 27.04
CA SER G 124 -4.66 -41.54 26.24
C SER G 124 -5.98 -40.80 26.09
N LEU G 125 -7.02 -41.49 25.63
CA LEU G 125 -8.34 -40.88 25.54
C LEU G 125 -9.38 -41.74 26.25
N LEU G 126 -9.16 -43.06 26.27
CA LEU G 126 -10.01 -43.99 27.01
C LEU G 126 -11.48 -43.83 26.63
N ILE G 127 -11.82 -44.15 25.39
CA ILE G 127 -13.17 -43.92 24.87
C ILE G 127 -14.00 -45.18 25.07
N VAL G 128 -13.57 -46.04 26.01
CA VAL G 128 -14.37 -47.21 26.35
C VAL G 128 -15.75 -46.77 26.81
N ASN G 129 -16.78 -47.24 26.12
CA ASN G 129 -18.16 -46.81 26.33
C ASN G 129 -18.99 -47.99 26.82
N ASN G 130 -19.34 -47.97 28.11
CA ASN G 130 -20.21 -48.99 28.67
C ASN G 130 -21.66 -48.63 28.32
N ALA G 131 -22.61 -49.33 28.94
CA ALA G 131 -24.03 -49.11 28.66
C ALA G 131 -24.58 -47.87 29.33
N THR G 132 -23.75 -47.02 29.93
CA THR G 132 -24.20 -45.81 30.61
C THR G 132 -23.79 -44.54 29.90
N ASN G 133 -22.49 -44.34 29.66
CA ASN G 133 -22.01 -43.12 29.05
C ASN G 133 -20.57 -43.32 28.58
N VAL G 134 -20.07 -42.36 27.81
CA VAL G 134 -18.71 -42.40 27.31
C VAL G 134 -17.81 -41.65 28.30
N VAL G 135 -17.00 -42.38 29.04
CA VAL G 135 -16.09 -41.78 30.01
C VAL G 135 -14.76 -41.45 29.35
N ILE G 136 -14.69 -40.30 28.69
CA ILE G 136 -13.45 -39.86 28.05
C ILE G 136 -12.48 -39.38 29.12
N LYS G 137 -11.26 -39.91 29.09
CA LYS G 137 -10.26 -39.59 30.12
C LYS G 137 -8.90 -39.46 29.49
N VAL G 138 -8.27 -38.29 29.68
CA VAL G 138 -6.91 -38.04 29.23
C VAL G 138 -5.90 -38.11 30.37
N CYS G 139 -6.32 -38.62 31.53
CA CYS G 139 -5.47 -38.65 32.71
C CYS G 139 -4.18 -39.42 32.45
N GLU G 140 -3.05 -38.83 32.84
CA GLU G 140 -1.77 -39.50 32.72
C GLU G 140 -1.58 -40.45 33.90
N PHE G 141 -1.19 -41.69 33.60
CA PHE G 141 -1.03 -42.71 34.63
C PHE G 141 -0.14 -43.82 34.08
N GLN G 142 0.01 -44.87 34.88
CA GLN G 142 0.79 -46.05 34.48
C GLN G 142 0.06 -46.75 33.34
N PHE G 143 0.57 -46.62 32.12
CA PHE G 143 -0.10 -47.17 30.96
C PHE G 143 0.10 -48.67 30.87
N CYS G 144 -0.98 -49.39 30.61
CA CYS G 144 -0.94 -50.83 30.49
C CYS G 144 -0.76 -51.25 29.03
N ASN G 145 -0.45 -52.53 28.84
CA ASN G 145 -0.24 -53.11 27.51
C ASN G 145 -1.22 -54.23 27.19
N ASP G 146 -2.22 -54.45 28.03
CA ASP G 146 -3.18 -55.53 27.81
C ASP G 146 -4.13 -55.15 26.68
N PRO G 147 -4.23 -55.94 25.61
CA PRO G 147 -5.14 -55.60 24.51
C PRO G 147 -6.58 -55.89 24.85
N PHE G 148 -6.81 -56.69 25.89
CA PHE G 148 -8.15 -57.04 26.34
C PHE G 148 -8.49 -56.26 27.60
N LEU G 149 -9.75 -55.82 27.70
CA LEU G 149 -10.17 -55.06 28.88
C LEU G 149 -10.08 -55.90 30.14
N ASP G 150 -10.91 -56.93 30.26
CA ASP G 150 -10.79 -57.87 31.37
C ASP G 150 -10.46 -59.27 30.88
N VAL G 151 -11.31 -59.81 30.01
CA VAL G 151 -11.12 -61.12 29.39
C VAL G 151 -12.16 -61.27 28.29
N TYR G 152 -11.83 -62.04 27.26
CA TYR G 152 -12.77 -62.28 26.17
C TYR G 152 -13.95 -63.15 26.60
N GLN G 153 -13.74 -64.07 27.54
CA GLN G 153 -14.79 -64.98 27.99
C GLN G 153 -15.52 -64.40 29.21
N LYS G 154 -16.28 -65.24 29.90
CA LYS G 154 -17.00 -64.86 31.11
C LYS G 154 -18.00 -63.73 30.84
N ASN G 155 -19.02 -64.02 30.02
CA ASN G 155 -20.06 -63.05 29.69
C ASN G 155 -21.17 -63.02 30.74
N ASN G 156 -20.90 -63.50 31.95
CA ASN G 156 -21.89 -63.53 33.03
C ASN G 156 -22.06 -62.12 33.58
N LYS G 157 -23.27 -61.79 34.02
CA LYS G 157 -23.58 -60.48 34.55
C LYS G 157 -23.41 -60.39 36.06
N SER G 158 -22.88 -61.43 36.71
CA SER G 158 -22.66 -61.41 38.14
C SER G 158 -21.49 -60.52 38.55
N TRP G 159 -20.62 -60.17 37.63
CA TRP G 159 -19.48 -59.29 37.89
C TRP G 159 -19.82 -57.85 37.55
N MET G 160 -18.79 -57.00 37.56
CA MET G 160 -18.96 -55.59 37.24
C MET G 160 -19.47 -55.41 35.82
N GLU G 161 -20.13 -54.28 35.55
CA GLU G 161 -20.69 -54.03 34.24
C GLU G 161 -19.65 -53.93 33.14
N SER G 162 -18.40 -53.58 33.47
CA SER G 162 -17.34 -53.51 32.47
C SER G 162 -16.06 -54.19 32.93
N GLU G 163 -15.87 -54.37 34.24
CA GLU G 163 -14.69 -55.04 34.79
C GLU G 163 -13.40 -54.36 34.35
N PHE G 164 -13.14 -53.16 34.85
CA PHE G 164 -11.97 -52.39 34.45
C PHE G 164 -10.69 -52.97 35.06
N ARG G 165 -10.20 -54.05 34.48
CA ARG G 165 -8.95 -54.65 34.92
C ARG G 165 -7.72 -53.98 34.33
N VAL G 166 -7.90 -53.13 33.31
CA VAL G 166 -6.77 -52.37 32.75
C VAL G 166 -6.31 -51.25 33.67
N TYR G 167 -7.11 -50.88 34.67
CA TYR G 167 -6.72 -49.86 35.62
C TYR G 167 -5.61 -50.38 36.53
N SER G 168 -4.40 -49.86 36.33
CA SER G 168 -3.25 -50.30 37.11
C SER G 168 -3.10 -49.38 38.30
N SER G 169 -2.91 -48.08 38.10
CA SER G 169 -2.73 -47.13 39.19
C SER G 169 -3.06 -45.73 38.68
N ALA G 170 -3.86 -45.00 39.44
CA ALA G 170 -4.24 -43.64 39.04
C ALA G 170 -3.19 -42.65 39.49
N ASN G 171 -3.00 -41.60 38.69
CA ASN G 171 -2.05 -40.54 39.01
C ASN G 171 -2.68 -39.17 38.79
N ASN G 172 -1.87 -38.12 38.84
CA ASN G 172 -2.38 -36.77 38.64
C ASN G 172 -2.90 -36.61 37.21
N CYS G 173 -4.12 -36.07 37.09
CA CYS G 173 -4.79 -35.92 35.82
C CYS G 173 -4.66 -34.49 35.30
N THR G 174 -5.09 -34.29 34.06
CA THR G 174 -5.08 -32.99 33.42
C THR G 174 -6.44 -32.53 32.95
N PHE G 175 -7.26 -33.43 32.39
CA PHE G 175 -8.57 -33.07 31.88
C PHE G 175 -9.44 -34.32 31.86
N GLU G 176 -10.75 -34.11 31.94
CA GLU G 176 -11.71 -35.20 31.89
C GLU G 176 -12.95 -34.72 31.16
N TYR G 177 -13.68 -35.67 30.57
CA TYR G 177 -14.90 -35.37 29.82
C TYR G 177 -15.88 -36.52 30.03
N VAL G 178 -16.98 -36.23 30.71
CA VAL G 178 -18.05 -37.21 30.94
C VAL G 178 -19.26 -36.76 30.13
N SER G 179 -19.51 -37.44 29.01
CA SER G 179 -20.61 -37.11 28.11
C SER G 179 -21.73 -38.10 28.31
N GLN G 180 -22.91 -37.60 28.68
CA GLN G 180 -24.08 -38.44 28.92
C GLN G 180 -24.54 -39.16 27.66
N PRO G 181 -24.67 -38.47 26.49
CA PRO G 181 -25.03 -39.20 25.27
C PRO G 181 -23.96 -40.20 24.83
N PHE G 182 -24.28 -41.48 24.89
CA PHE G 182 -23.33 -42.51 24.50
C PHE G 182 -23.19 -42.56 22.98
N LEU G 183 -22.04 -43.04 22.51
CA LEU G 183 -21.75 -43.12 21.09
C LEU G 183 -22.26 -44.40 20.44
N MET G 184 -22.57 -45.42 21.23
CA MET G 184 -23.08 -46.69 20.72
C MET G 184 -24.52 -46.84 21.18
N ASP G 185 -25.45 -46.79 20.23
CA ASP G 185 -26.88 -46.90 20.51
C ASP G 185 -27.44 -48.12 19.79
N LEU G 186 -27.47 -49.25 20.49
CA LEU G 186 -28.01 -50.49 19.94
C LEU G 186 -28.37 -51.47 21.05
N GLU G 187 -29.58 -52.03 20.99
CA GLU G 187 -30.05 -52.99 21.97
C GLU G 187 -30.38 -54.35 21.36
N GLY G 188 -30.17 -54.51 20.05
CA GLY G 188 -30.47 -55.76 19.39
C GLY G 188 -31.94 -56.06 19.23
N LYS G 189 -32.79 -55.04 19.14
CA LYS G 189 -34.23 -55.27 19.01
C LYS G 189 -34.62 -55.77 17.63
N GLU G 190 -33.72 -55.70 16.64
CA GLU G 190 -34.04 -56.19 15.31
C GLU G 190 -34.13 -57.71 15.28
N GLY G 191 -33.11 -58.38 15.80
CA GLY G 191 -33.14 -59.83 15.91
C GLY G 191 -32.10 -60.55 15.07
N ASN G 192 -31.87 -60.08 13.84
CA ASN G 192 -30.94 -60.74 12.94
C ASN G 192 -30.03 -59.79 12.18
N PHE G 193 -30.18 -58.48 12.35
CA PHE G 193 -29.37 -57.51 11.63
C PHE G 193 -28.41 -56.80 12.58
N LYS G 194 -27.21 -56.54 12.07
CA LYS G 194 -26.19 -55.83 12.84
C LYS G 194 -26.15 -54.36 12.40
N ASN G 195 -25.16 -53.63 12.92
CA ASN G 195 -24.98 -52.22 12.60
C ASN G 195 -23.53 -51.93 12.26
N LEU G 196 -23.32 -50.83 11.54
CA LEU G 196 -21.99 -50.36 11.20
C LEU G 196 -21.50 -49.41 12.30
N ARG G 197 -20.18 -49.34 12.46
CA ARG G 197 -19.55 -48.63 13.57
C ARG G 197 -18.54 -47.61 13.02
N GLU G 198 -18.99 -46.81 12.05
CA GLU G 198 -18.15 -45.75 11.49
C GLU G 198 -17.69 -44.78 12.57
N PHE G 199 -16.39 -44.73 12.83
CA PHE G 199 -15.82 -43.85 13.86
C PHE G 199 -14.53 -43.22 13.34
N VAL G 200 -14.61 -42.62 12.15
CA VAL G 200 -13.47 -41.93 11.55
C VAL G 200 -13.01 -40.82 12.51
N PHE G 201 -11.77 -40.92 12.97
CA PHE G 201 -11.19 -39.97 13.90
C PHE G 201 -10.06 -39.20 13.22
N LYS G 202 -9.75 -38.03 13.78
CA LYS G 202 -8.66 -37.20 13.29
C LYS G 202 -8.30 -36.18 14.34
N ASN G 203 -7.03 -35.80 14.36
CA ASN G 203 -6.53 -34.79 15.28
C ASN G 203 -6.02 -33.59 14.48
N ILE G 204 -6.30 -32.40 14.99
CA ILE G 204 -5.92 -31.15 14.32
C ILE G 204 -4.98 -30.39 15.25
N ASP G 205 -4.54 -29.21 14.82
CA ASP G 205 -3.66 -28.39 15.65
C ASP G 205 -4.34 -27.97 16.94
N GLY G 206 -5.68 -27.93 16.93
CA GLY G 206 -6.44 -27.53 18.10
C GLY G 206 -7.27 -28.64 18.68
N TYR G 207 -8.59 -28.56 18.49
CA TYR G 207 -9.52 -29.51 19.08
C TYR G 207 -9.51 -30.84 18.36
N PHE G 208 -9.73 -31.92 19.11
CA PHE G 208 -9.85 -33.25 18.52
C PHE G 208 -11.29 -33.48 18.06
N LYS G 209 -11.43 -34.01 16.86
CA LYS G 209 -12.72 -34.18 16.21
C LYS G 209 -13.09 -35.66 16.16
N ILE G 210 -14.40 -35.91 16.20
CA ILE G 210 -14.95 -37.26 16.15
C ILE G 210 -16.17 -37.26 15.23
N TYR G 211 -16.18 -38.16 14.26
CA TYR G 211 -17.29 -38.29 13.32
C TYR G 211 -17.82 -39.72 13.35
N SER G 212 -19.15 -39.83 13.25
CA SER G 212 -19.78 -41.15 13.30
C SER G 212 -21.14 -41.06 12.63
N LYS G 213 -21.64 -42.23 12.21
CA LYS G 213 -22.97 -42.32 11.60
C LYS G 213 -23.45 -43.75 11.72
N HIS G 214 -24.59 -43.94 12.39
CA HIS G 214 -25.18 -45.26 12.61
C HIS G 214 -25.93 -45.67 11.35
N THR G 215 -25.27 -46.44 10.48
CA THR G 215 -25.94 -46.88 9.27
C THR G 215 -26.32 -48.36 9.40
N PRO G 216 -27.57 -48.70 9.05
CA PRO G 216 -28.00 -50.10 9.14
C PRO G 216 -27.43 -50.95 8.00
N ILE G 217 -26.49 -51.84 8.34
CA ILE G 217 -25.90 -52.71 7.33
C ILE G 217 -26.87 -53.84 7.01
N ASN G 218 -27.18 -54.02 5.73
CA ASN G 218 -28.10 -55.05 5.31
C ASN G 218 -27.37 -56.38 5.12
N LEU G 219 -28.14 -57.41 4.80
CA LEU G 219 -27.58 -58.73 4.56
C LEU G 219 -26.86 -58.76 3.22
N GLU G 220 -25.54 -58.62 3.26
CA GLU G 220 -24.73 -58.52 2.05
C GLU G 220 -23.51 -59.44 2.19
N ARG G 221 -22.59 -59.33 1.24
CA ARG G 221 -21.39 -60.16 1.23
C ARG G 221 -20.19 -59.42 1.81
N ASP G 222 -19.99 -58.19 1.37
CA ASP G 222 -18.83 -57.40 1.79
C ASP G 222 -19.26 -56.05 2.36
N LEU G 223 -18.30 -55.15 2.53
CA LEU G 223 -18.54 -53.80 3.03
C LEU G 223 -19.64 -53.14 2.20
N PRO G 224 -20.58 -52.42 2.83
CA PRO G 224 -21.69 -51.82 2.09
C PRO G 224 -21.25 -50.80 1.05
N GLN G 225 -21.58 -51.06 -0.22
CA GLN G 225 -21.26 -50.14 -1.31
C GLN G 225 -22.34 -49.07 -1.38
N GLY G 226 -22.20 -48.02 -0.56
CA GLY G 226 -23.18 -46.96 -0.52
C GLY G 226 -22.68 -45.72 0.21
N PHE G 227 -23.07 -44.54 -0.26
CA PHE G 227 -22.61 -43.30 0.32
C PHE G 227 -23.36 -43.00 1.61
N SER G 228 -22.63 -42.52 2.62
CA SER G 228 -23.23 -42.16 3.90
C SER G 228 -22.34 -41.16 4.63
N ALA G 229 -22.80 -39.93 4.78
CA ALA G 229 -22.02 -38.90 5.45
C ALA G 229 -21.95 -39.17 6.95
N LEU G 230 -20.86 -38.73 7.57
CA LEU G 230 -20.62 -38.93 8.99
C LEU G 230 -20.97 -37.66 9.74
N GLU G 231 -21.73 -37.80 10.84
CA GLU G 231 -22.18 -36.66 11.62
C GLU G 231 -21.16 -36.31 12.69
N PRO G 232 -20.74 -35.04 12.79
CA PRO G 232 -19.82 -34.66 13.87
C PRO G 232 -20.49 -34.75 15.24
N LEU G 233 -19.95 -35.58 16.13
CA LEU G 233 -20.55 -35.80 17.44
C LEU G 233 -19.86 -35.01 18.53
N VAL G 234 -18.56 -35.20 18.73
CA VAL G 234 -17.83 -34.60 19.84
C VAL G 234 -16.56 -33.97 19.30
N ASP G 235 -16.47 -32.65 19.36
CA ASP G 235 -15.25 -31.90 19.05
C ASP G 235 -14.48 -31.57 20.33
N LEU G 236 -14.07 -32.60 21.07
CA LEU G 236 -13.46 -32.44 22.38
C LEU G 236 -12.10 -31.73 22.27
N PRO G 237 -11.84 -30.74 23.12
CA PRO G 237 -10.53 -30.08 23.11
C PRO G 237 -9.47 -30.92 23.79
N ILE G 238 -8.32 -31.06 23.11
CA ILE G 238 -7.19 -31.80 23.65
C ILE G 238 -5.93 -31.41 22.88
N GLY G 239 -4.77 -31.65 23.48
CA GLY G 239 -3.51 -31.33 22.84
C GLY G 239 -2.48 -32.43 22.96
N ILE G 240 -2.94 -33.68 22.97
CA ILE G 240 -2.05 -34.83 23.12
C ILE G 240 -1.44 -35.16 21.77
N ASN G 241 -0.12 -35.33 21.73
CA ASN G 241 0.56 -35.73 20.50
C ASN G 241 0.37 -37.22 20.25
N ILE G 242 -0.34 -37.56 19.19
CA ILE G 242 -0.71 -38.94 18.90
C ILE G 242 -0.09 -39.37 17.56
N THR G 243 0.53 -40.54 17.56
CA THR G 243 1.09 -41.11 16.34
C THR G 243 0.64 -42.55 16.17
N ARG G 244 0.18 -43.18 17.24
CA ARG G 244 -0.25 -44.57 17.22
C ARG G 244 -1.64 -44.70 17.84
N PHE G 245 -2.24 -45.87 17.66
CA PHE G 245 -3.61 -46.10 18.11
C PHE G 245 -3.83 -47.60 18.31
N GLN G 246 -4.47 -47.95 19.41
CA GLN G 246 -4.73 -49.35 19.76
C GLN G 246 -6.14 -49.47 20.31
N THR G 247 -6.89 -50.44 19.80
CA THR G 247 -8.25 -50.68 20.27
C THR G 247 -8.29 -51.91 21.18
N LEU G 248 -9.34 -51.99 21.99
CA LEU G 248 -9.55 -53.12 22.89
C LEU G 248 -10.97 -53.66 22.70
N LEU G 249 -11.14 -54.95 22.99
CA LEU G 249 -12.40 -55.65 22.86
C LEU G 249 -12.84 -56.14 24.24
N ALA G 250 -14.15 -56.31 24.43
CA ALA G 250 -14.70 -56.76 25.70
C ALA G 250 -16.13 -57.28 25.52
N LEU G 251 -16.51 -58.26 26.32
CA LEU G 251 -17.84 -58.85 26.25
C LEU G 251 -18.72 -58.23 27.34
N HIS G 252 -19.90 -57.75 26.95
CA HIS G 252 -20.79 -57.08 27.88
C HIS G 252 -21.44 -58.09 28.82
N ARG G 253 -21.85 -57.61 29.99
CA ARG G 253 -22.53 -58.47 30.96
C ARG G 253 -23.92 -58.88 30.50
N SER G 254 -24.55 -58.09 29.63
CA SER G 254 -25.90 -58.37 29.14
C SER G 254 -25.83 -59.35 27.95
N TYR G 255 -25.41 -60.57 28.25
CA TYR G 255 -25.30 -61.59 27.22
C TYR G 255 -26.68 -62.06 26.78
N LEU G 256 -26.88 -62.08 25.46
CA LEU G 256 -28.16 -62.46 24.89
C LEU G 256 -28.29 -63.97 24.82
N THR G 257 -29.33 -64.44 24.12
CA THR G 257 -29.58 -65.87 23.95
C THR G 257 -28.48 -66.50 23.13
N PRO G 258 -28.25 -67.83 23.24
CA PRO G 258 -27.21 -68.47 22.44
C PRO G 258 -27.48 -68.37 20.94
N GLY G 259 -26.70 -67.54 20.26
CA GLY G 259 -26.87 -67.31 18.83
C GLY G 259 -26.09 -68.28 17.97
N ASP G 260 -26.57 -69.51 17.86
CA ASP G 260 -25.92 -70.52 17.02
C ASP G 260 -25.76 -70.06 15.57
N SER G 261 -26.62 -69.16 15.11
CA SER G 261 -26.50 -68.65 13.74
C SER G 261 -25.33 -67.68 13.65
N SER G 262 -24.99 -67.30 12.40
CA SER G 262 -23.88 -66.38 12.18
C SER G 262 -24.19 -64.96 12.61
N SER G 263 -25.47 -64.59 12.67
CA SER G 263 -25.89 -63.25 13.06
C SER G 263 -26.31 -63.15 14.51
N GLY G 264 -26.10 -64.20 15.31
CA GLY G 264 -26.47 -64.18 16.71
C GLY G 264 -25.30 -63.89 17.62
N TRP G 265 -24.80 -64.92 18.31
CA TRP G 265 -23.64 -64.77 19.18
C TRP G 265 -22.42 -64.46 18.33
N THR G 266 -21.92 -63.23 18.44
CA THR G 266 -20.82 -62.75 17.61
C THR G 266 -19.52 -62.55 18.40
N ALA G 267 -19.22 -63.44 19.34
CA ALA G 267 -17.96 -63.35 20.07
C ALA G 267 -16.76 -63.56 19.15
N GLY G 268 -16.96 -64.19 17.99
CA GLY G 268 -15.89 -64.38 17.03
C GLY G 268 -16.24 -63.81 15.68
N ALA G 269 -16.88 -62.63 15.66
CA ALA G 269 -17.26 -61.99 14.42
C ALA G 269 -16.88 -60.52 14.39
N ALA G 270 -15.78 -60.15 15.04
CA ALA G 270 -15.33 -58.77 15.06
C ALA G 270 -14.73 -58.39 13.70
N ALA G 271 -14.53 -57.08 13.51
CA ALA G 271 -13.96 -56.58 12.27
C ALA G 271 -13.13 -55.32 12.52
N TYR G 272 -11.82 -55.49 12.72
CA TYR G 272 -10.94 -54.37 12.99
C TYR G 272 -10.55 -53.68 11.69
N TYR G 273 -11.29 -52.63 11.32
CA TYR G 273 -10.98 -51.88 10.11
C TYR G 273 -10.09 -50.67 10.44
N VAL G 274 -9.08 -50.47 9.60
CA VAL G 274 -8.18 -49.34 9.74
C VAL G 274 -7.91 -48.77 8.34
N GLY G 275 -8.11 -47.46 8.22
CA GLY G 275 -7.85 -46.79 6.96
C GLY G 275 -7.28 -45.40 7.15
N TYR G 276 -6.14 -45.13 6.52
CA TYR G 276 -5.48 -43.85 6.70
C TYR G 276 -6.07 -42.80 5.77
N LEU G 277 -6.09 -41.55 6.22
CA LEU G 277 -6.62 -40.44 5.46
C LEU G 277 -5.50 -39.76 4.67
N GLN G 278 -5.86 -38.98 3.66
CA GLN G 278 -4.91 -38.26 2.85
C GLN G 278 -5.48 -36.87 2.56
N PRO G 279 -4.63 -35.86 2.38
CA PRO G 279 -5.12 -34.52 2.09
C PRO G 279 -5.66 -34.37 0.68
N ARG G 280 -6.89 -34.81 0.46
CA ARG G 280 -7.55 -34.72 -0.83
C ARG G 280 -8.49 -33.51 -0.85
N THR G 281 -8.97 -33.18 -2.05
CA THR G 281 -9.89 -32.07 -2.28
C THR G 281 -11.17 -32.64 -2.87
N PHE G 282 -12.09 -33.06 -2.00
CA PHE G 282 -13.33 -33.67 -2.44
C PHE G 282 -14.34 -32.60 -2.84
N LEU G 283 -15.25 -32.99 -3.74
CA LEU G 283 -16.34 -32.14 -4.19
C LEU G 283 -17.63 -32.68 -3.60
N LEU G 284 -18.11 -32.03 -2.53
CA LEU G 284 -19.27 -32.50 -1.79
C LEU G 284 -20.52 -31.77 -2.26
N LYS G 285 -21.53 -32.53 -2.66
CA LYS G 285 -22.81 -31.98 -3.10
C LYS G 285 -23.82 -32.10 -1.97
N TYR G 286 -24.41 -30.98 -1.59
CA TYR G 286 -25.42 -30.95 -0.54
C TYR G 286 -26.81 -31.02 -1.15
N ASN G 287 -27.69 -31.80 -0.53
CA ASN G 287 -29.05 -31.97 -1.03
C ASN G 287 -29.90 -30.77 -0.64
N GLU G 288 -31.18 -30.78 -1.02
CA GLU G 288 -32.07 -29.68 -0.66
C GLU G 288 -32.38 -29.65 0.83
N ASN G 289 -32.13 -30.75 1.54
CA ASN G 289 -32.31 -30.81 2.99
C ASN G 289 -31.03 -30.46 3.75
N GLY G 290 -29.89 -30.39 3.06
CA GLY G 290 -28.62 -30.08 3.70
C GLY G 290 -27.77 -31.27 4.05
N THR G 291 -27.85 -32.36 3.29
CA THR G 291 -27.07 -33.57 3.55
C THR G 291 -26.25 -33.91 2.31
N ILE G 292 -25.10 -34.54 2.53
CA ILE G 292 -24.21 -34.91 1.43
C ILE G 292 -24.67 -36.26 0.88
N THR G 293 -24.85 -36.33 -0.44
CA THR G 293 -25.31 -37.57 -1.08
C THR G 293 -24.23 -38.24 -1.93
N ASP G 294 -23.22 -37.49 -2.39
CA ASP G 294 -22.17 -38.05 -3.21
C ASP G 294 -20.94 -37.15 -3.11
N ALA G 295 -19.83 -37.64 -3.66
CA ALA G 295 -18.56 -36.91 -3.62
C ALA G 295 -17.69 -37.35 -4.77
N VAL G 296 -16.73 -36.49 -5.14
CA VAL G 296 -15.76 -36.76 -6.19
C VAL G 296 -14.37 -36.72 -5.58
N ASP G 297 -13.55 -37.71 -5.93
CA ASP G 297 -12.20 -37.80 -5.36
C ASP G 297 -11.28 -36.71 -5.90
N CYS G 298 -11.50 -36.28 -7.14
CA CYS G 298 -10.77 -35.16 -7.76
C CYS G 298 -9.31 -35.53 -8.04
N ALA G 299 -8.91 -36.72 -7.60
CA ALA G 299 -7.54 -37.17 -7.78
C ALA G 299 -7.46 -38.65 -8.15
N LEU G 300 -8.62 -39.28 -8.36
CA LEU G 300 -8.65 -40.72 -8.63
C LEU G 300 -8.64 -41.01 -10.11
N ASP G 301 -9.63 -40.52 -10.84
CA ASP G 301 -9.79 -40.80 -12.26
C ASP G 301 -9.77 -39.52 -13.06
N PRO G 302 -9.43 -39.59 -14.35
CA PRO G 302 -9.49 -38.38 -15.19
C PRO G 302 -10.88 -37.81 -15.30
N LEU G 303 -11.92 -38.66 -15.26
CA LEU G 303 -13.29 -38.15 -15.25
C LEU G 303 -13.59 -37.43 -13.93
N SER G 304 -13.01 -37.92 -12.84
CA SER G 304 -13.15 -37.23 -11.56
C SER G 304 -12.52 -35.84 -11.61
N GLU G 305 -11.38 -35.71 -12.29
CA GLU G 305 -10.77 -34.40 -12.42
C GLU G 305 -11.61 -33.46 -13.26
N THR G 306 -12.28 -33.98 -14.29
CA THR G 306 -13.19 -33.13 -15.07
C THR G 306 -14.38 -32.69 -14.24
N LYS G 307 -15.01 -33.63 -13.50
CA LYS G 307 -16.09 -33.28 -12.59
C LYS G 307 -15.65 -32.29 -11.51
N CYS G 308 -14.38 -32.34 -11.10
CA CYS G 308 -13.83 -31.44 -10.11
C CYS G 308 -13.54 -30.05 -10.66
N THR G 309 -13.06 -29.96 -11.90
CA THR G 309 -12.77 -28.66 -12.52
C THR G 309 -14.04 -27.95 -12.98
N LEU G 310 -14.99 -28.69 -13.54
CA LEU G 310 -16.24 -28.10 -14.00
C LEU G 310 -17.22 -27.84 -12.87
N LYS G 311 -16.96 -28.33 -11.67
CA LYS G 311 -17.83 -28.17 -10.51
C LYS G 311 -19.24 -28.70 -10.82
N SER G 312 -19.29 -29.96 -11.23
CA SER G 312 -20.55 -30.62 -11.58
C SER G 312 -20.35 -32.12 -11.48
N PHE G 313 -21.47 -32.84 -11.53
CA PHE G 313 -21.45 -34.30 -11.49
C PHE G 313 -21.89 -34.95 -12.80
N THR G 314 -22.46 -34.18 -13.73
CA THR G 314 -22.86 -34.69 -15.04
C THR G 314 -22.11 -33.92 -16.10
N VAL G 315 -20.97 -34.45 -16.54
CA VAL G 315 -20.12 -33.81 -17.53
C VAL G 315 -20.62 -34.20 -18.92
N GLU G 316 -20.92 -33.19 -19.74
CA GLU G 316 -21.39 -33.42 -21.09
C GLU G 316 -20.23 -33.77 -22.01
N LYS G 317 -20.56 -34.24 -23.21
CA LYS G 317 -19.56 -34.68 -24.17
C LYS G 317 -18.70 -33.50 -24.62
N GLY G 318 -17.40 -33.70 -24.63
CA GLY G 318 -16.47 -32.67 -25.04
C GLY G 318 -15.12 -32.88 -24.40
N ILE G 319 -14.17 -32.06 -24.85
CA ILE G 319 -12.80 -32.07 -24.34
C ILE G 319 -12.61 -30.90 -23.39
N TYR G 320 -11.91 -31.13 -22.28
CA TYR G 320 -11.71 -30.13 -21.25
C TYR G 320 -10.26 -30.10 -20.81
N GLN G 321 -9.75 -28.91 -20.53
CA GLN G 321 -8.39 -28.72 -20.06
C GLN G 321 -8.38 -28.87 -18.54
N THR G 322 -7.94 -30.04 -18.06
CA THR G 322 -7.97 -30.30 -16.62
C THR G 322 -6.76 -29.69 -15.91
N SER G 323 -5.55 -30.12 -16.29
CA SER G 323 -4.35 -29.65 -15.63
C SER G 323 -3.19 -29.54 -16.62
N ASN G 324 -1.98 -29.35 -16.10
CA ASN G 324 -0.78 -29.21 -16.93
C ASN G 324 0.24 -30.25 -16.52
N PHE G 325 0.85 -30.89 -17.51
CA PHE G 325 1.85 -31.92 -17.27
C PHE G 325 3.26 -31.35 -17.37
N ARG G 326 4.04 -31.57 -16.32
CA ARG G 326 5.43 -31.09 -16.26
C ARG G 326 6.28 -32.22 -15.70
N VAL G 327 7.27 -32.65 -16.48
CA VAL G 327 8.19 -33.70 -16.08
C VAL G 327 9.06 -33.20 -14.95
N GLN G 328 9.18 -33.99 -13.89
CA GLN G 328 10.04 -33.61 -12.76
C GLN G 328 11.47 -34.07 -13.01
N PRO G 329 12.47 -33.23 -12.75
CA PRO G 329 13.87 -33.66 -12.90
C PRO G 329 14.18 -34.94 -12.14
N THR G 330 14.78 -35.91 -12.83
CA THR G 330 15.11 -37.19 -12.21
C THR G 330 16.36 -37.07 -11.33
N GLU G 331 17.48 -36.71 -11.94
CA GLU G 331 18.73 -36.57 -11.19
C GLU G 331 18.78 -35.24 -10.46
N SER G 332 19.57 -35.17 -9.40
CA SER G 332 19.65 -33.95 -8.59
C SER G 332 20.39 -32.85 -9.33
N ILE G 333 21.67 -33.08 -9.63
CA ILE G 333 22.53 -32.10 -10.30
C ILE G 333 23.53 -32.83 -11.17
N VAL G 334 24.33 -32.05 -11.91
CA VAL G 334 25.35 -32.60 -12.80
C VAL G 334 26.75 -32.16 -12.40
N ARG G 335 27.03 -30.86 -12.36
CA ARG G 335 28.35 -30.38 -11.96
C ARG G 335 28.32 -28.90 -11.58
N PHE G 336 28.60 -28.59 -10.31
CA PHE G 336 28.73 -27.20 -9.88
C PHE G 336 30.09 -26.61 -10.27
N PRO G 337 31.23 -27.23 -9.85
CA PRO G 337 32.52 -26.57 -10.06
C PRO G 337 33.22 -26.95 -11.35
N ASN G 338 34.44 -26.44 -11.52
CA ASN G 338 35.29 -26.79 -12.66
C ASN G 338 36.68 -27.13 -12.15
N ILE G 339 37.49 -27.71 -13.03
CA ILE G 339 38.83 -28.15 -12.62
C ILE G 339 39.77 -26.94 -12.49
N THR G 340 40.61 -26.99 -11.47
CA THR G 340 41.60 -25.94 -11.21
C THR G 340 42.94 -26.55 -10.80
N ASN G 341 43.84 -25.71 -10.29
CA ASN G 341 45.17 -26.15 -9.87
C ASN G 341 45.22 -26.28 -8.35
N LEU G 342 45.77 -27.39 -7.88
CA LEU G 342 45.80 -27.68 -6.45
C LEU G 342 46.88 -26.87 -5.75
N CYS G 343 46.96 -27.05 -4.39
CA CYS G 343 47.92 -26.42 -3.48
C CYS G 343 49.10 -27.34 -3.24
N PRO G 344 50.28 -26.77 -2.96
CA PRO G 344 51.46 -27.59 -2.64
C PRO G 344 51.48 -28.01 -1.17
N PHE G 345 50.54 -28.86 -0.78
CA PHE G 345 50.45 -29.31 0.61
C PHE G 345 51.52 -30.32 0.96
N HIS G 346 52.21 -30.90 -0.03
CA HIS G 346 53.24 -31.89 0.23
C HIS G 346 54.53 -31.28 0.74
N GLU G 347 54.65 -29.94 0.76
CA GLU G 347 55.84 -29.27 1.24
C GLU G 347 55.75 -28.84 2.70
N VAL G 348 54.60 -29.04 3.34
CA VAL G 348 54.40 -28.64 4.72
C VAL G 348 54.28 -29.87 5.63
N PHE G 349 53.46 -30.85 5.24
CA PHE G 349 53.28 -32.04 6.06
C PHE G 349 54.40 -33.05 5.86
N ASN G 350 55.07 -33.01 4.71
CA ASN G 350 56.18 -33.92 4.39
C ASN G 350 57.40 -33.08 4.07
N ALA G 351 58.18 -32.75 5.10
CA ALA G 351 59.39 -31.96 4.96
C ALA G 351 60.54 -32.64 5.68
N THR G 352 61.76 -32.22 5.33
CA THR G 352 62.96 -32.79 5.92
C THR G 352 63.53 -31.97 7.07
N THR G 353 63.32 -30.66 7.06
CA THR G 353 63.84 -29.77 8.09
C THR G 353 62.68 -28.98 8.70
N PHE G 354 62.42 -29.22 9.98
CA PHE G 354 61.39 -28.51 10.72
C PHE G 354 62.02 -27.60 11.77
N ALA G 355 61.47 -26.41 11.93
CA ALA G 355 61.97 -25.45 12.89
C ALA G 355 61.58 -25.85 14.31
N SER G 356 62.01 -25.06 15.29
CA SER G 356 61.72 -25.33 16.69
C SER G 356 60.31 -24.81 17.02
N VAL G 357 59.99 -24.78 18.31
CA VAL G 357 58.65 -24.36 18.72
C VAL G 357 58.52 -22.84 18.71
N TYR G 358 59.61 -22.10 18.98
CA TYR G 358 59.53 -20.65 18.97
C TYR G 358 59.43 -20.09 17.56
N ALA G 359 59.91 -20.83 16.56
CA ALA G 359 59.80 -20.43 15.17
C ALA G 359 58.57 -21.08 14.55
N TRP G 360 58.04 -20.44 13.51
CA TRP G 360 56.83 -20.91 12.85
C TRP G 360 57.06 -21.31 11.40
N ASN G 361 57.82 -20.52 10.63
CA ASN G 361 58.02 -20.76 9.20
C ASN G 361 56.69 -20.86 8.47
N ARG G 362 55.77 -19.97 8.81
CA ARG G 362 54.43 -20.01 8.24
C ARG G 362 54.46 -19.62 6.78
N LYS G 363 53.84 -20.45 5.94
CA LYS G 363 53.75 -20.21 4.50
C LYS G 363 52.31 -19.91 4.14
N ARG G 364 52.08 -18.76 3.50
CA ARG G 364 50.75 -18.33 3.13
C ARG G 364 50.31 -19.11 1.90
N ILE G 365 49.45 -20.11 2.10
CA ILE G 365 48.94 -20.95 1.01
C ILE G 365 47.64 -20.32 0.52
N SER G 366 47.64 -19.85 -0.73
CA SER G 366 46.47 -19.21 -1.32
C SER G 366 46.56 -19.33 -2.84
N ASN G 367 45.62 -18.69 -3.52
CA ASN G 367 45.55 -18.63 -4.98
C ASN G 367 45.35 -20.01 -5.62
N CYS G 368 45.09 -21.03 -4.81
CA CYS G 368 44.86 -22.38 -5.32
C CYS G 368 43.82 -23.05 -4.45
N VAL G 369 43.18 -24.09 -5.00
CA VAL G 369 42.14 -24.80 -4.27
C VAL G 369 42.79 -25.71 -3.22
N ALA G 370 42.31 -25.60 -1.99
CA ALA G 370 42.83 -26.39 -0.88
C ALA G 370 42.06 -27.71 -0.81
N ASP G 371 42.73 -28.80 -1.17
CA ASP G 371 42.14 -30.15 -1.15
C ASP G 371 42.45 -30.77 0.20
N TYR G 372 41.44 -30.86 1.06
CA TYR G 372 41.60 -31.39 2.41
C TYR G 372 41.50 -32.92 2.47
N SER G 373 41.64 -33.60 1.34
CA SER G 373 41.58 -35.06 1.31
C SER G 373 42.94 -35.71 1.04
N VAL G 374 43.94 -34.93 0.62
CA VAL G 374 45.27 -35.50 0.36
C VAL G 374 46.11 -35.55 1.61
N ILE G 375 45.79 -34.75 2.64
CA ILE G 375 46.57 -34.73 3.86
C ILE G 375 46.47 -36.05 4.62
N TYR G 376 45.42 -36.83 4.38
CA TYR G 376 45.26 -38.12 5.05
C TYR G 376 46.11 -39.22 4.44
N ASN G 377 46.83 -38.94 3.36
CA ASN G 377 47.69 -39.92 2.71
C ASN G 377 49.16 -39.62 2.85
N PHE G 378 49.53 -38.50 3.49
CA PHE G 378 50.94 -38.16 3.65
C PHE G 378 51.58 -38.98 4.76
N ALA G 379 50.98 -38.98 5.96
CA ALA G 379 51.50 -39.71 7.10
C ALA G 379 50.36 -39.99 8.06
N PRO G 380 50.38 -41.12 8.76
CA PRO G 380 49.32 -41.42 9.72
C PRO G 380 49.39 -40.47 10.92
N PHE G 381 48.34 -39.69 11.10
CA PHE G 381 48.28 -38.71 12.19
C PHE G 381 47.70 -39.35 13.44
N PHE G 382 48.08 -38.78 14.59
CA PHE G 382 47.61 -39.25 15.89
C PHE G 382 46.65 -38.29 16.58
N ALA G 383 46.58 -37.03 16.13
CA ALA G 383 45.70 -36.05 16.72
C ALA G 383 45.18 -35.14 15.61
N PHE G 384 43.86 -35.05 15.48
CA PHE G 384 43.24 -34.22 14.44
C PHE G 384 41.93 -33.68 15.02
N LYS G 385 41.98 -32.44 15.51
CA LYS G 385 40.83 -31.78 16.11
C LYS G 385 40.61 -30.45 15.41
N CYS G 386 39.44 -30.29 14.79
CA CYS G 386 39.08 -29.05 14.09
C CYS G 386 38.19 -28.23 15.03
N TYR G 387 38.79 -27.24 15.68
CA TYR G 387 38.06 -26.39 16.62
C TYR G 387 37.24 -25.37 15.85
N GLY G 388 35.93 -25.61 15.77
CA GLY G 388 35.03 -24.68 15.12
C GLY G 388 34.49 -25.17 13.80
N VAL G 389 35.33 -25.81 12.99
CA VAL G 389 34.94 -26.31 11.69
C VAL G 389 34.84 -27.83 11.74
N SER G 390 34.30 -28.42 10.68
CA SER G 390 34.14 -29.86 10.56
C SER G 390 35.18 -30.43 9.60
N PRO G 391 35.74 -31.60 9.89
CA PRO G 391 36.76 -32.16 8.99
C PRO G 391 36.24 -32.46 7.59
N THR G 392 34.97 -32.88 7.47
CA THR G 392 34.41 -33.20 6.17
C THR G 392 33.80 -32.00 5.45
N LYS G 393 33.39 -30.98 6.19
CA LYS G 393 32.79 -29.79 5.59
C LYS G 393 33.82 -28.80 5.06
N LEU G 394 35.11 -29.10 5.17
CA LEU G 394 36.13 -28.19 4.65
C LEU G 394 36.21 -28.20 3.14
N ASN G 395 35.65 -29.22 2.48
CA ASN G 395 35.73 -29.31 1.03
C ASN G 395 34.71 -28.41 0.34
N ASP G 396 33.48 -28.35 0.84
CA ASP G 396 32.41 -27.59 0.21
C ASP G 396 32.28 -26.19 0.79
N LEU G 397 33.38 -25.62 1.29
CA LEU G 397 33.40 -24.26 1.81
C LEU G 397 34.53 -23.49 1.16
N CYS G 398 34.32 -22.18 0.99
CA CYS G 398 35.29 -21.30 0.37
C CYS G 398 35.87 -20.36 1.42
N PHE G 399 37.18 -20.39 1.57
CA PHE G 399 37.89 -19.51 2.50
C PHE G 399 38.60 -18.41 1.73
N THR G 400 39.25 -17.52 2.48
CA THR G 400 39.95 -16.37 1.90
C THR G 400 41.45 -16.39 2.14
N ASN G 401 41.92 -17.04 3.21
CA ASN G 401 43.35 -17.09 3.50
C ASN G 401 43.61 -18.31 4.36
N VAL G 402 44.55 -19.15 3.92
CA VAL G 402 44.91 -20.38 4.62
C VAL G 402 46.38 -20.29 5.01
N TYR G 403 46.66 -20.50 6.29
CA TYR G 403 48.01 -20.47 6.82
C TYR G 403 48.43 -21.87 7.26
N ALA G 404 49.74 -22.12 7.23
CA ALA G 404 50.29 -23.44 7.58
C ALA G 404 51.61 -23.21 8.32
N ASP G 405 51.61 -23.45 9.62
CA ASP G 405 52.80 -23.35 10.45
C ASP G 405 53.13 -24.70 11.05
N SER G 406 54.44 -24.97 11.20
CA SER G 406 54.92 -26.24 11.72
C SER G 406 55.93 -25.98 12.84
N PHE G 407 55.89 -26.83 13.86
CA PHE G 407 56.81 -26.71 14.99
C PHE G 407 56.83 -28.03 15.74
N VAL G 408 57.98 -28.34 16.33
CA VAL G 408 58.16 -29.57 17.09
C VAL G 408 57.87 -29.28 18.56
N ILE G 409 57.12 -30.18 19.20
CA ILE G 409 56.73 -30.03 20.60
C ILE G 409 56.82 -31.40 21.28
N ARG G 410 56.89 -31.37 22.61
CA ARG G 410 56.98 -32.59 23.39
C ARG G 410 55.62 -33.28 23.45
N GLY G 411 55.66 -34.59 23.74
CA GLY G 411 54.43 -35.36 23.81
C GLY G 411 53.52 -34.92 24.95
N ASN G 412 54.10 -34.64 26.11
CA ASN G 412 53.33 -34.17 27.25
C ASN G 412 52.86 -32.72 27.10
N GLU G 413 53.24 -32.05 26.02
CA GLU G 413 52.86 -30.65 25.78
C GLU G 413 51.88 -30.49 24.63
N VAL G 414 51.37 -31.60 24.09
CA VAL G 414 50.41 -31.52 22.99
C VAL G 414 49.05 -31.04 23.51
N SER G 415 48.70 -31.41 24.74
CA SER G 415 47.41 -31.00 25.30
C SER G 415 47.32 -29.51 25.55
N GLN G 416 48.45 -28.80 25.56
CA GLN G 416 48.44 -27.36 25.76
C GLN G 416 48.11 -26.58 24.50
N ILE G 417 48.05 -27.25 23.34
CA ILE G 417 47.72 -26.59 22.08
C ILE G 417 46.21 -26.66 21.93
N ALA G 418 45.53 -25.66 22.49
CA ALA G 418 44.07 -25.60 22.45
C ALA G 418 43.64 -24.16 22.61
N PRO G 419 42.55 -23.74 21.99
CA PRO G 419 42.08 -22.35 22.15
C PRO G 419 41.66 -22.08 23.59
N GLY G 420 42.35 -21.14 24.23
CA GLY G 420 42.07 -20.79 25.61
C GLY G 420 42.65 -21.79 26.59
N GLN G 421 43.93 -22.13 26.41
CA GLN G 421 44.62 -23.08 27.26
C GLN G 421 45.89 -22.45 27.81
N THR G 422 46.19 -22.72 29.07
CA THR G 422 47.38 -22.21 29.73
C THR G 422 48.40 -23.32 29.91
N GLY G 423 49.66 -22.92 30.05
CA GLY G 423 50.73 -23.86 30.23
C GLY G 423 52.06 -23.23 29.92
N ASN G 424 53.11 -24.05 30.03
CA ASN G 424 54.46 -23.58 29.76
C ASN G 424 54.66 -23.28 28.27
N ILE G 425 54.06 -24.08 27.41
CA ILE G 425 54.19 -23.90 25.97
C ILE G 425 52.84 -23.46 25.42
N ALA G 426 52.05 -22.81 26.25
CA ALA G 426 50.75 -22.28 25.84
C ALA G 426 50.58 -20.80 26.13
N ASP G 427 51.45 -20.18 26.90
CA ASP G 427 51.37 -18.76 27.20
C ASP G 427 52.64 -17.99 26.89
N TYR G 428 53.75 -18.67 26.58
CA TYR G 428 55.01 -17.99 26.30
C TYR G 428 55.64 -18.44 24.98
N ASN G 429 55.07 -19.42 24.30
CA ASN G 429 55.58 -19.88 23.02
C ASN G 429 54.55 -19.86 21.91
N TYR G 430 53.28 -20.14 22.23
CA TYR G 430 52.22 -20.13 21.23
C TYR G 430 50.90 -19.87 21.96
N LYS G 431 50.27 -18.74 21.64
CA LYS G 431 49.01 -18.34 22.25
C LYS G 431 47.90 -18.46 21.22
N LEU G 432 46.98 -19.39 21.44
CA LEU G 432 45.87 -19.55 20.51
C LEU G 432 44.69 -18.68 20.94
N PRO G 433 44.05 -17.99 19.99
CA PRO G 433 42.91 -17.14 20.35
C PRO G 433 41.69 -17.97 20.72
N ASP G 434 40.79 -17.34 21.49
CA ASP G 434 39.57 -18.02 21.91
C ASP G 434 38.61 -18.25 20.76
N ASP G 435 38.71 -17.47 19.69
CA ASP G 435 37.85 -17.62 18.52
C ASP G 435 38.58 -18.28 17.36
N PHE G 436 39.48 -19.22 17.66
CA PHE G 436 40.24 -19.89 16.61
C PHE G 436 39.34 -20.83 15.82
N THR G 437 39.38 -20.70 14.49
CA THR G 437 38.58 -21.52 13.58
C THR G 437 39.56 -22.25 12.65
N GLY G 438 39.87 -23.49 12.98
CA GLY G 438 40.79 -24.27 12.15
C GLY G 438 40.98 -25.65 12.75
N CYS G 439 41.88 -26.40 12.12
CA CYS G 439 42.21 -27.75 12.52
C CYS G 439 43.63 -27.81 13.06
N VAL G 440 43.87 -28.78 13.94
CA VAL G 440 45.19 -29.01 14.54
C VAL G 440 45.66 -30.39 14.12
N ILE G 441 46.76 -30.43 13.38
CA ILE G 441 47.33 -31.69 12.87
C ILE G 441 48.58 -31.99 13.68
N ALA G 442 48.63 -33.17 14.29
CA ALA G 442 49.77 -33.59 15.10
C ALA G 442 50.05 -35.07 14.83
N TRP G 443 51.34 -35.40 14.76
CA TRP G 443 51.75 -36.78 14.51
C TRP G 443 53.16 -36.98 15.03
N ASN G 444 53.42 -38.17 15.56
CA ASN G 444 54.73 -38.46 16.14
C ASN G 444 55.79 -38.60 15.05
N SER G 445 56.99 -38.10 15.35
CA SER G 445 58.11 -38.16 14.41
C SER G 445 59.37 -38.61 15.14
N ASN G 446 59.25 -39.62 16.00
CA ASN G 446 60.40 -40.11 16.74
C ASN G 446 61.39 -40.86 15.86
N LYS G 447 60.94 -41.43 14.74
CA LYS G 447 61.81 -42.18 13.86
C LYS G 447 62.69 -41.29 12.99
N LEU G 448 62.51 -39.96 13.05
CA LEU G 448 63.29 -39.04 12.24
C LEU G 448 63.94 -37.90 13.03
N ASP G 449 63.51 -37.63 14.26
CA ASP G 449 64.03 -36.53 15.07
C ASP G 449 64.46 -37.02 16.43
N SER G 450 65.18 -38.15 16.46
CA SER G 450 65.68 -38.70 17.72
C SER G 450 66.95 -39.49 17.41
N LYS G 451 68.11 -38.92 17.76
CA LYS G 451 69.39 -39.57 17.55
C LYS G 451 69.90 -40.15 18.86
N PRO G 452 70.74 -41.19 18.80
CA PRO G 452 71.20 -41.83 20.05
C PRO G 452 71.97 -40.89 20.99
N SER G 453 72.58 -39.83 20.45
CA SER G 453 73.34 -38.90 21.27
C SER G 453 72.52 -37.66 21.65
N GLY G 454 71.24 -37.64 21.32
CA GLY G 454 70.39 -36.51 21.66
C GLY G 454 70.51 -35.36 20.67
N ASN G 455 69.37 -34.80 20.27
CA ASN G 455 69.33 -33.68 19.32
C ASN G 455 69.01 -32.40 20.09
N TYR G 456 69.98 -31.49 20.13
CA TYR G 456 69.83 -30.21 20.81
C TYR G 456 69.55 -29.06 19.85
N ASN G 457 68.89 -29.35 18.72
CA ASN G 457 68.58 -28.34 17.72
C ASN G 457 67.20 -27.72 17.92
N TYR G 458 66.40 -28.26 18.84
CA TYR G 458 65.06 -27.75 19.11
C TYR G 458 65.10 -26.99 20.43
N LEU G 459 64.85 -25.68 20.38
CA LEU G 459 64.88 -24.81 21.53
C LEU G 459 63.47 -24.35 21.89
N TYR G 460 63.24 -24.15 23.19
CA TYR G 460 61.96 -23.67 23.69
C TYR G 460 62.20 -22.61 24.75
N ARG G 461 61.34 -21.59 24.77
CA ARG G 461 61.45 -20.52 25.75
C ARG G 461 60.73 -20.93 27.04
N LEU G 462 61.36 -20.62 28.17
CA LEU G 462 60.88 -21.09 29.47
C LEU G 462 59.91 -20.10 30.10
N PHE G 463 60.36 -18.87 30.34
CA PHE G 463 59.55 -17.91 31.07
C PHE G 463 60.01 -16.50 30.73
N ARG G 464 59.05 -15.59 30.59
CA ARG G 464 59.32 -14.18 30.30
C ARG G 464 58.66 -13.31 31.36
N LYS G 465 58.83 -12.00 31.20
CA LYS G 465 58.19 -11.05 32.12
C LYS G 465 56.70 -10.90 31.83
N SER G 466 56.23 -11.31 30.66
CA SER G 466 54.83 -11.22 30.30
C SER G 466 54.47 -12.42 29.42
N LYS G 467 53.19 -12.51 29.07
CA LYS G 467 52.69 -13.60 28.24
C LYS G 467 52.51 -13.13 26.81
N LEU G 468 52.67 -14.07 25.87
CA LEU G 468 52.51 -13.75 24.45
C LEU G 468 51.05 -13.56 24.10
N LYS G 469 50.79 -12.55 23.27
CA LYS G 469 49.46 -12.31 22.74
C LYS G 469 49.16 -13.27 21.60
N PRO G 470 47.88 -13.50 21.30
CA PRO G 470 47.54 -14.40 20.18
C PRO G 470 48.13 -13.92 18.87
N PHE G 471 48.67 -14.87 18.10
CA PHE G 471 49.24 -14.61 16.78
C PHE G 471 50.41 -13.62 16.87
N GLU G 472 51.44 -14.01 17.62
CA GLU G 472 52.66 -13.23 17.74
C GLU G 472 53.86 -14.17 17.69
N ARG G 473 54.95 -13.67 17.12
CA ARG G 473 56.18 -14.45 16.97
C ARG G 473 57.36 -13.55 17.30
N ASP G 474 58.19 -13.99 18.25
CA ASP G 474 59.35 -13.23 18.68
C ASP G 474 60.57 -14.12 18.66
N ILE G 475 61.61 -13.68 17.96
CA ILE G 475 62.87 -14.41 17.87
C ILE G 475 63.99 -13.68 18.61
N SER G 476 63.66 -12.85 19.59
CA SER G 476 64.67 -12.12 20.33
C SER G 476 65.43 -13.06 21.26
N THR G 477 66.75 -12.93 21.29
CA THR G 477 67.62 -13.76 22.12
C THR G 477 68.13 -12.99 23.33
N GLU G 478 67.31 -12.11 23.90
CA GLU G 478 67.69 -11.35 25.08
C GLU G 478 67.78 -12.29 26.28
N ILE G 479 68.96 -12.35 26.91
CA ILE G 479 69.16 -13.25 28.04
C ILE G 479 68.36 -12.74 29.23
N TYR G 480 67.61 -13.64 29.86
CA TYR G 480 66.76 -13.28 30.99
C TYR G 480 67.62 -13.01 32.23
N GLN G 481 67.13 -12.12 33.09
CA GLN G 481 67.80 -11.73 34.32
C GLN G 481 66.96 -12.21 35.49
N ALA G 482 67.36 -13.33 36.09
CA ALA G 482 66.66 -13.91 37.24
C ALA G 482 67.44 -13.59 38.50
N GLY G 483 67.21 -12.40 39.03
CA GLY G 483 67.87 -11.98 40.25
C GLY G 483 67.81 -10.47 40.40
N ASN G 484 68.65 -9.97 41.29
CA ASN G 484 68.73 -8.54 41.58
C ASN G 484 69.99 -7.90 41.04
N LYS G 485 70.91 -8.68 40.48
CA LYS G 485 72.13 -8.10 39.94
C LYS G 485 72.05 -7.95 38.44
N PRO G 486 72.56 -6.85 37.89
CA PRO G 486 72.50 -6.64 36.44
C PRO G 486 73.33 -7.67 35.69
N CYS G 487 72.76 -8.21 34.61
CA CYS G 487 73.42 -9.19 33.76
C CYS G 487 73.76 -8.53 32.43
N ASN G 488 75.04 -8.39 32.14
CA ASN G 488 75.49 -7.74 30.91
C ASN G 488 75.68 -8.74 29.77
N GLY G 489 74.63 -9.52 29.50
CA GLY G 489 74.66 -10.46 28.39
C GLY G 489 75.69 -11.55 28.52
N VAL G 490 75.93 -12.06 29.72
CA VAL G 490 76.90 -13.11 29.97
C VAL G 490 76.23 -14.20 30.81
N ALA G 491 76.52 -15.46 30.49
CA ALA G 491 75.96 -16.57 31.23
C ALA G 491 76.67 -16.72 32.57
N GLY G 492 75.91 -16.70 33.66
CA GLY G 492 76.48 -16.83 34.98
C GLY G 492 75.68 -17.72 35.90
N SER G 493 75.68 -17.41 37.20
CA SER G 493 74.96 -18.22 38.17
C SER G 493 73.47 -17.87 38.19
N ASN G 494 73.15 -16.61 38.49
CA ASN G 494 71.78 -16.15 38.56
C ASN G 494 71.20 -15.74 37.21
N CYS G 495 72.05 -15.54 36.21
CA CYS G 495 71.61 -15.13 34.88
C CYS G 495 71.48 -16.36 34.00
N TYR G 496 70.25 -16.74 33.68
CA TYR G 496 69.96 -17.93 32.89
C TYR G 496 69.51 -17.53 31.49
N SER G 497 69.77 -18.42 30.54
CA SER G 497 69.33 -18.20 29.17
C SER G 497 67.86 -18.55 29.02
N PRO G 498 67.11 -17.75 28.25
CA PRO G 498 65.67 -18.04 28.09
C PRO G 498 65.38 -19.23 27.21
N LEU G 499 66.34 -19.66 26.39
CA LEU G 499 66.14 -20.78 25.48
C LEU G 499 66.78 -22.03 26.05
N GLN G 500 66.01 -23.11 26.15
CA GLN G 500 66.48 -24.38 26.65
C GLN G 500 66.28 -25.45 25.58
N SER G 501 67.05 -26.53 25.70
CA SER G 501 67.00 -27.63 24.75
C SER G 501 66.08 -28.72 25.24
N TYR G 502 65.50 -29.47 24.29
CA TYR G 502 64.62 -30.58 24.64
C TYR G 502 65.41 -31.83 25.01
N GLY G 503 66.31 -32.25 24.13
CA GLY G 503 67.08 -33.46 24.36
C GLY G 503 66.28 -34.73 24.08
N PHE G 504 65.82 -34.88 22.85
CA PHE G 504 65.03 -36.04 22.46
C PHE G 504 65.94 -37.24 22.21
N ARG G 505 65.66 -38.34 22.91
CA ARG G 505 66.41 -39.57 22.76
C ARG G 505 65.48 -40.73 22.47
N PRO G 506 65.89 -41.69 21.66
CA PRO G 506 65.01 -42.83 21.35
C PRO G 506 64.83 -43.79 22.52
N THR G 507 65.66 -43.70 23.56
CA THR G 507 65.53 -44.58 24.70
C THR G 507 64.44 -44.12 25.68
N TYR G 508 63.99 -42.88 25.56
CA TYR G 508 62.94 -42.39 26.44
C TYR G 508 61.59 -43.01 26.09
N GLY G 509 60.73 -43.13 27.10
CA GLY G 509 59.42 -43.69 26.92
C GLY G 509 58.49 -42.75 26.15
N VAL G 510 57.26 -43.21 25.99
CA VAL G 510 56.25 -42.43 25.29
C VAL G 510 55.88 -41.22 26.13
N GLY G 511 56.06 -40.03 25.56
CA GLY G 511 55.76 -38.80 26.26
C GLY G 511 56.84 -37.74 26.10
N HIS G 512 58.06 -38.17 25.81
CA HIS G 512 59.19 -37.28 25.60
C HIS G 512 59.73 -37.38 24.17
N GLN G 513 58.86 -37.78 23.24
CA GLN G 513 59.18 -37.95 21.83
C GLN G 513 58.78 -36.71 21.04
N PRO G 514 59.45 -36.44 19.92
CA PRO G 514 59.09 -35.26 19.12
C PRO G 514 57.75 -35.45 18.43
N TYR G 515 56.95 -34.38 18.42
CA TYR G 515 55.64 -34.37 17.77
C TYR G 515 55.54 -33.14 16.89
N ARG G 516 55.55 -33.34 15.59
CA ARG G 516 55.43 -32.24 14.64
C ARG G 516 53.96 -31.82 14.54
N VAL G 517 53.67 -30.59 14.95
CA VAL G 517 52.31 -30.06 14.98
C VAL G 517 52.15 -29.07 13.84
N VAL G 518 51.10 -29.25 13.04
CA VAL G 518 50.79 -28.39 11.91
C VAL G 518 49.45 -27.73 12.22
N VAL G 519 49.48 -26.47 12.62
CA VAL G 519 48.28 -25.72 12.98
C VAL G 519 47.82 -24.94 11.75
N LEU G 520 46.59 -25.19 11.33
CA LEU G 520 45.99 -24.52 10.18
C LEU G 520 44.95 -23.52 10.67
N SER G 521 45.09 -22.26 10.24
CA SER G 521 44.17 -21.20 10.61
C SER G 521 43.46 -20.67 9.38
N PHE G 522 42.36 -19.96 9.62
CA PHE G 522 41.54 -19.39 8.55
C PHE G 522 41.05 -18.02 8.97
N GLU G 523 41.17 -17.05 8.07
CA GLU G 523 40.72 -15.68 8.30
C GLU G 523 39.72 -15.27 7.24
N LEU G 524 38.59 -14.73 7.67
CA LEU G 524 37.50 -14.34 6.78
C LEU G 524 37.06 -12.91 7.09
N LEU G 525 38.00 -12.04 7.44
CA LEU G 525 37.67 -10.68 7.85
C LEU G 525 37.49 -9.76 6.64
N HIS G 526 38.57 -9.49 5.92
CA HIS G 526 38.53 -8.58 4.77
C HIS G 526 39.22 -9.10 3.53
N ALA G 527 40.02 -10.17 3.62
CA ALA G 527 40.73 -10.66 2.46
C ALA G 527 39.78 -11.28 1.45
N PRO G 528 40.05 -11.15 0.16
CA PRO G 528 39.20 -11.78 -0.85
C PRO G 528 39.40 -13.29 -0.89
N ALA G 529 38.44 -13.96 -1.52
CA ALA G 529 38.48 -15.41 -1.64
C ALA G 529 39.57 -15.83 -2.60
N THR G 530 40.41 -16.77 -2.18
CA THR G 530 41.51 -17.27 -2.99
C THR G 530 41.44 -18.76 -3.29
N VAL G 531 40.68 -19.53 -2.53
CA VAL G 531 40.57 -20.96 -2.75
C VAL G 531 39.29 -21.26 -3.51
N CYS G 532 39.17 -22.49 -4.01
CA CYS G 532 38.05 -22.91 -4.83
C CYS G 532 37.30 -24.05 -4.13
N GLY G 533 36.34 -24.64 -4.86
CA GLY G 533 35.45 -25.62 -4.29
C GLY G 533 36.02 -27.03 -4.28
N PRO G 534 35.14 -28.03 -4.17
CA PRO G 534 35.60 -29.42 -4.04
C PRO G 534 36.01 -30.05 -5.36
N LYS G 535 35.70 -29.38 -6.47
CA LYS G 535 35.94 -29.91 -7.81
C LYS G 535 35.22 -31.23 -8.02
N LYS G 536 34.00 -31.34 -7.51
CA LYS G 536 33.20 -32.55 -7.67
C LYS G 536 32.70 -32.62 -9.10
N SER G 537 33.38 -33.42 -9.93
CA SER G 537 33.03 -33.56 -11.34
C SER G 537 32.19 -34.82 -11.52
N THR G 538 30.91 -34.71 -11.19
CA THR G 538 29.99 -35.83 -11.37
C THR G 538 29.72 -36.04 -12.85
N ASN G 539 29.45 -37.29 -13.23
CA ASN G 539 29.24 -37.63 -14.63
C ASN G 539 28.03 -36.88 -15.19
N LEU G 540 28.16 -36.42 -16.43
CA LEU G 540 27.09 -35.71 -17.11
C LEU G 540 26.27 -36.67 -17.96
N VAL G 541 24.95 -36.55 -17.86
CA VAL G 541 24.03 -37.41 -18.59
C VAL G 541 23.21 -36.54 -19.54
N LYS G 542 23.16 -36.95 -20.81
CA LYS G 542 22.42 -36.22 -21.83
C LYS G 542 21.09 -36.90 -22.10
N ASN G 543 20.25 -36.23 -22.89
CA ASN G 543 18.93 -36.71 -23.29
C ASN G 543 18.02 -37.00 -22.11
N LYS G 544 18.22 -36.32 -20.99
CA LYS G 544 17.42 -36.52 -19.78
C LYS G 544 17.25 -35.19 -19.07
N CYS G 545 16.01 -34.86 -18.70
CA CYS G 545 15.73 -33.61 -18.03
C CYS G 545 16.26 -33.62 -16.60
N VAL G 546 17.41 -32.98 -16.39
CA VAL G 546 18.04 -32.90 -15.08
C VAL G 546 18.40 -31.45 -14.81
N ASN G 547 18.62 -31.13 -13.52
CA ASN G 547 19.04 -29.79 -13.16
C ASN G 547 20.51 -29.58 -13.46
N PHE G 548 20.84 -28.39 -13.94
CA PHE G 548 22.21 -28.04 -14.29
C PHE G 548 22.66 -26.81 -13.52
N ASN G 549 23.92 -26.85 -13.05
CA ASN G 549 24.48 -25.74 -12.30
C ASN G 549 25.94 -25.47 -12.68
N PHE G 550 26.32 -25.71 -13.93
CA PHE G 550 27.70 -25.47 -14.34
C PHE G 550 28.02 -23.98 -14.36
N ASN G 551 29.10 -23.60 -13.67
CA ASN G 551 29.58 -22.21 -13.62
C ASN G 551 28.49 -21.27 -13.08
N GLY G 552 27.76 -21.77 -12.09
CA GLY G 552 26.78 -20.95 -11.41
C GLY G 552 25.43 -20.85 -12.12
N LEU G 553 25.41 -21.15 -13.42
CA LEU G 553 24.18 -21.05 -14.20
C LEU G 553 23.15 -22.08 -13.74
N THR G 554 22.12 -21.61 -13.06
CA THR G 554 21.08 -22.48 -12.52
C THR G 554 19.92 -22.59 -13.50
N GLY G 555 19.24 -23.74 -13.45
CA GLY G 555 18.11 -24.00 -14.30
C GLY G 555 17.84 -25.48 -14.41
N THR G 556 16.92 -25.84 -15.29
CA THR G 556 16.53 -27.22 -15.51
C THR G 556 16.18 -27.42 -16.97
N GLY G 557 16.43 -28.62 -17.48
CA GLY G 557 16.09 -28.93 -18.85
C GLY G 557 16.81 -30.18 -19.32
N VAL G 558 16.69 -30.43 -20.62
CA VAL G 558 17.26 -31.62 -21.25
C VAL G 558 18.52 -31.19 -21.99
N LEU G 559 19.66 -31.71 -21.56
CA LEU G 559 20.92 -31.42 -22.23
C LEU G 559 21.11 -32.37 -23.41
N THR G 560 21.26 -31.80 -24.61
CA THR G 560 21.43 -32.57 -25.83
C THR G 560 22.58 -31.97 -26.64
N GLU G 561 22.87 -32.60 -27.78
CA GLU G 561 23.92 -32.14 -28.67
C GLU G 561 23.36 -31.12 -29.66
N SER G 562 24.28 -30.34 -30.25
CA SER G 562 23.91 -29.33 -31.23
C SER G 562 25.10 -29.05 -32.13
N ASN G 563 24.81 -28.41 -33.27
CA ASN G 563 25.84 -28.07 -34.24
C ASN G 563 26.31 -26.62 -34.14
N LYS G 564 26.02 -25.94 -33.05
CA LYS G 564 26.44 -24.55 -32.88
C LYS G 564 27.95 -24.45 -32.74
N LYS G 565 28.55 -23.57 -33.53
CA LYS G 565 30.00 -23.38 -33.53
C LYS G 565 30.31 -22.22 -32.59
N PHE G 566 30.59 -22.53 -31.33
CA PHE G 566 30.89 -21.50 -30.35
C PHE G 566 32.27 -20.88 -30.61
N LEU G 567 32.41 -19.62 -30.19
CA LEU G 567 33.70 -18.95 -30.27
C LEU G 567 34.57 -19.35 -29.09
N PRO G 568 35.90 -19.28 -29.24
CA PRO G 568 36.80 -19.71 -28.16
C PRO G 568 36.55 -19.02 -26.84
N PHE G 569 36.18 -17.74 -26.87
CA PHE G 569 35.92 -17.01 -25.64
C PHE G 569 34.46 -17.06 -25.20
N GLN G 570 33.54 -17.32 -26.13
CA GLN G 570 32.12 -17.38 -25.79
C GLN G 570 31.80 -18.73 -25.16
N GLN G 571 31.42 -18.71 -23.88
CA GLN G 571 31.08 -19.94 -23.18
C GLN G 571 29.57 -20.17 -23.17
N PHE G 572 28.79 -19.18 -22.72
CA PHE G 572 27.34 -19.33 -22.62
C PHE G 572 26.69 -19.10 -23.98
N GLY G 573 25.36 -19.01 -23.99
CA GLY G 573 24.62 -18.78 -25.22
C GLY G 573 23.15 -18.56 -24.95
N ARG G 574 22.57 -17.55 -25.60
CA ARG G 574 21.17 -17.19 -25.43
C ARG G 574 20.48 -17.08 -26.79
N ASP G 575 19.21 -16.73 -26.75
CA ASP G 575 18.38 -16.55 -27.94
C ASP G 575 17.72 -15.18 -27.90
N ILE G 576 16.77 -14.97 -28.81
CA ILE G 576 16.09 -13.69 -28.94
C ILE G 576 15.03 -13.52 -27.87
N ALA G 577 14.93 -14.51 -26.97
CA ALA G 577 13.95 -14.44 -25.90
C ALA G 577 14.63 -14.38 -24.54
N ASP G 578 15.92 -14.03 -24.55
CA ASP G 578 16.72 -13.91 -23.32
C ASP G 578 16.69 -15.21 -22.51
N THR G 579 16.82 -16.33 -23.20
CA THR G 579 16.80 -17.65 -22.58
C THR G 579 18.05 -18.41 -22.99
N THR G 580 18.68 -19.07 -22.02
CA THR G 580 19.88 -19.85 -22.30
C THR G 580 19.56 -21.06 -23.16
N ASP G 581 19.98 -21.06 -24.42
CA ASP G 581 19.67 -22.14 -25.33
C ASP G 581 20.82 -23.14 -25.48
N ALA G 582 22.05 -22.74 -25.20
CA ALA G 582 23.19 -23.64 -25.32
C ALA G 582 24.32 -23.12 -24.46
N VAL G 583 25.17 -24.05 -23.99
CA VAL G 583 26.28 -23.73 -23.10
C VAL G 583 27.50 -24.52 -23.53
N ARG G 584 28.67 -24.04 -23.11
CA ARG G 584 29.92 -24.77 -23.33
C ARG G 584 30.27 -25.58 -22.09
N ASP G 585 30.65 -26.83 -22.31
CA ASP G 585 31.00 -27.72 -21.20
C ASP G 585 32.32 -27.29 -20.59
N PRO G 586 32.37 -27.01 -19.28
CA PRO G 586 33.66 -26.69 -18.64
C PRO G 586 34.70 -27.79 -18.76
N GLN G 587 34.30 -29.02 -19.11
CA GLN G 587 35.22 -30.10 -19.38
C GLN G 587 35.81 -29.95 -20.78
N THR G 588 36.31 -31.05 -21.34
CA THR G 588 36.83 -31.03 -22.71
C THR G 588 35.80 -30.44 -23.68
N LEU G 589 36.30 -29.98 -24.82
CA LEU G 589 35.51 -29.22 -25.78
C LEU G 589 34.29 -30.04 -26.22
N GLU G 590 33.11 -29.57 -25.83
CA GLU G 590 31.85 -30.19 -26.20
C GLU G 590 30.74 -29.15 -26.19
N ILE G 591 29.85 -29.25 -27.17
CA ILE G 591 28.76 -28.29 -27.34
C ILE G 591 27.47 -28.95 -26.86
N LEU G 592 26.81 -28.31 -25.88
CA LEU G 592 25.57 -28.79 -25.32
C LEU G 592 24.40 -27.97 -25.86
N ASP G 593 23.19 -28.34 -25.44
CA ASP G 593 21.98 -27.66 -25.89
C ASP G 593 20.90 -27.87 -24.84
N ILE G 594 20.53 -26.80 -24.14
CA ILE G 594 19.48 -26.89 -23.14
C ILE G 594 18.12 -26.69 -23.81
N THR G 595 17.17 -27.55 -23.49
CA THR G 595 15.82 -27.53 -24.04
C THR G 595 14.83 -27.64 -22.89
N PRO G 596 13.57 -27.24 -23.11
CA PRO G 596 12.57 -27.37 -22.05
C PRO G 596 12.38 -28.82 -21.61
N CYS G 597 11.78 -28.99 -20.43
CA CYS G 597 11.65 -30.30 -19.80
C CYS G 597 10.35 -30.97 -20.25
N SER G 598 10.15 -30.97 -21.57
CA SER G 598 9.06 -31.69 -22.24
C SER G 598 7.72 -31.52 -21.55
N PHE G 599 7.34 -30.29 -21.21
CA PHE G 599 6.07 -30.06 -20.54
C PHE G 599 4.96 -29.80 -21.56
N GLY G 600 3.73 -29.80 -21.07
CA GLY G 600 2.57 -29.57 -21.92
C GLY G 600 1.29 -29.36 -21.15
N GLY G 601 0.19 -29.87 -21.68
CA GLY G 601 -1.11 -29.73 -21.04
C GLY G 601 -1.97 -30.97 -21.14
N VAL G 602 -2.63 -31.33 -20.04
CA VAL G 602 -3.45 -32.53 -20.00
C VAL G 602 -4.87 -32.17 -20.39
N SER G 603 -5.44 -32.92 -21.34
CA SER G 603 -6.81 -32.73 -21.78
C SER G 603 -7.53 -34.07 -21.73
N VAL G 604 -8.58 -34.15 -20.93
CA VAL G 604 -9.34 -35.40 -20.75
C VAL G 604 -10.55 -35.36 -21.67
N ILE G 605 -10.66 -36.38 -22.53
CA ILE G 605 -11.77 -36.48 -23.47
C ILE G 605 -12.87 -37.30 -22.80
N THR G 606 -14.04 -36.68 -22.60
CA THR G 606 -15.17 -37.33 -21.95
C THR G 606 -16.33 -37.40 -22.93
N PRO G 607 -16.82 -38.61 -23.25
CA PRO G 607 -17.97 -38.73 -24.15
C PRO G 607 -19.32 -38.50 -23.50
N GLY G 608 -19.35 -38.04 -22.25
CA GLY G 608 -20.60 -37.83 -21.55
C GLY G 608 -20.80 -38.83 -20.43
N THR G 609 -21.01 -38.33 -19.21
CA THR G 609 -21.21 -39.21 -18.06
C THR G 609 -22.51 -40.00 -18.18
N ASN G 610 -23.51 -39.45 -18.90
CA ASN G 610 -24.76 -40.16 -19.08
C ASN G 610 -24.58 -41.37 -19.98
N THR G 611 -23.64 -41.31 -20.92
CA THR G 611 -23.41 -42.42 -21.84
C THR G 611 -22.58 -43.51 -21.17
N SER G 612 -21.37 -43.18 -20.74
CA SER G 612 -20.48 -44.14 -20.10
C SER G 612 -19.49 -43.37 -19.23
N ASN G 613 -18.49 -44.07 -18.71
CA ASN G 613 -17.47 -43.47 -17.86
C ASN G 613 -16.06 -43.59 -18.41
N GLN G 614 -15.87 -44.30 -19.52
CA GLN G 614 -14.52 -44.42 -20.10
C GLN G 614 -14.10 -43.09 -20.71
N VAL G 615 -12.90 -42.65 -20.33
CA VAL G 615 -12.37 -41.36 -20.79
C VAL G 615 -10.98 -41.60 -21.38
N ALA G 616 -10.49 -40.58 -22.09
CA ALA G 616 -9.16 -40.61 -22.69
C ALA G 616 -8.46 -39.29 -22.42
N VAL G 617 -7.18 -39.37 -22.08
CA VAL G 617 -6.37 -38.21 -21.74
C VAL G 617 -5.52 -37.84 -22.95
N LEU G 618 -5.28 -36.54 -23.12
CA LEU G 618 -4.48 -36.02 -24.23
C LEU G 618 -3.37 -35.14 -23.66
N TYR G 619 -2.12 -35.56 -23.86
CA TYR G 619 -0.96 -34.81 -23.39
C TYR G 619 -0.45 -33.98 -24.57
N GLN G 620 -0.91 -32.73 -24.65
CA GLN G 620 -0.56 -31.85 -25.75
C GLN G 620 0.93 -31.51 -25.70
N GLY G 621 1.64 -31.82 -26.78
CA GLY G 621 3.05 -31.51 -26.87
C GLY G 621 3.98 -32.58 -26.34
N VAL G 622 3.56 -33.84 -26.36
CA VAL G 622 4.37 -34.95 -25.88
C VAL G 622 4.50 -35.97 -27.00
N ASN G 623 5.70 -36.52 -27.16
CA ASN G 623 6.00 -37.49 -28.21
C ASN G 623 5.78 -38.93 -27.75
N CYS G 624 4.89 -39.15 -26.78
CA CYS G 624 4.58 -40.45 -26.20
C CYS G 624 5.78 -41.10 -25.53
N THR G 625 6.86 -40.36 -25.31
CA THR G 625 8.03 -40.89 -24.63
C THR G 625 8.06 -40.51 -23.15
N GLU G 626 7.53 -39.34 -22.81
CA GLU G 626 7.45 -38.90 -21.41
C GLU G 626 6.08 -39.27 -20.84
N VAL G 627 5.85 -40.57 -20.74
CA VAL G 627 4.60 -41.15 -20.25
C VAL G 627 3.41 -40.65 -21.08
N SER G 647 -3.57 -49.85 -21.81
CA SER G 647 -4.08 -48.62 -22.39
C SER G 647 -3.47 -48.38 -23.77
N ASN G 648 -4.32 -47.97 -24.71
CA ASN G 648 -3.86 -47.71 -26.07
C ASN G 648 -3.09 -46.39 -26.12
N VAL G 649 -1.99 -46.40 -26.88
CA VAL G 649 -1.13 -45.23 -27.05
C VAL G 649 -1.01 -44.94 -28.54
N PHE G 650 -1.30 -43.69 -28.92
CA PHE G 650 -1.23 -43.28 -30.32
C PHE G 650 -0.74 -41.85 -30.38
N GLN G 651 0.37 -41.63 -31.08
CA GLN G 651 0.97 -40.30 -31.21
C GLN G 651 0.25 -39.51 -32.29
N THR G 652 -0.39 -38.41 -31.90
CA THR G 652 -1.04 -37.51 -32.83
C THR G 652 -0.16 -36.29 -33.08
N ARG G 653 -0.57 -35.46 -34.05
CA ARG G 653 0.17 -34.24 -34.35
C ARG G 653 -0.04 -33.18 -33.29
N ALA G 654 -1.03 -33.34 -32.42
CA ALA G 654 -1.28 -32.41 -31.32
C ALA G 654 -0.73 -32.88 -29.99
N GLY G 655 -0.59 -34.19 -29.80
CA GLY G 655 -0.05 -34.72 -28.57
C GLY G 655 -0.17 -36.23 -28.54
N CYS G 656 0.11 -36.79 -27.36
CA CYS G 656 0.02 -38.23 -27.15
C CYS G 656 -1.35 -38.56 -26.56
N LEU G 657 -2.19 -39.20 -27.35
CA LEU G 657 -3.53 -39.56 -26.92
C LEU G 657 -3.49 -40.96 -26.31
N ILE G 658 -3.65 -41.05 -25.00
CA ILE G 658 -3.62 -42.31 -24.27
C ILE G 658 -5.03 -42.63 -23.81
N GLY G 659 -5.60 -43.71 -24.33
CA GLY G 659 -6.94 -44.12 -23.96
C GLY G 659 -7.87 -44.28 -25.14
N ALA G 660 -7.33 -44.23 -26.36
CA ALA G 660 -8.13 -44.37 -27.56
C ALA G 660 -7.29 -45.02 -28.64
N GLU G 661 -7.96 -45.75 -29.54
CA GLU G 661 -7.31 -46.44 -30.65
C GLU G 661 -7.65 -45.72 -31.95
N TYR G 662 -6.68 -45.72 -32.87
CA TYR G 662 -6.85 -45.03 -34.15
C TYR G 662 -7.49 -45.98 -35.16
N VAL G 663 -8.70 -45.64 -35.60
CA VAL G 663 -9.41 -46.42 -36.60
C VAL G 663 -9.16 -45.81 -37.96
N ASN G 664 -8.91 -46.67 -38.96
CA ASN G 664 -8.62 -46.20 -40.31
C ASN G 664 -9.85 -45.66 -41.03
N ASN G 665 -11.03 -45.77 -40.44
CA ASN G 665 -12.24 -45.25 -41.05
C ASN G 665 -12.32 -43.73 -40.88
N SER G 666 -13.36 -43.14 -41.46
CA SER G 666 -13.55 -41.69 -41.40
C SER G 666 -15.02 -41.41 -41.11
N TYR G 667 -15.28 -40.64 -40.06
CA TYR G 667 -16.63 -40.24 -39.68
C TYR G 667 -16.65 -38.74 -39.41
N GLU G 668 -17.79 -38.24 -38.98
CA GLU G 668 -17.91 -36.83 -38.62
C GLU G 668 -17.19 -36.54 -37.31
N CYS G 669 -16.65 -35.32 -37.21
CA CYS G 669 -15.90 -34.92 -36.03
C CYS G 669 -16.86 -34.70 -34.87
N ASP G 670 -16.84 -35.60 -33.88
CA ASP G 670 -17.68 -35.48 -32.70
C ASP G 670 -16.98 -34.68 -31.61
N ILE G 671 -15.77 -35.10 -31.22
CA ILE G 671 -14.98 -34.39 -30.23
C ILE G 671 -13.69 -33.91 -30.89
N PRO G 672 -13.48 -32.61 -31.01
CA PRO G 672 -12.27 -32.12 -31.68
C PRO G 672 -11.04 -32.35 -30.83
N ILE G 673 -10.11 -33.16 -31.33
CA ILE G 673 -8.86 -33.44 -30.64
C ILE G 673 -7.82 -32.41 -31.07
N GLY G 674 -7.55 -32.35 -32.37
CA GLY G 674 -6.59 -31.40 -32.90
C GLY G 674 -5.84 -31.93 -34.10
N ALA G 675 -5.53 -31.04 -35.04
CA ALA G 675 -4.78 -31.38 -36.25
C ALA G 675 -5.48 -32.48 -37.04
N GLY G 676 -6.80 -32.34 -37.18
CA GLY G 676 -7.60 -33.27 -37.94
C GLY G 676 -8.12 -34.47 -37.16
N ILE G 677 -7.47 -34.82 -36.06
CA ILE G 677 -7.91 -35.98 -35.27
C ILE G 677 -9.19 -35.62 -34.53
N CYS G 678 -10.12 -36.57 -34.51
CA CYS G 678 -11.40 -36.42 -33.83
C CYS G 678 -11.77 -37.72 -33.16
N ALA G 679 -12.36 -37.63 -31.96
CA ALA G 679 -12.71 -38.79 -31.17
C ALA G 679 -14.22 -38.88 -31.00
N SER G 680 -14.69 -40.11 -30.79
CA SER G 680 -16.11 -40.37 -30.58
C SER G 680 -16.27 -41.70 -29.88
N TYR G 681 -17.39 -41.85 -29.19
CA TYR G 681 -17.73 -43.09 -28.47
C TYR G 681 -18.60 -43.95 -29.39
N GLN G 682 -17.97 -44.86 -30.11
CA GLN G 682 -18.64 -45.66 -31.12
C GLN G 682 -18.44 -47.15 -30.81
N THR G 683 -19.42 -47.96 -31.20
CA THR G 683 -19.35 -49.39 -30.97
C THR G 683 -18.30 -50.03 -31.89
N GLN G 684 -17.53 -50.97 -31.34
CA GLN G 684 -16.51 -51.67 -32.09
C GLN G 684 -17.11 -52.44 -33.26
N THR G 685 -16.69 -52.09 -34.47
CA THR G 685 -17.20 -52.74 -35.68
C THR G 685 -16.58 -54.12 -35.84
N SER G 696 -19.41 -54.22 -27.28
CA SER G 696 -18.57 -53.35 -26.48
C SER G 696 -18.24 -52.05 -27.23
N GLN G 697 -18.29 -50.93 -26.52
CA GLN G 697 -18.00 -49.63 -27.09
C GLN G 697 -16.79 -49.01 -26.42
N SER G 698 -16.04 -48.21 -27.18
CA SER G 698 -14.85 -47.56 -26.66
C SER G 698 -14.56 -46.31 -27.46
N ILE G 699 -13.81 -45.39 -26.86
CA ILE G 699 -13.44 -44.16 -27.52
C ILE G 699 -12.43 -44.46 -28.61
N ILE G 700 -12.76 -44.10 -29.84
CA ILE G 700 -11.89 -44.33 -30.99
C ILE G 700 -11.41 -43.00 -31.54
N ALA G 701 -10.24 -43.00 -32.16
CA ALA G 701 -9.68 -41.83 -32.81
C ALA G 701 -9.65 -42.06 -34.32
N TYR G 702 -9.87 -40.99 -35.08
CA TYR G 702 -9.93 -41.09 -36.53
C TYR G 702 -9.75 -39.71 -37.13
N THR G 703 -9.50 -39.69 -38.44
CA THR G 703 -9.42 -38.45 -39.20
C THR G 703 -10.82 -38.05 -39.65
N MET G 704 -11.21 -36.82 -39.33
CA MET G 704 -12.55 -36.37 -39.65
C MET G 704 -12.77 -36.28 -41.15
N SER G 705 -13.96 -36.70 -41.58
CA SER G 705 -14.33 -36.61 -42.98
C SER G 705 -15.00 -35.26 -43.25
N LEU G 706 -14.59 -34.63 -44.34
CA LEU G 706 -15.11 -33.32 -44.70
C LEU G 706 -16.47 -33.37 -45.38
N GLY G 707 -17.02 -34.57 -45.58
CA GLY G 707 -18.32 -34.70 -46.21
C GLY G 707 -18.31 -35.86 -47.19
N ALA G 708 -19.50 -36.15 -47.71
CA ALA G 708 -19.65 -37.22 -48.68
C ALA G 708 -19.01 -36.85 -50.01
N GLU G 709 -18.61 -37.86 -50.77
CA GLU G 709 -18.00 -37.68 -52.08
C GLU G 709 -19.08 -37.66 -53.15
N ASN G 710 -19.10 -36.58 -53.93
CA ASN G 710 -20.09 -36.41 -54.99
C ASN G 710 -19.36 -35.94 -56.25
N SER G 711 -19.35 -36.78 -57.29
CA SER G 711 -18.71 -36.44 -58.56
C SER G 711 -19.80 -35.94 -59.50
N VAL G 712 -20.04 -34.64 -59.49
CA VAL G 712 -21.04 -34.04 -60.36
C VAL G 712 -20.59 -34.16 -61.80
N ALA G 713 -21.36 -34.90 -62.61
CA ALA G 713 -21.00 -35.13 -63.99
C ALA G 713 -21.14 -33.86 -64.80
N TYR G 714 -20.02 -33.29 -65.23
CA TYR G 714 -20.01 -32.08 -66.05
C TYR G 714 -19.89 -32.47 -67.52
N SER G 715 -20.84 -32.00 -68.33
CA SER G 715 -20.83 -32.25 -69.76
C SER G 715 -21.26 -30.99 -70.49
N ASN G 716 -20.83 -30.90 -71.75
CA ASN G 716 -21.16 -29.75 -72.58
C ASN G 716 -22.61 -29.71 -73.02
N ASN G 717 -23.35 -30.81 -72.85
CA ASN G 717 -24.75 -30.87 -73.25
C ASN G 717 -25.60 -31.58 -72.21
N SER G 718 -25.32 -31.37 -70.93
CA SER G 718 -26.08 -32.00 -69.85
C SER G 718 -26.38 -30.96 -68.79
N ILE G 719 -27.63 -30.95 -68.33
CA ILE G 719 -28.07 -30.02 -67.29
C ILE G 719 -29.05 -30.75 -66.37
N ALA G 720 -29.09 -30.32 -65.11
CA ALA G 720 -29.98 -30.89 -64.11
C ALA G 720 -31.03 -29.85 -63.74
N ILE G 721 -32.29 -30.16 -64.03
CA ILE G 721 -33.42 -29.29 -63.71
C ILE G 721 -34.28 -30.01 -62.68
N PRO G 722 -34.56 -29.39 -61.53
CA PRO G 722 -35.36 -30.08 -60.51
C PRO G 722 -36.83 -30.14 -60.91
N THR G 723 -37.49 -31.24 -60.54
CA THR G 723 -38.89 -31.45 -60.85
C THR G 723 -39.82 -31.21 -59.66
N ASN G 724 -39.30 -31.28 -58.44
CA ASN G 724 -40.09 -31.06 -57.24
C ASN G 724 -39.36 -30.07 -56.34
N PHE G 725 -39.98 -29.75 -55.21
CA PHE G 725 -39.41 -28.80 -54.26
C PHE G 725 -39.90 -29.13 -52.87
N THR G 726 -39.12 -28.74 -51.87
CA THR G 726 -39.44 -28.99 -50.46
C THR G 726 -39.20 -27.70 -49.69
N ILE G 727 -40.28 -27.08 -49.22
CA ILE G 727 -40.17 -25.88 -48.40
C ILE G 727 -39.63 -26.28 -47.03
N SER G 728 -38.49 -25.71 -46.65
CA SER G 728 -37.83 -26.04 -45.39
C SER G 728 -37.69 -24.78 -44.57
N VAL G 729 -38.25 -24.78 -43.36
CA VAL G 729 -38.16 -23.66 -42.43
C VAL G 729 -37.04 -23.95 -41.46
N THR G 730 -36.00 -23.12 -41.48
CA THR G 730 -34.86 -23.27 -40.59
C THR G 730 -34.88 -22.17 -39.53
N THR G 731 -34.10 -22.40 -38.47
CA THR G 731 -34.02 -21.48 -37.35
C THR G 731 -32.63 -20.85 -37.29
N GLU G 732 -32.58 -19.67 -36.68
CA GLU G 732 -31.32 -18.93 -36.53
C GLU G 732 -31.37 -18.17 -35.21
N ILE G 733 -30.47 -18.51 -34.30
CA ILE G 733 -30.43 -17.91 -32.97
C ILE G 733 -29.39 -16.79 -32.98
N LEU G 734 -29.83 -15.58 -32.66
CA LEU G 734 -28.96 -14.40 -32.65
C LEU G 734 -29.20 -13.62 -31.36
N PRO G 735 -28.18 -13.37 -30.55
CA PRO G 735 -28.38 -12.56 -29.35
C PRO G 735 -28.70 -11.12 -29.70
N VAL G 736 -29.30 -10.42 -28.74
CA VAL G 736 -29.68 -9.03 -28.88
C VAL G 736 -29.07 -8.16 -27.79
N SER G 737 -29.25 -8.55 -26.53
CA SER G 737 -28.75 -7.76 -25.41
C SER G 737 -28.32 -8.69 -24.29
N MET G 738 -27.68 -8.09 -23.28
CA MET G 738 -27.23 -8.79 -22.08
C MET G 738 -27.91 -8.18 -20.86
N THR G 739 -27.48 -8.66 -19.69
CA THR G 739 -28.01 -8.15 -18.42
C THR G 739 -27.33 -6.82 -18.09
N LYS G 740 -28.15 -5.77 -17.96
CA LYS G 740 -27.62 -4.44 -17.63
C LYS G 740 -27.18 -4.42 -16.17
N THR G 741 -25.88 -4.38 -15.94
CA THR G 741 -25.32 -4.38 -14.59
C THR G 741 -24.76 -3.00 -14.25
N SER G 742 -24.82 -2.66 -12.96
CA SER G 742 -24.29 -1.40 -12.48
C SER G 742 -23.79 -1.62 -11.06
N VAL G 743 -22.47 -1.68 -10.90
CA VAL G 743 -21.85 -1.96 -9.61
C VAL G 743 -21.71 -0.65 -8.84
N ASP G 744 -21.70 -0.76 -7.51
CA ASP G 744 -21.49 0.38 -6.63
C ASP G 744 -19.99 0.46 -6.33
N CYS G 745 -19.31 1.40 -6.97
CA CYS G 745 -17.86 1.46 -6.89
C CYS G 745 -17.37 1.85 -5.50
N THR G 746 -18.19 2.57 -4.74
CA THR G 746 -17.83 2.97 -3.38
C THR G 746 -18.34 1.97 -2.33
N MET G 747 -19.06 0.94 -2.76
CA MET G 747 -19.57 -0.08 -1.86
C MET G 747 -18.96 -1.45 -2.11
N TYR G 748 -18.67 -1.81 -3.37
CA TYR G 748 -18.03 -3.09 -3.65
C TYR G 748 -16.59 -3.09 -3.15
N ILE G 749 -15.83 -2.04 -3.47
CA ILE G 749 -14.43 -1.97 -3.06
C ILE G 749 -14.34 -1.79 -1.55
N CYS G 750 -14.92 -0.71 -1.04
CA CYS G 750 -14.94 -0.41 0.39
C CYS G 750 -16.32 -0.73 0.95
N GLY G 751 -16.36 -1.45 2.07
CA GLY G 751 -17.62 -1.78 2.70
C GLY G 751 -18.10 -0.69 3.63
N ASP G 752 -18.43 -1.07 4.87
CA ASP G 752 -18.84 -0.10 5.89
C ASP G 752 -17.60 0.40 6.63
N SER G 753 -16.74 1.09 5.88
CA SER G 753 -15.47 1.59 6.41
C SER G 753 -15.28 3.01 5.88
N THR G 754 -15.35 3.98 6.79
CA THR G 754 -15.14 5.38 6.39
C THR G 754 -13.66 5.64 6.10
N GLU G 755 -12.77 4.86 6.71
CA GLU G 755 -11.34 5.03 6.46
C GLU G 755 -10.96 4.53 5.08
N CYS G 756 -11.66 3.50 4.60
CA CYS G 756 -11.38 2.97 3.26
C CYS G 756 -11.78 3.96 2.18
N SER G 757 -12.88 4.69 2.37
CA SER G 757 -13.33 5.64 1.37
C SER G 757 -12.38 6.84 1.28
N ASN G 758 -11.81 7.24 2.43
CA ASN G 758 -10.88 8.36 2.42
C ASN G 758 -9.63 8.04 1.63
N LEU G 759 -9.22 6.78 1.59
CA LEU G 759 -8.08 6.38 0.78
C LEU G 759 -8.48 6.09 -0.67
N LEU G 760 -9.71 5.62 -0.88
CA LEU G 760 -10.18 5.39 -2.25
C LEU G 760 -10.37 6.71 -3.01
N LEU G 761 -10.73 7.78 -2.30
CA LEU G 761 -10.90 9.07 -2.96
C LEU G 761 -9.57 9.62 -3.46
N GLN G 762 -8.45 9.13 -2.93
CA GLN G 762 -7.14 9.61 -3.34
C GLN G 762 -6.56 8.85 -4.52
N TYR G 763 -7.06 7.65 -4.81
CA TYR G 763 -6.53 6.82 -5.89
C TYR G 763 -6.94 7.32 -7.28
N GLY G 764 -7.66 8.42 -7.38
CA GLY G 764 -8.04 9.00 -8.65
C GLY G 764 -9.54 8.96 -8.85
N SER G 765 -9.94 9.02 -10.12
CA SER G 765 -11.33 9.03 -10.53
C SER G 765 -11.68 7.81 -11.37
N PHE G 766 -11.18 6.65 -10.97
CA PHE G 766 -11.50 5.42 -11.70
C PHE G 766 -12.96 5.02 -11.51
N CYS G 767 -13.53 5.31 -10.34
CA CYS G 767 -14.92 4.97 -10.09
C CYS G 767 -15.86 5.68 -11.05
N THR G 768 -15.60 6.96 -11.34
CA THR G 768 -16.43 7.68 -12.29
C THR G 768 -16.34 7.07 -13.68
N GLN G 769 -15.14 6.69 -14.11
CA GLN G 769 -14.97 6.06 -15.42
C GLN G 769 -15.71 4.73 -15.49
N LEU G 770 -15.63 3.92 -14.44
CA LEU G 770 -16.32 2.63 -14.45
C LEU G 770 -17.83 2.81 -14.44
N LYS G 771 -18.33 3.77 -13.66
CA LYS G 771 -19.77 4.03 -13.64
C LYS G 771 -20.25 4.53 -14.99
N ARG G 772 -19.47 5.40 -15.63
CA ARG G 772 -19.83 5.89 -16.96
C ARG G 772 -19.82 4.76 -17.99
N ALA G 773 -18.85 3.85 -17.89
CA ALA G 773 -18.79 2.71 -18.80
C ALA G 773 -20.00 1.81 -18.61
N LEU G 774 -20.38 1.54 -17.37
CA LEU G 774 -21.55 0.70 -17.12
C LEU G 774 -22.84 1.37 -17.60
N THR G 775 -22.97 2.68 -17.39
CA THR G 775 -24.15 3.39 -17.88
C THR G 775 -24.20 3.36 -19.40
N GLY G 776 -23.05 3.54 -20.06
CA GLY G 776 -23.00 3.42 -21.51
C GLY G 776 -23.36 2.03 -22.00
N ILE G 777 -22.92 1.00 -21.29
CA ILE G 777 -23.27 -0.37 -21.67
C ILE G 777 -24.78 -0.58 -21.53
N ALA G 778 -25.37 -0.07 -20.45
CA ALA G 778 -26.82 -0.21 -20.27
C ALA G 778 -27.59 0.51 -21.36
N VAL G 779 -27.20 1.75 -21.67
CA VAL G 779 -27.87 2.48 -22.75
C VAL G 779 -27.67 1.79 -24.09
N GLU G 780 -26.50 1.16 -24.30
CA GLU G 780 -26.25 0.45 -25.53
C GLU G 780 -27.14 -0.78 -25.66
N GLN G 781 -27.32 -1.51 -24.55
CA GLN G 781 -28.23 -2.66 -24.59
C GLN G 781 -29.67 -2.23 -24.83
N ASP G 782 -30.08 -1.12 -24.22
CA ASP G 782 -31.42 -0.59 -24.48
C ASP G 782 -31.58 -0.20 -25.94
N LYS G 783 -30.57 0.46 -26.53
CA LYS G 783 -30.63 0.85 -27.93
C LYS G 783 -30.66 -0.38 -28.84
N ASN G 784 -29.94 -1.45 -28.47
CA ASN G 784 -29.98 -2.67 -29.26
C ASN G 784 -31.36 -3.31 -29.21
N THR G 785 -31.96 -3.39 -28.02
CA THR G 785 -33.32 -3.92 -27.91
C THR G 785 -34.32 -3.07 -28.67
N GLN G 786 -34.08 -1.76 -28.75
CA GLN G 786 -34.98 -0.89 -29.49
C GLN G 786 -34.81 -1.01 -31.00
N GLU G 787 -33.58 -1.18 -31.48
CA GLU G 787 -33.33 -1.23 -32.91
C GLU G 787 -33.56 -2.61 -33.50
N VAL G 788 -33.51 -3.68 -32.70
CA VAL G 788 -33.72 -5.01 -33.23
C VAL G 788 -35.20 -5.31 -33.40
N PHE G 789 -36.01 -5.03 -32.38
CA PHE G 789 -37.43 -5.37 -32.39
C PHE G 789 -38.32 -4.22 -32.82
N ALA G 790 -38.13 -3.02 -32.27
CA ALA G 790 -39.00 -1.90 -32.58
C ALA G 790 -38.64 -1.27 -33.92
N GLN G 791 -38.78 -2.02 -35.00
CA GLN G 791 -38.51 -1.51 -36.33
C GLN G 791 -39.74 -0.95 -37.03
N VAL G 792 -40.94 -1.38 -36.62
CA VAL G 792 -42.16 -0.86 -37.22
C VAL G 792 -42.61 0.40 -36.49
N LYS G 793 -43.43 1.20 -37.16
CA LYS G 793 -43.95 2.43 -36.59
C LYS G 793 -45.29 2.23 -35.92
N GLN G 794 -46.13 1.35 -36.45
CA GLN G 794 -47.44 1.07 -35.87
C GLN G 794 -47.56 -0.38 -35.48
N ILE G 795 -48.40 -0.65 -34.48
CA ILE G 795 -48.63 -2.01 -33.97
C ILE G 795 -49.78 -2.60 -34.77
N TYR G 796 -49.51 -3.68 -35.50
CA TYR G 796 -50.51 -4.34 -36.31
C TYR G 796 -51.16 -5.48 -35.54
N LYS G 797 -52.39 -5.81 -35.94
CA LYS G 797 -53.17 -6.86 -35.30
C LYS G 797 -53.70 -7.81 -36.36
N THR G 798 -53.66 -9.11 -36.04
CA THR G 798 -54.16 -10.11 -36.98
C THR G 798 -55.68 -10.20 -36.89
N PRO G 799 -56.36 -10.44 -38.01
CA PRO G 799 -57.82 -10.56 -37.99
C PRO G 799 -58.27 -11.76 -37.18
N PRO G 800 -59.51 -11.77 -36.70
CA PRO G 800 -59.98 -12.93 -35.92
C PRO G 800 -60.10 -14.20 -36.75
N ILE G 801 -60.56 -14.09 -37.99
CA ILE G 801 -60.67 -15.24 -38.88
C ILE G 801 -59.27 -15.56 -39.39
N LYS G 802 -58.64 -16.57 -38.79
CA LYS G 802 -57.25 -16.92 -39.10
C LYS G 802 -57.16 -17.93 -40.25
N TYR G 803 -57.72 -17.56 -41.40
CA TYR G 803 -57.64 -18.38 -42.61
C TYR G 803 -56.75 -17.63 -43.60
N PHE G 804 -55.44 -17.86 -43.48
CA PHE G 804 -54.46 -17.17 -44.32
C PHE G 804 -54.04 -18.05 -45.50
N GLY G 805 -55.02 -18.33 -46.37
CA GLY G 805 -54.79 -19.10 -47.56
C GLY G 805 -54.67 -20.60 -47.36
N GLY G 806 -54.41 -21.05 -46.13
CA GLY G 806 -54.24 -22.47 -45.87
C GLY G 806 -53.03 -22.76 -45.02
N PHE G 807 -52.26 -21.73 -44.71
CA PHE G 807 -51.06 -21.86 -43.88
C PHE G 807 -51.45 -21.63 -42.42
N ASN G 808 -51.17 -22.60 -41.56
CA ASN G 808 -51.54 -22.54 -40.16
C ASN G 808 -50.40 -21.88 -39.39
N PHE G 809 -50.63 -20.64 -38.95
CA PHE G 809 -49.66 -19.89 -38.15
C PHE G 809 -49.97 -19.95 -36.66
N SER G 810 -50.69 -20.98 -36.23
CA SER G 810 -51.12 -21.04 -34.83
C SER G 810 -49.92 -21.21 -33.89
N GLN G 811 -48.85 -21.84 -34.36
CA GLN G 811 -47.69 -22.08 -33.52
C GLN G 811 -46.82 -20.85 -33.36
N ILE G 812 -46.94 -19.87 -34.26
CA ILE G 812 -46.13 -18.66 -34.18
C ILE G 812 -46.94 -17.43 -33.78
N LEU G 813 -48.25 -17.44 -33.96
CA LEU G 813 -49.07 -16.31 -33.53
C LEU G 813 -49.27 -16.36 -32.01
N PRO G 814 -49.46 -15.20 -31.38
CA PRO G 814 -49.63 -15.18 -29.92
C PRO G 814 -50.90 -15.90 -29.50
N ASP G 815 -50.74 -16.86 -28.60
CA ASP G 815 -51.87 -17.65 -28.13
C ASP G 815 -52.76 -16.79 -27.22
N PRO G 816 -54.08 -16.80 -27.42
CA PRO G 816 -54.94 -15.96 -26.57
C PRO G 816 -55.11 -16.49 -25.16
N SER G 817 -55.03 -17.82 -24.96
CA SER G 817 -55.20 -18.37 -23.62
C SER G 817 -54.00 -18.07 -22.73
N LYS G 818 -52.82 -17.92 -23.33
CA LYS G 818 -51.63 -17.58 -22.55
C LYS G 818 -51.75 -16.15 -22.03
N PRO G 819 -51.66 -15.92 -20.72
CA PRO G 819 -51.76 -14.55 -20.20
C PRO G 819 -50.62 -13.64 -20.64
N SER G 820 -49.47 -14.19 -21.01
CA SER G 820 -48.34 -13.40 -21.45
C SER G 820 -48.40 -13.06 -22.94
N LYS G 821 -49.43 -13.54 -23.65
CA LYS G 821 -49.60 -13.28 -25.08
C LYS G 821 -48.36 -13.72 -25.87
N ARG G 822 -48.06 -15.01 -25.78
CA ARG G 822 -46.89 -15.58 -26.42
C ARG G 822 -47.29 -16.85 -27.18
N SER G 823 -46.57 -17.11 -28.27
CA SER G 823 -46.82 -18.29 -29.07
C SER G 823 -46.25 -19.52 -28.39
N PRO G 824 -46.71 -20.72 -28.77
CA PRO G 824 -46.13 -21.94 -28.19
C PRO G 824 -44.63 -22.05 -28.41
N ILE G 825 -44.12 -21.62 -29.56
CA ILE G 825 -42.69 -21.65 -29.80
C ILE G 825 -41.97 -20.67 -28.87
N GLU G 826 -42.55 -19.48 -28.67
CA GLU G 826 -41.95 -18.54 -27.74
C GLU G 826 -42.00 -19.06 -26.31
N ASP G 827 -43.08 -19.76 -25.94
CA ASP G 827 -43.14 -20.37 -24.62
C ASP G 827 -42.05 -21.42 -24.45
N LEU G 828 -41.87 -22.28 -25.46
CA LEU G 828 -40.82 -23.29 -25.39
C LEU G 828 -39.44 -22.66 -25.32
N LEU G 829 -39.24 -21.54 -26.02
CA LEU G 829 -37.95 -20.86 -25.95
C LEU G 829 -37.70 -20.25 -24.58
N PHE G 830 -38.73 -19.63 -23.99
CA PHE G 830 -38.60 -19.06 -22.66
C PHE G 830 -38.48 -20.11 -21.58
N ASN G 831 -38.93 -21.34 -21.84
CA ASN G 831 -38.78 -22.40 -20.85
C ASN G 831 -37.31 -22.81 -20.68
N LYS G 832 -36.48 -22.59 -21.69
CA LYS G 832 -35.06 -22.90 -21.59
C LYS G 832 -34.22 -21.67 -21.89
N ALA G 859 -32.13 -9.44 -6.15
CA ALA G 859 -31.61 -9.01 -4.87
C ALA G 859 -30.35 -9.78 -4.50
N GLN G 860 -29.95 -10.71 -5.36
CA GLN G 860 -28.76 -11.53 -5.14
C GLN G 860 -27.53 -10.76 -5.60
N LYS G 861 -27.22 -9.68 -4.86
CA LYS G 861 -26.11 -8.81 -5.17
C LYS G 861 -25.01 -8.89 -4.12
N PHE G 862 -25.36 -8.61 -2.86
CA PHE G 862 -24.46 -8.76 -1.71
C PHE G 862 -23.30 -7.79 -1.74
N ASN G 863 -23.15 -7.02 -2.82
CA ASN G 863 -22.04 -6.08 -2.93
C ASN G 863 -22.44 -4.75 -3.56
N GLY G 864 -23.70 -4.57 -3.96
CA GLY G 864 -24.12 -3.35 -4.62
C GLY G 864 -24.18 -3.42 -6.13
N LEU G 865 -23.82 -4.57 -6.73
CA LEU G 865 -23.86 -4.73 -8.18
C LEU G 865 -25.30 -5.01 -8.60
N THR G 866 -26.06 -3.94 -8.77
CA THR G 866 -27.47 -4.05 -9.12
C THR G 866 -27.62 -4.47 -10.58
N VAL G 867 -28.70 -5.21 -10.85
CA VAL G 867 -29.04 -5.65 -12.20
C VAL G 867 -30.21 -4.79 -12.66
N LEU G 868 -29.95 -3.87 -13.57
CA LEU G 868 -30.98 -2.97 -14.06
C LEU G 868 -31.94 -3.71 -14.97
N PRO G 869 -33.24 -3.62 -14.77
CA PRO G 869 -34.20 -4.30 -15.65
C PRO G 869 -34.26 -3.62 -17.00
N PRO G 870 -34.49 -4.38 -18.08
CA PRO G 870 -34.57 -3.77 -19.41
C PRO G 870 -35.77 -2.84 -19.51
N LEU G 871 -35.67 -1.86 -20.42
CA LEU G 871 -36.76 -0.93 -20.64
C LEU G 871 -37.97 -1.65 -21.22
N LEU G 872 -37.78 -2.32 -22.35
CA LEU G 872 -38.87 -3.07 -22.97
C LEU G 872 -39.00 -4.43 -22.29
N THR G 873 -40.15 -4.66 -21.66
CA THR G 873 -40.41 -5.91 -20.98
C THR G 873 -40.72 -7.02 -21.97
N ASP G 874 -40.95 -8.22 -21.44
CA ASP G 874 -41.28 -9.36 -22.30
C ASP G 874 -42.60 -9.15 -23.02
N GLU G 875 -43.56 -8.50 -22.38
CA GLU G 875 -44.86 -8.25 -23.02
C GLU G 875 -44.70 -7.31 -24.21
N MET G 876 -43.85 -6.29 -24.09
CA MET G 876 -43.66 -5.35 -25.18
C MET G 876 -42.91 -6.00 -26.35
N ILE G 877 -41.94 -6.86 -26.06
CA ILE G 877 -41.25 -7.59 -27.12
C ILE G 877 -42.20 -8.55 -27.81
N ALA G 878 -43.08 -9.20 -27.03
CA ALA G 878 -44.09 -10.07 -27.63
C ALA G 878 -45.05 -9.29 -28.52
N GLN G 879 -45.46 -8.10 -28.09
CA GLN G 879 -46.34 -7.28 -28.92
C GLN G 879 -45.63 -6.81 -30.19
N TYR G 880 -44.34 -6.46 -30.10
CA TYR G 880 -43.59 -6.09 -31.28
C TYR G 880 -43.47 -7.25 -32.26
N THR G 881 -43.20 -8.46 -31.75
CA THR G 881 -43.13 -9.62 -32.63
C THR G 881 -44.48 -9.94 -33.25
N SER G 882 -45.57 -9.78 -32.48
CA SER G 882 -46.90 -10.01 -33.04
C SER G 882 -47.24 -8.99 -34.12
N ALA G 883 -46.83 -7.73 -33.92
CA ALA G 883 -47.05 -6.71 -34.95
C ALA G 883 -46.24 -7.01 -36.21
N LEU G 884 -44.99 -7.43 -36.03
CA LEU G 884 -44.18 -7.84 -37.18
C LEU G 884 -44.81 -9.01 -37.92
N LEU G 885 -45.32 -10.00 -37.19
CA LEU G 885 -45.95 -11.15 -37.83
C LEU G 885 -47.23 -10.75 -38.56
N ALA G 886 -48.03 -9.87 -37.96
CA ALA G 886 -49.25 -9.42 -38.62
C ALA G 886 -48.93 -8.62 -39.87
N GLY G 887 -47.87 -7.81 -39.83
CA GLY G 887 -47.45 -7.09 -41.02
C GLY G 887 -46.92 -8.00 -42.11
N THR G 888 -46.21 -9.07 -41.71
CA THR G 888 -45.70 -10.02 -42.69
C THR G 888 -46.82 -10.86 -43.31
N ILE G 889 -47.87 -11.13 -42.55
CA ILE G 889 -49.00 -11.91 -43.06
C ILE G 889 -49.92 -11.06 -43.93
N THR G 890 -50.33 -9.89 -43.43
CA THR G 890 -51.31 -9.07 -44.15
C THR G 890 -50.63 -8.25 -45.25
N SER G 891 -49.50 -7.62 -44.94
CA SER G 891 -48.81 -6.76 -45.90
C SER G 891 -47.62 -7.44 -46.55
N GLY G 892 -46.83 -8.19 -45.80
CA GLY G 892 -45.68 -8.89 -46.35
C GLY G 892 -44.41 -8.07 -46.36
N TRP G 893 -44.33 -7.08 -47.26
CA TRP G 893 -43.16 -6.23 -47.35
C TRP G 893 -43.47 -4.75 -47.49
N THR G 894 -44.71 -4.37 -47.79
CA THR G 894 -45.05 -2.96 -47.97
C THR G 894 -45.14 -2.20 -46.66
N PHE G 895 -45.37 -2.91 -45.54
CA PHE G 895 -45.47 -2.24 -44.25
C PHE G 895 -44.11 -1.75 -43.73
N GLY G 896 -43.02 -2.35 -44.21
CA GLY G 896 -41.69 -1.92 -43.80
C GLY G 896 -41.06 -0.85 -44.66
N ALA G 897 -41.70 -0.49 -45.77
CA ALA G 897 -41.20 0.55 -46.66
C ALA G 897 -42.25 1.62 -46.91
N GLY G 898 -43.16 1.81 -45.95
CA GLY G 898 -44.19 2.81 -46.08
C GLY G 898 -45.49 2.36 -45.45
N PRO G 899 -46.61 2.69 -46.09
CA PRO G 899 -47.91 2.29 -45.55
C PRO G 899 -48.16 0.80 -45.74
N ALA G 900 -48.88 0.23 -44.78
CA ALA G 900 -49.21 -1.19 -44.81
C ALA G 900 -50.29 -1.45 -45.85
N LEU G 901 -49.93 -2.13 -46.94
CA LEU G 901 -50.84 -2.43 -48.02
C LEU G 901 -51.34 -3.86 -47.86
N GLN G 902 -52.65 -4.02 -47.76
CA GLN G 902 -53.24 -5.34 -47.61
C GLN G 902 -53.06 -6.15 -48.89
N ILE G 903 -52.80 -7.45 -48.73
CA ILE G 903 -52.61 -8.35 -49.86
C ILE G 903 -52.81 -9.78 -49.37
N PRO G 904 -53.55 -10.62 -50.10
CA PRO G 904 -53.74 -12.01 -49.67
C PRO G 904 -52.42 -12.75 -49.57
N PHE G 905 -52.35 -13.68 -48.63
CA PHE G 905 -51.13 -14.45 -48.43
C PHE G 905 -50.75 -15.31 -49.63
N PRO G 906 -51.68 -15.98 -50.33
CA PRO G 906 -51.27 -16.66 -51.57
C PRO G 906 -50.72 -15.72 -52.62
N MET G 907 -51.31 -14.53 -52.79
CA MET G 907 -50.75 -13.56 -53.72
C MET G 907 -49.41 -13.01 -53.25
N GLN G 908 -49.16 -13.03 -51.93
CA GLN G 908 -47.85 -12.62 -51.42
C GLN G 908 -46.80 -13.67 -51.73
N MET G 909 -47.12 -14.95 -51.51
CA MET G 909 -46.20 -16.02 -51.85
C MET G 909 -45.97 -16.13 -53.35
N ALA G 910 -46.99 -15.81 -54.16
CA ALA G 910 -46.80 -15.84 -55.61
C ALA G 910 -45.78 -14.81 -56.07
N TYR G 911 -45.67 -13.69 -55.37
CA TYR G 911 -44.65 -12.69 -55.71
C TYR G 911 -43.31 -13.02 -55.08
N ARG G 912 -43.32 -13.61 -53.88
CA ARG G 912 -42.07 -14.05 -53.27
C ARG G 912 -41.43 -15.19 -54.08
N PHE G 913 -42.24 -15.96 -54.81
CA PHE G 913 -41.68 -16.97 -55.71
C PHE G 913 -41.07 -16.32 -56.94
N ASN G 914 -41.74 -15.34 -57.54
CA ASN G 914 -41.17 -14.63 -58.67
C ASN G 914 -39.92 -13.85 -58.30
N GLY G 915 -39.78 -13.47 -57.03
CA GLY G 915 -38.59 -12.76 -56.60
C GLY G 915 -37.34 -13.61 -56.66
N ILE G 916 -37.47 -14.94 -56.59
CA ILE G 916 -36.31 -15.84 -56.63
C ILE G 916 -36.13 -16.49 -58.00
N GLY G 917 -37.13 -16.42 -58.88
CA GLY G 917 -37.04 -16.96 -60.22
C GLY G 917 -38.16 -17.90 -60.59
N VAL G 918 -38.74 -18.59 -59.60
CA VAL G 918 -39.83 -19.53 -59.87
C VAL G 918 -41.08 -18.75 -60.24
N THR G 919 -41.76 -19.20 -61.28
CA THR G 919 -42.98 -18.55 -61.72
C THR G 919 -44.09 -18.71 -60.68
N GLN G 920 -45.07 -17.81 -60.74
CA GLN G 920 -46.13 -17.78 -59.74
C GLN G 920 -47.18 -18.86 -59.95
N ASN G 921 -47.24 -19.48 -61.14
CA ASN G 921 -48.23 -20.52 -61.37
C ASN G 921 -47.92 -21.80 -60.60
N VAL G 922 -46.65 -22.03 -60.25
CA VAL G 922 -46.30 -23.20 -59.46
C VAL G 922 -47.04 -23.18 -58.13
N LEU G 923 -47.12 -22.01 -57.49
CA LEU G 923 -47.88 -21.90 -56.25
C LEU G 923 -49.37 -22.08 -56.50
N TYR G 924 -49.90 -21.43 -57.53
CA TYR G 924 -51.33 -21.55 -57.80
C TYR G 924 -51.71 -22.96 -58.25
N GLU G 925 -50.72 -23.82 -58.47
CA GLU G 925 -50.99 -25.22 -58.79
C GLU G 925 -50.70 -26.17 -57.62
N ASN G 926 -49.78 -25.82 -56.73
CA ASN G 926 -49.40 -26.72 -55.64
C ASN G 926 -49.53 -26.02 -54.28
N GLN G 927 -50.51 -25.13 -54.16
CA GLN G 927 -50.74 -24.45 -52.89
C GLN G 927 -51.03 -25.41 -51.74
N LYS G 928 -51.79 -26.48 -52.00
CA LYS G 928 -52.08 -27.43 -50.94
C LYS G 928 -50.82 -28.11 -50.45
N LEU G 929 -49.98 -28.58 -51.37
CA LEU G 929 -48.73 -29.22 -50.98
C LEU G 929 -47.80 -28.24 -50.26
N ILE G 930 -47.76 -26.99 -50.72
CA ILE G 930 -46.89 -26.00 -50.08
C ILE G 930 -47.37 -25.69 -48.67
N ALA G 931 -48.69 -25.57 -48.47
CA ALA G 931 -49.22 -25.34 -47.14
C ALA G 931 -48.96 -26.52 -46.22
N ASN G 932 -49.11 -27.74 -46.74
CA ASN G 932 -48.82 -28.93 -45.93
C ASN G 932 -47.35 -28.97 -45.53
N GLN G 933 -46.45 -28.67 -46.46
CA GLN G 933 -45.02 -28.65 -46.14
C GLN G 933 -44.68 -27.56 -45.15
N PHE G 934 -45.31 -26.39 -45.27
CA PHE G 934 -45.06 -25.31 -44.32
C PHE G 934 -45.53 -25.68 -42.92
N ASN G 935 -46.71 -26.29 -42.82
CA ASN G 935 -47.20 -26.73 -41.52
C ASN G 935 -46.31 -27.81 -40.93
N SER G 936 -45.87 -28.76 -41.75
CA SER G 936 -44.96 -29.79 -41.26
C SER G 936 -43.64 -29.21 -40.78
N ALA G 937 -43.10 -28.22 -41.49
CA ALA G 937 -41.85 -27.60 -41.07
C ALA G 937 -42.04 -26.80 -39.78
N ILE G 938 -43.17 -26.10 -39.65
CA ILE G 938 -43.44 -25.38 -38.42
C ILE G 938 -43.56 -26.33 -37.24
N GLY G 939 -44.18 -27.50 -37.46
CA GLY G 939 -44.25 -28.49 -36.40
C GLY G 939 -42.90 -29.08 -36.05
N LYS G 940 -42.10 -29.40 -37.06
CA LYS G 940 -40.77 -29.96 -36.82
C LYS G 940 -39.83 -28.96 -36.14
N ILE G 941 -40.02 -27.67 -36.37
CA ILE G 941 -39.22 -26.66 -35.67
C ILE G 941 -39.42 -26.78 -34.17
N GLN G 942 -40.69 -26.79 -33.72
CA GLN G 942 -40.98 -26.94 -32.31
C GLN G 942 -40.55 -28.31 -31.79
N ASP G 943 -40.71 -29.36 -32.59
CA ASP G 943 -40.27 -30.68 -32.17
C ASP G 943 -38.77 -30.72 -31.93
N SER G 944 -37.98 -30.09 -32.80
CA SER G 944 -36.54 -30.07 -32.63
C SER G 944 -36.12 -29.17 -31.49
N LEU G 945 -36.83 -28.06 -31.28
CA LEU G 945 -36.51 -27.18 -30.15
C LEU G 945 -36.83 -27.85 -28.82
N SER G 946 -37.84 -28.72 -28.79
CA SER G 946 -38.18 -29.42 -27.56
C SER G 946 -37.29 -30.63 -27.32
N SER G 947 -36.94 -31.36 -28.39
CA SER G 947 -36.12 -32.56 -28.23
C SER G 947 -34.66 -32.24 -27.99
N THR G 948 -34.16 -31.16 -28.58
CA THR G 948 -32.75 -30.77 -28.46
C THR G 948 -32.65 -29.53 -27.56
N PRO G 949 -32.28 -29.69 -26.29
CA PRO G 949 -32.15 -28.51 -25.42
C PRO G 949 -30.92 -27.66 -25.73
N SER G 950 -29.93 -28.21 -26.43
CA SER G 950 -28.70 -27.49 -26.76
C SER G 950 -28.86 -26.60 -27.99
N ALA G 951 -30.08 -26.39 -28.48
CA ALA G 951 -30.28 -25.52 -29.64
C ALA G 951 -30.04 -24.06 -29.29
N LEU G 952 -30.37 -23.65 -28.07
CA LEU G 952 -30.16 -22.28 -27.62
C LEU G 952 -28.73 -22.13 -27.07
N GLY G 953 -27.77 -22.15 -27.99
CA GLY G 953 -26.37 -22.10 -27.59
C GLY G 953 -25.95 -20.75 -27.06
N LYS G 954 -26.08 -19.71 -27.89
CA LYS G 954 -25.60 -18.39 -27.50
C LYS G 954 -26.48 -17.75 -26.44
N LEU G 955 -27.79 -18.01 -26.47
CA LEU G 955 -28.68 -17.43 -25.47
C LEU G 955 -28.32 -17.90 -24.07
N GLN G 956 -27.97 -19.17 -23.92
CA GLN G 956 -27.49 -19.67 -22.64
C GLN G 956 -26.04 -19.30 -22.38
N ASP G 957 -25.23 -19.17 -23.43
CA ASP G 957 -23.82 -18.86 -23.26
C ASP G 957 -23.62 -17.46 -22.69
N VAL G 958 -24.40 -16.49 -23.17
CA VAL G 958 -24.26 -15.13 -22.66
C VAL G 958 -24.69 -15.05 -21.19
N VAL G 959 -25.76 -15.76 -20.83
CA VAL G 959 -26.21 -15.76 -19.44
C VAL G 959 -25.18 -16.46 -18.55
N ASN G 960 -24.60 -17.57 -19.02
CA ASN G 960 -23.57 -18.24 -18.25
C ASN G 960 -22.33 -17.37 -18.09
N HIS G 961 -21.95 -16.64 -19.13
CA HIS G 961 -20.80 -15.74 -19.02
C HIS G 961 -21.06 -14.62 -18.02
N ASN G 962 -22.26 -14.02 -18.07
CA ASN G 962 -22.60 -12.98 -17.12
C ASN G 962 -22.61 -13.52 -15.69
N ALA G 963 -23.19 -14.71 -15.48
CA ALA G 963 -23.23 -15.30 -14.15
C ALA G 963 -21.83 -15.62 -13.65
N GLN G 964 -20.97 -16.15 -14.52
CA GLN G 964 -19.61 -16.45 -14.11
C GLN G 964 -18.83 -15.18 -13.78
N ALA G 965 -19.03 -14.13 -14.56
CA ALA G 965 -18.38 -12.86 -14.26
C ALA G 965 -18.84 -12.29 -12.92
N LEU G 966 -20.14 -12.32 -12.66
CA LEU G 966 -20.65 -11.84 -11.37
C LEU G 966 -20.12 -12.70 -10.21
N ASN G 967 -20.09 -14.01 -10.38
CA ASN G 967 -19.59 -14.88 -9.32
C ASN G 967 -18.11 -14.66 -9.06
N THR G 968 -17.30 -14.49 -10.11
CA THR G 968 -15.88 -14.21 -9.96
C THR G 968 -15.63 -12.84 -9.35
N LEU G 969 -16.47 -11.86 -9.66
CA LEU G 969 -16.37 -10.54 -9.03
C LEU G 969 -16.76 -10.56 -7.56
N VAL G 970 -17.76 -11.37 -7.18
CA VAL G 970 -18.13 -11.49 -5.78
C VAL G 970 -17.10 -12.29 -4.98
N LYS G 971 -16.65 -13.43 -5.49
CA LYS G 971 -15.65 -14.24 -4.82
C LYS G 971 -14.28 -13.59 -4.76
N GLN G 972 -14.07 -12.51 -5.50
CA GLN G 972 -12.82 -11.77 -5.48
C GLN G 972 -12.65 -10.96 -4.20
N LEU G 973 -13.70 -10.85 -3.38
CA LEU G 973 -13.64 -10.15 -2.11
C LEU G 973 -13.24 -11.05 -0.96
N SER G 974 -13.09 -12.35 -1.20
CA SER G 974 -12.67 -13.30 -0.18
C SER G 974 -11.21 -13.69 -0.34
N SER G 975 -10.47 -12.98 -1.19
CA SER G 975 -9.06 -13.25 -1.44
C SER G 975 -8.24 -12.03 -1.04
N LYS G 976 -7.19 -12.24 -0.26
CA LYS G 976 -6.33 -11.17 0.22
C LYS G 976 -5.24 -10.93 -0.81
N PHE G 977 -5.24 -9.73 -1.41
CA PHE G 977 -4.27 -9.38 -2.43
C PHE G 977 -2.98 -8.86 -1.81
N GLY G 978 -2.39 -9.63 -0.89
CA GLY G 978 -1.17 -9.23 -0.24
C GLY G 978 -1.40 -8.57 1.11
N ALA G 979 -2.44 -9.01 1.81
CA ALA G 979 -2.79 -8.49 3.13
C ALA G 979 -2.92 -9.65 4.11
N ILE G 980 -3.09 -9.30 5.38
CA ILE G 980 -3.23 -10.33 6.41
C ILE G 980 -4.57 -11.04 6.29
N SER G 981 -5.60 -10.36 5.80
CA SER G 981 -6.92 -10.94 5.64
C SER G 981 -7.70 -10.10 4.63
N SER G 982 -8.89 -10.59 4.29
CA SER G 982 -9.76 -9.89 3.35
C SER G 982 -10.81 -9.03 4.02
N VAL G 983 -11.13 -9.30 5.29
CA VAL G 983 -12.13 -8.52 6.02
C VAL G 983 -11.49 -7.19 6.41
N LEU G 984 -12.13 -6.08 6.04
CA LEU G 984 -11.59 -4.77 6.38
C LEU G 984 -11.71 -4.49 7.87
N ASN G 985 -12.78 -4.99 8.50
CA ASN G 985 -12.96 -4.79 9.94
C ASN G 985 -11.84 -5.47 10.72
N ASP G 986 -11.43 -6.66 10.29
CA ASP G 986 -10.33 -7.34 10.97
C ASP G 986 -9.04 -6.55 10.86
N ILE G 987 -8.75 -6.01 9.67
CA ILE G 987 -7.54 -5.24 9.49
C ILE G 987 -7.57 -3.96 10.32
N LEU G 988 -8.74 -3.32 10.43
CA LEU G 988 -8.87 -2.06 11.15
C LEU G 988 -8.94 -2.27 12.67
N SER G 989 -9.27 -3.48 13.13
CA SER G 989 -9.38 -3.71 14.56
C SER G 989 -8.29 -4.65 15.06
N ARG G 990 -7.36 -5.03 14.19
CA ARG G 990 -6.26 -5.89 14.61
C ARG G 990 -4.88 -5.31 14.33
N LEU G 991 -4.80 -4.04 13.90
CA LEU G 991 -3.52 -3.40 13.61
C LEU G 991 -3.58 -1.94 14.03
N ASP G 992 -2.49 -1.22 13.77
CA ASP G 992 -2.30 0.19 14.05
C ASP G 992 -2.62 1.03 12.81
N PRO G 993 -2.95 2.30 12.99
CA PRO G 993 -3.32 3.16 11.85
C PRO G 993 -2.26 3.20 10.76
N PRO G 994 -0.97 3.42 11.09
CA PRO G 994 0.00 3.59 9.99
C PRO G 994 0.15 2.37 9.11
N GLU G 995 0.19 1.16 9.69
CA GLU G 995 0.30 -0.04 8.87
C GLU G 995 -1.02 -0.38 8.18
N ALA G 996 -2.14 0.08 8.75
CA ALA G 996 -3.44 -0.17 8.13
C ALA G 996 -3.55 0.56 6.79
N GLU G 997 -2.93 1.74 6.68
CA GLU G 997 -2.96 2.50 5.43
C GLU G 997 -2.24 1.77 4.29
N VAL G 998 -1.50 0.71 4.58
CA VAL G 998 -0.91 -0.10 3.53
C VAL G 998 -1.63 -1.44 3.41
N GLN G 999 -1.98 -2.04 4.55
CA GLN G 999 -2.70 -3.30 4.58
C GLN G 999 -4.09 -3.21 3.93
N ILE G 1000 -4.69 -2.02 3.90
CA ILE G 1000 -5.94 -1.82 3.19
C ILE G 1000 -5.74 -1.21 1.82
N ASP G 1001 -4.64 -0.51 1.57
CA ASP G 1001 -4.33 -0.06 0.22
C ASP G 1001 -4.03 -1.22 -0.71
N ARG G 1002 -3.40 -2.27 -0.20
CA ARG G 1002 -3.23 -3.48 -1.00
C ARG G 1002 -4.57 -4.02 -1.47
N LEU G 1003 -5.54 -4.15 -0.55
CA LEU G 1003 -6.84 -4.67 -0.92
C LEU G 1003 -7.59 -3.72 -1.85
N ILE G 1004 -7.48 -2.41 -1.61
CA ILE G 1004 -8.17 -1.46 -2.48
C ILE G 1004 -7.59 -1.51 -3.89
N THR G 1005 -6.28 -1.68 -4.03
CA THR G 1005 -5.67 -1.81 -5.35
C THR G 1005 -6.08 -3.11 -6.03
N GLY G 1006 -6.07 -4.22 -5.29
CA GLY G 1006 -6.50 -5.48 -5.87
C GLY G 1006 -7.94 -5.45 -6.34
N ARG G 1007 -8.84 -4.90 -5.51
CA ARG G 1007 -10.25 -4.83 -5.88
C ARG G 1007 -10.50 -3.85 -7.02
N LEU G 1008 -9.78 -2.72 -7.06
CA LEU G 1008 -9.92 -1.82 -8.19
C LEU G 1008 -9.42 -2.46 -9.48
N GLN G 1009 -8.32 -3.22 -9.42
CA GLN G 1009 -7.85 -3.90 -10.62
C GLN G 1009 -8.84 -4.97 -11.07
N SER G 1010 -9.41 -5.72 -10.11
CA SER G 1010 -10.41 -6.72 -10.47
C SER G 1010 -11.65 -6.09 -11.09
N LEU G 1011 -12.10 -4.96 -10.55
CA LEU G 1011 -13.25 -4.27 -11.12
C LEU G 1011 -12.95 -3.69 -12.50
N GLN G 1012 -11.75 -3.16 -12.72
CA GLN G 1012 -11.38 -2.70 -14.05
C GLN G 1012 -11.33 -3.85 -15.05
N THR G 1013 -10.81 -5.01 -14.62
CA THR G 1013 -10.82 -6.19 -15.49
C THR G 1013 -12.25 -6.61 -15.82
N TYR G 1014 -13.13 -6.60 -14.84
CA TYR G 1014 -14.53 -6.94 -15.08
C TYR G 1014 -15.17 -5.95 -16.06
N VAL G 1015 -14.86 -4.66 -15.91
CA VAL G 1015 -15.44 -3.65 -16.80
C VAL G 1015 -14.90 -3.81 -18.21
N THR G 1016 -13.62 -4.17 -18.35
CA THR G 1016 -13.05 -4.39 -19.68
C THR G 1016 -13.67 -5.60 -20.35
N GLN G 1017 -13.85 -6.69 -19.61
CA GLN G 1017 -14.54 -7.86 -20.14
C GLN G 1017 -15.99 -7.55 -20.51
N GLN G 1018 -16.69 -6.77 -19.69
CA GLN G 1018 -18.05 -6.34 -20.02
C GLN G 1018 -18.09 -5.48 -21.26
N LEU G 1019 -17.12 -4.59 -21.46
CA LEU G 1019 -17.04 -3.79 -22.67
C LEU G 1019 -16.79 -4.64 -23.91
N ILE G 1020 -15.89 -5.62 -23.83
CA ILE G 1020 -15.67 -6.51 -24.96
C ILE G 1020 -16.91 -7.34 -25.28
N ARG G 1021 -17.55 -7.93 -24.28
CA ARG G 1021 -18.79 -8.67 -24.51
C ARG G 1021 -19.90 -7.77 -25.02
N ALA G 1022 -19.93 -6.51 -24.59
CA ALA G 1022 -20.95 -5.59 -25.08
C ALA G 1022 -20.70 -5.21 -26.52
N ALA G 1023 -19.43 -5.08 -26.93
CA ALA G 1023 -19.12 -4.86 -28.33
C ALA G 1023 -19.55 -6.06 -29.18
N GLU G 1024 -19.28 -7.27 -28.68
CA GLU G 1024 -19.71 -8.47 -29.40
C GLU G 1024 -21.24 -8.53 -29.50
N ILE G 1025 -21.93 -8.17 -28.41
CA ILE G 1025 -23.39 -8.19 -28.41
C ILE G 1025 -23.94 -7.11 -29.33
N ARG G 1026 -23.26 -5.97 -29.43
CA ARG G 1026 -23.68 -4.93 -30.36
C ARG G 1026 -23.52 -5.39 -31.80
N ALA G 1027 -22.41 -6.07 -32.10
CA ALA G 1027 -22.24 -6.64 -33.44
C ALA G 1027 -23.35 -7.65 -33.75
N SER G 1028 -23.64 -8.54 -32.81
CA SER G 1028 -24.69 -9.53 -33.03
C SER G 1028 -26.06 -8.87 -33.16
N ALA G 1029 -26.30 -7.78 -32.43
CA ALA G 1029 -27.60 -7.11 -32.50
C ALA G 1029 -27.75 -6.36 -33.81
N ASN G 1030 -26.68 -5.74 -34.29
CA ASN G 1030 -26.72 -5.14 -35.63
C ASN G 1030 -26.94 -6.19 -36.71
N LEU G 1031 -26.28 -7.34 -36.58
CA LEU G 1031 -26.51 -8.43 -37.53
C LEU G 1031 -27.97 -8.90 -37.49
N ALA G 1032 -28.54 -9.03 -36.29
CA ALA G 1032 -29.93 -9.47 -36.18
C ALA G 1032 -30.90 -8.42 -36.71
N ALA G 1033 -30.62 -7.14 -36.49
CA ALA G 1033 -31.47 -6.09 -37.02
C ALA G 1033 -31.44 -6.06 -38.54
N THR G 1034 -30.24 -6.20 -39.12
CA THR G 1034 -30.14 -6.30 -40.58
C THR G 1034 -30.86 -7.54 -41.10
N LYS G 1035 -30.71 -8.67 -40.40
CA LYS G 1035 -31.39 -9.90 -40.80
C LYS G 1035 -32.90 -9.70 -40.81
N MET G 1036 -33.43 -9.09 -39.75
CA MET G 1036 -34.88 -8.85 -39.70
C MET G 1036 -35.32 -7.90 -40.80
N SER G 1037 -34.61 -6.77 -40.96
CA SER G 1037 -35.01 -5.78 -41.96
C SER G 1037 -34.88 -6.28 -43.38
N GLU G 1038 -34.03 -7.29 -43.64
CA GLU G 1038 -33.86 -7.80 -44.98
C GLU G 1038 -34.67 -9.05 -45.28
N CYS G 1039 -35.00 -9.86 -44.26
CA CYS G 1039 -35.74 -11.10 -44.51
C CYS G 1039 -37.21 -10.96 -44.17
N VAL G 1040 -37.54 -10.23 -43.10
CA VAL G 1040 -38.94 -10.08 -42.68
C VAL G 1040 -39.59 -8.89 -43.38
N LEU G 1041 -38.89 -7.76 -43.42
CA LEU G 1041 -39.42 -6.55 -44.06
C LEU G 1041 -39.28 -6.57 -45.58
N GLY G 1042 -38.76 -7.65 -46.15
CA GLY G 1042 -38.61 -7.70 -47.59
C GLY G 1042 -38.28 -9.10 -48.06
N GLN G 1043 -37.78 -9.18 -49.29
CA GLN G 1043 -37.42 -10.44 -49.94
C GLN G 1043 -35.96 -10.35 -50.33
N SER G 1044 -35.08 -10.75 -49.41
CA SER G 1044 -33.64 -10.65 -49.64
C SER G 1044 -33.17 -11.69 -50.64
N LYS G 1045 -32.24 -11.27 -51.49
CA LYS G 1045 -31.64 -12.15 -52.49
C LYS G 1045 -30.24 -12.60 -52.12
N ARG G 1046 -29.73 -12.17 -50.97
CA ARG G 1046 -28.40 -12.57 -50.53
C ARG G 1046 -28.38 -14.04 -50.16
N VAL G 1047 -27.42 -14.78 -50.71
CA VAL G 1047 -27.35 -16.22 -50.49
C VAL G 1047 -26.89 -16.50 -49.07
N ASP G 1048 -27.56 -17.47 -48.42
CA ASP G 1048 -27.22 -17.98 -47.10
C ASP G 1048 -27.55 -16.98 -46.00
N PHE G 1049 -27.96 -15.77 -46.38
CA PHE G 1049 -28.28 -14.75 -45.39
C PHE G 1049 -29.56 -15.11 -44.63
N CYS G 1050 -30.67 -15.25 -45.35
CA CYS G 1050 -31.93 -15.65 -44.73
C CYS G 1050 -32.11 -17.16 -44.76
N GLY G 1051 -31.12 -17.89 -44.22
CA GLY G 1051 -31.16 -19.33 -44.21
C GLY G 1051 -30.55 -19.95 -45.44
N LYS G 1052 -30.30 -21.26 -45.35
CA LYS G 1052 -29.69 -22.01 -46.45
C LYS G 1052 -30.76 -22.31 -47.48
N GLY G 1053 -30.63 -21.72 -48.66
CA GLY G 1053 -31.56 -21.91 -49.76
C GLY G 1053 -32.11 -20.57 -50.23
N TYR G 1054 -33.07 -20.67 -51.15
CA TYR G 1054 -33.73 -19.49 -51.68
C TYR G 1054 -34.67 -18.90 -50.64
N HIS G 1055 -34.43 -17.67 -50.22
CA HIS G 1055 -35.22 -17.04 -49.18
C HIS G 1055 -36.64 -16.76 -49.65
N LEU G 1056 -37.61 -17.16 -48.84
CA LEU G 1056 -39.01 -16.85 -49.10
C LEU G 1056 -39.60 -15.93 -48.02
N MET G 1057 -39.55 -16.34 -46.76
CA MET G 1057 -40.09 -15.56 -45.66
C MET G 1057 -39.23 -15.72 -44.43
N SER G 1058 -39.57 -14.97 -43.39
CA SER G 1058 -38.90 -15.08 -42.09
C SER G 1058 -39.82 -14.51 -41.03
N PHE G 1059 -40.01 -15.25 -39.95
CA PHE G 1059 -40.92 -14.84 -38.87
C PHE G 1059 -40.14 -14.61 -37.59
N PRO G 1060 -40.03 -13.37 -37.12
CA PRO G 1060 -39.29 -13.12 -35.87
C PRO G 1060 -40.09 -13.54 -34.65
N GLN G 1061 -39.37 -14.05 -33.65
CA GLN G 1061 -39.97 -14.49 -32.41
C GLN G 1061 -39.15 -13.99 -31.24
N SER G 1062 -39.81 -13.80 -30.10
CA SER G 1062 -39.14 -13.32 -28.91
C SER G 1062 -38.36 -14.46 -28.25
N ALA G 1063 -37.23 -14.09 -27.64
CA ALA G 1063 -36.36 -15.04 -26.96
C ALA G 1063 -35.65 -14.31 -25.83
N PRO G 1064 -35.32 -15.01 -24.73
CA PRO G 1064 -34.61 -14.35 -23.64
C PRO G 1064 -33.24 -13.83 -24.06
N HIS G 1065 -33.08 -12.51 -24.07
CA HIS G 1065 -31.83 -11.86 -24.46
C HIS G 1065 -31.41 -12.25 -25.88
N GLY G 1066 -32.37 -12.28 -26.79
CA GLY G 1066 -32.06 -12.65 -28.16
C GLY G 1066 -33.31 -12.64 -29.01
N VAL G 1067 -33.14 -13.07 -30.26
CA VAL G 1067 -34.23 -13.14 -31.23
C VAL G 1067 -34.02 -14.37 -32.09
N VAL G 1068 -35.12 -15.03 -32.45
CA VAL G 1068 -35.10 -16.25 -33.26
C VAL G 1068 -35.82 -15.96 -34.57
N PHE G 1069 -35.20 -16.36 -35.68
CA PHE G 1069 -35.77 -16.17 -37.01
C PHE G 1069 -36.11 -17.52 -37.62
N LEU G 1070 -37.35 -17.66 -38.08
CA LEU G 1070 -37.81 -18.88 -38.76
C LEU G 1070 -37.76 -18.62 -40.26
N HIS G 1071 -36.57 -18.79 -40.83
CA HIS G 1071 -36.36 -18.52 -42.24
C HIS G 1071 -37.02 -19.60 -43.09
N VAL G 1072 -37.93 -19.18 -43.97
CA VAL G 1072 -38.57 -20.08 -44.91
C VAL G 1072 -37.74 -20.11 -46.19
N THR G 1073 -37.13 -21.25 -46.48
CA THR G 1073 -36.22 -21.40 -47.60
C THR G 1073 -36.82 -22.33 -48.64
N TYR G 1074 -36.55 -22.02 -49.92
CA TYR G 1074 -36.99 -22.84 -51.04
C TYR G 1074 -35.85 -23.75 -51.46
N VAL G 1075 -36.01 -25.05 -51.25
CA VAL G 1075 -34.98 -26.03 -51.56
C VAL G 1075 -35.48 -27.00 -52.63
N PRO G 1076 -34.92 -26.98 -53.83
CA PRO G 1076 -35.35 -27.92 -54.87
C PRO G 1076 -35.00 -29.36 -54.51
N ALA G 1077 -35.68 -30.28 -55.17
CA ALA G 1077 -35.46 -31.70 -54.96
C ALA G 1077 -35.92 -32.47 -56.19
N GLN G 1078 -35.53 -33.74 -56.25
CA GLN G 1078 -35.90 -34.65 -57.34
C GLN G 1078 -35.48 -34.08 -58.70
N GLU G 1079 -34.16 -33.91 -58.84
CA GLU G 1079 -33.59 -33.39 -60.08
C GLU G 1079 -33.43 -34.51 -61.11
N LYS G 1080 -33.49 -34.13 -62.38
CA LYS G 1080 -33.35 -35.06 -63.49
C LYS G 1080 -32.36 -34.49 -64.50
N ASN G 1081 -31.59 -35.37 -65.13
CA ASN G 1081 -30.59 -34.96 -66.10
C ASN G 1081 -31.23 -34.82 -67.47
N PHE G 1082 -31.09 -33.64 -68.07
CA PHE G 1082 -31.61 -33.36 -69.40
C PHE G 1082 -30.49 -32.89 -70.31
N THR G 1083 -30.72 -33.03 -71.62
CA THR G 1083 -29.76 -32.58 -72.62
C THR G 1083 -30.03 -31.11 -72.94
N THR G 1084 -29.00 -30.27 -72.81
CA THR G 1084 -29.13 -28.84 -72.98
C THR G 1084 -28.38 -28.37 -74.23
N ALA G 1085 -28.56 -27.10 -74.55
CA ALA G 1085 -27.91 -26.47 -75.69
C ALA G 1085 -27.91 -24.96 -75.47
N PRO G 1086 -26.85 -24.27 -75.88
CA PRO G 1086 -26.82 -22.80 -75.69
C PRO G 1086 -27.95 -22.09 -76.43
N ALA G 1087 -28.21 -22.46 -77.67
CA ALA G 1087 -29.26 -21.82 -78.45
C ALA G 1087 -29.73 -22.80 -79.53
N ILE G 1088 -30.80 -22.42 -80.21
CA ILE G 1088 -31.35 -23.20 -81.31
C ILE G 1088 -31.14 -22.43 -82.61
N CYS G 1089 -31.05 -23.19 -83.70
CA CYS G 1089 -30.83 -22.63 -85.03
C CYS G 1089 -32.09 -22.82 -85.86
N HIS G 1090 -32.67 -21.72 -86.31
CA HIS G 1090 -33.85 -21.77 -87.16
C HIS G 1090 -33.40 -21.85 -88.62
N ASP G 1091 -34.31 -21.61 -89.56
CA ASP G 1091 -33.98 -21.70 -90.98
C ASP G 1091 -32.82 -20.79 -91.35
N GLY G 1092 -32.85 -19.54 -90.87
CA GLY G 1092 -31.81 -18.59 -91.20
C GLY G 1092 -31.42 -17.67 -90.07
N LYS G 1093 -31.63 -18.09 -88.82
CA LYS G 1093 -31.31 -17.25 -87.68
C LYS G 1093 -31.26 -18.11 -86.43
N ALA G 1094 -30.72 -17.52 -85.36
CA ALA G 1094 -30.61 -18.19 -84.08
C ALA G 1094 -31.58 -17.60 -83.07
N HIS G 1095 -31.92 -18.40 -82.05
CA HIS G 1095 -32.84 -17.98 -81.01
C HIS G 1095 -32.27 -18.36 -79.65
N PHE G 1096 -32.24 -17.40 -78.74
CA PHE G 1096 -31.71 -17.60 -77.40
C PHE G 1096 -32.84 -17.58 -76.36
N PRO G 1097 -32.73 -18.37 -75.30
CA PRO G 1097 -33.77 -18.38 -74.27
C PRO G 1097 -33.86 -17.04 -73.56
N ARG G 1098 -35.07 -16.48 -73.53
CA ARG G 1098 -35.28 -15.19 -72.86
C ARG G 1098 -35.32 -15.37 -71.35
N GLU G 1099 -36.26 -16.18 -70.85
CA GLU G 1099 -36.34 -16.54 -69.43
C GLU G 1099 -36.55 -18.05 -69.36
N GLY G 1100 -35.46 -18.78 -69.28
CA GLY G 1100 -35.52 -20.23 -69.18
C GLY G 1100 -34.24 -20.85 -69.71
N VAL G 1101 -34.33 -22.16 -69.99
CA VAL G 1101 -33.20 -22.94 -70.47
C VAL G 1101 -33.72 -23.98 -71.46
N PHE G 1102 -33.02 -24.15 -72.57
CA PHE G 1102 -33.39 -25.12 -73.59
C PHE G 1102 -32.95 -26.51 -73.14
N VAL G 1103 -33.92 -27.35 -72.79
CA VAL G 1103 -33.66 -28.72 -72.38
C VAL G 1103 -34.21 -29.67 -73.44
N SER G 1104 -33.81 -30.94 -73.35
CA SER G 1104 -34.27 -31.95 -74.28
C SER G 1104 -34.45 -33.27 -73.54
N ASN G 1105 -35.62 -33.89 -73.73
CA ASN G 1105 -35.91 -35.18 -73.10
C ASN G 1105 -35.35 -36.35 -73.89
N GLY G 1106 -34.69 -36.11 -75.02
CA GLY G 1106 -34.11 -37.18 -75.81
C GLY G 1106 -34.51 -37.11 -77.27
N THR G 1107 -35.74 -36.71 -77.53
CA THR G 1107 -36.27 -36.59 -78.89
C THR G 1107 -36.64 -35.17 -79.26
N HIS G 1108 -37.41 -34.49 -78.43
CA HIS G 1108 -37.85 -33.12 -78.69
C HIS G 1108 -37.07 -32.14 -77.83
N TRP G 1109 -37.33 -30.86 -78.06
CA TRP G 1109 -36.69 -29.78 -77.32
C TRP G 1109 -37.75 -28.89 -76.69
N PHE G 1110 -37.51 -28.51 -75.44
CA PHE G 1110 -38.44 -27.67 -74.70
C PHE G 1110 -37.65 -26.66 -73.87
N VAL G 1111 -38.33 -25.58 -73.49
CA VAL G 1111 -37.75 -24.54 -72.66
C VAL G 1111 -38.41 -24.62 -71.28
N THR G 1112 -37.59 -24.76 -70.24
CA THR G 1112 -38.05 -24.89 -68.88
C THR G 1112 -37.40 -23.84 -68.00
N GLN G 1113 -37.97 -23.65 -66.81
CA GLN G 1113 -37.42 -22.70 -65.85
C GLN G 1113 -36.11 -23.23 -65.28
N ARG G 1114 -35.35 -22.32 -64.66
CA ARG G 1114 -34.06 -22.67 -64.08
C ARG G 1114 -34.20 -23.32 -62.70
N ASN G 1115 -35.38 -23.32 -62.11
CA ASN G 1115 -35.58 -23.88 -60.78
C ASN G 1115 -36.77 -24.83 -60.69
N PHE G 1116 -37.51 -25.04 -61.77
CA PHE G 1116 -38.65 -25.95 -61.76
C PHE G 1116 -38.91 -26.42 -63.18
N TYR G 1117 -39.07 -27.72 -63.37
CA TYR G 1117 -39.23 -28.32 -64.69
C TYR G 1117 -40.66 -28.09 -65.17
N GLU G 1118 -40.81 -27.30 -66.23
CA GLU G 1118 -42.11 -27.10 -66.89
C GLU G 1118 -41.88 -27.14 -68.39
N PRO G 1119 -42.14 -28.27 -69.04
CA PRO G 1119 -41.89 -28.38 -70.49
C PRO G 1119 -42.87 -27.51 -71.27
N GLN G 1120 -42.33 -26.52 -71.99
CA GLN G 1120 -43.12 -25.62 -72.81
C GLN G 1120 -42.52 -25.57 -74.21
N ILE G 1121 -43.38 -25.44 -75.22
CA ILE G 1121 -42.91 -25.36 -76.60
C ILE G 1121 -42.13 -24.07 -76.79
N ILE G 1122 -41.11 -24.14 -77.66
CA ILE G 1122 -40.23 -23.00 -77.92
C ILE G 1122 -40.92 -22.14 -78.98
N THR G 1123 -41.47 -21.01 -78.54
CA THR G 1123 -42.14 -20.06 -79.42
C THR G 1123 -41.34 -18.76 -79.47
N THR G 1124 -41.83 -17.81 -80.27
CA THR G 1124 -41.17 -16.53 -80.40
C THR G 1124 -41.43 -15.60 -79.22
N ASP G 1125 -42.35 -15.97 -78.32
CA ASP G 1125 -42.65 -15.16 -77.15
C ASP G 1125 -41.69 -15.40 -76.00
N ASN G 1126 -40.80 -16.40 -76.12
CA ASN G 1126 -39.82 -16.69 -75.09
C ASN G 1126 -38.40 -16.73 -75.63
N THR G 1127 -38.17 -16.23 -76.84
CA THR G 1127 -36.85 -16.21 -77.45
C THR G 1127 -36.61 -14.85 -78.08
N PHE G 1128 -35.37 -14.62 -78.51
CA PHE G 1128 -35.01 -13.40 -79.21
C PHE G 1128 -33.86 -13.70 -80.17
N VAL G 1129 -33.94 -13.12 -81.36
CA VAL G 1129 -32.97 -13.39 -82.41
C VAL G 1129 -31.77 -12.47 -82.25
N SER G 1130 -30.57 -13.03 -82.39
CA SER G 1130 -29.33 -12.26 -82.31
C SER G 1130 -28.28 -12.99 -83.14
N GLY G 1131 -28.02 -12.48 -84.34
CA GLY G 1131 -27.05 -13.11 -85.22
C GLY G 1131 -27.59 -14.37 -85.88
N ASN G 1132 -26.68 -15.10 -86.50
CA ASN G 1132 -27.00 -16.35 -87.18
C ASN G 1132 -26.19 -17.49 -86.56
N CYS G 1133 -26.28 -18.67 -87.17
CA CYS G 1133 -25.68 -19.88 -86.61
C CYS G 1133 -24.27 -20.07 -87.16
N ASP G 1134 -23.39 -19.14 -86.79
CA ASP G 1134 -22.00 -19.22 -87.19
C ASP G 1134 -21.01 -18.84 -86.10
N VAL G 1135 -21.47 -18.42 -84.93
CA VAL G 1135 -20.58 -17.97 -83.87
C VAL G 1135 -20.80 -18.68 -82.54
N VAL G 1136 -21.97 -19.25 -82.28
CA VAL G 1136 -22.25 -19.92 -81.02
C VAL G 1136 -21.86 -21.39 -81.15
N ILE G 1137 -21.07 -21.87 -80.19
CA ILE G 1137 -20.61 -23.25 -80.19
C ILE G 1137 -21.60 -24.11 -79.41
N GLY G 1138 -22.17 -25.11 -80.07
CA GLY G 1138 -23.14 -26.00 -79.46
C GLY G 1138 -24.57 -25.75 -79.86
N ILE G 1139 -24.81 -24.87 -80.84
CA ILE G 1139 -26.18 -24.56 -81.24
C ILE G 1139 -26.75 -25.74 -82.00
N VAL G 1140 -28.01 -26.06 -81.71
CA VAL G 1140 -28.69 -27.19 -82.32
C VAL G 1140 -29.69 -26.67 -83.36
N ASN G 1141 -30.10 -27.55 -84.26
CA ASN G 1141 -31.05 -27.21 -85.31
C ASN G 1141 -32.43 -27.68 -84.87
N ASN G 1142 -33.24 -26.75 -84.38
CA ASN G 1142 -34.60 -27.03 -83.94
C ASN G 1142 -35.54 -26.02 -84.58
N THR G 1143 -36.84 -26.32 -84.57
CA THR G 1143 -37.85 -25.47 -85.16
C THR G 1143 -38.57 -24.71 -84.04
N VAL G 1144 -38.50 -23.37 -84.11
CA VAL G 1144 -39.19 -22.50 -83.17
C VAL G 1144 -40.53 -22.11 -83.76
N TYR G 1145 -41.59 -22.30 -82.99
CA TYR G 1145 -42.94 -22.04 -83.48
C TYR G 1145 -43.25 -20.55 -83.44
N ASP G 1146 -44.02 -20.09 -84.43
CA ASP G 1146 -44.48 -18.71 -84.48
C ASP G 1146 -45.99 -18.69 -84.29
N PRO G 1147 -46.51 -18.06 -83.24
CA PRO G 1147 -47.95 -18.13 -82.96
C PRO G 1147 -48.82 -17.51 -84.05
N LEU G 1148 -48.22 -16.65 -84.89
CA LEU G 1148 -48.99 -15.99 -85.94
C LEU G 1148 -49.31 -16.96 -87.07
N GLN G 1149 -48.45 -17.96 -87.29
CA GLN G 1149 -48.59 -18.89 -88.39
C GLN G 1149 -49.89 -19.70 -88.31
N PRO G 1150 -50.20 -20.38 -87.19
CA PRO G 1150 -51.45 -21.15 -87.18
C PRO G 1150 -52.70 -20.27 -87.19
N GLU G 1151 -52.61 -19.06 -86.64
CA GLU G 1151 -53.76 -18.16 -86.65
C GLU G 1151 -54.06 -17.59 -88.03
N LEU G 1152 -53.10 -17.63 -88.95
CA LEU G 1152 -53.32 -17.17 -90.32
C LEU G 1152 -53.80 -18.30 -91.23
N ASP G 1153 -54.88 -18.97 -90.82
CA ASP G 1153 -55.43 -20.07 -91.60
C ASP G 1153 -56.35 -19.59 -92.72
N SER G 1154 -56.63 -18.28 -92.80
CA SER G 1154 -57.49 -17.75 -93.84
C SER G 1154 -56.74 -17.62 -95.16
#